data_7F08
#
_entry.id   7F08
#
_cell.length_a   52.151
_cell.length_b   117.326
_cell.length_c   132.878
_cell.angle_alpha   109.735
_cell.angle_beta   90.192
_cell.angle_gamma   91.179
#
_symmetry.space_group_name_H-M   'P 1'
#
loop_
_entity.id
_entity.type
_entity.pdbx_description
1 polymer 'chalcone synthase'
2 non-polymer 'COENZYME A'
#
_entity_poly.entity_id   1
_entity_poly.type   'polypeptide(L)'
_entity_poly.pdbx_seq_one_letter_code
;MNGTVKKMNGARRPHGLASILAIGTANPSNCFNQDEFPDYSFRVTKSEHLTSLKDKFKRICERSTVRKRYLHLTEELLQE
YPSIATYDAPSLDARQEIEVAEVPKLAARAASRAIEEWGQPKNKITHLIFSSTSGIEKPGVDCHLVHLLGLPLSVNRVML
YTIGCHAGGTVLRIAKDLAENNVGSRVLVVCSELTVMTFRGPSETDLANLIRMGIFGDGAAALIIGADPDLSIEKPIFEI
FSASQTLVPNTSKAIRGRVKEMGLTFYVDKMVPTLVASNIEQCLDKAFSPLGINDWNSIFWIPHPGGPAILAEIEAKLEL
KPGKLRATRHVLSEYGNMSGATVLFILDEMRRRSKKEGKGTTGDGLEWGVLMGFGPGVTVETIVLRAISVVTE
;
_entity_poly.pdbx_strand_id   B,D,F,H,J,L,N,P
#
# COMPACT_ATOMS: atom_id res chain seq x y z
N PRO A 14 5.27 57.78 -9.28
CA PRO A 14 4.52 58.83 -8.58
C PRO A 14 5.37 59.63 -7.55
N HIS A 15 5.01 60.90 -7.35
CA HIS A 15 5.87 61.81 -6.59
C HIS A 15 5.96 61.45 -5.11
N GLY A 16 4.83 61.37 -4.42
CA GLY A 16 4.78 61.37 -2.97
C GLY A 16 4.94 59.98 -2.38
N LEU A 17 4.77 59.90 -1.06
CA LEU A 17 5.03 58.65 -0.34
C LEU A 17 3.85 57.70 -0.45
N ALA A 18 4.14 56.42 -0.23
CA ALA A 18 3.10 55.39 -0.12
C ALA A 18 2.21 55.68 1.08
N SER A 19 0.91 55.75 0.86
CA SER A 19 0.02 56.21 1.90
C SER A 19 -1.07 55.19 2.20
N ILE A 20 -1.27 54.95 3.48
CA ILE A 20 -2.40 54.18 4.00
C ILE A 20 -3.63 55.06 3.93
N LEU A 21 -4.59 54.64 3.08
CA LEU A 21 -5.81 55.35 2.71
C LEU A 21 -7.05 54.81 3.39
N ALA A 22 -7.03 53.54 3.80
CA ALA A 22 -8.14 52.87 4.50
C ALA A 22 -7.62 51.65 5.25
N ILE A 23 -8.30 51.30 6.34
CA ILE A 23 -7.95 50.14 7.15
C ILE A 23 -9.22 49.39 7.53
N GLY A 24 -9.25 48.08 7.29
CA GLY A 24 -10.34 47.24 7.77
C GLY A 24 -9.85 46.04 8.55
N THR A 25 -10.61 45.66 9.58
CA THR A 25 -10.28 44.48 10.37
C THR A 25 -11.50 43.59 10.52
N ALA A 26 -11.25 42.33 10.86
CA ALA A 26 -12.31 41.34 11.03
C ALA A 26 -11.77 40.20 11.86
N ASN A 27 -12.65 39.53 12.59
CA ASN A 27 -12.22 38.44 13.46
C ASN A 27 -13.25 37.32 13.34
N PRO A 28 -12.86 36.07 13.65
CA PRO A 28 -13.88 35.00 13.71
C PRO A 28 -14.99 35.35 14.67
N SER A 29 -16.16 34.78 14.43
CA SER A 29 -17.33 35.27 15.13
C SER A 29 -17.45 34.73 16.55
N ASN A 30 -16.58 33.81 16.96
CA ASN A 30 -16.62 33.29 18.32
C ASN A 30 -15.60 34.00 19.22
N CYS A 31 -16.08 34.53 20.33
CA CYS A 31 -15.31 35.30 21.30
C CYS A 31 -15.09 34.45 22.55
N PHE A 32 -13.88 34.51 23.09
CA PHE A 32 -13.49 33.71 24.24
C PHE A 32 -12.96 34.64 25.33
N ASN A 33 -13.77 34.80 26.39
CA ASN A 33 -13.38 35.52 27.60
C ASN A 33 -12.23 34.82 28.29
N GLN A 34 -11.20 35.59 28.69
CA GLN A 34 -10.02 34.94 29.23
C GLN A 34 -10.23 34.38 30.62
N ASP A 35 -11.09 35.01 31.42
CA ASP A 35 -11.35 34.52 32.78
C ASP A 35 -11.76 33.05 32.77
N GLU A 36 -12.50 32.67 31.74
CA GLU A 36 -13.14 31.39 31.59
C GLU A 36 -12.38 30.43 30.67
N PHE A 37 -11.25 30.86 30.09
CA PHE A 37 -10.52 30.04 29.11
C PHE A 37 -9.75 28.83 29.69
N PRO A 38 -9.12 28.94 30.87
CA PRO A 38 -8.48 27.75 31.46
C PRO A 38 -9.44 26.57 31.50
N ASP A 39 -10.67 26.80 31.97
CA ASP A 39 -11.69 25.74 32.01
C ASP A 39 -11.93 25.17 30.62
N TYR A 40 -12.19 26.06 29.64
CA TYR A 40 -12.57 25.64 28.29
C TYR A 40 -11.47 24.83 27.61
N SER A 41 -10.31 25.48 27.43
CA SER A 41 -9.21 24.87 26.71
C SER A 41 -8.84 23.53 27.31
N PHE A 42 -8.78 23.44 28.63
CA PHE A 42 -8.41 22.18 29.23
C PHE A 42 -9.53 21.15 29.17
N ARG A 43 -10.78 21.58 28.98
CA ARG A 43 -11.90 20.65 28.83
C ARG A 43 -11.90 20.00 27.46
N VAL A 44 -11.75 20.80 26.40
CA VAL A 44 -11.88 20.27 25.04
C VAL A 44 -10.68 19.41 24.65
N THR A 45 -9.51 19.66 25.24
CA THR A 45 -8.32 18.85 24.93
C THR A 45 -8.18 17.61 25.79
N LYS A 46 -9.09 17.39 26.74
CA LYS A 46 -9.06 16.24 27.64
C LYS A 46 -7.81 16.28 28.52
N SER A 47 -7.74 17.36 29.31
CA SER A 47 -6.57 17.63 30.15
C SER A 47 -7.00 18.19 31.50
N GLU A 48 -8.22 17.96 31.94
CA GLU A 48 -8.70 18.66 33.14
C GLU A 48 -8.27 17.99 34.44
N HIS A 49 -7.73 16.78 34.36
CA HIS A 49 -7.08 16.10 35.47
C HIS A 49 -5.63 16.54 35.67
N LEU A 50 -5.10 17.36 34.77
CA LEU A 50 -3.72 17.83 34.82
C LEU A 50 -3.68 19.13 35.62
N THR A 51 -4.09 19.02 36.89
CA THR A 51 -4.46 20.21 37.66
C THR A 51 -3.25 21.10 37.95
N SER A 52 -2.08 20.49 38.13
CA SER A 52 -0.82 21.23 38.23
C SER A 52 -0.64 22.20 37.05
N LEU A 53 -0.80 21.66 35.85
CA LEU A 53 -0.52 22.42 34.65
C LEU A 53 -1.66 23.38 34.36
N LYS A 54 -2.89 22.98 34.67
CA LYS A 54 -4.01 23.90 34.51
C LYS A 54 -3.84 25.12 35.40
N ASP A 55 -3.47 24.90 36.66
CA ASP A 55 -3.17 26.03 37.53
C ASP A 55 -2.09 26.93 36.92
N LYS A 56 -0.99 26.32 36.45
CA LYS A 56 0.07 27.09 35.81
C LYS A 56 -0.46 27.95 34.67
N PHE A 57 -1.37 27.38 33.89
CA PHE A 57 -1.95 28.10 32.76
C PHE A 57 -2.87 29.22 33.21
N LYS A 58 -3.61 29.00 34.31
CA LYS A 58 -4.44 30.08 34.83
C LYS A 58 -3.58 31.26 35.23
N ARG A 59 -2.41 30.98 35.80
CA ARG A 59 -1.48 32.07 36.12
C ARG A 59 -1.03 32.81 34.87
N ILE A 60 -0.65 32.06 33.83
CA ILE A 60 -0.23 32.68 32.57
C ILE A 60 -1.34 33.56 32.01
N CYS A 61 -2.58 33.06 32.04
CA CYS A 61 -3.69 33.82 31.48
C CYS A 61 -3.99 35.05 32.31
N GLU A 62 -3.93 34.93 33.63
CA GLU A 62 -4.20 36.10 34.46
C GLU A 62 -3.21 37.20 34.15
N ARG A 63 -1.92 36.88 34.14
CA ARG A 63 -0.96 37.96 33.88
C ARG A 63 -0.85 38.27 32.39
N SER A 64 -1.60 37.59 31.53
CA SER A 64 -1.45 37.86 30.11
C SER A 64 -1.83 39.29 29.75
N THR A 65 -2.81 39.86 30.46
CA THR A 65 -3.46 41.12 30.10
C THR A 65 -4.33 40.98 28.84
N VAL A 66 -4.66 39.74 28.44
CA VAL A 66 -5.60 39.46 27.34
C VAL A 66 -6.96 39.19 27.96
N ARG A 67 -7.95 40.01 27.63
CA ARG A 67 -9.29 39.83 28.20
C ARG A 67 -10.19 39.04 27.26
N LYS A 68 -10.12 39.30 25.95
CA LYS A 68 -10.87 38.52 24.98
C LYS A 68 -9.96 38.09 23.83
N ARG A 69 -10.33 36.99 23.19
CA ARG A 69 -9.77 36.67 21.88
C ARG A 69 -10.86 36.13 20.96
N TYR A 70 -10.65 36.23 19.66
CA TYR A 70 -11.61 35.68 18.72
C TYR A 70 -10.92 34.53 18.04
N LEU A 71 -11.48 33.34 18.21
CA LEU A 71 -10.88 32.11 17.77
C LEU A 71 -11.81 31.36 16.83
N HIS A 72 -11.25 30.83 15.75
CA HIS A 72 -12.08 30.04 14.88
C HIS A 72 -12.28 28.62 15.39
N LEU A 73 -11.27 28.00 16.04
CA LEU A 73 -11.51 26.69 16.69
C LEU A 73 -12.49 26.81 17.82
N THR A 74 -13.66 26.25 17.61
CA THR A 74 -14.66 25.98 18.62
C THR A 74 -14.54 24.55 19.13
N GLU A 75 -15.33 24.23 20.15
CA GLU A 75 -15.47 22.83 20.49
C GLU A 75 -16.03 22.03 19.31
N GLU A 76 -16.91 22.62 18.48
CA GLU A 76 -17.52 21.84 17.39
C GLU A 76 -16.46 21.27 16.45
N LEU A 77 -15.54 22.11 16.01
CA LEU A 77 -14.49 21.67 15.10
C LEU A 77 -13.65 20.60 15.76
N LEU A 78 -13.34 20.76 17.03
CA LEU A 78 -12.52 19.74 17.67
C LEU A 78 -13.26 18.42 17.78
N GLN A 79 -14.59 18.43 17.86
CA GLN A 79 -15.27 17.14 17.83
C GLN A 79 -15.20 16.54 16.46
N GLU A 80 -15.23 17.38 15.44
CA GLU A 80 -15.10 16.87 14.07
C GLU A 80 -13.65 16.53 13.73
N TYR A 81 -12.67 17.20 14.35
CA TYR A 81 -11.25 16.99 14.05
C TYR A 81 -10.47 16.78 15.35
N PRO A 82 -10.76 15.71 16.09
CA PRO A 82 -10.20 15.58 17.44
C PRO A 82 -8.71 15.34 17.45
N SER A 83 -8.14 14.97 16.31
CA SER A 83 -6.70 14.91 16.22
C SER A 83 -6.09 16.25 16.61
N ILE A 84 -6.77 17.34 16.26
CA ILE A 84 -6.30 18.68 16.59
C ILE A 84 -6.34 18.93 18.10
N ALA A 85 -7.27 18.31 18.82
CA ALA A 85 -7.33 18.55 20.26
C ALA A 85 -6.30 17.74 21.03
N THR A 86 -5.53 16.88 20.36
CA THR A 86 -4.42 16.16 20.97
C THR A 86 -3.19 17.05 21.01
N TYR A 87 -2.08 16.50 21.52
CA TYR A 87 -0.83 17.24 21.40
C TYR A 87 -0.11 16.91 20.09
N ASP A 88 0.03 15.65 19.83
CA ASP A 88 1.15 15.16 19.10
C ASP A 88 0.68 14.46 17.83
N ALA A 89 -0.61 14.16 17.73
CA ALA A 89 -1.19 13.27 16.75
C ALA A 89 -1.15 13.86 15.34
N PRO A 90 -1.16 13.00 14.31
CA PRO A 90 -1.23 13.50 12.92
C PRO A 90 -2.50 14.29 12.73
N SER A 91 -2.34 15.55 12.35
CA SER A 91 -3.46 16.47 12.34
C SER A 91 -3.36 17.50 11.23
N LEU A 92 -2.23 17.55 10.51
CA LEU A 92 -2.07 18.62 9.53
C LEU A 92 -3.19 18.63 8.51
N ASP A 93 -3.57 17.45 8.00
CA ASP A 93 -4.56 17.41 6.92
C ASP A 93 -5.88 18.07 7.33
N ALA A 94 -6.31 17.82 8.57
CA ALA A 94 -7.51 18.47 9.09
C ALA A 94 -7.32 19.98 9.18
N ARG A 95 -6.25 20.42 9.85
CA ARG A 95 -5.98 21.84 9.98
C ARG A 95 -6.02 22.49 8.61
N GLN A 96 -5.41 21.82 7.64
CA GLN A 96 -5.33 22.31 6.26
C GLN A 96 -6.72 22.44 5.65
N GLU A 97 -7.55 21.41 5.81
CA GLU A 97 -8.90 21.49 5.27
C GLU A 97 -9.63 22.71 5.79
N ILE A 98 -9.44 23.00 7.07
CA ILE A 98 -10.09 24.16 7.70
C ILE A 98 -9.52 25.48 7.19
N GLU A 99 -8.19 25.56 7.10
CA GLU A 99 -7.58 26.87 6.97
C GLU A 99 -7.54 27.33 5.52
N VAL A 100 -7.30 26.43 4.57
CA VAL A 100 -7.32 26.86 3.18
C VAL A 100 -8.70 27.42 2.82
N ALA A 101 -9.73 27.06 3.60
CA ALA A 101 -11.07 27.60 3.46
C ALA A 101 -11.28 28.89 4.24
N GLU A 102 -10.89 28.91 5.52
CA GLU A 102 -11.31 29.98 6.39
C GLU A 102 -10.34 31.15 6.44
N VAL A 103 -9.03 30.92 6.24
CA VAL A 103 -8.08 32.03 6.13
C VAL A 103 -8.49 33.03 5.04
N PRO A 104 -8.84 32.59 3.83
CA PRO A 104 -9.35 33.56 2.84
C PRO A 104 -10.68 34.20 3.22
N LYS A 105 -11.60 33.50 3.89
CA LYS A 105 -12.91 34.11 4.18
C LYS A 105 -12.76 35.34 5.09
N LEU A 106 -11.95 35.21 6.14
CA LEU A 106 -11.71 36.34 7.05
C LEU A 106 -11.07 37.50 6.31
N ALA A 107 -10.06 37.18 5.50
CA ALA A 107 -9.39 38.16 4.65
C ALA A 107 -10.39 38.91 3.78
N ALA A 108 -11.35 38.19 3.21
CA ALA A 108 -12.35 38.86 2.39
C ALA A 108 -13.19 39.80 3.24
N ARG A 109 -13.55 39.38 4.46
CA ARG A 109 -14.32 40.27 5.32
C ARG A 109 -13.58 41.59 5.56
N ALA A 110 -12.29 41.48 5.94
CA ALA A 110 -11.50 42.68 6.26
C ALA A 110 -11.24 43.54 5.02
N ALA A 111 -10.87 42.89 3.92
CA ALA A 111 -10.67 43.59 2.66
C ALA A 111 -11.93 44.31 2.23
N SER A 112 -13.08 43.66 2.36
CA SER A 112 -14.35 44.28 2.05
C SER A 112 -14.53 45.58 2.80
N ARG A 113 -14.29 45.54 4.11
CA ARG A 113 -14.54 46.75 4.89
C ARG A 113 -13.57 47.86 4.51
N ALA A 114 -12.30 47.50 4.24
CA ALA A 114 -11.30 48.48 3.81
C ALA A 114 -11.59 49.07 2.44
N ILE A 115 -12.08 48.24 1.51
CA ILE A 115 -12.45 48.73 0.19
C ILE A 115 -13.64 49.67 0.29
N GLU A 116 -14.57 49.39 1.21
CA GLU A 116 -15.72 50.27 1.39
C GLU A 116 -15.30 51.62 1.95
N GLU A 117 -14.37 51.61 2.92
CA GLU A 117 -13.81 52.85 3.46
C GLU A 117 -13.09 53.67 2.40
N TRP A 118 -12.17 53.03 1.68
CA TRP A 118 -11.49 53.65 0.55
C TRP A 118 -12.49 54.21 -0.44
N GLY A 119 -13.49 53.40 -0.83
CA GLY A 119 -14.63 53.83 -1.61
C GLY A 119 -14.52 53.79 -3.11
N GLN A 120 -13.44 53.33 -3.64
CA GLN A 120 -13.34 53.28 -5.08
C GLN A 120 -13.70 51.90 -5.57
N PRO A 121 -13.97 51.72 -6.86
CA PRO A 121 -14.31 50.39 -7.37
C PRO A 121 -13.11 49.46 -7.38
N LYS A 122 -13.39 48.15 -7.34
CA LYS A 122 -12.32 47.17 -7.29
C LYS A 122 -11.47 47.12 -8.56
N ASN A 123 -12.01 47.56 -9.71
CA ASN A 123 -11.29 47.82 -10.97
C ASN A 123 -9.86 48.26 -10.73
N LYS A 124 -9.74 49.24 -9.82
CA LYS A 124 -8.60 50.11 -9.57
C LYS A 124 -7.56 49.50 -8.65
N ILE A 125 -7.88 48.43 -7.93
CA ILE A 125 -6.86 47.72 -7.17
C ILE A 125 -5.94 47.00 -8.15
N THR A 126 -4.63 47.28 -8.07
CA THR A 126 -3.69 46.68 -9.01
C THR A 126 -2.89 45.52 -8.40
N HIS A 127 -2.57 45.56 -7.11
CA HIS A 127 -1.75 44.52 -6.50
C HIS A 127 -2.41 44.00 -5.25
N LEU A 128 -2.08 42.76 -4.90
CA LEU A 128 -2.54 42.11 -3.69
C LEU A 128 -1.32 41.47 -3.03
N ILE A 129 -1.03 41.87 -1.79
CA ILE A 129 -0.03 41.22 -0.92
C ILE A 129 -0.79 40.57 0.21
N PHE A 130 -0.64 39.25 0.36
CA PHE A 130 -1.46 38.55 1.34
C PHE A 130 -0.59 37.57 2.15
N SER A 131 -0.44 37.90 3.44
CA SER A 131 0.40 37.17 4.40
C SER A 131 -0.43 36.31 5.33
N SER A 132 -0.06 35.02 5.41
CA SER A 132 -0.72 34.09 6.30
C SER A 132 0.24 33.02 6.81
N THR A 133 0.10 32.71 8.10
CA THR A 133 0.76 31.55 8.64
C THR A 133 0.20 30.27 8.04
N SER A 134 -1.11 30.25 7.78
CA SER A 134 -1.92 29.05 7.58
C SER A 134 -2.37 28.81 6.14
N GLY A 135 -2.82 27.57 5.92
CA GLY A 135 -3.47 27.14 4.69
C GLY A 135 -2.57 27.08 3.47
N ILE A 136 -1.39 26.47 3.61
CA ILE A 136 -0.42 26.49 2.52
C ILE A 136 -0.95 25.57 1.41
N GLU A 137 -1.24 26.14 0.24
CA GLU A 137 -1.85 25.37 -0.83
C GLU A 137 -1.51 26.00 -2.18
N LYS A 138 -1.63 25.19 -3.25
CA LYS A 138 -1.47 25.69 -4.62
C LYS A 138 -2.77 25.39 -5.36
N PRO A 139 -3.48 26.41 -5.91
CA PRO A 139 -3.13 27.82 -5.81
C PRO A 139 -3.22 28.36 -4.37
N GLY A 140 -2.47 29.40 -4.08
CA GLY A 140 -2.46 29.91 -2.73
C GLY A 140 -3.77 30.57 -2.39
N VAL A 141 -3.91 30.92 -1.11
CA VAL A 141 -5.10 31.61 -0.64
C VAL A 141 -5.25 32.98 -1.26
N ASP A 142 -4.17 33.57 -1.76
CA ASP A 142 -4.28 34.81 -2.53
C ASP A 142 -5.23 34.65 -3.70
N CYS A 143 -5.13 33.53 -4.41
CA CYS A 143 -6.01 33.26 -5.53
C CYS A 143 -7.46 33.16 -5.07
N HIS A 144 -7.70 32.39 -4.00
CA HIS A 144 -9.05 32.26 -3.45
C HIS A 144 -9.63 33.62 -3.16
N LEU A 145 -8.83 34.49 -2.53
CA LEU A 145 -9.29 35.85 -2.21
C LEU A 145 -9.69 36.58 -3.47
N VAL A 146 -8.84 36.49 -4.50
CA VAL A 146 -9.15 37.15 -5.78
C VAL A 146 -10.53 36.75 -6.25
N HIS A 147 -10.82 35.44 -6.20
CA HIS A 147 -12.13 34.97 -6.67
C HIS A 147 -13.28 35.43 -5.77
N LEU A 148 -13.10 35.38 -4.45
CA LEU A 148 -14.15 35.71 -3.49
C LEU A 148 -14.52 37.19 -3.52
N LEU A 149 -13.54 38.05 -3.70
CA LEU A 149 -13.82 39.48 -3.67
C LEU A 149 -14.31 39.99 -5.01
N GLY A 150 -14.00 39.28 -6.10
CA GLY A 150 -14.16 39.83 -7.43
C GLY A 150 -13.09 40.85 -7.78
N LEU A 151 -11.81 40.48 -7.45
CA LEU A 151 -10.66 41.28 -7.83
C LEU A 151 -10.35 41.10 -9.31
N PRO A 152 -9.70 42.09 -9.93
CA PRO A 152 -9.25 41.91 -11.32
C PRO A 152 -8.27 40.76 -11.44
N LEU A 153 -8.47 39.90 -12.44
CA LEU A 153 -7.56 38.77 -12.62
C LEU A 153 -6.14 39.20 -12.92
N SER A 154 -5.96 40.45 -13.34
CA SER A 154 -4.64 40.99 -13.62
C SER A 154 -3.92 41.45 -12.36
N VAL A 155 -4.55 41.29 -11.19
CA VAL A 155 -3.95 41.76 -9.95
C VAL A 155 -2.64 41.03 -9.73
N ASN A 156 -1.60 41.81 -9.47
CA ASN A 156 -0.26 41.31 -9.22
C ASN A 156 -0.19 40.85 -7.77
N ARG A 157 0.08 39.57 -7.55
CA ARG A 157 0.00 38.98 -6.22
C ARG A 157 1.39 38.74 -5.63
N VAL A 158 1.46 38.87 -4.30
CA VAL A 158 2.60 38.49 -3.46
C VAL A 158 2.07 37.63 -2.30
N MET A 159 2.31 36.32 -2.36
CA MET A 159 1.80 35.39 -1.36
C MET A 159 2.90 35.06 -0.36
N LEU A 160 2.72 35.48 0.89
CA LEU A 160 3.72 35.27 1.93
C LEU A 160 3.20 34.30 2.99
N TYR A 161 3.58 33.03 2.87
CA TYR A 161 3.17 32.01 3.83
C TYR A 161 4.17 31.88 4.95
N THR A 162 3.67 31.86 6.19
CA THR A 162 4.41 31.43 7.39
C THR A 162 5.58 32.35 7.69
N ILE A 163 5.30 33.57 8.13
CA ILE A 163 6.38 34.55 8.21
C ILE A 163 6.98 34.67 9.62
N GLY A 164 6.19 34.93 10.67
CA GLY A 164 4.77 35.20 10.66
C GLY A 164 4.49 36.33 11.61
N CYS A 165 5.11 36.24 12.80
CA CYS A 165 4.68 37.11 13.88
C CYS A 165 5.12 38.57 13.65
N HIS A 166 6.16 38.81 12.84
CA HIS A 166 6.58 40.16 12.43
C HIS A 166 6.03 40.57 11.06
N ALA A 167 5.17 39.74 10.45
CA ALA A 167 4.73 39.94 9.07
C ALA A 167 4.06 41.29 8.83
N GLY A 168 3.45 41.87 9.88
CA GLY A 168 2.85 43.19 9.73
C GLY A 168 3.83 44.21 9.17
N GLY A 169 5.08 44.14 9.59
CA GLY A 169 6.08 45.02 9.01
C GLY A 169 6.45 44.63 7.60
N THR A 170 6.64 43.34 7.37
CA THR A 170 7.06 42.89 6.05
C THR A 170 6.13 43.39 4.95
N VAL A 171 4.81 43.29 5.17
CA VAL A 171 3.87 43.62 4.10
C VAL A 171 3.92 45.10 3.76
N LEU A 172 4.02 45.97 4.77
CA LEU A 172 4.15 47.41 4.53
C LEU A 172 5.43 47.71 3.78
N ARG A 173 6.53 47.04 4.15
CA ARG A 173 7.82 47.24 3.49
C ARG A 173 7.72 46.93 2.01
N ILE A 174 7.05 45.83 1.66
CA ILE A 174 6.88 45.48 0.26
C ILE A 174 5.91 46.44 -0.43
N ALA A 175 4.78 46.70 0.23
CA ALA A 175 3.77 47.58 -0.34
C ALA A 175 4.34 48.94 -0.69
N LYS A 176 5.25 49.46 0.14
CA LYS A 176 5.88 50.74 -0.18
C LYS A 176 6.41 50.75 -1.62
N ASP A 177 7.31 49.80 -1.93
CA ASP A 177 7.97 49.78 -3.24
C ASP A 177 7.01 49.44 -4.37
N LEU A 178 6.05 48.54 -4.14
CA LEU A 178 5.06 48.27 -5.19
C LEU A 178 4.23 49.51 -5.52
N ALA A 179 3.74 50.22 -4.51
CA ALA A 179 2.90 51.40 -4.78
C ALA A 179 3.69 52.56 -5.36
N GLU A 180 4.93 52.73 -4.89
CA GLU A 180 5.74 53.88 -5.22
C GLU A 180 6.48 53.72 -6.54
N ASN A 181 6.56 52.51 -7.10
CA ASN A 181 7.23 52.31 -8.38
C ASN A 181 6.27 52.10 -9.52
N ASN A 182 4.95 52.19 -9.28
CA ASN A 182 3.90 52.02 -10.28
C ASN A 182 2.94 53.19 -10.15
N VAL A 183 2.96 54.15 -11.07
CA VAL A 183 2.10 55.32 -10.88
C VAL A 183 0.64 54.90 -11.03
N GLY A 184 -0.19 55.30 -10.07
CA GLY A 184 -1.59 54.92 -10.09
C GLY A 184 -1.91 53.55 -9.53
N SER A 185 -0.91 52.77 -9.18
CA SER A 185 -1.19 51.50 -8.55
C SER A 185 -1.88 51.70 -7.22
N ARG A 186 -2.69 50.71 -6.85
CA ARG A 186 -3.34 50.63 -5.55
C ARG A 186 -3.16 49.20 -5.04
N VAL A 187 -2.50 49.04 -3.89
CA VAL A 187 -2.16 47.74 -3.34
C VAL A 187 -3.17 47.37 -2.25
N LEU A 188 -3.78 46.19 -2.36
CA LEU A 188 -4.59 45.59 -1.30
C LEU A 188 -3.71 44.67 -0.46
N VAL A 189 -3.56 45.00 0.82
CA VAL A 189 -2.73 44.25 1.74
C VAL A 189 -3.63 43.55 2.74
N VAL A 190 -3.42 42.24 2.97
CA VAL A 190 -4.20 41.49 3.96
C VAL A 190 -3.25 40.60 4.76
N CYS A 191 -3.28 40.75 6.07
CA CYS A 191 -2.73 39.75 6.99
C CYS A 191 -3.92 39.01 7.57
N SER A 192 -3.97 37.69 7.35
CA SER A 192 -5.08 36.91 7.89
C SER A 192 -4.56 35.76 8.73
N GLU A 193 -4.70 35.85 10.04
CA GLU A 193 -4.09 34.89 10.96
C GLU A 193 -5.16 34.09 11.68
N LEU A 194 -5.11 32.77 11.53
CA LEU A 194 -5.90 31.85 12.34
C LEU A 194 -4.97 30.96 13.15
N THR A 195 -5.34 30.71 14.40
CA THR A 195 -4.55 29.83 15.27
C THR A 195 -4.92 28.35 15.10
N VAL A 196 -5.64 27.97 14.03
CA VAL A 196 -6.00 26.57 13.88
C VAL A 196 -4.74 25.71 13.73
N MET A 197 -3.73 26.23 13.03
CA MET A 197 -2.52 25.45 12.76
C MET A 197 -1.65 25.26 13.99
N THR A 198 -1.74 26.14 14.97
CA THR A 198 -0.83 26.05 16.11
C THR A 198 -1.46 25.39 17.32
N PHE A 199 -2.78 25.35 17.40
CA PHE A 199 -3.45 24.82 18.58
C PHE A 199 -3.20 23.33 18.79
N ARG A 200 -2.85 22.98 20.02
CA ARG A 200 -2.70 21.59 20.42
C ARG A 200 -2.87 21.51 21.93
N GLY A 201 -3.16 20.31 22.42
CA GLY A 201 -3.39 20.07 23.83
C GLY A 201 -2.23 20.48 24.72
N PRO A 202 -2.49 20.64 26.02
CA PRO A 202 -1.41 21.02 26.94
C PRO A 202 -0.54 19.85 27.37
N SER A 203 0.71 20.18 27.68
CA SER A 203 1.70 19.26 28.24
C SER A 203 2.78 20.02 28.99
N GLU A 204 3.32 19.41 30.04
CA GLU A 204 4.47 19.98 30.74
C GLU A 204 5.73 19.90 29.89
N THR A 205 5.64 19.30 28.71
CA THR A 205 6.77 19.13 27.79
C THR A 205 6.90 20.28 26.80
N ASP A 206 5.92 21.20 26.76
CA ASP A 206 5.90 22.39 25.89
C ASP A 206 5.21 23.54 26.63
N LEU A 207 5.97 24.27 27.45
CA LEU A 207 5.42 25.45 28.09
C LEU A 207 5.23 26.60 27.11
N ALA A 208 5.95 26.57 25.99
CA ALA A 208 5.83 27.65 25.03
C ALA A 208 4.43 27.69 24.46
N ASN A 209 3.85 26.52 24.14
CA ASN A 209 2.43 26.41 23.80
C ASN A 209 1.47 26.69 24.94
N LEU A 210 1.84 26.56 26.21
CA LEU A 210 0.97 27.11 27.25
C LEU A 210 0.87 28.63 27.08
N ILE A 211 2.03 29.31 27.01
CA ILE A 211 2.05 30.74 26.72
C ILE A 211 1.20 31.04 25.49
N ARG A 212 1.49 30.34 24.38
CA ARG A 212 0.86 30.58 23.08
C ARG A 212 -0.64 30.54 23.18
N MET A 213 -1.17 29.42 23.70
CA MET A 213 -2.61 29.28 23.77
C MET A 213 -3.18 30.18 24.84
N GLY A 214 -2.29 30.89 25.54
CA GLY A 214 -2.78 31.96 26.37
C GLY A 214 -2.88 33.33 25.71
N ILE A 215 -1.92 33.71 24.85
CA ILE A 215 -1.86 35.06 24.28
C ILE A 215 -2.45 35.13 22.87
N PHE A 216 -2.26 34.12 22.04
CA PHE A 216 -2.50 34.31 20.61
C PHE A 216 -3.97 34.12 20.30
N GLY A 217 -4.54 35.09 19.59
CA GLY A 217 -5.88 35.00 19.06
C GLY A 217 -5.90 35.19 17.56
N ASP A 218 -7.09 34.98 16.96
CA ASP A 218 -7.31 35.08 15.52
C ASP A 218 -7.74 36.48 15.10
N GLY A 219 -7.52 36.79 13.82
CA GLY A 219 -7.87 38.10 13.25
C GLY A 219 -7.28 38.38 11.88
N ALA A 220 -7.95 39.22 11.11
CA ALA A 220 -7.49 39.65 9.80
C ALA A 220 -7.55 41.16 9.72
N ALA A 221 -6.53 41.74 9.10
CA ALA A 221 -6.49 43.16 8.83
C ALA A 221 -6.14 43.37 7.38
N ALA A 222 -6.87 44.24 6.72
CA ALA A 222 -6.63 44.63 5.36
C ALA A 222 -6.43 46.15 5.32
N LEU A 223 -5.62 46.59 4.35
CA LEU A 223 -5.41 48.01 4.10
C LEU A 223 -5.05 48.29 2.64
N ILE A 224 -5.49 49.45 2.16
CA ILE A 224 -5.29 49.94 0.78
C ILE A 224 -4.19 50.99 0.79
N ILE A 225 -3.10 50.74 0.05
CA ILE A 225 -2.00 51.71 -0.09
C ILE A 225 -2.03 52.27 -1.50
N GLY A 226 -1.83 53.57 -1.61
CA GLY A 226 -1.55 54.18 -2.90
C GLY A 226 -0.61 55.33 -2.69
N ALA A 227 0.19 55.62 -3.71
CA ALA A 227 0.96 56.85 -3.72
C ALA A 227 0.26 57.91 -4.58
N ASP A 228 0.57 59.19 -4.31
CA ASP A 228 -0.13 60.30 -4.95
C ASP A 228 -1.63 60.10 -4.87
N PRO A 229 -2.21 60.12 -3.68
CA PRO A 229 -3.66 59.92 -3.57
C PRO A 229 -4.44 61.09 -4.14
N ASP A 230 -5.48 60.78 -4.90
CA ASP A 230 -6.38 61.80 -5.42
C ASP A 230 -7.15 62.38 -4.25
N LEU A 231 -6.71 63.53 -3.74
CA LEU A 231 -7.35 64.02 -2.53
C LEU A 231 -8.80 64.43 -2.78
N SER A 232 -9.26 64.38 -4.04
CA SER A 232 -10.69 64.53 -4.34
C SER A 232 -11.51 63.43 -3.68
N ILE A 233 -10.94 62.22 -3.60
CA ILE A 233 -11.70 61.02 -3.27
C ILE A 233 -11.03 60.16 -2.21
N GLU A 234 -9.73 60.31 -1.98
CA GLU A 234 -9.01 59.44 -1.09
C GLU A 234 -8.44 60.24 0.07
N LYS A 235 -8.55 59.69 1.28
CA LYS A 235 -8.08 60.37 2.48
C LYS A 235 -6.92 59.57 3.04
N PRO A 236 -5.69 60.03 2.88
CA PRO A 236 -4.55 59.32 3.47
C PRO A 236 -4.62 59.31 4.99
N ILE A 237 -4.27 58.17 5.57
CA ILE A 237 -4.24 58.00 7.02
C ILE A 237 -2.82 58.10 7.54
N PHE A 238 -1.89 57.40 6.90
CA PHE A 238 -0.49 57.50 7.27
C PHE A 238 0.36 57.42 6.01
N GLU A 239 1.60 57.90 6.09
CA GLU A 239 2.55 57.70 5.01
C GLU A 239 3.69 56.82 5.48
N ILE A 240 4.16 55.94 4.59
CA ILE A 240 5.24 55.02 4.91
C ILE A 240 6.54 55.70 4.50
N PHE A 241 7.19 56.35 5.46
CA PHE A 241 8.39 57.10 5.11
C PHE A 241 9.55 56.17 4.78
N SER A 242 9.82 55.19 5.64
CA SER A 242 10.94 54.29 5.40
C SER A 242 10.70 52.92 6.06
N ALA A 243 11.27 51.87 5.46
CA ALA A 243 11.10 50.49 5.94
C ALA A 243 12.40 49.68 5.87
N SER A 244 12.92 49.30 7.03
CA SER A 244 14.10 48.48 7.19
C SER A 244 13.79 47.18 7.92
N GLN A 245 14.59 46.16 7.65
CA GLN A 245 14.54 44.90 8.38
C GLN A 245 15.94 44.56 8.90
N THR A 246 16.00 43.82 10.01
CA THR A 246 17.30 43.32 10.44
C THR A 246 17.16 42.02 11.21
N LEU A 247 18.24 41.23 11.20
CA LEU A 247 18.37 39.99 11.97
C LEU A 247 19.19 40.26 13.22
N VAL A 248 18.69 39.82 14.38
CA VAL A 248 19.41 39.96 15.64
C VAL A 248 20.45 38.84 15.66
N PRO A 249 21.73 39.18 15.73
CA PRO A 249 22.77 38.16 15.54
C PRO A 249 22.67 37.02 16.53
N ASN A 250 22.82 35.80 16.01
CA ASN A 250 22.92 34.61 16.85
C ASN A 250 21.67 34.42 17.73
N THR A 251 20.51 34.55 17.08
CA THR A 251 19.24 34.42 17.78
C THR A 251 18.26 33.58 16.99
N SER A 252 18.68 32.96 15.89
CA SER A 252 17.96 31.81 15.38
C SER A 252 17.84 30.81 16.51
N LYS A 253 16.71 30.15 16.56
CA LYS A 253 16.33 29.16 17.55
C LYS A 253 15.72 29.86 18.76
N ALA A 254 15.67 31.18 18.78
CA ALA A 254 14.96 31.84 19.86
C ALA A 254 13.49 31.98 19.57
N ILE A 255 13.10 32.16 18.32
CA ILE A 255 11.69 32.11 17.91
C ILE A 255 11.59 31.14 16.75
N ARG A 256 10.84 30.06 16.96
CA ARG A 256 10.89 28.85 16.15
C ARG A 256 9.51 28.27 15.87
N GLY A 257 9.41 27.58 14.72
CA GLY A 257 8.22 26.85 14.37
C GLY A 257 8.43 26.16 13.05
N ARG A 258 7.91 24.93 12.90
CA ARG A 258 8.02 24.16 11.66
C ARG A 258 6.67 23.58 11.28
N VAL A 259 6.40 23.54 9.98
CA VAL A 259 5.23 22.81 9.49
C VAL A 259 5.56 21.32 9.51
N LYS A 260 4.85 20.57 10.35
CA LYS A 260 5.06 19.15 10.56
C LYS A 260 3.73 18.39 10.46
N GLU A 261 3.80 17.07 10.61
CA GLU A 261 2.59 16.25 10.61
C GLU A 261 1.59 16.68 11.68
N MET A 262 2.07 17.17 12.81
CA MET A 262 1.20 17.56 13.90
C MET A 262 0.66 18.98 13.80
N GLY A 263 0.90 19.69 12.72
CA GLY A 263 0.58 21.11 12.62
C GLY A 263 1.82 21.98 12.68
N LEU A 264 1.61 23.27 13.01
CA LEU A 264 2.71 24.20 13.15
C LEU A 264 3.20 24.16 14.61
N THR A 265 4.44 23.70 14.81
CA THR A 265 5.07 23.74 16.11
C THR A 265 5.41 25.19 16.49
N PHE A 266 5.59 25.42 17.78
CA PHE A 266 5.75 26.78 18.27
C PHE A 266 6.72 26.81 19.43
N TYR A 267 7.77 27.62 19.30
CA TYR A 267 8.70 27.89 20.39
C TYR A 267 9.04 29.37 20.45
N VAL A 268 8.94 29.95 21.65
CA VAL A 268 9.43 31.28 22.00
C VAL A 268 10.31 31.18 23.23
N ASP A 269 11.54 31.67 23.12
CA ASP A 269 12.42 31.66 24.28
C ASP A 269 11.98 32.66 25.33
N LYS A 270 12.30 32.36 26.58
CA LYS A 270 12.01 33.28 27.67
C LYS A 270 12.89 34.53 27.61
N MET A 271 13.90 34.55 26.73
CA MET A 271 14.76 35.71 26.60
C MET A 271 14.32 36.67 25.53
N VAL A 272 13.32 36.32 24.74
CA VAL A 272 12.87 37.17 23.64
C VAL A 272 12.55 38.59 24.09
N PRO A 273 11.83 38.79 25.20
CA PRO A 273 11.61 40.18 25.65
C PRO A 273 12.89 40.98 25.83
N THR A 274 13.84 40.46 26.60
CA THR A 274 15.09 41.20 26.77
C THR A 274 15.86 41.29 25.44
N LEU A 275 15.82 40.26 24.58
CA LEU A 275 16.48 40.35 23.28
C LEU A 275 16.00 41.54 22.49
N VAL A 276 14.68 41.68 22.35
CA VAL A 276 14.10 42.78 21.61
C VAL A 276 14.41 44.11 22.28
N ALA A 277 14.21 44.20 23.59
CA ALA A 277 14.53 45.45 24.24
C ALA A 277 16.01 45.77 24.06
N SER A 278 16.84 44.74 24.19
CA SER A 278 18.29 44.84 24.06
C SER A 278 18.70 45.35 22.68
N ASN A 279 17.94 45.04 21.65
CA ASN A 279 18.35 45.36 20.29
C ASN A 279 17.59 46.54 19.67
N ILE A 280 16.55 47.04 20.35
CA ILE A 280 15.60 47.98 19.72
C ILE A 280 16.24 49.33 19.44
N GLU A 281 17.13 49.81 20.31
CA GLU A 281 17.69 51.15 20.16
C GLU A 281 18.46 51.27 18.85
N GLN A 282 19.19 50.22 18.48
CA GLN A 282 19.95 50.26 17.24
C GLN A 282 19.02 50.48 16.06
N CYS A 283 17.97 49.67 15.96
CA CYS A 283 17.03 49.80 14.87
C CYS A 283 16.43 51.19 14.84
N LEU A 284 16.07 51.67 16.02
CA LEU A 284 15.32 52.89 16.12
C LEU A 284 16.24 54.07 15.81
N ASP A 285 17.51 53.96 16.18
CA ASP A 285 18.52 54.96 15.83
C ASP A 285 18.76 54.99 14.32
N LYS A 286 18.97 53.83 13.72
CA LYS A 286 19.17 53.78 12.27
C LYS A 286 18.01 54.43 11.56
N ALA A 287 16.78 54.12 12.00
CA ALA A 287 15.58 54.61 11.34
C ALA A 287 15.35 56.10 11.55
N PHE A 288 15.82 56.65 12.69
CA PHE A 288 15.46 58.02 13.04
C PHE A 288 16.58 59.08 13.07
N SER A 289 17.87 58.72 13.05
CA SER A 289 18.88 59.76 12.83
C SER A 289 18.69 60.51 11.52
N PRO A 290 18.34 59.88 10.39
CA PRO A 290 18.07 60.67 9.18
C PRO A 290 17.09 61.80 9.38
N LEU A 291 16.16 61.67 10.32
CA LEU A 291 15.21 62.74 10.61
C LEU A 291 15.75 63.66 11.69
N GLY A 292 16.95 63.40 12.19
CA GLY A 292 17.47 64.14 13.34
C GLY A 292 16.56 64.06 14.54
N ILE A 293 15.95 62.90 14.76
CA ILE A 293 15.01 62.67 15.84
C ILE A 293 15.66 61.72 16.84
N ASN A 294 15.59 62.10 18.10
CA ASN A 294 16.38 61.55 19.19
C ASN A 294 15.51 61.07 20.33
N ASP A 295 14.44 61.80 20.59
CA ASP A 295 13.58 61.63 21.76
C ASP A 295 12.44 60.66 21.47
N TRP A 296 12.51 59.47 22.05
CA TRP A 296 11.56 58.42 21.69
C TRP A 296 10.18 58.64 22.26
N ASN A 297 9.94 59.72 22.99
CA ASN A 297 8.61 60.06 23.43
C ASN A 297 7.94 61.05 22.48
N SER A 298 8.69 61.53 21.49
CA SER A 298 8.21 62.47 20.49
C SER A 298 7.55 61.81 19.29
N ILE A 299 7.58 60.48 19.21
CA ILE A 299 7.02 59.69 18.12
C ILE A 299 5.94 58.79 18.68
N PHE A 300 4.94 58.49 17.88
CA PHE A 300 3.91 57.58 18.37
C PHE A 300 4.34 56.15 18.11
N TRP A 301 3.73 55.23 18.86
CA TRP A 301 4.25 53.86 18.94
C TRP A 301 3.22 52.81 18.52
N ILE A 302 3.67 51.90 17.66
CA ILE A 302 2.99 50.68 17.25
C ILE A 302 3.95 49.50 17.42
N PRO A 303 4.34 49.14 18.64
CA PRO A 303 5.22 47.98 18.80
C PRO A 303 4.38 46.74 18.82
N HIS A 304 4.86 45.70 18.17
CA HIS A 304 4.12 44.45 18.22
C HIS A 304 4.02 43.93 19.65
N PRO A 305 2.82 43.71 20.16
CA PRO A 305 2.67 43.21 21.53
C PRO A 305 2.78 41.68 21.61
N GLY A 306 4.00 41.19 21.36
CA GLY A 306 4.27 39.76 21.49
C GLY A 306 3.79 39.23 22.82
N GLY A 307 3.82 40.06 23.84
CA GLY A 307 3.14 39.79 25.08
C GLY A 307 3.37 40.98 25.98
N PRO A 308 2.78 40.98 27.19
CA PRO A 308 3.05 42.09 28.09
C PRO A 308 4.53 42.24 28.45
N ALA A 309 5.31 41.18 28.51
CA ALA A 309 6.70 41.39 28.91
C ALA A 309 7.50 42.14 27.85
N ILE A 310 7.21 41.89 26.57
CA ILE A 310 7.94 42.60 25.52
C ILE A 310 7.72 44.12 25.64
N LEU A 311 6.47 44.51 25.89
CA LEU A 311 6.13 45.91 26.05
C LEU A 311 6.74 46.49 27.33
N ALA A 312 6.67 45.75 28.43
CA ALA A 312 7.27 46.22 29.68
C ALA A 312 8.74 46.56 29.48
N GLU A 313 9.48 45.64 28.84
CA GLU A 313 10.92 45.84 28.62
C GLU A 313 11.18 47.01 27.66
N ILE A 314 10.33 47.18 26.64
CA ILE A 314 10.50 48.32 25.75
C ILE A 314 10.32 49.62 26.51
N GLU A 315 9.18 49.79 27.20
CA GLU A 315 9.00 50.94 28.09
C GLU A 315 10.21 51.18 28.99
N ALA A 316 10.61 50.18 29.78
CA ALA A 316 11.75 50.33 30.68
C ALA A 316 12.99 50.85 29.95
N LYS A 317 13.38 50.19 28.85
CA LYS A 317 14.63 50.55 28.19
C LYS A 317 14.56 51.95 27.59
N LEU A 318 13.49 52.25 26.86
CA LEU A 318 13.42 53.53 26.16
C LEU A 318 13.00 54.66 27.07
N GLU A 319 12.66 54.38 28.32
CA GLU A 319 12.26 55.44 29.22
C GLU A 319 10.99 56.11 28.67
N LEU A 320 9.97 55.30 28.35
CA LEU A 320 8.75 55.83 27.72
C LEU A 320 7.70 56.27 28.74
N LYS A 321 7.04 57.41 28.45
CA LYS A 321 5.99 57.94 29.31
C LYS A 321 4.80 56.98 29.38
N PRO A 322 4.00 57.09 30.45
CA PRO A 322 2.86 56.17 30.65
C PRO A 322 1.87 56.03 29.48
N GLY A 323 1.63 57.08 28.69
CA GLY A 323 0.61 56.98 27.65
C GLY A 323 0.98 56.23 26.37
N LYS A 324 2.28 56.04 26.11
CA LYS A 324 2.75 55.74 24.76
C LYS A 324 2.10 54.48 24.16
N LEU A 325 2.05 53.44 24.95
CA LEU A 325 1.66 52.14 24.45
C LEU A 325 0.18 51.86 24.67
N ARG A 326 -0.60 52.92 24.94
CA ARG A 326 -2.04 52.81 25.26
C ARG A 326 -2.81 52.05 24.18
N ALA A 327 -2.68 52.47 22.92
CA ALA A 327 -3.40 51.83 21.82
C ALA A 327 -2.98 50.36 21.66
N THR A 328 -1.67 50.10 21.64
CA THR A 328 -1.17 48.74 21.55
C THR A 328 -1.76 47.86 22.65
N ARG A 329 -1.67 48.34 23.89
CA ARG A 329 -2.15 47.59 25.05
C ARG A 329 -3.63 47.25 24.91
N HIS A 330 -4.43 48.24 24.50
CA HIS A 330 -5.86 48.04 24.39
C HIS A 330 -6.20 46.96 23.35
N VAL A 331 -5.49 46.98 22.20
CA VAL A 331 -5.69 45.92 21.20
C VAL A 331 -5.29 44.55 21.76
N LEU A 332 -4.17 44.49 22.49
CA LEU A 332 -3.79 43.21 23.07
C LEU A 332 -4.88 42.70 24.01
N SER A 333 -5.52 43.60 24.79
CA SER A 333 -6.53 43.11 25.76
C SER A 333 -7.83 42.72 25.07
N GLU A 334 -8.27 43.50 24.07
CA GLU A 334 -9.56 43.22 23.42
C GLU A 334 -9.45 42.14 22.37
N TYR A 335 -8.23 41.82 21.93
CA TYR A 335 -8.07 40.87 20.84
C TYR A 335 -7.00 39.83 21.03
N GLY A 336 -6.00 40.05 21.84
CA GLY A 336 -4.88 39.13 21.89
C GLY A 336 -3.82 39.41 20.84
N ASN A 337 -2.87 38.49 20.72
CA ASN A 337 -1.77 38.61 19.76
C ASN A 337 -2.16 37.90 18.45
N MET A 338 -2.43 38.68 17.40
CA MET A 338 -2.85 38.12 16.11
C MET A 338 -1.73 38.09 15.07
N SER A 339 -0.52 37.80 15.51
CA SER A 339 0.68 37.73 14.63
C SER A 339 0.72 38.98 13.75
N GLY A 340 0.90 38.82 12.43
CA GLY A 340 1.18 39.97 11.58
C GLY A 340 0.12 41.05 11.66
N ALA A 341 -1.13 40.63 11.72
CA ALA A 341 -2.23 41.57 11.76
C ALA A 341 -2.20 42.49 12.97
N THR A 342 -1.53 42.07 14.05
CA THR A 342 -1.68 42.78 15.31
C THR A 342 -1.35 44.26 15.15
N VAL A 343 -0.14 44.57 14.62
CA VAL A 343 0.27 45.97 14.46
C VAL A 343 -0.72 46.72 13.60
N LEU A 344 -1.30 46.05 12.60
CA LEU A 344 -2.26 46.74 11.75
C LEU A 344 -3.51 47.10 12.54
N PHE A 345 -4.00 46.17 13.38
CA PHE A 345 -5.10 46.50 14.25
C PHE A 345 -4.78 47.75 15.05
N ILE A 346 -3.54 47.86 15.52
CA ILE A 346 -3.16 48.99 16.37
C ILE A 346 -3.17 50.29 15.56
N LEU A 347 -2.76 50.24 14.30
CA LEU A 347 -2.91 51.40 13.42
C LEU A 347 -4.34 51.90 13.49
N ASP A 348 -5.30 51.00 13.26
CA ASP A 348 -6.71 51.38 13.29
C ASP A 348 -7.05 51.98 14.65
N GLU A 349 -6.56 51.36 15.74
CA GLU A 349 -6.86 51.88 17.08
C GLU A 349 -6.26 53.27 17.28
N MET A 350 -5.11 53.54 16.64
CA MET A 350 -4.47 54.86 16.73
C MET A 350 -5.30 55.93 16.02
N ARG A 351 -5.60 55.70 14.73
CA ARG A 351 -6.32 56.70 13.96
C ARG A 351 -7.72 56.95 14.52
N ARG A 352 -8.37 55.89 15.02
CA ARG A 352 -9.71 56.09 15.57
C ARG A 352 -9.60 56.82 16.90
N ARG A 353 -8.70 56.35 17.78
CA ARG A 353 -8.58 56.99 19.08
C ARG A 353 -8.19 58.43 18.92
N SER A 354 -7.26 58.68 17.98
CA SER A 354 -6.83 60.05 17.68
C SER A 354 -8.01 60.93 17.28
N LYS A 355 -8.94 60.39 16.48
CA LYS A 355 -10.11 61.16 16.08
C LYS A 355 -11.13 61.32 17.22
N LYS A 356 -11.45 60.23 17.92
CA LYS A 356 -12.41 60.31 19.01
C LYS A 356 -11.93 61.22 20.11
N GLU A 357 -10.61 61.44 20.18
CA GLU A 357 -9.99 62.37 21.11
C GLU A 357 -9.46 63.63 20.43
N GLY A 358 -9.95 63.93 19.21
CA GLY A 358 -9.66 65.17 18.49
C GLY A 358 -8.23 65.64 18.45
N LYS A 359 -7.30 64.75 18.14
CA LYS A 359 -5.90 65.11 18.11
C LYS A 359 -5.57 65.83 16.81
N GLY A 360 -4.39 66.45 16.75
CA GLY A 360 -3.97 67.17 15.57
C GLY A 360 -3.66 66.28 14.40
N THR A 361 -3.20 65.06 14.66
CA THR A 361 -2.83 64.09 13.64
C THR A 361 -3.52 62.75 13.91
N THR A 362 -3.49 61.88 12.90
CA THR A 362 -3.93 60.50 13.01
C THR A 362 -3.01 59.65 13.88
N GLY A 363 -1.82 60.17 14.21
CA GLY A 363 -0.84 59.50 15.04
C GLY A 363 -0.72 60.07 16.45
N ASP A 364 -1.86 60.24 17.12
CA ASP A 364 -1.92 60.72 18.51
C ASP A 364 -1.33 62.13 18.63
N GLY A 365 -1.65 63.00 17.66
CA GLY A 365 -1.21 64.38 17.68
C GLY A 365 0.24 64.63 17.31
N LEU A 366 1.04 63.58 17.12
CA LEU A 366 2.46 63.71 16.80
C LEU A 366 2.65 63.54 15.32
N GLU A 367 3.81 63.97 14.84
CA GLU A 367 4.06 63.95 13.40
C GLU A 367 4.57 62.58 12.96
N TRP A 368 5.52 62.01 13.69
CA TRP A 368 6.20 60.81 13.27
C TRP A 368 5.88 59.67 14.21
N GLY A 369 5.86 58.46 13.65
CA GLY A 369 5.62 57.26 14.44
C GLY A 369 6.54 56.15 13.99
N VAL A 370 6.66 55.15 14.86
CA VAL A 370 7.42 53.95 14.56
C VAL A 370 6.49 52.75 14.66
N LEU A 371 6.60 51.83 13.71
CA LEU A 371 5.90 50.56 13.77
C LEU A 371 6.94 49.45 13.72
N MET A 372 6.88 48.51 14.66
CA MET A 372 7.87 47.46 14.74
C MET A 372 7.21 46.09 14.82
N GLY A 373 7.65 45.18 13.95
CA GLY A 373 7.35 43.76 14.09
C GLY A 373 8.57 42.98 14.59
N PHE A 374 8.35 42.06 15.52
CA PHE A 374 9.41 41.20 16.03
C PHE A 374 8.99 39.77 15.77
N GLY A 375 9.87 38.98 15.19
CA GLY A 375 9.51 37.63 14.83
C GLY A 375 10.72 36.74 14.67
N PRO A 376 10.50 35.60 14.02
CA PRO A 376 11.58 34.62 13.85
C PRO A 376 12.82 35.26 13.25
N GLY A 377 13.97 34.81 13.72
CA GLY A 377 15.19 35.36 13.21
C GLY A 377 16.27 35.34 14.25
N VAL A 378 16.11 36.09 15.33
CA VAL A 378 14.96 36.96 15.56
C VAL A 378 15.03 38.18 14.66
N THR A 379 13.90 38.56 14.05
CA THR A 379 13.81 39.66 13.09
C THR A 379 13.09 40.86 13.68
N VAL A 380 13.61 42.06 13.40
CA VAL A 380 12.94 43.32 13.72
C VAL A 380 12.67 44.03 12.41
N GLU A 381 11.39 44.17 12.09
CA GLU A 381 10.91 45.04 11.02
C GLU A 381 10.62 46.42 11.59
N THR A 382 11.33 47.42 11.11
CA THR A 382 11.21 48.79 11.58
C THR A 382 10.67 49.68 10.46
N ILE A 383 9.49 50.28 10.66
CA ILE A 383 8.88 51.15 9.65
C ILE A 383 8.54 52.52 10.25
N VAL A 384 9.07 53.59 9.65
CA VAL A 384 8.76 54.96 10.04
C VAL A 384 7.47 55.41 9.34
N LEU A 385 6.46 55.73 10.13
CA LEU A 385 5.22 56.29 9.60
C LEU A 385 5.21 57.80 9.83
N ARG A 386 4.47 58.51 9.00
CA ARG A 386 4.25 59.94 9.19
C ARG A 386 2.74 60.16 9.21
N ALA A 387 2.26 60.75 10.32
CA ALA A 387 0.84 60.94 10.55
C ALA A 387 0.28 62.05 9.69
N ILE A 388 -1.01 61.98 9.44
CA ILE A 388 -1.71 62.94 8.58
C ILE A 388 -2.53 63.90 9.44
N SER A 389 -2.59 65.16 9.00
CA SER A 389 -3.22 66.22 9.78
C SER A 389 -4.75 66.16 9.72
N VAL A 390 -5.40 66.17 10.89
CA VAL A 390 -6.87 66.15 10.95
C VAL A 390 -7.42 67.56 11.10
N PRO B 14 -57.68 14.23 28.26
CA PRO B 14 -56.80 13.19 27.71
C PRO B 14 -55.71 12.76 28.69
N HIS B 15 -55.26 11.50 28.53
CA HIS B 15 -54.37 10.87 29.50
C HIS B 15 -53.00 11.55 29.55
N GLY B 16 -52.34 11.66 28.40
CA GLY B 16 -50.93 11.97 28.33
C GLY B 16 -50.65 13.45 28.21
N LEU B 17 -49.37 13.76 28.00
CA LEU B 17 -48.78 15.09 27.99
C LEU B 17 -48.99 15.83 26.66
N ALA B 18 -48.96 17.16 26.75
CA ALA B 18 -48.96 17.96 25.53
C ALA B 18 -47.68 17.72 24.73
N SER B 19 -47.84 17.29 23.49
CA SER B 19 -46.71 16.92 22.67
C SER B 19 -46.67 17.81 21.43
N ILE B 20 -45.47 18.27 21.11
CA ILE B 20 -45.23 19.00 19.88
C ILE B 20 -45.22 18.01 18.71
N LEU B 21 -46.17 18.17 17.80
CA LEU B 21 -46.33 17.21 16.72
C LEU B 21 -45.73 17.67 15.42
N ALA B 22 -45.48 18.97 15.24
CA ALA B 22 -44.81 19.45 14.04
C ALA B 22 -44.26 20.84 14.27
N ILE B 23 -43.16 21.16 13.59
CA ILE B 23 -42.54 22.48 13.70
C ILE B 23 -42.21 22.96 12.29
N GLY B 24 -42.73 24.13 11.93
CA GLY B 24 -42.42 24.76 10.66
C GLY B 24 -41.91 26.16 10.87
N THR B 25 -41.03 26.61 9.99
CA THR B 25 -40.45 27.94 10.13
C THR B 25 -40.54 28.73 8.83
N ALA B 26 -40.38 30.05 8.95
CA ALA B 26 -40.40 30.94 7.79
C ALA B 26 -39.72 32.27 8.15
N ASN B 27 -39.16 32.94 7.16
CA ASN B 27 -38.49 34.21 7.33
C ASN B 27 -38.79 35.08 6.13
N PRO B 28 -38.69 36.41 6.24
CA PRO B 28 -38.71 37.24 5.03
C PRO B 28 -37.58 36.85 4.08
N SER B 29 -37.83 37.05 2.79
CA SER B 29 -36.97 36.55 1.73
C SER B 29 -35.75 37.43 1.43
N ASN B 30 -35.61 38.57 2.11
CA ASN B 30 -34.43 39.43 1.97
C ASN B 30 -33.43 39.12 3.08
N CYS B 31 -32.21 38.77 2.69
CA CYS B 31 -31.16 38.37 3.62
C CYS B 31 -30.13 39.46 3.73
N PHE B 32 -29.66 39.69 4.95
CA PHE B 32 -28.72 40.75 5.29
C PHE B 32 -27.51 40.15 6.00
N ASN B 33 -26.39 40.08 5.27
CA ASN B 33 -25.10 39.72 5.84
C ASN B 33 -24.66 40.72 6.89
N GLN B 34 -24.21 40.20 8.02
CA GLN B 34 -23.83 41.07 9.12
C GLN B 34 -22.60 41.87 8.78
N ASP B 35 -21.73 41.36 7.90
CA ASP B 35 -20.51 42.07 7.51
C ASP B 35 -20.78 43.42 6.84
N GLU B 36 -21.83 43.47 6.02
CA GLU B 36 -22.16 44.59 5.15
C GLU B 36 -23.18 45.52 5.76
N PHE B 37 -23.79 45.12 6.86
CA PHE B 37 -24.97 45.77 7.42
C PHE B 37 -24.73 47.12 8.07
N PRO B 38 -23.64 47.35 8.80
CA PRO B 38 -23.37 48.74 9.24
C PRO B 38 -23.38 49.72 8.08
N ASP B 39 -22.71 49.39 6.99
CA ASP B 39 -22.68 50.23 5.79
C ASP B 39 -24.08 50.42 5.21
N TYR B 40 -24.83 49.33 5.00
CA TYR B 40 -26.19 49.45 4.47
C TYR B 40 -27.04 50.32 5.38
N SER B 41 -27.20 49.89 6.63
CA SER B 41 -28.07 50.58 7.58
C SER B 41 -27.70 52.06 7.74
N PHE B 42 -26.41 52.36 7.89
CA PHE B 42 -26.02 53.75 8.08
C PHE B 42 -26.09 54.58 6.80
N ARG B 43 -26.08 53.95 5.62
CA ARG B 43 -26.35 54.70 4.40
C ARG B 43 -27.84 54.97 4.24
N VAL B 44 -28.69 53.93 4.41
CA VAL B 44 -30.14 54.03 4.14
C VAL B 44 -30.88 54.88 5.17
N THR B 45 -30.33 55.01 6.37
CA THR B 45 -30.82 55.88 7.44
C THR B 45 -30.19 57.28 7.41
N LYS B 46 -29.33 57.59 6.43
CA LYS B 46 -28.74 58.92 6.27
C LYS B 46 -27.94 59.31 7.51
N SER B 47 -26.93 58.51 7.78
CA SER B 47 -26.11 58.67 8.97
C SER B 47 -24.66 58.28 8.66
N GLU B 48 -24.24 58.40 7.39
CA GLU B 48 -22.92 57.92 7.02
C GLU B 48 -21.84 58.85 7.57
N HIS B 49 -22.22 60.05 7.98
CA HIS B 49 -21.36 61.05 8.58
C HIS B 49 -21.18 60.90 10.09
N LEU B 50 -21.82 59.94 10.74
CA LEU B 50 -21.65 59.80 12.19
C LEU B 50 -20.53 58.80 12.50
N THR B 51 -19.30 59.13 12.10
CA THR B 51 -18.25 58.09 12.05
C THR B 51 -17.89 57.55 13.43
N SER B 52 -17.84 58.40 14.45
CA SER B 52 -17.70 57.91 15.82
C SER B 52 -18.73 56.81 16.13
N LEU B 53 -19.99 57.01 15.72
CA LEU B 53 -21.09 56.09 16.03
C LEU B 53 -21.15 54.86 15.12
N LYS B 54 -20.90 55.03 13.83
CA LYS B 54 -20.85 53.86 12.95
C LYS B 54 -19.77 52.92 13.45
N ASP B 55 -18.63 53.50 13.86
CA ASP B 55 -17.53 52.72 14.40
C ASP B 55 -18.04 51.81 15.54
N LYS B 56 -18.77 52.40 16.48
CA LYS B 56 -19.35 51.62 17.58
C LYS B 56 -20.28 50.54 17.07
N PHE B 57 -21.08 50.85 16.04
CA PHE B 57 -22.01 49.84 15.55
C PHE B 57 -21.28 48.67 14.92
N LYS B 58 -20.18 48.96 14.20
CA LYS B 58 -19.41 47.87 13.61
C LYS B 58 -18.81 46.98 14.69
N ARG B 59 -18.41 47.55 15.83
CA ARG B 59 -18.02 46.67 16.94
C ARG B 59 -19.19 45.83 17.44
N ILE B 60 -20.33 46.47 17.69
CA ILE B 60 -21.48 45.75 18.26
C ILE B 60 -21.84 44.58 17.38
N CYS B 61 -21.82 44.77 16.06
CA CYS B 61 -22.15 43.71 15.12
C CYS B 61 -21.09 42.64 15.07
N GLU B 62 -19.82 43.02 15.15
CA GLU B 62 -18.74 42.04 15.11
C GLU B 62 -18.82 41.09 16.29
N ARG B 63 -19.06 41.62 17.50
CA ARG B 63 -19.17 40.74 18.67
C ARG B 63 -20.56 40.09 18.79
N SER B 64 -21.49 40.41 17.88
CA SER B 64 -22.83 39.85 17.96
C SER B 64 -22.84 38.36 17.77
N THR B 65 -21.88 37.84 17.00
CA THR B 65 -21.81 36.44 16.57
C THR B 65 -22.92 36.11 15.59
N VAL B 66 -23.52 37.13 14.98
CA VAL B 66 -24.59 36.98 14.00
C VAL B 66 -23.98 37.02 12.61
N ARG B 67 -24.26 35.98 11.81
CA ARG B 67 -23.71 36.01 10.46
C ARG B 67 -24.69 36.60 9.45
N LYS B 68 -25.95 36.15 9.43
CA LYS B 68 -26.95 36.76 8.56
C LYS B 68 -28.27 36.97 9.32
N ARG B 69 -29.13 37.83 8.79
CA ARG B 69 -30.50 37.96 9.31
C ARG B 69 -31.47 38.07 8.15
N TYR B 70 -32.76 37.84 8.43
CA TYR B 70 -33.78 38.06 7.40
C TYR B 70 -34.70 39.18 7.86
N LEU B 71 -34.82 40.21 7.03
CA LEU B 71 -35.57 41.41 7.35
C LEU B 71 -36.65 41.68 6.32
N HIS B 72 -37.84 42.10 6.80
CA HIS B 72 -38.85 42.56 5.87
C HIS B 72 -38.60 44.00 5.42
N LEU B 73 -38.05 44.87 6.27
CA LEU B 73 -37.64 46.18 5.74
C LEU B 73 -36.54 46.05 4.73
N THR B 74 -36.90 46.26 3.49
CA THR B 74 -36.00 46.44 2.38
C THR B 74 -35.66 47.92 2.20
N GLU B 75 -34.60 48.20 1.44
CA GLU B 75 -34.33 49.61 1.14
C GLU B 75 -35.53 50.24 0.45
N GLU B 76 -36.23 49.44 -0.39
CA GLU B 76 -37.38 49.92 -1.15
C GLU B 76 -38.46 50.48 -0.25
N LEU B 77 -38.78 49.75 0.83
CA LEU B 77 -39.78 50.20 1.79
C LEU B 77 -39.33 51.49 2.46
N LEU B 78 -38.06 51.60 2.81
CA LEU B 78 -37.61 52.83 3.43
C LEU B 78 -37.73 53.99 2.46
N GLN B 79 -37.68 53.71 1.16
CA GLN B 79 -37.94 54.77 0.22
C GLN B 79 -39.42 55.13 0.19
N GLU B 80 -40.30 54.14 0.37
CA GLU B 80 -41.72 54.43 0.35
C GLU B 80 -42.19 55.10 1.63
N TYR B 81 -41.54 54.77 2.76
CA TYR B 81 -41.88 55.26 4.10
C TYR B 81 -40.61 55.78 4.77
N PRO B 82 -40.05 56.89 4.28
CA PRO B 82 -38.72 57.29 4.77
C PRO B 82 -38.77 57.78 6.18
N SER B 83 -39.97 58.11 6.65
CA SER B 83 -40.25 58.41 8.04
C SER B 83 -39.81 57.25 8.92
N ILE B 84 -39.88 56.01 8.42
CA ILE B 84 -39.36 54.90 9.22
C ILE B 84 -37.84 55.01 9.38
N ALA B 85 -37.15 55.53 8.37
CA ALA B 85 -35.69 55.53 8.44
C ALA B 85 -35.12 56.62 9.34
N THR B 86 -35.95 57.51 9.90
CA THR B 86 -35.43 58.49 10.85
C THR B 86 -35.24 57.84 12.20
N TYR B 87 -34.90 58.67 13.17
CA TYR B 87 -34.99 58.14 14.51
C TYR B 87 -36.41 58.30 15.03
N ASP B 88 -36.92 59.50 14.93
CA ASP B 88 -37.92 59.93 15.88
C ASP B 88 -39.22 60.43 15.23
N ALA B 89 -39.27 60.47 13.88
CA ALA B 89 -40.38 61.04 13.13
C ALA B 89 -41.63 60.19 13.29
N PRO B 90 -42.82 60.76 13.08
CA PRO B 90 -44.04 59.95 13.11
C PRO B 90 -43.98 58.84 12.08
N SER B 91 -44.08 57.60 12.57
CA SER B 91 -43.90 56.44 11.72
C SER B 91 -44.81 55.28 12.06
N LEU B 92 -45.59 55.37 13.15
CA LEU B 92 -46.41 54.23 13.57
C LEU B 92 -47.43 53.85 12.51
N ASP B 93 -48.05 54.84 11.87
CA ASP B 93 -49.05 54.53 10.85
C ASP B 93 -48.45 53.73 9.71
N ALA B 94 -47.24 54.14 9.27
CA ALA B 94 -46.53 53.41 8.21
C ALA B 94 -46.21 51.98 8.65
N ARG B 95 -45.58 51.85 9.81
CA ARG B 95 -45.24 50.55 10.35
C ARG B 95 -46.46 49.65 10.44
N GLN B 96 -47.58 50.19 10.95
CA GLN B 96 -48.78 49.39 11.10
C GLN B 96 -49.25 48.91 9.74
N GLU B 97 -49.30 49.84 8.79
CA GLU B 97 -49.85 49.43 7.52
C GLU B 97 -49.05 48.28 6.92
N ILE B 98 -47.73 48.29 7.15
CA ILE B 98 -46.88 47.16 6.72
C ILE B 98 -47.20 45.88 7.51
N GLU B 99 -47.34 45.98 8.83
CA GLU B 99 -47.29 44.76 9.62
C GLU B 99 -48.62 44.03 9.65
N VAL B 100 -49.73 44.76 9.66
CA VAL B 100 -51.05 44.10 9.65
C VAL B 100 -51.23 43.24 8.41
N ALA B 101 -50.48 43.53 7.35
CA ALA B 101 -50.43 42.71 6.14
C ALA B 101 -49.40 41.59 6.26
N GLU B 102 -48.17 41.90 6.72
CA GLU B 102 -47.10 40.93 6.57
C GLU B 102 -46.98 39.96 7.72
N VAL B 103 -47.32 40.35 8.95
CA VAL B 103 -47.30 39.40 10.07
C VAL B 103 -48.16 38.17 9.76
N PRO B 104 -49.41 38.29 9.32
CA PRO B 104 -50.19 37.09 9.00
C PRO B 104 -49.62 36.28 7.86
N LYS B 105 -49.03 36.94 6.86
CA LYS B 105 -48.53 36.22 5.70
C LYS B 105 -47.34 35.33 6.06
N LEU B 106 -46.36 35.90 6.79
CA LEU B 106 -45.23 35.12 7.26
C LEU B 106 -45.72 33.99 8.16
N ALA B 107 -46.60 34.34 9.10
CA ALA B 107 -47.25 33.34 9.93
C ALA B 107 -47.82 32.21 9.08
N ALA B 108 -48.43 32.55 7.94
CA ALA B 108 -49.06 31.54 7.10
C ALA B 108 -48.03 30.62 6.48
N ARG B 109 -46.90 31.15 6.02
CA ARG B 109 -45.87 30.27 5.47
C ARG B 109 -45.45 29.24 6.52
N ALA B 110 -45.22 29.72 7.75
CA ALA B 110 -44.75 28.84 8.82
C ALA B 110 -45.81 27.81 9.23
N ALA B 111 -47.05 28.25 9.40
CA ALA B 111 -48.13 27.35 9.77
C ALA B 111 -48.36 26.29 8.71
N SER B 112 -48.35 26.67 7.43
CA SER B 112 -48.43 25.68 6.37
C SER B 112 -47.32 24.63 6.50
N ARG B 113 -46.08 25.05 6.75
CA ARG B 113 -45.03 24.04 6.81
C ARG B 113 -45.29 23.08 7.98
N ALA B 114 -45.79 23.63 9.08
CA ALA B 114 -46.14 22.81 10.23
C ALA B 114 -47.30 21.88 9.94
N ILE B 115 -48.30 22.36 9.22
CA ILE B 115 -49.50 21.55 8.94
C ILE B 115 -49.19 20.40 7.99
N GLU B 116 -48.29 20.64 7.03
CA GLU B 116 -47.84 19.59 6.12
C GLU B 116 -46.97 18.56 6.84
N GLU B 117 -46.07 19.00 7.73
CA GLU B 117 -45.32 18.07 8.55
C GLU B 117 -46.23 17.27 9.48
N TRP B 118 -47.15 17.94 10.17
CA TRP B 118 -48.23 17.27 10.90
C TRP B 118 -49.03 16.35 9.99
N GLY B 119 -49.48 16.87 8.84
CA GLY B 119 -50.09 16.10 7.79
C GLY B 119 -51.59 15.86 7.90
N GLN B 120 -52.23 16.37 8.95
CA GLN B 120 -53.66 16.16 9.14
C GLN B 120 -54.43 17.32 8.52
N PRO B 121 -55.73 17.18 8.28
CA PRO B 121 -56.47 18.29 7.68
C PRO B 121 -56.73 19.41 8.69
N LYS B 122 -56.91 20.61 8.14
CA LYS B 122 -57.15 21.79 8.97
C LYS B 122 -58.47 21.68 9.72
N ASN B 123 -59.40 20.85 9.23
CA ASN B 123 -60.60 20.40 9.94
C ASN B 123 -60.35 20.22 11.43
N LYS B 124 -59.26 19.51 11.73
CA LYS B 124 -58.99 18.99 13.07
C LYS B 124 -58.36 20.04 13.96
N ILE B 125 -57.84 21.13 13.40
CA ILE B 125 -57.26 22.19 14.22
C ILE B 125 -58.37 22.87 14.99
N THR B 126 -58.30 22.79 16.31
CA THR B 126 -59.32 23.35 17.17
C THR B 126 -58.89 24.63 17.86
N HIS B 127 -57.58 24.85 18.09
CA HIS B 127 -57.12 26.05 18.78
C HIS B 127 -56.03 26.75 17.99
N LEU B 128 -55.97 28.09 18.12
CA LEU B 128 -54.90 28.92 17.56
C LEU B 128 -54.38 29.88 18.63
N ILE B 129 -53.08 29.78 18.93
CA ILE B 129 -52.39 30.72 19.80
C ILE B 129 -51.40 31.49 18.93
N PHE B 130 -51.54 32.82 18.89
CA PHE B 130 -50.68 33.58 17.97
C PHE B 130 -50.07 34.83 18.61
N SER B 131 -48.72 34.82 18.66
CA SER B 131 -47.85 35.82 19.27
C SER B 131 -47.24 36.78 18.26
N SER B 132 -47.53 38.07 18.42
CA SER B 132 -46.91 39.08 17.58
C SER B 132 -46.60 40.33 18.38
N THR B 133 -45.39 40.88 18.18
CA THR B 133 -45.07 42.18 18.71
C THR B 133 -45.83 43.26 17.93
N SER B 134 -46.05 43.04 16.64
CA SER B 134 -46.45 44.01 15.62
C SER B 134 -47.89 43.82 15.17
N GLY B 135 -48.37 44.84 14.42
CA GLY B 135 -49.64 44.75 13.73
C GLY B 135 -50.82 44.72 14.67
N ILE B 136 -50.87 45.65 15.62
CA ILE B 136 -51.93 45.70 16.63
C ILE B 136 -53.19 46.20 15.92
N GLU B 137 -54.24 45.37 15.83
CA GLU B 137 -55.43 45.78 15.09
C GLU B 137 -56.64 45.00 15.58
N LYS B 138 -57.83 45.51 15.29
CA LYS B 138 -59.07 44.78 15.56
C LYS B 138 -59.84 44.67 14.25
N PRO B 139 -60.14 43.47 13.75
CA PRO B 139 -59.72 42.21 14.31
C PRO B 139 -58.20 41.99 14.28
N GLY B 140 -57.70 41.14 15.18
CA GLY B 140 -56.28 40.89 15.23
C GLY B 140 -55.82 40.01 14.09
N VAL B 141 -54.49 39.92 13.94
CA VAL B 141 -53.86 39.07 12.93
C VAL B 141 -54.15 37.60 13.15
N ASP B 142 -54.61 37.21 14.35
CA ASP B 142 -55.17 35.87 14.52
C ASP B 142 -56.31 35.63 13.54
N CYS B 143 -57.22 36.60 13.43
CA CYS B 143 -58.33 36.47 12.51
C CYS B 143 -57.84 36.40 11.07
N HIS B 144 -56.96 37.32 10.69
CA HIS B 144 -56.43 37.36 9.33
C HIS B 144 -55.83 36.04 8.96
N LEU B 145 -55.03 35.48 9.87
CA LEU B 145 -54.41 34.19 9.66
C LEU B 145 -55.48 33.12 9.45
N VAL B 146 -56.54 33.12 10.27
CA VAL B 146 -57.62 32.15 10.04
C VAL B 146 -58.05 32.20 8.58
N HIS B 147 -58.30 33.41 8.06
CA HIS B 147 -58.76 33.52 6.69
C HIS B 147 -57.68 33.10 5.69
N LEU B 148 -56.43 33.54 5.88
CA LEU B 148 -55.38 33.26 4.90
C LEU B 148 -55.10 31.77 4.79
N LEU B 149 -55.19 31.06 5.92
CA LEU B 149 -54.91 29.63 5.94
C LEU B 149 -56.11 28.77 5.59
N GLY B 150 -57.32 29.28 5.76
CA GLY B 150 -58.52 28.45 5.67
C GLY B 150 -58.79 27.53 6.84
N LEU B 151 -58.61 28.07 8.05
CA LEU B 151 -58.93 27.38 9.28
C LEU B 151 -60.44 27.40 9.58
N PRO B 152 -60.93 26.44 10.36
CA PRO B 152 -62.33 26.51 10.80
C PRO B 152 -62.63 27.80 11.58
N LEU B 153 -63.77 28.43 11.24
CA LEU B 153 -64.20 29.67 11.89
C LEU B 153 -64.50 29.47 13.36
N SER B 154 -64.72 28.24 13.78
CA SER B 154 -64.96 27.96 15.18
C SER B 154 -63.68 27.81 15.99
N VAL B 155 -62.49 27.99 15.37
CA VAL B 155 -61.23 27.84 16.07
C VAL B 155 -61.16 28.79 17.26
N ASN B 156 -60.81 28.26 18.43
CA ASN B 156 -60.66 29.02 19.67
C ASN B 156 -59.33 29.77 19.67
N ARG B 157 -59.39 31.09 19.75
CA ARG B 157 -58.22 31.93 19.53
C ARG B 157 -57.68 32.54 20.82
N VAL B 158 -56.37 32.71 20.84
CA VAL B 158 -55.67 33.50 21.85
C VAL B 158 -54.69 34.42 21.11
N MET B 159 -54.97 35.74 21.11
CA MET B 159 -54.16 36.77 20.45
C MET B 159 -53.25 37.48 21.48
N LEU B 160 -51.92 37.32 21.36
CA LEU B 160 -50.96 37.89 22.30
C LEU B 160 -50.07 38.97 21.63
N TYR B 161 -50.46 40.23 21.78
CA TYR B 161 -49.69 41.33 21.20
C TYR B 161 -48.66 41.86 22.18
N THR B 162 -47.41 41.95 21.73
CA THR B 162 -46.37 42.76 22.36
C THR B 162 -46.06 42.25 23.78
N ILE B 163 -45.43 41.08 23.79
CA ILE B 163 -45.21 40.33 25.04
C ILE B 163 -43.83 40.57 25.65
N GLY B 164 -42.72 40.39 24.91
CA GLY B 164 -42.65 39.91 23.56
C GLY B 164 -41.50 38.96 23.42
N CYS B 165 -40.40 39.33 24.04
CA CYS B 165 -39.14 38.68 23.73
C CYS B 165 -39.04 37.27 24.35
N HIS B 166 -39.80 36.96 25.41
CA HIS B 166 -39.83 35.61 26.00
C HIS B 166 -41.00 34.77 25.51
N ALA B 167 -41.82 35.32 24.59
CA ALA B 167 -43.12 34.77 24.25
C ALA B 167 -43.07 33.32 23.77
N GLY B 168 -41.92 32.88 23.23
CA GLY B 168 -41.76 31.47 22.90
C GLY B 168 -42.09 30.54 24.05
N GLY B 169 -41.79 30.98 25.27
CA GLY B 169 -42.21 30.25 26.47
C GLY B 169 -43.68 30.40 26.77
N THR B 170 -44.20 31.62 26.66
CA THR B 170 -45.60 31.89 26.95
C THR B 170 -46.53 31.00 26.14
N VAL B 171 -46.28 30.91 24.84
CA VAL B 171 -47.22 30.20 23.98
C VAL B 171 -47.23 28.72 24.31
N LEU B 172 -46.06 28.14 24.59
CA LEU B 172 -46.02 26.75 25.00
C LEU B 172 -46.77 26.55 26.30
N ARG B 173 -46.58 27.47 27.25
CA ARG B 173 -47.23 27.33 28.53
C ARG B 173 -48.75 27.33 28.37
N ILE B 174 -49.27 28.21 27.52
CA ILE B 174 -50.71 28.25 27.30
C ILE B 174 -51.17 27.01 26.55
N ALA B 175 -50.45 26.67 25.48
CA ALA B 175 -50.82 25.54 24.65
C ALA B 175 -50.91 24.26 25.44
N LYS B 176 -50.01 24.08 26.42
CA LYS B 176 -50.07 22.89 27.27
C LYS B 176 -51.47 22.71 27.82
N ASP B 177 -52.00 23.76 28.47
CA ASP B 177 -53.30 23.67 29.12
C ASP B 177 -54.42 23.52 28.10
N LEU B 178 -54.34 24.22 26.99
CA LEU B 178 -55.37 24.06 25.96
C LEU B 178 -55.38 22.65 25.38
N ALA B 179 -54.20 22.10 25.04
CA ALA B 179 -54.16 20.76 24.48
C ALA B 179 -54.56 19.69 25.49
N GLU B 180 -54.25 19.93 26.78
CA GLU B 180 -54.41 18.93 27.82
C GLU B 180 -55.78 18.92 28.46
N ASN B 181 -56.56 19.98 28.33
CA ASN B 181 -57.86 20.01 28.99
C ASN B 181 -59.05 19.85 28.05
N ASN B 182 -58.81 19.64 26.77
CA ASN B 182 -59.88 19.46 25.78
C ASN B 182 -59.51 18.22 24.97
N VAL B 183 -60.27 17.15 25.14
CA VAL B 183 -59.87 15.88 24.55
C VAL B 183 -59.90 15.97 23.04
N GLY B 184 -58.82 15.50 22.40
CA GLY B 184 -58.72 15.55 20.97
C GLY B 184 -58.30 16.87 20.42
N SER B 185 -58.10 17.87 21.28
CA SER B 185 -57.76 19.19 20.82
C SER B 185 -56.45 19.17 20.04
N ARG B 186 -56.37 20.07 19.07
CA ARG B 186 -55.18 20.27 18.27
C ARG B 186 -54.91 21.78 18.18
N VAL B 187 -53.80 22.22 18.79
CA VAL B 187 -53.47 23.64 18.88
C VAL B 187 -52.39 23.97 17.82
N LEU B 188 -52.71 24.95 16.96
CA LEU B 188 -51.76 25.60 16.05
C LEU B 188 -51.18 26.84 16.73
N VAL B 189 -49.88 26.85 16.94
CA VAL B 189 -49.18 27.94 17.62
C VAL B 189 -48.30 28.64 16.60
N VAL B 190 -48.40 29.97 16.54
CA VAL B 190 -47.58 30.79 15.64
C VAL B 190 -47.01 31.94 16.43
N CYS B 191 -45.69 32.09 16.38
CA CYS B 191 -44.99 33.32 16.75
C CYS B 191 -44.51 33.95 15.46
N SER B 192 -44.96 35.15 15.15
CA SER B 192 -44.48 35.80 13.94
C SER B 192 -43.95 37.19 14.30
N GLU B 193 -42.63 37.34 14.26
CA GLU B 193 -41.96 38.55 14.71
C GLU B 193 -41.31 39.24 13.53
N LEU B 194 -41.71 40.49 13.27
CA LEU B 194 -41.05 41.36 12.30
C LEU B 194 -40.50 42.57 13.00
N THR B 195 -39.28 42.96 12.66
CA THR B 195 -38.65 44.14 13.24
C THR B 195 -39.06 45.44 12.54
N VAL B 196 -40.12 45.40 11.73
CA VAL B 196 -40.58 46.61 11.04
C VAL B 196 -40.99 47.68 12.05
N MET B 197 -41.58 47.27 13.19
CA MET B 197 -42.10 48.24 14.16
C MET B 197 -41.01 48.95 14.99
N THR B 198 -39.84 48.33 15.19
CA THR B 198 -38.82 48.88 16.10
C THR B 198 -37.68 49.59 15.39
N PHE B 199 -37.50 49.35 14.09
CA PHE B 199 -36.37 49.89 13.35
C PHE B 199 -36.38 51.41 13.36
N ARG B 200 -35.21 52.00 13.62
CA ARG B 200 -35.10 53.44 13.46
C ARG B 200 -33.63 53.76 13.29
N GLY B 201 -33.36 54.96 12.77
CA GLY B 201 -32.01 55.42 12.57
C GLY B 201 -31.20 55.44 13.86
N PRO B 202 -29.89 55.52 13.70
CA PRO B 202 -29.00 55.52 14.86
C PRO B 202 -28.86 56.88 15.49
N SER B 203 -28.61 56.87 16.79
CA SER B 203 -28.34 58.12 17.51
C SER B 203 -27.52 57.85 18.75
N GLU B 204 -26.56 58.74 19.06
CA GLU B 204 -25.84 58.54 20.31
C GLU B 204 -26.73 58.81 21.52
N THR B 205 -27.99 59.17 21.33
CA THR B 205 -28.92 59.37 22.44
C THR B 205 -29.66 58.10 22.80
N ASP B 206 -29.51 57.03 22.00
CA ASP B 206 -30.17 55.71 22.19
C ASP B 206 -29.17 54.61 21.82
N LEU B 207 -28.29 54.25 22.74
CA LEU B 207 -27.36 53.18 22.43
C LEU B 207 -28.05 51.82 22.40
N ALA B 208 -29.19 51.67 23.08
CA ALA B 208 -29.87 50.38 23.10
C ALA B 208 -30.34 49.96 21.72
N ASN B 209 -30.95 50.88 20.94
CA ASN B 209 -31.21 50.64 19.51
C ASN B 209 -29.97 50.41 18.66
N LEU B 210 -28.76 50.77 19.09
CA LEU B 210 -27.62 50.18 18.38
C LEU B 210 -27.59 48.66 18.60
N ILE B 211 -27.70 48.21 19.85
CA ILE B 211 -27.81 46.78 20.17
C ILE B 211 -28.89 46.12 19.32
N ARG B 212 -30.12 46.64 19.42
CA ARG B 212 -31.28 46.02 18.78
C ARG B 212 -31.07 45.87 17.28
N MET B 213 -30.77 46.98 16.59
CA MET B 213 -30.67 46.92 15.14
C MET B 213 -29.42 46.16 14.69
N GLY B 214 -28.58 45.70 15.62
CA GLY B 214 -27.53 44.75 15.29
C GLY B 214 -27.92 43.29 15.51
N ILE B 215 -28.71 42.97 16.55
CA ILE B 215 -28.94 41.58 16.97
C ILE B 215 -30.23 40.99 16.43
N PHE B 216 -31.30 41.77 16.37
CA PHE B 216 -32.64 41.22 16.21
C PHE B 216 -32.99 41.06 14.74
N GLY B 217 -33.48 39.87 14.37
CA GLY B 217 -33.97 39.59 13.03
C GLY B 217 -35.44 39.16 12.97
N ASP B 218 -35.96 39.10 11.73
CA ASP B 218 -37.36 38.77 11.50
C ASP B 218 -37.54 37.27 11.30
N GLY B 219 -38.75 36.78 11.57
CA GLY B 219 -39.02 35.37 11.42
C GLY B 219 -40.33 34.93 12.04
N ALA B 220 -40.88 33.83 11.55
CA ALA B 220 -42.07 33.23 12.11
C ALA B 220 -41.84 31.74 12.31
N ALA B 221 -42.34 31.20 13.41
CA ALA B 221 -42.30 29.77 13.68
C ALA B 221 -43.68 29.28 14.07
N ALA B 222 -44.09 28.15 13.52
CA ALA B 222 -45.35 27.53 13.85
C ALA B 222 -45.12 26.11 14.35
N LEU B 223 -46.03 25.67 15.20
CA LEU B 223 -45.98 24.31 15.69
C LEU B 223 -47.39 23.82 16.04
N ILE B 224 -47.55 22.50 15.96
CA ILE B 224 -48.80 21.80 16.32
C ILE B 224 -48.61 21.00 17.61
N ILE B 225 -49.39 21.33 18.65
CA ILE B 225 -49.39 20.59 19.91
C ILE B 225 -50.67 19.78 19.99
N GLY B 226 -50.56 18.54 20.39
CA GLY B 226 -51.74 17.75 20.71
C GLY B 226 -51.39 16.79 21.81
N ALA B 227 -52.36 16.46 22.63
CA ALA B 227 -52.21 15.40 23.62
C ALA B 227 -52.90 14.14 23.13
N ASP B 228 -52.49 13.00 23.68
CA ASP B 228 -52.93 11.69 23.23
C ASP B 228 -52.81 11.57 21.70
N PRO B 229 -51.61 11.71 21.16
CA PRO B 229 -51.46 11.62 19.70
C PRO B 229 -51.62 10.20 19.19
N ASP B 230 -52.38 10.09 18.10
CA ASP B 230 -52.57 8.84 17.38
C ASP B 230 -51.25 8.45 16.75
N LEU B 231 -50.56 7.49 17.38
CA LEU B 231 -49.20 7.20 16.93
C LEU B 231 -49.16 6.52 15.57
N SER B 232 -50.32 6.13 15.02
CA SER B 232 -50.42 5.62 13.65
C SER B 232 -50.07 6.67 12.59
N ILE B 233 -50.33 7.97 12.84
CA ILE B 233 -50.25 9.03 11.83
C ILE B 233 -49.49 10.25 12.32
N GLU B 234 -49.40 10.42 13.64
CA GLU B 234 -48.81 11.61 14.24
C GLU B 234 -47.54 11.19 14.96
N LYS B 235 -46.50 12.00 14.83
CA LYS B 235 -45.20 11.71 15.44
C LYS B 235 -44.83 12.79 16.45
N PRO B 236 -44.94 12.51 17.74
CA PRO B 236 -44.51 13.49 18.74
C PRO B 236 -43.02 13.80 18.59
N ILE B 237 -42.67 15.06 18.78
CA ILE B 237 -41.28 15.53 18.73
C ILE B 237 -40.73 15.81 20.12
N PHE B 238 -41.51 16.51 20.95
CA PHE B 238 -41.20 16.80 22.34
C PHE B 238 -42.49 16.81 23.12
N GLU B 239 -42.39 16.56 24.43
CA GLU B 239 -43.53 16.71 25.33
C GLU B 239 -43.29 17.88 26.26
N ILE B 240 -44.33 18.65 26.54
CA ILE B 240 -44.23 19.85 27.40
C ILE B 240 -44.56 19.40 28.82
N PHE B 241 -43.52 19.06 29.58
CA PHE B 241 -43.72 18.43 30.87
C PHE B 241 -44.32 19.38 31.88
N SER B 242 -43.71 20.56 32.04
CA SER B 242 -44.12 21.56 33.03
C SER B 242 -43.74 22.94 32.51
N ALA B 243 -44.48 23.97 32.94
CA ALA B 243 -44.20 25.35 32.54
C ALA B 243 -44.38 26.29 33.72
N SER B 244 -43.31 26.97 34.09
CA SER B 244 -43.35 27.98 35.14
C SER B 244 -43.02 29.34 34.52
N GLN B 245 -43.57 30.40 35.08
CA GLN B 245 -43.18 31.75 34.75
C GLN B 245 -42.88 32.50 36.02
N THR B 246 -41.94 33.44 35.96
CA THR B 246 -41.65 34.22 37.16
C THR B 246 -41.11 35.59 36.80
N LEU B 247 -41.26 36.52 37.74
CA LEU B 247 -40.72 37.85 37.64
C LEU B 247 -39.44 37.94 38.47
N VAL B 248 -38.38 38.51 37.88
CA VAL B 248 -37.10 38.78 38.56
C VAL B 248 -37.25 40.06 39.37
N PRO B 249 -37.03 40.04 40.69
CA PRO B 249 -37.35 41.20 41.54
C PRO B 249 -36.61 42.48 41.15
N ASN B 250 -37.35 43.59 41.14
CA ASN B 250 -36.81 44.95 40.99
C ASN B 250 -35.99 45.13 39.71
N THR B 251 -36.55 44.62 38.61
CA THR B 251 -35.86 44.67 37.33
C THR B 251 -36.75 45.04 36.15
N SER B 252 -38.03 45.35 36.35
CA SER B 252 -38.73 46.20 35.38
C SER B 252 -37.92 47.47 35.20
N LYS B 253 -37.92 47.98 33.99
CA LYS B 253 -37.18 49.15 33.55
C LYS B 253 -35.80 48.69 33.13
N ALA B 254 -35.49 47.39 33.21
CA ALA B 254 -34.27 46.84 32.62
C ALA B 254 -34.50 46.38 31.18
N ILE B 255 -35.69 45.87 30.85
CA ILE B 255 -36.05 45.64 29.46
C ILE B 255 -37.40 46.34 29.25
N ARG B 256 -37.43 47.31 28.35
CA ARG B 256 -38.51 48.28 28.25
C ARG B 256 -38.91 48.48 26.80
N GLY B 257 -40.17 48.90 26.58
CA GLY B 257 -40.65 49.23 25.26
C GLY B 257 -42.08 49.73 25.29
N ARG B 258 -42.40 50.72 24.47
CA ARG B 258 -43.74 51.31 24.39
C ARG B 258 -44.17 51.49 22.95
N VAL B 259 -45.46 51.24 22.65
CA VAL B 259 -45.97 51.63 21.34
C VAL B 259 -46.25 53.12 21.36
N LYS B 260 -45.56 53.87 20.50
CA LYS B 260 -45.64 55.33 20.46
C LYS B 260 -45.88 55.82 19.03
N GLU B 261 -46.02 57.13 18.89
CA GLU B 261 -46.17 57.74 17.56
C GLU B 261 -45.01 57.39 16.66
N MET B 262 -43.82 57.21 17.24
CA MET B 262 -42.61 56.92 16.47
C MET B 262 -42.40 55.44 16.18
N GLY B 263 -43.35 54.57 16.53
CA GLY B 263 -43.16 53.12 16.44
C GLY B 263 -42.93 52.50 17.80
N LEU B 264 -42.39 51.27 17.81
CA LEU B 264 -42.10 50.59 19.08
C LEU B 264 -40.68 50.90 19.53
N THR B 265 -40.58 51.62 20.67
CA THR B 265 -39.32 51.96 21.34
C THR B 265 -38.70 50.73 22.03
N PHE B 266 -37.41 50.85 22.35
CA PHE B 266 -36.66 49.72 22.83
C PHE B 266 -35.58 50.15 23.80
N TYR B 267 -35.55 49.53 24.98
CA TYR B 267 -34.41 49.68 25.87
C TYR B 267 -34.02 48.35 26.50
N VAL B 268 -32.71 48.06 26.49
CA VAL B 268 -32.10 46.97 27.24
C VAL B 268 -30.97 47.52 28.10
N ASP B 269 -31.03 47.24 29.39
CA ASP B 269 -29.93 47.59 30.27
C ASP B 269 -28.72 46.71 30.01
N LYS B 270 -27.53 47.26 30.25
CA LYS B 270 -26.32 46.49 30.06
C LYS B 270 -26.18 45.37 31.07
N MET B 271 -27.02 45.36 32.11
CA MET B 271 -26.93 44.36 33.15
C MET B 271 -27.78 43.14 32.88
N VAL B 272 -28.57 43.16 31.83
CA VAL B 272 -29.48 42.04 31.57
C VAL B 272 -28.79 40.68 31.59
N PRO B 273 -27.62 40.48 30.95
CA PRO B 273 -27.01 39.14 30.99
C PRO B 273 -26.75 38.58 32.38
N THR B 274 -26.12 39.36 33.25
CA THR B 274 -25.92 38.94 34.63
C THR B 274 -27.25 38.87 35.37
N LEU B 275 -28.20 39.75 35.06
CA LEU B 275 -29.51 39.64 35.72
C LEU B 275 -30.12 38.27 35.52
N VAL B 276 -30.12 37.80 34.27
CA VAL B 276 -30.63 36.47 33.90
C VAL B 276 -29.79 35.35 34.51
N ALA B 277 -28.46 35.45 34.40
CA ALA B 277 -27.61 34.42 34.97
C ALA B 277 -27.81 34.32 36.48
N SER B 278 -27.94 35.46 37.14
CA SER B 278 -28.15 35.51 38.58
C SER B 278 -29.43 34.77 39.01
N ASN B 279 -30.44 34.74 38.16
CA ASN B 279 -31.74 34.24 38.57
C ASN B 279 -32.05 32.85 37.99
N ILE B 280 -31.22 32.36 37.07
CA ILE B 280 -31.54 31.12 36.35
C ILE B 280 -31.54 29.92 37.28
N GLU B 281 -30.66 29.91 38.30
CA GLU B 281 -30.55 28.71 39.11
C GLU B 281 -31.84 28.43 39.85
N GLN B 282 -32.49 29.47 40.35
CA GLN B 282 -33.77 29.29 41.04
C GLN B 282 -34.80 28.69 40.10
N CYS B 283 -34.94 29.28 38.91
CA CYS B 283 -35.92 28.81 37.92
C CYS B 283 -35.68 27.36 37.62
N LEU B 284 -34.42 26.99 37.54
CA LEU B 284 -34.03 25.69 37.06
C LEU B 284 -34.20 24.65 38.18
N ASP B 285 -33.95 25.09 39.42
CA ASP B 285 -34.20 24.28 40.62
C ASP B 285 -35.67 23.95 40.80
N LYS B 286 -36.54 24.98 40.74
CA LYS B 286 -37.98 24.74 40.85
C LYS B 286 -38.47 23.76 39.80
N ALA B 287 -37.95 23.90 38.58
CA ALA B 287 -38.38 23.04 37.49
C ALA B 287 -37.89 21.62 37.65
N PHE B 288 -36.69 21.41 38.20
CA PHE B 288 -36.08 20.07 38.14
C PHE B 288 -35.92 19.37 39.49
N SER B 289 -36.19 20.03 40.61
CA SER B 289 -36.35 19.30 41.87
C SER B 289 -37.43 18.23 41.78
N PRO B 290 -38.64 18.50 41.25
CA PRO B 290 -39.63 17.42 41.15
C PRO B 290 -39.09 16.22 40.45
N LEU B 291 -38.21 16.42 39.50
CA LEU B 291 -37.70 15.27 38.78
C LEU B 291 -36.46 14.72 39.47
N GLY B 292 -36.02 15.38 40.53
CA GLY B 292 -34.75 15.03 41.14
C GLY B 292 -33.57 15.15 40.21
N ILE B 293 -33.55 16.21 39.41
CA ILE B 293 -32.44 16.46 38.49
C ILE B 293 -31.69 17.66 39.03
N ASN B 294 -30.43 17.53 39.12
CA ASN B 294 -29.56 18.37 39.90
C ASN B 294 -28.37 18.87 39.06
N ASP B 295 -27.84 18.02 38.16
CA ASP B 295 -26.68 18.27 37.28
C ASP B 295 -27.16 18.90 35.97
N TRP B 296 -26.79 20.15 35.72
CA TRP B 296 -27.39 20.87 34.60
C TRP B 296 -26.83 20.47 33.24
N ASN B 297 -25.85 19.57 33.17
CA ASN B 297 -25.32 19.17 31.88
C ASN B 297 -26.00 17.95 31.31
N SER B 298 -26.82 17.28 32.12
CA SER B 298 -27.51 16.06 31.74
C SER B 298 -28.80 16.32 31.00
N ILE B 299 -29.17 17.58 30.85
CA ILE B 299 -30.38 17.99 30.16
C ILE B 299 -29.99 18.79 28.93
N PHE B 300 -30.86 18.74 27.90
CA PHE B 300 -30.61 19.53 26.70
C PHE B 300 -31.19 20.94 26.84
N TRP B 301 -30.57 21.87 26.14
CA TRP B 301 -30.76 23.30 26.43
C TRP B 301 -31.36 24.05 25.24
N ILE B 302 -32.38 24.84 25.54
CA ILE B 302 -32.99 25.77 24.60
C ILE B 302 -33.10 27.13 25.28
N PRO B 303 -31.98 27.82 25.53
CA PRO B 303 -32.08 29.17 26.12
C PRO B 303 -32.29 30.22 25.05
N HIS B 304 -33.14 31.18 25.36
CA HIS B 304 -33.33 32.28 24.44
C HIS B 304 -32.02 33.05 24.25
N PRO B 305 -31.49 33.13 23.05
CA PRO B 305 -30.25 33.85 22.83
C PRO B 305 -30.43 35.35 22.59
N GLY B 306 -30.90 36.05 23.65
CA GLY B 306 -31.07 37.50 23.60
C GLY B 306 -29.85 38.21 23.08
N GLY B 307 -28.69 37.65 23.33
CA GLY B 307 -27.44 38.05 22.71
C GLY B 307 -26.37 37.05 23.11
N PRO B 308 -25.17 37.21 22.56
CA PRO B 308 -24.11 36.26 22.90
C PRO B 308 -23.72 36.29 24.38
N ALA B 309 -23.84 37.44 25.06
CA ALA B 309 -23.40 37.54 26.44
C ALA B 309 -24.31 36.78 27.38
N ILE B 310 -25.61 36.77 27.12
CA ILE B 310 -26.52 36.00 27.97
C ILE B 310 -26.17 34.52 27.92
N LEU B 311 -25.85 34.02 26.73
CA LEU B 311 -25.42 32.63 26.59
C LEU B 311 -24.09 32.39 27.29
N ALA B 312 -23.14 33.30 27.07
CA ALA B 312 -21.86 33.17 27.75
C ALA B 312 -22.06 33.11 29.25
N GLU B 313 -22.89 34.02 29.78
CA GLU B 313 -23.11 34.14 31.21
C GLU B 313 -23.80 32.92 31.78
N ILE B 314 -24.75 32.34 31.04
CA ILE B 314 -25.37 31.11 31.51
C ILE B 314 -24.31 30.02 31.60
N GLU B 315 -23.57 29.81 30.51
CA GLU B 315 -22.43 28.88 30.51
C GLU B 315 -21.53 29.09 31.73
N ALA B 316 -21.05 30.31 31.92
CA ALA B 316 -20.19 30.64 33.07
C ALA B 316 -20.83 30.25 34.41
N LYS B 317 -22.09 30.65 34.64
CA LYS B 317 -22.76 30.47 35.93
C LYS B 317 -23.07 29.01 36.24
N LEU B 318 -23.62 28.30 35.27
CA LEU B 318 -24.01 26.90 35.47
C LEU B 318 -22.86 25.94 35.24
N GLU B 319 -21.73 26.44 34.70
CA GLU B 319 -20.54 25.65 34.40
C GLU B 319 -20.92 24.47 33.51
N LEU B 320 -21.45 24.81 32.35
CA LEU B 320 -21.91 23.86 31.34
C LEU B 320 -20.76 23.43 30.43
N LYS B 321 -20.79 22.17 29.98
CA LYS B 321 -19.80 21.71 29.02
C LYS B 321 -19.93 22.50 27.71
N PRO B 322 -18.84 22.65 26.96
CA PRO B 322 -18.90 23.45 25.73
C PRO B 322 -19.97 23.05 24.69
N GLY B 323 -20.35 21.79 24.54
CA GLY B 323 -21.31 21.51 23.48
C GLY B 323 -22.74 21.98 23.75
N LYS B 324 -23.07 22.27 25.01
CA LYS B 324 -24.47 22.35 25.42
C LYS B 324 -25.26 23.33 24.57
N LEU B 325 -24.70 24.50 24.30
CA LEU B 325 -25.47 25.54 23.65
C LEU B 325 -25.31 25.55 22.14
N ARG B 326 -24.73 24.50 21.57
CA ARG B 326 -24.40 24.45 20.14
C ARG B 326 -25.58 24.86 19.28
N ALA B 327 -26.73 24.22 19.46
CA ALA B 327 -27.90 24.54 18.65
C ALA B 327 -28.32 25.99 18.84
N THR B 328 -28.47 26.45 20.09
CA THR B 328 -28.79 27.87 20.30
C THR B 328 -27.75 28.77 19.63
N ARG B 329 -26.45 28.44 19.78
CA ARG B 329 -25.41 29.18 19.09
C ARG B 329 -25.68 29.30 17.61
N HIS B 330 -26.07 28.19 16.97
CA HIS B 330 -26.26 28.19 15.51
C HIS B 330 -27.40 29.12 15.08
N VAL B 331 -28.58 28.99 15.70
CA VAL B 331 -29.74 29.77 15.29
C VAL B 331 -29.47 31.26 15.45
N LEU B 332 -28.84 31.65 16.55
CA LEU B 332 -28.53 33.05 16.75
C LEU B 332 -27.70 33.57 15.59
N SER B 333 -26.71 32.81 15.13
CA SER B 333 -25.84 33.30 14.08
C SER B 333 -26.52 33.24 12.73
N GLU B 334 -27.42 32.28 12.56
CA GLU B 334 -27.93 32.02 11.23
C GLU B 334 -29.21 32.78 10.91
N TYR B 335 -29.93 33.24 11.95
CA TYR B 335 -31.20 33.97 11.80
C TYR B 335 -31.29 35.22 12.67
N GLY B 336 -30.46 35.34 13.71
CA GLY B 336 -30.53 36.43 14.66
C GLY B 336 -31.61 36.20 15.70
N ASN B 337 -31.76 37.18 16.59
CA ASN B 337 -32.76 37.10 17.64
C ASN B 337 -34.11 37.46 17.07
N MET B 338 -34.96 36.45 16.89
CA MET B 338 -36.30 36.66 16.33
C MET B 338 -37.36 36.66 17.44
N SER B 339 -37.04 37.25 18.58
CA SER B 339 -37.91 37.36 19.77
C SER B 339 -38.54 35.99 20.06
N GLY B 340 -39.88 35.93 20.20
CA GLY B 340 -40.51 34.71 20.65
C GLY B 340 -40.15 33.53 19.78
N ALA B 341 -40.06 33.76 18.48
CA ALA B 341 -39.81 32.66 17.56
C ALA B 341 -38.48 31.96 17.84
N THR B 342 -37.50 32.65 18.44
CA THR B 342 -36.14 32.13 18.45
C THR B 342 -36.06 30.72 19.05
N VAL B 343 -36.58 30.54 20.27
CA VAL B 343 -36.54 29.22 20.92
C VAL B 343 -37.28 28.17 20.12
N LEU B 344 -38.35 28.54 19.41
CA LEU B 344 -39.05 27.58 18.56
C LEU B 344 -38.20 27.20 17.34
N PHE B 345 -37.50 28.18 16.76
CA PHE B 345 -36.53 27.91 15.71
C PHE B 345 -35.45 26.95 16.19
N ILE B 346 -35.02 27.10 17.44
CA ILE B 346 -33.97 26.25 17.99
C ILE B 346 -34.46 24.81 18.19
N LEU B 347 -35.71 24.64 18.65
CA LEU B 347 -36.30 23.31 18.79
C LEU B 347 -36.18 22.54 17.48
N ASP B 348 -36.70 23.12 16.41
CA ASP B 348 -36.60 22.48 15.10
C ASP B 348 -35.14 22.17 14.80
N GLU B 349 -34.26 23.17 15.04
CA GLU B 349 -32.84 22.99 14.77
C GLU B 349 -32.28 21.85 15.59
N MET B 350 -32.76 21.69 16.83
CA MET B 350 -32.26 20.57 17.62
C MET B 350 -32.84 19.24 17.16
N ARG B 351 -34.14 19.15 16.88
CA ARG B 351 -34.67 17.84 16.48
C ARG B 351 -34.02 17.41 15.17
N ARG B 352 -33.68 18.38 14.31
CA ARG B 352 -32.98 18.12 13.07
C ARG B 352 -31.53 17.74 13.34
N ARG B 353 -30.86 18.45 14.25
CA ARG B 353 -29.48 18.09 14.58
C ARG B 353 -29.42 16.69 15.21
N SER B 354 -30.35 16.38 16.11
CA SER B 354 -30.39 15.04 16.72
C SER B 354 -30.57 13.92 15.70
N LYS B 355 -31.47 14.09 14.73
CA LYS B 355 -31.68 13.02 13.75
C LYS B 355 -30.49 12.86 12.80
N LYS B 356 -29.95 13.97 12.27
CA LYS B 356 -28.82 13.91 11.34
C LYS B 356 -27.53 13.38 11.98
N GLU B 357 -27.41 13.43 13.32
CA GLU B 357 -26.26 12.94 14.07
C GLU B 357 -26.50 11.58 14.73
N GLY B 358 -27.54 10.86 14.31
CA GLY B 358 -27.88 9.54 14.85
C GLY B 358 -27.93 9.47 16.36
N LYS B 359 -28.54 10.46 17.00
CA LYS B 359 -28.70 10.49 18.45
C LYS B 359 -29.93 9.71 18.87
N GLY B 360 -29.97 9.34 20.16
CA GLY B 360 -31.06 8.51 20.67
C GLY B 360 -32.41 9.20 20.77
N THR B 361 -32.40 10.50 21.04
CA THR B 361 -33.64 11.25 21.21
C THR B 361 -33.61 12.48 20.35
N THR B 362 -34.78 13.10 20.24
CA THR B 362 -34.89 14.37 19.56
C THR B 362 -34.19 15.50 20.31
N GLY B 363 -33.78 15.26 21.56
CA GLY B 363 -33.10 16.22 22.40
C GLY B 363 -31.62 15.96 22.62
N ASP B 364 -30.86 15.77 21.55
CA ASP B 364 -29.41 15.58 21.64
C ASP B 364 -29.12 14.34 22.47
N GLY B 365 -29.90 13.29 22.26
CA GLY B 365 -29.69 12.02 22.92
C GLY B 365 -30.13 11.91 24.37
N LEU B 366 -30.61 12.99 24.99
CA LEU B 366 -30.98 13.01 26.40
C LEU B 366 -32.50 12.83 26.58
N GLU B 367 -32.90 12.55 27.84
CA GLU B 367 -34.32 12.33 28.12
C GLU B 367 -35.06 13.64 28.34
N TRP B 368 -34.46 14.57 29.11
CA TRP B 368 -35.07 15.80 29.58
C TRP B 368 -34.37 17.03 29.00
N GLY B 369 -35.13 18.14 28.89
CA GLY B 369 -34.58 19.41 28.46
C GLY B 369 -35.21 20.58 29.21
N VAL B 370 -34.52 21.72 29.13
CA VAL B 370 -35.05 22.99 29.64
C VAL B 370 -35.10 23.97 28.48
N LEU B 371 -36.23 24.69 28.38
CA LEU B 371 -36.44 25.78 27.41
C LEU B 371 -36.74 27.05 28.17
N MET B 372 -35.97 28.09 27.90
CA MET B 372 -36.08 29.31 28.69
C MET B 372 -36.31 30.52 27.79
N GLY B 373 -37.31 31.30 28.15
CA GLY B 373 -37.53 32.63 27.59
C GLY B 373 -37.20 33.71 28.61
N PHE B 374 -36.50 34.76 28.17
CA PHE B 374 -36.20 35.94 28.98
C PHE B 374 -36.77 37.17 28.30
N GLY B 375 -37.53 37.97 29.04
CA GLY B 375 -38.15 39.12 28.44
C GLY B 375 -38.51 40.19 29.44
N PRO B 376 -39.36 41.13 29.03
CA PRO B 376 -39.70 42.29 29.88
C PRO B 376 -40.20 41.89 31.26
N GLY B 377 -39.76 42.63 32.27
CA GLY B 377 -40.20 42.27 33.59
C GLY B 377 -39.21 42.52 34.71
N VAL B 378 -38.07 41.84 34.70
CA VAL B 378 -37.75 40.81 33.71
C VAL B 378 -38.52 39.50 33.96
N THR B 379 -38.98 38.88 32.88
CA THR B 379 -39.79 37.67 32.95
C THR B 379 -38.93 36.49 32.54
N VAL B 380 -39.03 35.39 33.30
CA VAL B 380 -38.40 34.11 32.95
C VAL B 380 -39.48 33.05 32.79
N GLU B 381 -39.67 32.59 31.55
CA GLU B 381 -40.46 31.40 31.24
C GLU B 381 -39.53 30.19 31.27
N THR B 382 -39.81 29.25 32.17
CA THR B 382 -39.04 28.03 32.29
C THR B 382 -39.93 26.85 31.93
N ILE B 383 -39.60 26.15 30.83
CA ILE B 383 -40.41 25.04 30.31
C ILE B 383 -39.59 23.75 30.29
N VAL B 384 -40.06 22.74 31.03
CA VAL B 384 -39.40 21.44 31.04
C VAL B 384 -39.91 20.66 29.84
N LEU B 385 -39.00 20.29 28.98
CA LEU B 385 -39.27 19.46 27.82
C LEU B 385 -38.87 18.03 28.14
N ARG B 386 -39.50 17.10 27.42
CA ARG B 386 -39.14 15.70 27.45
C ARG B 386 -38.92 15.26 26.01
N ALA B 387 -37.77 14.67 25.73
CA ALA B 387 -37.46 14.22 24.40
C ALA B 387 -38.18 12.92 24.06
N ILE B 388 -38.41 12.72 22.76
CA ILE B 388 -39.01 11.53 22.19
C ILE B 388 -37.89 10.67 21.62
N SER B 389 -37.98 9.35 21.81
CA SER B 389 -36.92 8.44 21.39
C SER B 389 -36.97 8.16 19.89
N VAL B 390 -35.84 8.33 19.21
CA VAL B 390 -35.75 8.03 17.77
C VAL B 390 -35.20 6.62 17.57
N PRO C 14 12.96 -36.25 -43.51
CA PRO C 14 12.31 -35.11 -44.18
C PRO C 14 13.22 -33.86 -44.33
N HIS C 15 12.97 -33.03 -45.35
CA HIS C 15 13.86 -31.92 -45.65
C HIS C 15 13.89 -30.87 -44.54
N GLY C 16 12.72 -30.36 -44.15
CA GLY C 16 12.63 -29.13 -43.39
C GLY C 16 12.61 -29.30 -41.88
N LEU C 17 12.36 -28.18 -41.20
CA LEU C 17 12.43 -28.12 -39.75
C LEU C 17 11.14 -28.61 -39.09
N ALA C 18 11.30 -29.16 -37.89
CA ALA C 18 10.16 -29.56 -37.09
C ALA C 18 9.29 -28.36 -36.73
N SER C 19 8.01 -28.48 -37.03
CA SER C 19 7.09 -27.36 -36.89
C SER C 19 5.94 -27.69 -35.93
N ILE C 20 5.57 -26.74 -35.09
CA ILE C 20 4.40 -26.91 -34.26
C ILE C 20 3.18 -26.71 -35.14
N LEU C 21 2.34 -27.73 -35.26
CA LEU C 21 1.22 -27.71 -36.19
C LEU C 21 -0.09 -27.34 -35.51
N ALA C 22 -0.19 -27.49 -34.20
CA ALA C 22 -1.37 -27.09 -33.44
C ALA C 22 -0.98 -27.01 -31.98
N ILE C 23 -1.73 -26.19 -31.22
CA ILE C 23 -1.58 -26.00 -29.79
C ILE C 23 -2.96 -26.09 -29.13
N GLY C 24 -3.06 -26.94 -28.10
CA GLY C 24 -4.25 -27.05 -27.30
C GLY C 24 -3.91 -26.86 -25.84
N THR C 25 -4.85 -26.28 -25.10
CA THR C 25 -4.68 -26.03 -23.67
C THR C 25 -5.89 -26.48 -22.88
N ALA C 26 -5.68 -26.61 -21.58
CA ALA C 26 -6.75 -26.96 -20.66
C ALA C 26 -6.28 -26.65 -19.25
N ASN C 27 -7.25 -26.37 -18.37
CA ASN C 27 -6.98 -26.07 -16.98
C ASN C 27 -8.03 -26.74 -16.11
N PRO C 28 -7.74 -26.97 -14.82
CA PRO C 28 -8.80 -27.41 -13.93
C PRO C 28 -9.92 -26.40 -13.99
N SER C 29 -11.12 -26.88 -13.73
CA SER C 29 -12.29 -26.06 -13.94
C SER C 29 -12.62 -25.19 -12.74
N ASN C 30 -11.85 -25.25 -11.65
CA ASN C 30 -12.02 -24.42 -10.47
C ASN C 30 -11.09 -23.21 -10.52
N CYS C 31 -11.66 -22.00 -10.42
CA CYS C 31 -10.88 -20.77 -10.51
C CYS C 31 -10.74 -20.07 -9.17
N PHE C 32 -9.53 -19.59 -8.86
CA PHE C 32 -9.23 -18.92 -7.60
C PHE C 32 -8.63 -17.54 -7.91
N ASN C 33 -9.44 -16.49 -7.71
CA ASN C 33 -8.95 -15.12 -7.77
C ASN C 33 -7.96 -14.83 -6.65
N GLN C 34 -6.85 -14.18 -7.03
CA GLN C 34 -5.74 -13.96 -6.10
C GLN C 34 -6.11 -12.98 -4.99
N ASP C 35 -7.05 -12.07 -5.27
CA ASP C 35 -7.50 -11.14 -4.24
C ASP C 35 -8.03 -11.88 -3.03
N GLU C 36 -8.69 -13.00 -3.25
CA GLU C 36 -9.34 -13.74 -2.17
C GLU C 36 -8.51 -14.92 -1.72
N PHE C 37 -7.41 -15.22 -2.41
CA PHE C 37 -6.68 -16.45 -2.13
C PHE C 37 -6.01 -16.42 -0.76
N PRO C 38 -5.51 -15.28 -0.26
CA PRO C 38 -5.03 -15.28 1.15
C PRO C 38 -6.06 -15.75 2.17
N ASP C 39 -7.25 -15.15 2.20
CA ASP C 39 -8.26 -15.56 3.19
C ASP C 39 -8.62 -17.03 3.04
N TYR C 40 -8.93 -17.46 1.81
CA TYR C 40 -9.29 -18.86 1.53
C TYR C 40 -8.21 -19.84 1.97
N SER C 41 -7.01 -19.70 1.38
CA SER C 41 -5.93 -20.65 1.65
C SER C 41 -5.66 -20.75 3.14
N PHE C 42 -5.57 -19.61 3.83
CA PHE C 42 -5.24 -19.67 5.24
C PHE C 42 -6.40 -20.20 6.07
N ARG C 43 -7.61 -20.20 5.51
CA ARG C 43 -8.71 -20.88 6.19
C ARG C 43 -8.64 -22.40 6.02
N VAL C 44 -8.46 -22.88 4.78
CA VAL C 44 -8.49 -24.31 4.49
C VAL C 44 -7.26 -25.05 5.01
N THR C 45 -6.15 -24.35 5.27
CA THR C 45 -4.98 -24.95 5.90
C THR C 45 -5.09 -24.90 7.42
N LYS C 46 -6.21 -24.38 7.94
CA LYS C 46 -6.46 -24.34 9.37
C LYS C 46 -5.32 -23.57 10.06
N SER C 47 -5.07 -22.36 9.56
CA SER C 47 -3.88 -21.54 9.86
C SER C 47 -4.26 -20.08 10.06
N GLU C 48 -5.49 -19.85 10.51
CA GLU C 48 -6.06 -18.53 10.58
C GLU C 48 -5.56 -17.75 11.77
N HIS C 49 -5.04 -18.43 12.78
CA HIS C 49 -4.39 -17.85 13.96
C HIS C 49 -2.93 -17.54 13.72
N LEU C 50 -2.41 -17.85 12.56
CA LEU C 50 -1.05 -17.49 12.21
C LEU C 50 -1.01 -16.15 11.43
N THR C 51 -1.64 -15.11 11.98
CA THR C 51 -1.92 -13.94 11.15
C THR C 51 -0.63 -13.24 10.77
N SER C 52 0.35 -13.25 11.67
CA SER C 52 1.68 -12.75 11.42
C SER C 52 2.13 -13.26 10.08
N LEU C 53 1.86 -14.54 9.83
CA LEU C 53 2.27 -15.14 8.57
C LEU C 53 1.25 -14.86 7.46
N LYS C 54 -0.04 -14.76 7.80
CA LYS C 54 -1.06 -14.46 6.80
C LYS C 54 -0.82 -13.13 6.11
N ASP C 55 -0.56 -12.09 6.90
CA ASP C 55 -0.24 -10.78 6.36
C ASP C 55 0.93 -10.87 5.37
N LYS C 56 2.01 -11.55 5.78
CA LYS C 56 3.14 -11.75 4.88
C LYS C 56 2.68 -12.41 3.58
N PHE C 57 1.76 -13.37 3.68
CA PHE C 57 1.28 -14.05 2.48
C PHE C 57 0.49 -13.07 1.62
N LYS C 58 -0.26 -12.18 2.27
CA LYS C 58 -1.00 -11.16 1.55
C LYS C 58 -0.06 -10.24 0.78
N ARG C 59 1.08 -9.87 1.39
CA ARG C 59 2.07 -9.06 0.68
C ARG C 59 2.56 -9.80 -0.54
N ILE C 60 2.87 -11.08 -0.36
CA ILE C 60 3.37 -11.90 -1.47
C ILE C 60 2.34 -11.95 -2.58
N CYS C 61 1.07 -12.15 -2.22
CA CYS C 61 0.05 -12.31 -3.25
C CYS C 61 -0.14 -11.03 -4.04
N GLU C 62 -0.02 -9.87 -3.40
CA GLU C 62 -0.18 -8.62 -4.12
C GLU C 62 0.97 -8.39 -5.13
N ARG C 63 2.23 -8.48 -4.71
CA ARG C 63 3.26 -8.19 -5.71
C ARG C 63 3.48 -9.37 -6.66
N SER C 64 2.63 -10.41 -6.56
CA SER C 64 2.74 -11.59 -7.42
C SER C 64 2.47 -11.27 -8.89
N THR C 65 1.60 -10.31 -9.19
CA THR C 65 1.11 -9.93 -10.52
C THR C 65 0.21 -11.00 -11.12
N VAL C 66 -0.23 -11.98 -10.34
CA VAL C 66 -1.16 -13.02 -10.79
C VAL C 66 -2.56 -12.62 -10.38
N ARG C 67 -3.51 -12.61 -11.33
CA ARG C 67 -4.87 -12.21 -11.01
C ARG C 67 -5.74 -13.40 -10.63
N LYS C 68 -5.71 -14.46 -11.42
CA LYS C 68 -6.44 -15.67 -11.04
C LYS C 68 -5.52 -16.87 -11.31
N ARG C 69 -5.88 -18.02 -10.74
CA ARG C 69 -5.25 -19.30 -11.04
C ARG C 69 -6.31 -20.39 -11.19
N TYR C 70 -5.93 -21.53 -11.78
CA TYR C 70 -6.82 -22.69 -11.81
C TYR C 70 -6.17 -23.80 -10.99
N LEU C 71 -6.91 -24.32 -10.00
CA LEU C 71 -6.32 -25.31 -9.09
C LEU C 71 -7.16 -26.58 -9.05
N HIS C 72 -6.48 -27.74 -9.03
CA HIS C 72 -7.24 -28.96 -8.86
C HIS C 72 -7.53 -29.23 -7.39
N LEU C 73 -6.61 -28.91 -6.48
CA LEU C 73 -6.95 -28.98 -5.05
C LEU C 73 -8.02 -27.97 -4.66
N THR C 74 -9.23 -28.46 -4.50
CA THR C 74 -10.30 -27.69 -3.94
C THR C 74 -10.39 -27.93 -2.45
N GLU C 75 -11.19 -27.09 -1.78
CA GLU C 75 -11.52 -27.31 -0.38
C GLU C 75 -12.09 -28.69 -0.13
N GLU C 76 -12.94 -29.16 -1.03
CA GLU C 76 -13.60 -30.41 -0.69
C GLU C 76 -12.60 -31.58 -0.80
N LEU C 77 -11.67 -31.51 -1.77
CA LEU C 77 -10.58 -32.49 -1.83
C LEU C 77 -9.74 -32.47 -0.56
N LEU C 78 -9.40 -31.27 -0.07
CA LEU C 78 -8.66 -31.18 1.17
C LEU C 78 -9.45 -31.70 2.35
N GLN C 79 -10.77 -31.72 2.26
CA GLN C 79 -11.56 -32.37 3.31
C GLN C 79 -11.44 -33.88 3.24
N GLU C 80 -11.34 -34.44 2.02
CA GLU C 80 -11.13 -35.89 1.93
C GLU C 80 -9.71 -36.29 2.31
N TYR C 81 -8.74 -35.39 2.16
CA TYR C 81 -7.33 -35.72 2.44
C TYR C 81 -6.68 -34.63 3.27
N PRO C 82 -7.02 -34.52 4.55
CA PRO C 82 -6.55 -33.35 5.32
C PRO C 82 -5.05 -33.33 5.56
N SER C 83 -4.32 -34.43 5.34
CA SER C 83 -2.84 -34.38 5.43
C SER C 83 -2.23 -33.42 4.43
N ILE C 84 -2.79 -33.33 3.22
CA ILE C 84 -2.24 -32.46 2.20
C ILE C 84 -2.32 -31.01 2.64
N ALA C 85 -3.35 -30.67 3.43
CA ALA C 85 -3.53 -29.31 3.89
C ALA C 85 -2.63 -28.97 5.07
N THR C 86 -1.97 -29.95 5.65
CA THR C 86 -0.98 -29.65 6.64
C THR C 86 0.31 -29.26 5.91
N TYR C 87 1.35 -29.00 6.68
CA TYR C 87 2.63 -28.79 6.02
C TYR C 87 3.39 -30.10 5.78
N ASP C 88 3.48 -30.92 6.82
CA ASP C 88 4.60 -31.81 6.99
C ASP C 88 4.23 -33.28 7.06
N ALA C 89 2.96 -33.61 7.25
CA ALA C 89 2.53 -34.96 7.54
C ALA C 89 2.72 -35.88 6.32
N PRO C 90 2.83 -37.18 6.56
CA PRO C 90 2.87 -38.13 5.44
C PRO C 90 1.60 -38.00 4.62
N SER C 91 1.77 -37.65 3.33
CA SER C 91 0.66 -37.28 2.46
C SER C 91 0.85 -37.70 1.02
N LEU C 92 2.02 -38.26 0.69
CA LEU C 92 2.32 -38.60 -0.70
C LEU C 92 1.29 -39.56 -1.31
N ASP C 93 0.88 -40.57 -0.55
CA ASP C 93 -0.02 -41.57 -1.10
C ASP C 93 -1.33 -40.93 -1.57
N ALA C 94 -1.85 -39.98 -0.79
CA ALA C 94 -3.06 -39.27 -1.17
C ALA C 94 -2.85 -38.44 -2.44
N ARG C 95 -1.80 -37.61 -2.45
CA ARG C 95 -1.51 -36.81 -3.62
C ARG C 95 -1.43 -37.69 -4.86
N GLN C 96 -0.78 -38.85 -4.72
CA GLN C 96 -0.66 -39.81 -5.82
C GLN C 96 -2.04 -40.31 -6.25
N GLU C 97 -2.87 -40.68 -5.27
CA GLU C 97 -4.22 -41.11 -5.57
C GLU C 97 -4.94 -40.08 -6.42
N ILE C 98 -4.71 -38.81 -6.11
CA ILE C 98 -5.31 -37.73 -6.89
C ILE C 98 -4.73 -37.66 -8.30
N GLU C 99 -3.40 -37.65 -8.37
CA GLU C 99 -2.76 -37.22 -9.61
C GLU C 99 -2.67 -38.33 -10.65
N VAL C 100 -2.46 -39.59 -10.22
CA VAL C 100 -2.47 -40.66 -11.21
C VAL C 100 -3.82 -40.71 -11.90
N ALA C 101 -4.86 -40.12 -11.29
CA ALA C 101 -6.15 -39.99 -11.94
C ALA C 101 -6.22 -38.75 -12.83
N GLU C 102 -5.84 -37.60 -12.30
CA GLU C 102 -6.20 -36.36 -12.98
C GLU C 102 -5.17 -35.87 -13.99
N VAL C 103 -3.89 -36.17 -13.80
CA VAL C 103 -2.89 -35.78 -14.79
C VAL C 103 -3.28 -36.28 -16.17
N PRO C 104 -3.64 -37.54 -16.36
CA PRO C 104 -4.07 -37.96 -17.69
C PRO C 104 -5.34 -37.27 -18.17
N LYS C 105 -6.30 -37.01 -17.29
CA LYS C 105 -7.57 -36.46 -17.74
C LYS C 105 -7.37 -35.06 -18.29
N LEU C 106 -6.58 -34.25 -17.58
CA LEU C 106 -6.25 -32.90 -18.04
C LEU C 106 -5.41 -32.94 -19.31
N ALA C 107 -4.37 -33.77 -19.32
CA ALA C 107 -3.57 -33.93 -20.52
C ALA C 107 -4.44 -34.29 -21.72
N ALA C 108 -5.42 -35.16 -21.52
CA ALA C 108 -6.31 -35.59 -22.59
C ALA C 108 -7.17 -34.44 -23.10
N ARG C 109 -7.62 -33.55 -22.20
CA ARG C 109 -8.37 -32.39 -22.65
C ARG C 109 -7.54 -31.48 -23.57
N ALA C 110 -6.32 -31.14 -23.14
CA ALA C 110 -5.50 -30.24 -23.96
C ALA C 110 -5.11 -30.89 -25.28
N ALA C 111 -4.78 -32.19 -25.25
CA ALA C 111 -4.53 -32.93 -26.48
C ALA C 111 -5.75 -32.94 -27.39
N SER C 112 -6.94 -33.17 -26.81
CA SER C 112 -8.17 -33.15 -27.60
C SER C 112 -8.22 -31.89 -28.43
N ARG C 113 -8.02 -30.77 -27.77
CA ARG C 113 -8.16 -29.50 -28.46
C ARG C 113 -7.03 -29.34 -29.50
N ALA C 114 -5.82 -29.79 -29.17
CA ALA C 114 -4.71 -29.71 -30.11
C ALA C 114 -4.95 -30.56 -31.34
N ILE C 115 -5.51 -31.76 -31.12
CA ILE C 115 -5.77 -32.72 -32.19
C ILE C 115 -6.88 -32.23 -33.11
N GLU C 116 -7.91 -31.58 -32.55
CA GLU C 116 -8.98 -31.05 -33.39
C GLU C 116 -8.48 -29.91 -34.24
N GLU C 117 -7.61 -29.07 -33.67
CA GLU C 117 -6.99 -28.01 -34.48
C GLU C 117 -6.17 -28.58 -35.64
N TRP C 118 -5.28 -29.53 -35.33
CA TRP C 118 -4.52 -30.21 -36.37
C TRP C 118 -5.43 -30.70 -37.49
N GLY C 119 -6.50 -31.38 -37.14
CA GLY C 119 -7.53 -31.80 -38.08
C GLY C 119 -7.33 -33.14 -38.75
N GLN C 120 -6.28 -33.83 -38.47
CA GLN C 120 -6.03 -35.16 -39.02
C GLN C 120 -6.49 -36.21 -38.02
N PRO C 121 -6.60 -37.47 -38.44
CA PRO C 121 -7.04 -38.50 -37.51
C PRO C 121 -5.92 -38.89 -36.56
N LYS C 122 -6.32 -39.44 -35.43
CA LYS C 122 -5.34 -39.82 -34.41
C LYS C 122 -4.37 -40.88 -34.91
N ASN C 123 -4.80 -41.71 -35.90
CA ASN C 123 -3.94 -42.64 -36.65
C ASN C 123 -2.54 -42.12 -36.86
N LYS C 124 -2.47 -40.87 -37.29
CA LYS C 124 -1.26 -40.28 -37.83
C LYS C 124 -0.27 -39.89 -36.76
N ILE C 125 -0.68 -39.90 -35.48
CA ILE C 125 0.22 -39.63 -34.35
C ILE C 125 1.16 -40.83 -34.12
N THR C 126 2.45 -40.59 -34.29
CA THR C 126 3.45 -41.65 -34.21
C THR C 126 4.22 -41.63 -32.90
N HIS C 127 4.39 -40.46 -32.30
CA HIS C 127 5.19 -40.32 -31.09
C HIS C 127 4.40 -39.52 -30.06
N LEU C 128 4.62 -39.85 -28.79
CA LEU C 128 4.02 -39.15 -27.65
C LEU C 128 5.14 -38.84 -26.69
N ILE C 129 5.32 -37.56 -26.41
CA ILE C 129 6.21 -37.06 -25.39
C ILE C 129 5.31 -36.46 -24.34
N PHE C 130 5.44 -36.93 -23.11
CA PHE C 130 4.56 -36.45 -22.07
C PHE C 130 5.33 -36.14 -20.79
N SER C 131 5.34 -34.83 -20.45
CA SER C 131 6.02 -34.28 -19.29
C SER C 131 5.01 -34.01 -18.17
N SER C 132 5.28 -34.60 -16.99
CA SER C 132 4.46 -34.35 -15.81
C SER C 132 5.30 -34.35 -14.55
N THR C 133 5.06 -33.37 -13.68
CA THR C 133 5.68 -33.37 -12.36
C THR C 133 5.11 -34.46 -11.46
N SER C 134 3.79 -34.71 -11.56
CA SER C 134 2.98 -35.43 -10.57
C SER C 134 2.64 -36.85 -11.00
N GLY C 135 2.14 -37.62 -10.04
CA GLY C 135 1.50 -38.87 -10.41
C GLY C 135 2.42 -39.91 -11.01
N ILE C 136 3.52 -40.17 -10.31
CA ILE C 136 4.53 -41.13 -10.75
C ILE C 136 4.00 -42.56 -10.53
N GLU C 137 3.81 -43.31 -11.61
CA GLU C 137 3.21 -44.64 -11.54
C GLU C 137 3.69 -45.52 -12.70
N LYS C 138 3.56 -46.84 -12.49
CA LYS C 138 3.88 -47.84 -13.50
C LYS C 138 2.65 -48.73 -13.64
N PRO C 139 2.02 -48.80 -14.84
CA PRO C 139 2.40 -48.05 -16.04
C PRO C 139 2.18 -46.57 -15.86
N GLY C 140 2.94 -45.73 -16.61
CA GLY C 140 2.93 -44.30 -16.43
C GLY C 140 1.73 -43.59 -16.98
N VAL C 141 1.61 -42.31 -16.65
CA VAL C 141 0.52 -41.53 -17.19
C VAL C 141 0.59 -41.41 -18.70
N ASP C 142 1.75 -41.66 -19.32
CA ASP C 142 1.79 -41.78 -20.78
C ASP C 142 0.89 -42.91 -21.28
N CYS C 143 0.98 -44.10 -20.65
CA CYS C 143 0.12 -45.21 -21.03
C CYS C 143 -1.35 -44.87 -20.78
N HIS C 144 -1.63 -44.32 -19.60
CA HIS C 144 -2.96 -43.86 -19.26
C HIS C 144 -3.49 -42.94 -20.34
N LEU C 145 -2.67 -41.97 -20.78
CA LEU C 145 -3.08 -41.09 -21.86
C LEU C 145 -3.38 -41.89 -23.13
N VAL C 146 -2.46 -42.76 -23.53
CA VAL C 146 -2.66 -43.53 -24.77
C VAL C 146 -4.04 -44.17 -24.78
N HIS C 147 -4.44 -44.81 -23.67
CA HIS C 147 -5.77 -45.42 -23.64
C HIS C 147 -6.91 -44.37 -23.65
N LEU C 148 -6.78 -43.29 -22.87
CA LEU C 148 -7.88 -42.33 -22.79
C LEU C 148 -8.18 -41.69 -24.14
N LEU C 149 -7.15 -41.47 -24.94
CA LEU C 149 -7.31 -40.89 -26.27
C LEU C 149 -7.57 -41.95 -27.33
N GLY C 150 -7.23 -43.20 -27.07
CA GLY C 150 -7.30 -44.19 -28.12
C GLY C 150 -6.27 -43.93 -29.18
N LEU C 151 -5.05 -43.64 -28.76
CA LEU C 151 -3.96 -43.55 -29.71
C LEU C 151 -3.58 -44.95 -30.15
N PRO C 152 -2.88 -45.07 -31.28
CA PRO C 152 -2.36 -46.39 -31.65
C PRO C 152 -1.49 -46.95 -30.54
N LEU C 153 -1.65 -48.26 -30.28
CA LEU C 153 -0.83 -48.91 -29.27
C LEU C 153 0.64 -48.94 -29.67
N SER C 154 0.93 -48.68 -30.93
CA SER C 154 2.30 -48.66 -31.41
C SER C 154 3.00 -47.35 -31.15
N VAL C 155 2.30 -46.32 -30.68
CA VAL C 155 2.88 -44.99 -30.55
C VAL C 155 4.12 -45.03 -29.65
N ASN C 156 5.21 -44.42 -30.14
CA ASN C 156 6.48 -44.37 -29.41
C ASN C 156 6.40 -43.35 -28.29
N ARG C 157 6.55 -43.78 -27.05
CA ARG C 157 6.33 -42.90 -25.92
C ARG C 157 7.66 -42.48 -25.29
N VAL C 158 7.67 -41.26 -24.75
CA VAL C 158 8.71 -40.75 -23.89
C VAL C 158 8.06 -40.08 -22.70
N MET C 159 8.18 -40.71 -21.51
CA MET C 159 7.57 -40.29 -20.25
C MET C 159 8.57 -39.52 -19.37
N LEU C 160 8.35 -38.22 -19.18
CA LEU C 160 9.26 -37.34 -18.44
C LEU C 160 8.67 -36.97 -17.10
N TYR C 161 9.11 -37.68 -16.05
CA TYR C 161 8.68 -37.37 -14.69
C TYR C 161 9.67 -36.41 -14.01
N THR C 162 9.12 -35.34 -13.43
CA THR C 162 9.74 -34.49 -12.42
C THR C 162 10.99 -33.77 -12.94
N ILE C 163 10.77 -32.75 -13.78
CA ILE C 163 11.93 -32.14 -14.42
C ILE C 163 12.34 -30.85 -13.70
N GLY C 164 11.50 -29.82 -13.59
CA GLY C 164 10.18 -29.67 -14.12
C GLY C 164 9.96 -28.32 -14.81
N CYS C 165 10.37 -27.16 -14.24
CA CYS C 165 9.91 -25.87 -14.81
C CYS C 165 10.47 -25.59 -16.20
N HIS C 166 11.60 -26.16 -16.57
CA HIS C 166 12.13 -25.95 -17.90
C HIS C 166 11.68 -27.02 -18.88
N ALA C 167 10.84 -27.95 -18.42
CA ALA C 167 10.42 -29.06 -19.28
C ALA C 167 9.71 -28.56 -20.53
N GLY C 168 9.09 -27.39 -20.46
CA GLY C 168 8.50 -26.80 -21.66
C GLY C 168 9.53 -26.70 -22.77
N GLY C 169 10.77 -26.37 -22.40
CA GLY C 169 11.85 -26.41 -23.36
C GLY C 169 12.24 -27.83 -23.71
N THR C 170 12.35 -28.68 -22.69
CA THR C 170 12.80 -30.07 -22.88
C THR C 170 11.98 -30.83 -23.92
N VAL C 171 10.65 -30.80 -23.80
CA VAL C 171 9.83 -31.60 -24.71
C VAL C 171 9.99 -31.09 -26.12
N LEU C 172 10.07 -29.78 -26.31
CA LEU C 172 10.35 -29.27 -27.64
C LEU C 172 11.71 -29.77 -28.15
N ARG C 173 12.72 -29.77 -27.27
CA ARG C 173 14.05 -30.18 -27.70
C ARG C 173 14.03 -31.62 -28.19
N ILE C 174 13.36 -32.48 -27.43
CA ILE C 174 13.28 -33.89 -27.81
C ILE C 174 12.44 -34.05 -29.08
N ALA C 175 11.30 -33.37 -29.14
CA ALA C 175 10.43 -33.44 -30.30
C ALA C 175 11.14 -33.02 -31.58
N LYS C 176 12.04 -32.03 -31.51
CA LYS C 176 12.77 -31.66 -32.73
C LYS C 176 13.47 -32.88 -33.33
N ASP C 177 14.27 -33.58 -32.53
CA ASP C 177 15.00 -34.73 -33.05
C ASP C 177 14.05 -35.85 -33.45
N LEU C 178 13.01 -36.07 -32.65
CA LEU C 178 12.05 -37.12 -32.97
C LEU C 178 11.34 -36.84 -34.30
N ALA C 179 10.82 -35.62 -34.48
CA ALA C 179 10.10 -35.30 -35.70
C ALA C 179 11.01 -35.30 -36.90
N GLU C 180 12.25 -34.83 -36.71
CA GLU C 180 13.17 -34.57 -37.80
C GLU C 180 13.96 -35.79 -38.24
N ASN C 181 13.95 -36.87 -37.47
CA ASN C 181 14.66 -38.08 -37.86
C ASN C 181 13.75 -39.23 -38.28
N ASN C 182 12.43 -39.02 -38.25
CA ASN C 182 11.46 -40.04 -38.61
C ASN C 182 10.53 -39.42 -39.64
N VAL C 183 10.64 -39.90 -40.88
CA VAL C 183 9.90 -39.33 -41.99
C VAL C 183 8.41 -39.62 -41.81
N GLY C 184 7.58 -38.59 -41.97
CA GLY C 184 6.17 -38.75 -41.77
C GLY C 184 5.73 -38.72 -40.32
N SER C 185 6.67 -38.69 -39.37
CA SER C 185 6.35 -38.71 -37.95
C SER C 185 5.52 -37.49 -37.56
N ARG C 186 4.58 -37.70 -36.65
CA ARG C 186 3.75 -36.63 -36.10
C ARG C 186 3.71 -36.80 -34.59
N VAL C 187 4.39 -35.90 -33.87
CA VAL C 187 4.65 -36.07 -32.44
C VAL C 187 3.64 -35.27 -31.63
N LEU C 188 2.94 -35.96 -30.73
CA LEU C 188 2.05 -35.36 -29.72
C LEU C 188 2.84 -35.09 -28.44
N VAL C 189 2.97 -33.81 -28.08
CA VAL C 189 3.72 -33.37 -26.92
C VAL C 189 2.71 -32.82 -25.91
N VAL C 190 2.82 -33.21 -24.64
CA VAL C 190 1.93 -32.64 -23.63
C VAL C 190 2.70 -32.40 -22.33
N CYS C 191 2.61 -31.18 -21.80
CA CYS C 191 2.94 -30.92 -20.40
C CYS C 191 1.65 -30.81 -19.62
N SER C 192 1.48 -31.66 -18.62
CA SER C 192 0.28 -31.64 -17.78
C SER C 192 0.73 -31.45 -16.34
N GLU C 193 0.54 -30.24 -15.79
CA GLU C 193 1.10 -29.89 -14.49
C GLU C 193 -0.01 -29.61 -13.47
N LEU C 194 0.03 -30.32 -12.33
CA LEU C 194 -0.82 -30.08 -11.16
C LEU C 194 0.05 -29.72 -9.95
N THR C 195 -0.43 -28.78 -9.13
CA THR C 195 0.24 -28.37 -7.91
C THR C 195 -0.14 -29.24 -6.72
N VAL C 196 -0.86 -30.34 -6.95
CA VAL C 196 -1.33 -31.19 -5.86
C VAL C 196 -0.15 -31.76 -5.09
N MET C 197 0.91 -32.15 -5.79
CA MET C 197 2.01 -32.84 -5.14
C MET C 197 2.83 -31.92 -4.26
N THR C 198 2.83 -30.62 -4.57
CA THR C 198 3.67 -29.68 -3.86
C THR C 198 2.88 -28.83 -2.85
N PHE C 199 1.57 -28.71 -3.01
CA PHE C 199 0.79 -27.84 -2.14
C PHE C 199 0.80 -28.31 -0.69
N ARG C 200 1.04 -27.37 0.22
CA ARG C 200 0.98 -27.70 1.64
C ARG C 200 0.71 -26.42 2.44
N GLY C 201 0.30 -26.62 3.69
CA GLY C 201 0.04 -25.51 4.57
C GLY C 201 1.28 -24.67 4.75
N PRO C 202 1.10 -23.44 5.21
CA PRO C 202 2.22 -22.51 5.34
C PRO C 202 3.05 -22.77 6.60
N SER C 203 4.29 -22.32 6.55
CA SER C 203 5.09 -22.31 7.76
C SER C 203 6.06 -21.16 7.64
N GLU C 204 6.31 -20.50 8.77
CA GLU C 204 7.21 -19.37 8.89
C GLU C 204 8.64 -19.78 8.66
N THR C 205 8.84 -21.07 8.50
CA THR C 205 10.10 -21.72 8.33
C THR C 205 10.45 -21.93 6.87
N ASP C 206 9.47 -21.73 5.98
CA ASP C 206 9.57 -22.01 4.56
C ASP C 206 8.98 -20.84 3.82
N LEU C 207 9.80 -19.83 3.58
CA LEU C 207 9.31 -18.77 2.73
C LEU C 207 9.24 -19.21 1.29
N ALA C 208 9.96 -20.26 0.92
CA ALA C 208 9.87 -20.72 -0.47
C ALA C 208 8.47 -21.21 -0.81
N ASN C 209 7.83 -21.97 0.08
CA ASN C 209 6.43 -22.34 -0.13
C ASN C 209 5.40 -21.23 0.04
N LEU C 210 5.65 -20.12 0.74
CA LEU C 210 4.70 -19.01 0.56
C LEU C 210 4.76 -18.49 -0.88
N ILE C 211 5.96 -18.25 -1.40
CA ILE C 211 6.10 -17.90 -2.80
C ILE C 211 5.30 -18.88 -3.65
N ARG C 212 5.62 -20.19 -3.48
CA ARG C 212 5.02 -21.23 -4.30
C ARG C 212 3.51 -21.23 -4.23
N MET C 213 2.95 -21.28 -3.03
CA MET C 213 1.50 -21.40 -2.99
C MET C 213 0.86 -20.08 -3.39
N GLY C 214 1.66 -19.02 -3.58
CA GLY C 214 1.14 -17.81 -4.16
C GLY C 214 1.22 -17.67 -5.68
N ILE C 215 2.28 -18.22 -6.28
CA ILE C 215 2.58 -18.02 -7.69
C ILE C 215 2.04 -19.16 -8.56
N PHE C 216 2.07 -20.38 -8.02
CA PHE C 216 1.97 -21.60 -8.82
C PHE C 216 0.52 -21.98 -9.07
N GLY C 217 0.21 -22.22 -10.35
CA GLY C 217 -1.08 -22.70 -10.78
C GLY C 217 -0.97 -23.98 -11.59
N ASP C 218 -2.13 -24.55 -11.87
CA ASP C 218 -2.20 -25.78 -12.64
C ASP C 218 -2.54 -25.50 -14.11
N GLY C 219 -2.22 -26.46 -15.00
CA GLY C 219 -2.53 -26.32 -16.42
C GLY C 219 -1.85 -27.34 -17.31
N ALA C 220 -2.44 -27.66 -18.46
CA ALA C 220 -1.83 -28.57 -19.44
C ALA C 220 -1.86 -27.97 -20.83
N ALA C 221 -0.78 -28.19 -21.57
CA ALA C 221 -0.70 -27.79 -22.95
C ALA C 221 -0.21 -28.97 -23.78
N ALA C 222 -0.90 -29.23 -24.88
CA ALA C 222 -0.56 -30.26 -25.82
C ALA C 222 -0.35 -29.60 -27.17
N LEU C 223 0.53 -30.17 -27.95
CA LEU C 223 0.81 -29.63 -29.27
C LEU C 223 1.33 -30.72 -30.21
N ILE C 224 1.11 -30.49 -31.51
CA ILE C 224 1.54 -31.41 -32.56
C ILE C 224 2.76 -30.86 -33.29
N ILE C 225 3.88 -31.60 -33.26
CA ILE C 225 5.07 -31.23 -34.03
C ILE C 225 5.20 -32.21 -35.17
N GLY C 226 5.46 -31.68 -36.37
CA GLY C 226 5.87 -32.51 -37.50
C GLY C 226 6.75 -31.73 -38.45
N ALA C 227 7.68 -32.43 -39.08
CA ALA C 227 8.53 -31.83 -40.10
C ALA C 227 7.97 -32.16 -41.48
N ASP C 228 8.31 -31.31 -42.44
CA ASP C 228 7.70 -31.41 -43.76
C ASP C 228 6.18 -31.50 -43.67
N PRO C 229 5.49 -30.46 -43.20
CA PRO C 229 4.03 -30.52 -43.21
C PRO C 229 3.51 -30.51 -44.64
N ASP C 230 2.52 -31.36 -44.88
CA ASP C 230 1.78 -31.30 -46.13
C ASP C 230 0.91 -30.06 -46.08
N LEU C 231 1.36 -28.97 -46.73
CA LEU C 231 0.64 -27.71 -46.60
C LEU C 231 -0.75 -27.75 -47.20
N SER C 232 -1.12 -28.85 -47.86
CA SER C 232 -2.49 -29.08 -48.29
C SER C 232 -3.44 -29.15 -47.08
N ILE C 233 -2.96 -29.67 -45.95
CA ILE C 233 -3.79 -30.02 -44.80
C ILE C 233 -3.23 -29.58 -43.46
N GLU C 234 -1.97 -29.19 -43.36
CA GLU C 234 -1.32 -28.86 -42.10
C GLU C 234 -0.87 -27.40 -42.15
N LYS C 235 -1.06 -26.68 -41.04
CA LYS C 235 -0.77 -25.25 -40.94
C LYS C 235 0.35 -25.07 -39.92
N PRO C 236 1.60 -24.85 -40.33
CA PRO C 236 2.66 -24.63 -39.35
C PRO C 236 2.44 -23.32 -38.61
N ILE C 237 2.69 -23.33 -37.31
CA ILE C 237 2.57 -22.12 -36.51
C ILE C 237 3.93 -21.56 -36.17
N PHE C 238 4.86 -22.42 -35.73
CA PHE C 238 6.24 -22.07 -35.42
C PHE C 238 7.19 -23.18 -35.87
N GLU C 239 8.42 -22.80 -36.22
CA GLU C 239 9.43 -23.79 -36.54
C GLU C 239 10.50 -23.78 -35.46
N ILE C 240 10.91 -24.98 -35.02
CA ILE C 240 11.92 -25.10 -33.98
C ILE C 240 13.27 -25.13 -34.69
N PHE C 241 13.88 -23.96 -34.81
CA PHE C 241 15.11 -23.88 -35.57
C PHE C 241 16.23 -24.61 -34.85
N SER C 242 16.42 -24.31 -33.55
CA SER C 242 17.50 -24.95 -32.79
C SER C 242 17.09 -25.02 -31.32
N ALA C 243 17.63 -26.01 -30.61
CA ALA C 243 17.35 -26.14 -29.18
C ALA C 243 18.59 -26.66 -28.47
N SER C 244 19.09 -25.88 -27.53
CA SER C 244 20.22 -26.24 -26.71
C SER C 244 19.80 -26.20 -25.24
N GLN C 245 20.55 -26.92 -24.41
CA GLN C 245 20.42 -26.88 -22.96
C GLN C 245 21.76 -26.46 -22.36
N THR C 246 21.72 -25.84 -21.19
CA THR C 246 22.97 -25.67 -20.45
C THR C 246 22.69 -25.65 -18.97
N LEU C 247 23.72 -26.02 -18.21
CA LEU C 247 23.75 -25.95 -16.77
C LEU C 247 24.51 -24.72 -16.33
N VAL C 248 23.95 -23.98 -15.37
CA VAL C 248 24.65 -22.85 -14.74
C VAL C 248 25.54 -23.31 -13.58
N PRO C 249 26.84 -22.99 -13.61
CA PRO C 249 27.76 -23.44 -12.55
C PRO C 249 27.35 -22.95 -11.17
N ASN C 250 27.53 -23.80 -10.16
CA ASN C 250 27.24 -23.49 -8.73
C ASN C 250 25.78 -23.20 -8.48
N THR C 251 24.91 -24.00 -9.03
CA THR C 251 23.52 -23.65 -8.85
C THR C 251 22.67 -24.85 -8.53
N SER C 252 23.27 -26.03 -8.43
CA SER C 252 22.63 -27.03 -7.62
C SER C 252 22.36 -26.36 -6.28
N LYS C 253 21.18 -26.61 -5.74
CA LYS C 253 20.72 -26.07 -4.46
C LYS C 253 20.11 -24.69 -4.55
N ALA C 254 20.11 -24.03 -5.69
CA ALA C 254 19.35 -22.78 -5.79
C ALA C 254 17.91 -22.99 -6.22
N ILE C 255 17.64 -24.03 -7.03
CA ILE C 255 16.31 -24.50 -7.35
C ILE C 255 16.27 -25.99 -7.08
N ARG C 256 15.44 -26.40 -6.11
CA ARG C 256 15.47 -27.69 -5.44
C ARG C 256 14.06 -28.26 -5.33
N GLY C 257 14.00 -29.58 -5.17
CA GLY C 257 12.78 -30.29 -4.85
C GLY C 257 13.04 -31.77 -4.75
N ARG C 258 12.44 -32.46 -3.77
CA ARG C 258 12.58 -33.91 -3.60
C ARG C 258 11.21 -34.52 -3.35
N VAL C 259 10.96 -35.68 -3.95
CA VAL C 259 9.74 -36.42 -3.62
C VAL C 259 9.92 -37.11 -2.29
N LYS C 260 9.08 -36.74 -1.32
CA LYS C 260 9.23 -37.25 0.03
C LYS C 260 7.90 -37.75 0.58
N GLU C 261 7.99 -38.30 1.78
CA GLU C 261 6.80 -38.80 2.46
C GLU C 261 5.76 -37.71 2.55
N MET C 262 6.20 -36.45 2.65
CA MET C 262 5.32 -35.29 2.78
C MET C 262 4.84 -34.74 1.45
N GLY C 263 5.14 -35.37 0.33
CA GLY C 263 4.90 -34.75 -0.95
C GLY C 263 6.19 -34.24 -1.56
N LEU C 264 6.07 -33.31 -2.51
CA LEU C 264 7.23 -32.73 -3.17
C LEU C 264 7.68 -31.46 -2.45
N THR C 265 8.89 -31.51 -1.89
CA THR C 265 9.47 -30.30 -1.30
C THR C 265 9.86 -29.33 -2.40
N PHE C 266 10.00 -28.06 -2.02
CA PHE C 266 10.14 -26.99 -2.99
C PHE C 266 11.05 -25.93 -2.42
N TYR C 267 12.09 -25.54 -3.16
CA TYR C 267 12.92 -24.41 -2.81
C TYR C 267 13.26 -23.63 -4.07
N VAL C 268 13.17 -22.31 -4.02
CA VAL C 268 13.77 -21.44 -5.03
C VAL C 268 14.54 -20.35 -4.28
N ASP C 269 15.85 -20.24 -4.50
CA ASP C 269 16.62 -19.17 -3.84
C ASP C 269 16.24 -17.79 -4.35
N LYS C 270 16.38 -16.79 -3.47
CA LYS C 270 16.04 -15.41 -3.82
C LYS C 270 16.97 -14.83 -4.87
N MET C 271 18.09 -15.51 -5.16
CA MET C 271 19.09 -15.06 -6.11
C MET C 271 18.78 -15.52 -7.51
N VAL C 272 17.72 -16.33 -7.68
CA VAL C 272 17.36 -16.83 -9.01
C VAL C 272 17.18 -15.72 -10.02
N PRO C 273 16.41 -14.66 -9.76
CA PRO C 273 16.33 -13.58 -10.75
C PRO C 273 17.70 -13.08 -11.19
N THR C 274 18.57 -12.82 -10.22
CA THR C 274 19.89 -12.32 -10.54
C THR C 274 20.71 -13.35 -11.29
N LEU C 275 20.67 -14.62 -10.87
CA LEU C 275 21.41 -15.67 -11.57
C LEU C 275 20.98 -15.76 -13.03
N VAL C 276 19.66 -15.75 -13.26
CA VAL C 276 19.10 -15.86 -14.60
C VAL C 276 19.57 -14.71 -15.46
N ALA C 277 19.27 -13.47 -15.06
CA ALA C 277 19.65 -12.33 -15.88
C ALA C 277 21.17 -12.28 -16.08
N SER C 278 21.94 -12.66 -15.05
CA SER C 278 23.38 -12.80 -15.16
C SER C 278 23.78 -13.78 -16.25
N ASN C 279 23.02 -14.82 -16.47
CA ASN C 279 23.55 -15.82 -17.39
C ASN C 279 22.81 -15.85 -18.73
N ILE C 280 21.70 -15.12 -18.89
CA ILE C 280 20.86 -15.28 -20.07
C ILE C 280 21.60 -14.88 -21.33
N GLU C 281 22.43 -13.83 -21.26
CA GLU C 281 23.06 -13.35 -22.49
C GLU C 281 23.96 -14.41 -23.09
N GLN C 282 24.65 -15.17 -22.26
CA GLN C 282 25.53 -16.20 -22.78
C GLN C 282 24.76 -17.22 -23.62
N CYS C 283 23.65 -17.75 -23.07
CA CYS C 283 22.83 -18.72 -23.80
C CYS C 283 22.28 -18.12 -25.06
N LEU C 284 21.85 -16.86 -24.97
CA LEU C 284 21.10 -16.24 -26.03
C LEU C 284 22.02 -15.91 -27.19
N ASP C 285 23.24 -15.51 -26.86
CA ASP C 285 24.30 -15.29 -27.84
C ASP C 285 24.71 -16.61 -28.50
N LYS C 286 24.89 -17.67 -27.69
CA LYS C 286 25.20 -18.98 -28.26
C LYS C 286 24.14 -19.39 -29.26
N ALA C 287 22.86 -19.22 -28.92
CA ALA C 287 21.81 -19.66 -29.83
C ALA C 287 21.70 -18.79 -31.06
N PHE C 288 22.02 -17.50 -30.94
CA PHE C 288 21.74 -16.54 -32.00
C PHE C 288 22.99 -16.05 -32.72
N SER C 289 24.18 -16.44 -32.27
CA SER C 289 25.37 -16.17 -33.08
C SER C 289 25.23 -16.73 -34.48
N PRO C 290 24.84 -18.00 -34.67
CA PRO C 290 24.75 -18.52 -36.05
C PRO C 290 23.88 -17.71 -36.96
N LEU C 291 22.85 -17.06 -36.43
CA LEU C 291 21.88 -16.32 -37.23
C LEU C 291 22.29 -14.87 -37.43
N GLY C 292 23.46 -14.49 -36.91
CA GLY C 292 23.92 -13.11 -36.94
C GLY C 292 22.95 -12.17 -36.27
N ILE C 293 22.36 -12.62 -35.16
CA ILE C 293 21.35 -11.85 -34.45
C ILE C 293 21.89 -11.42 -33.09
N ASN C 294 21.80 -10.15 -32.84
CA ASN C 294 22.52 -9.37 -31.86
C ASN C 294 21.59 -8.56 -30.97
N ASP C 295 20.50 -8.05 -31.53
CA ASP C 295 19.56 -7.14 -30.87
C ASP C 295 18.45 -7.96 -30.20
N TRP C 296 18.38 -7.94 -28.88
CA TRP C 296 17.39 -8.76 -28.20
C TRP C 296 15.98 -8.19 -28.24
N ASN C 297 15.77 -7.03 -28.88
CA ASN C 297 14.42 -6.52 -29.07
C ASN C 297 13.85 -6.88 -30.42
N SER C 298 14.67 -7.40 -31.34
CA SER C 298 14.31 -7.77 -32.70
C SER C 298 13.75 -9.17 -32.82
N ILE C 299 13.71 -9.88 -31.71
CA ILE C 299 13.16 -11.22 -31.67
C ILE C 299 11.98 -11.23 -30.72
N PHE C 300 11.03 -12.12 -30.99
CA PHE C 300 9.92 -12.26 -30.06
C PHE C 300 10.31 -13.21 -28.92
N TRP C 301 9.62 -13.05 -27.79
CA TRP C 301 10.09 -13.59 -26.52
C TRP C 301 9.09 -14.52 -25.84
N ILE C 302 9.56 -15.71 -25.46
CA ILE C 302 8.82 -16.70 -24.67
C ILE C 302 9.69 -17.15 -23.49
N PRO C 303 9.92 -16.29 -22.50
CA PRO C 303 10.65 -16.73 -21.31
C PRO C 303 9.71 -17.35 -20.27
N HIS C 304 10.15 -18.43 -19.62
CA HIS C 304 9.32 -19.04 -18.57
C HIS C 304 9.12 -18.03 -17.45
N PRO C 305 7.89 -17.64 -17.17
CA PRO C 305 7.62 -16.61 -16.16
C PRO C 305 7.59 -17.17 -14.75
N GLY C 306 8.72 -17.68 -14.29
CA GLY C 306 8.77 -18.25 -12.95
C GLY C 306 8.21 -17.35 -11.87
N GLY C 307 8.41 -16.04 -12.03
CA GLY C 307 7.78 -15.04 -11.19
C GLY C 307 8.04 -13.65 -11.73
N PRO C 308 7.44 -12.62 -11.13
CA PRO C 308 7.63 -11.27 -11.67
C PRO C 308 9.07 -10.77 -11.62
N ALA C 309 9.86 -11.18 -10.63
CA ALA C 309 11.23 -10.66 -10.56
C ALA C 309 12.09 -11.21 -11.69
N ILE C 310 11.91 -12.49 -12.05
CA ILE C 310 12.74 -13.06 -13.11
C ILE C 310 12.54 -12.28 -14.40
N LEU C 311 11.29 -11.95 -14.70
CA LEU C 311 10.96 -11.20 -15.90
C LEU C 311 11.53 -9.79 -15.82
N ALA C 312 11.36 -9.12 -14.67
CA ALA C 312 11.90 -7.79 -14.49
C ALA C 312 13.41 -7.77 -14.69
N GLU C 313 14.10 -8.74 -14.11
CA GLU C 313 15.56 -8.75 -14.18
C GLU C 313 15.99 -8.94 -15.62
N ILE C 314 15.24 -9.79 -16.34
CA ILE C 314 15.50 -10.05 -17.75
C ILE C 314 15.34 -8.78 -18.57
N GLU C 315 14.17 -8.13 -18.45
CA GLU C 315 13.92 -6.84 -19.06
C GLU C 315 15.06 -5.86 -18.81
N ALA C 316 15.32 -5.60 -17.52
CA ALA C 316 16.36 -4.65 -17.11
C ALA C 316 17.70 -4.96 -17.76
N LYS C 317 18.15 -6.22 -17.68
CA LYS C 317 19.47 -6.57 -18.16
C LYS C 317 19.55 -6.38 -19.67
N LEU C 318 18.60 -6.97 -20.41
CA LEU C 318 18.69 -6.98 -21.86
C LEU C 318 18.16 -5.69 -22.47
N GLU C 319 17.56 -4.85 -21.62
CA GLU C 319 16.96 -3.56 -21.96
C GLU C 319 15.82 -3.77 -22.96
N LEU C 320 14.83 -4.56 -22.56
CA LEU C 320 13.75 -4.87 -23.47
C LEU C 320 12.72 -3.76 -23.51
N LYS C 321 12.20 -3.52 -24.71
CA LYS C 321 11.10 -2.60 -24.85
C LYS C 321 9.87 -3.00 -24.08
N PRO C 322 9.04 -2.02 -23.77
CA PRO C 322 7.84 -2.30 -22.99
C PRO C 322 7.00 -3.44 -23.52
N GLY C 323 6.86 -3.58 -24.84
CA GLY C 323 5.92 -4.58 -25.34
C GLY C 323 6.35 -6.03 -25.29
N LYS C 324 7.68 -6.28 -25.20
CA LYS C 324 8.23 -7.57 -25.63
C LYS C 324 7.59 -8.75 -24.91
N LEU C 325 7.47 -8.65 -23.60
CA LEU C 325 7.05 -9.76 -22.75
C LEU C 325 5.56 -9.73 -22.48
N ARG C 326 4.83 -8.93 -23.27
CA ARG C 326 3.40 -8.68 -23.08
C ARG C 326 2.58 -9.94 -22.90
N ALA C 327 2.69 -10.88 -23.85
CA ALA C 327 1.92 -12.13 -23.77
C ALA C 327 2.31 -12.93 -22.54
N THR C 328 3.63 -13.02 -22.27
CA THR C 328 4.13 -13.74 -21.11
C THR C 328 3.44 -13.28 -19.83
N ARG C 329 3.48 -11.97 -19.55
CA ARG C 329 2.80 -11.41 -18.39
C ARG C 329 1.32 -11.76 -18.39
N HIS C 330 0.66 -11.70 -19.55
CA HIS C 330 -0.76 -12.05 -19.57
C HIS C 330 -0.97 -13.49 -19.11
N VAL C 331 -0.20 -14.43 -19.67
CA VAL C 331 -0.31 -15.80 -19.22
C VAL C 331 0.00 -15.86 -17.74
N LEU C 332 0.99 -15.09 -17.31
CA LEU C 332 1.28 -15.08 -15.87
C LEU C 332 0.09 -14.57 -15.06
N SER C 333 -0.53 -13.46 -15.48
CA SER C 333 -1.57 -12.89 -14.61
C SER C 333 -2.88 -13.66 -14.72
N GLU C 334 -3.19 -14.24 -15.87
CA GLU C 334 -4.43 -14.98 -16.06
C GLU C 334 -4.30 -16.45 -15.69
N TYR C 335 -3.09 -16.96 -15.47
CA TYR C 335 -2.96 -18.36 -15.16
C TYR C 335 -2.02 -18.69 -14.03
N GLY C 336 -1.07 -17.83 -13.69
CA GLY C 336 -0.10 -18.22 -12.69
C GLY C 336 0.97 -19.10 -13.32
N ASN C 337 1.87 -19.60 -12.48
CA ASN C 337 3.00 -20.38 -12.98
C ASN C 337 2.62 -21.85 -13.07
N MET C 338 2.47 -22.34 -14.30
CA MET C 338 2.15 -23.74 -14.56
C MET C 338 3.41 -24.55 -14.95
N SER C 339 4.57 -24.17 -14.40
CA SER C 339 5.83 -24.85 -14.69
C SER C 339 6.03 -25.12 -16.19
N GLY C 340 6.27 -26.38 -16.52
CA GLY C 340 6.66 -26.72 -17.88
C GLY C 340 5.66 -26.26 -18.91
N ALA C 341 4.37 -26.40 -18.61
CA ALA C 341 3.32 -26.03 -19.56
C ALA C 341 3.34 -24.55 -19.92
N THR C 342 3.86 -23.68 -19.05
CA THR C 342 3.66 -22.25 -19.23
C THR C 342 4.20 -21.76 -20.57
N VAL C 343 5.47 -22.06 -20.90
CA VAL C 343 5.99 -21.58 -22.17
C VAL C 343 5.14 -22.07 -23.34
N LEU C 344 4.51 -23.24 -23.20
CA LEU C 344 3.60 -23.65 -24.26
C LEU C 344 2.33 -22.78 -24.28
N PHE C 345 1.73 -22.50 -23.12
CA PHE C 345 0.61 -21.57 -23.10
C PHE C 345 0.99 -20.24 -23.74
N ILE C 346 2.18 -19.74 -23.41
CA ILE C 346 2.61 -18.45 -23.93
C ILE C 346 2.80 -18.55 -25.43
N LEU C 347 3.25 -19.68 -25.96
CA LEU C 347 3.24 -19.81 -27.41
C LEU C 347 1.84 -19.54 -27.96
N ASP C 348 0.85 -20.26 -27.44
CA ASP C 348 -0.53 -20.14 -27.91
C ASP C 348 -0.94 -18.68 -27.90
N GLU C 349 -0.69 -18.00 -26.78
CA GLU C 349 -1.14 -16.62 -26.63
C GLU C 349 -0.53 -15.73 -27.68
N MET C 350 0.74 -15.96 -28.00
CA MET C 350 1.36 -15.07 -28.97
C MET C 350 0.81 -15.32 -30.37
N ARG C 351 0.54 -16.56 -30.74
CA ARG C 351 -0.01 -16.72 -32.10
C ARG C 351 -1.39 -16.07 -32.20
N ARG C 352 -2.23 -16.22 -31.15
CA ARG C 352 -3.60 -15.72 -31.18
C ARG C 352 -3.62 -14.21 -31.15
N ARG C 353 -2.86 -13.64 -30.22
CA ARG C 353 -2.75 -12.19 -30.16
C ARG C 353 -2.21 -11.65 -31.48
N SER C 354 -1.28 -12.36 -32.15
CA SER C 354 -0.82 -11.88 -33.45
C SER C 354 -1.94 -11.86 -34.46
N LYS C 355 -2.70 -12.96 -34.57
CA LYS C 355 -3.79 -12.97 -35.55
C LYS C 355 -4.78 -11.89 -35.21
N LYS C 356 -5.14 -11.82 -33.93
CA LYS C 356 -6.09 -10.83 -33.44
C LYS C 356 -5.58 -9.40 -33.59
N GLU C 357 -4.27 -9.18 -33.65
CA GLU C 357 -3.73 -7.84 -33.80
C GLU C 357 -3.22 -7.61 -35.22
N GLY C 358 -3.58 -8.49 -36.15
CA GLY C 358 -3.21 -8.41 -37.54
C GLY C 358 -1.72 -8.23 -37.86
N LYS C 359 -0.86 -9.03 -37.24
CA LYS C 359 0.55 -8.96 -37.55
C LYS C 359 0.89 -9.88 -38.74
N GLY C 360 2.05 -9.62 -39.35
CA GLY C 360 2.47 -10.39 -40.51
C GLY C 360 2.83 -11.81 -40.20
N THR C 361 3.31 -12.08 -38.98
CA THR C 361 3.73 -13.41 -38.58
C THR C 361 3.06 -13.79 -37.28
N THR C 362 3.12 -15.09 -36.97
CA THR C 362 2.63 -15.60 -35.70
C THR C 362 3.48 -15.18 -34.52
N GLY C 363 4.63 -14.55 -34.76
CA GLY C 363 5.54 -14.11 -33.71
C GLY C 363 5.59 -12.61 -33.55
N ASP C 364 4.40 -12.01 -33.48
CA ASP C 364 4.24 -10.57 -33.25
C ASP C 364 4.91 -9.81 -34.38
N GLY C 365 4.71 -10.29 -35.60
CA GLY C 365 5.26 -9.63 -36.77
C GLY C 365 6.73 -9.81 -36.99
N LEU C 366 7.45 -10.46 -36.07
CA LEU C 366 8.88 -10.67 -36.20
C LEU C 366 9.16 -12.05 -36.77
N GLU C 367 10.34 -12.19 -37.33
CA GLU C 367 10.67 -13.43 -38.00
C GLU C 367 11.28 -14.46 -37.06
N TRP C 368 12.09 -14.03 -36.10
CA TRP C 368 12.79 -14.92 -35.17
C TRP C 368 12.36 -14.67 -33.72
N GLY C 369 12.31 -15.74 -32.95
CA GLY C 369 11.99 -15.67 -31.54
C GLY C 369 12.78 -16.69 -30.75
N VAL C 370 12.78 -16.49 -29.43
CA VAL C 370 13.37 -17.42 -28.49
C VAL C 370 12.33 -17.90 -27.49
N LEU C 371 12.37 -19.20 -27.19
CA LEU C 371 11.67 -19.83 -26.07
C LEU C 371 12.72 -20.24 -25.07
N MET C 372 12.60 -19.81 -23.83
CA MET C 372 13.68 -20.11 -22.89
C MET C 372 13.06 -20.59 -21.59
N GLY C 373 13.45 -21.78 -21.16
CA GLY C 373 13.00 -22.40 -19.90
C GLY C 373 14.07 -22.42 -18.81
N PHE C 374 13.63 -22.10 -17.59
CA PHE C 374 14.50 -21.99 -16.42
C PHE C 374 14.06 -23.00 -15.37
N GLY C 375 15.00 -23.76 -14.84
CA GLY C 375 14.64 -24.76 -13.86
C GLY C 375 15.79 -25.31 -13.03
N PRO C 376 15.54 -26.45 -12.38
CA PRO C 376 16.56 -27.07 -11.54
C PRO C 376 17.89 -27.26 -12.26
N GLY C 377 18.98 -26.99 -11.55
CA GLY C 377 20.28 -27.18 -12.18
C GLY C 377 21.38 -26.27 -11.65
N VAL C 378 21.21 -24.97 -11.86
CA VAL C 378 20.09 -24.40 -12.58
C VAL C 378 20.20 -24.66 -14.11
N THR C 379 19.09 -25.03 -14.74
CA THR C 379 19.07 -25.36 -16.17
C THR C 379 18.43 -24.24 -16.97
N VAL C 380 19.04 -23.87 -18.09
CA VAL C 380 18.42 -23.00 -19.08
C VAL C 380 18.32 -23.77 -20.38
N GLU C 381 17.09 -24.07 -20.80
CA GLU C 381 16.78 -24.59 -22.14
C GLU C 381 16.55 -23.39 -23.06
N THR C 382 17.35 -23.26 -24.13
CA THR C 382 17.21 -22.16 -25.09
C THR C 382 16.77 -22.73 -26.44
N ILE C 383 15.61 -22.30 -26.93
CA ILE C 383 15.03 -22.77 -28.18
C ILE C 383 14.86 -21.59 -29.12
N VAL C 384 15.51 -21.66 -30.28
CA VAL C 384 15.35 -20.68 -31.36
C VAL C 384 14.18 -21.12 -32.23
N LEU C 385 13.12 -20.31 -32.20
CA LEU C 385 11.90 -20.46 -32.97
C LEU C 385 11.90 -19.50 -34.14
N ARG C 386 11.16 -19.89 -35.19
CA ARG C 386 10.88 -19.08 -36.37
C ARG C 386 9.38 -19.00 -36.62
N ALA C 387 8.86 -17.79 -36.73
CA ALA C 387 7.45 -17.55 -36.98
C ALA C 387 7.07 -17.78 -38.44
N ILE C 388 5.77 -18.06 -38.66
CA ILE C 388 5.20 -18.26 -40.00
C ILE C 388 4.41 -17.01 -40.37
N SER C 389 4.47 -16.62 -41.63
CA SER C 389 3.80 -15.40 -42.09
C SER C 389 2.31 -15.65 -42.28
N VAL C 390 1.50 -14.78 -41.67
CA VAL C 390 0.04 -14.82 -41.78
C VAL C 390 -0.48 -13.92 -42.91
N ARG D 12 -32.18 -23.08 36.51
CA ARG D 12 -33.00 -24.24 36.80
C ARG D 12 -32.15 -25.41 37.27
N ARG D 13 -31.03 -25.63 36.58
CA ARG D 13 -30.10 -26.73 36.75
C ARG D 13 -30.68 -28.07 36.30
N PRO D 14 -29.91 -28.88 35.57
CA PRO D 14 -30.39 -30.22 35.21
C PRO D 14 -30.35 -31.17 36.40
N HIS D 15 -31.28 -32.13 36.39
CA HIS D 15 -31.40 -33.05 37.53
C HIS D 15 -30.15 -33.89 37.67
N GLY D 16 -29.74 -34.55 36.59
CA GLY D 16 -28.80 -35.64 36.65
C GLY D 16 -27.34 -35.24 36.54
N LEU D 17 -26.49 -36.26 36.39
CA LEU D 17 -25.04 -36.12 36.40
C LEU D 17 -24.51 -35.62 35.05
N ALA D 18 -23.39 -34.91 35.12
CA ALA D 18 -22.64 -34.59 33.92
C ALA D 18 -22.10 -35.89 33.33
N SER D 19 -22.38 -36.11 32.05
CA SER D 19 -22.07 -37.36 31.36
C SER D 19 -21.16 -37.13 30.15
N ILE D 20 -20.21 -38.03 29.93
CA ILE D 20 -19.38 -38.01 28.73
C ILE D 20 -20.21 -38.54 27.57
N LEU D 21 -20.38 -37.71 26.54
CA LEU D 21 -21.26 -38.01 25.43
C LEU D 21 -20.55 -38.51 24.16
N ALA D 22 -19.28 -38.16 23.97
CA ALA D 22 -18.45 -38.66 22.88
C ALA D 22 -17.01 -38.35 23.23
N ILE D 23 -16.08 -39.16 22.69
CA ILE D 23 -14.64 -39.03 22.89
C ILE D 23 -13.92 -39.14 21.56
N GLY D 24 -13.09 -38.17 21.23
CA GLY D 24 -12.23 -38.25 20.05
C GLY D 24 -10.78 -37.98 20.35
N THR D 25 -9.90 -38.69 19.66
CA THR D 25 -8.48 -38.51 19.90
C THR D 25 -7.76 -38.24 18.58
N ALA D 26 -6.55 -37.69 18.71
CA ALA D 26 -5.71 -37.37 17.56
C ALA D 26 -4.28 -37.28 18.03
N ASN D 27 -3.34 -37.59 17.14
CA ASN D 27 -1.92 -37.56 17.44
C ASN D 27 -1.20 -37.02 16.21
N PRO D 28 -0.03 -36.38 16.36
CA PRO D 28 0.75 -36.03 15.17
C PRO D 28 1.04 -37.28 14.34
N SER D 29 1.20 -37.08 13.05
CA SER D 29 1.21 -38.25 12.19
C SER D 29 2.56 -38.91 12.12
N ASN D 30 3.56 -38.38 12.81
CA ASN D 30 4.87 -38.99 12.77
C ASN D 30 5.02 -39.96 13.94
N CYS D 31 5.32 -41.20 13.62
CA CYS D 31 5.45 -42.27 14.60
C CYS D 31 6.92 -42.64 14.76
N PHE D 32 7.33 -42.86 16.01
CA PHE D 32 8.70 -43.18 16.36
C PHE D 32 8.68 -44.47 17.16
N ASN D 33 9.16 -45.56 16.54
CA ASN D 33 9.37 -46.81 17.25
C ASN D 33 10.42 -46.61 18.33
N GLN D 34 10.14 -47.15 19.52
CA GLN D 34 11.08 -46.99 20.61
C GLN D 34 12.34 -47.79 20.36
N ASP D 35 12.22 -48.91 19.63
CA ASP D 35 13.40 -49.69 19.28
C ASP D 35 14.41 -48.79 18.58
N GLU D 36 13.91 -47.87 17.78
CA GLU D 36 14.75 -47.03 16.96
C GLU D 36 15.01 -45.68 17.60
N PHE D 37 14.40 -45.41 18.74
CA PHE D 37 14.52 -44.07 19.34
C PHE D 37 15.86 -43.75 19.99
N PRO D 38 16.56 -44.70 20.64
CA PRO D 38 17.91 -44.35 21.15
C PRO D 38 18.84 -43.87 20.07
N ASP D 39 18.97 -44.62 18.96
CA ASP D 39 19.85 -44.20 17.87
C ASP D 39 19.39 -42.86 17.28
N TYR D 40 18.10 -42.77 16.88
CA TYR D 40 17.54 -41.57 16.28
C TYR D 40 17.83 -40.35 17.14
N SER D 41 17.35 -40.40 18.38
CA SER D 41 17.49 -39.26 19.29
C SER D 41 18.93 -38.80 19.37
N PHE D 42 19.87 -39.73 19.48
CA PHE D 42 21.23 -39.26 19.70
C PHE D 42 21.88 -38.73 18.41
N ARG D 43 21.36 -39.11 17.24
CA ARG D 43 21.88 -38.56 16.00
C ARG D 43 21.41 -37.12 15.79
N VAL D 44 20.11 -36.85 15.97
CA VAL D 44 19.59 -35.51 15.71
C VAL D 44 19.94 -34.52 16.84
N THR D 45 20.14 -34.99 18.08
CA THR D 45 20.59 -34.04 19.09
C THR D 45 22.09 -33.86 18.99
N LYS D 46 22.69 -34.56 18.02
CA LYS D 46 24.09 -34.43 17.67
C LYS D 46 24.93 -34.78 18.89
N SER D 47 24.73 -36.02 19.35
CA SER D 47 25.28 -36.52 20.60
C SER D 47 25.77 -37.95 20.47
N GLU D 48 26.20 -38.37 19.28
CA GLU D 48 26.56 -39.77 19.12
C GLU D 48 27.85 -40.11 19.84
N HIS D 49 28.65 -39.11 20.21
CA HIS D 49 29.89 -39.32 20.94
C HIS D 49 29.71 -39.42 22.45
N LEU D 50 28.51 -39.16 22.94
CA LEU D 50 28.21 -39.28 24.36
C LEU D 50 27.65 -40.68 24.68
N THR D 51 28.48 -41.69 24.39
CA THR D 51 27.96 -43.06 24.38
C THR D 51 27.63 -43.57 25.77
N SER D 52 28.39 -43.19 26.79
CA SER D 52 28.03 -43.52 28.17
C SER D 52 26.55 -43.24 28.36
N LEU D 53 26.16 -42.08 27.89
CA LEU D 53 24.80 -41.60 28.05
C LEU D 53 23.87 -42.31 27.06
N LYS D 54 24.38 -42.64 25.87
CA LYS D 54 23.55 -43.36 24.91
C LYS D 54 23.11 -44.70 25.45
N ASP D 55 24.04 -45.50 25.97
CA ASP D 55 23.63 -46.74 26.62
C ASP D 55 22.65 -46.51 27.74
N LYS D 56 22.98 -45.61 28.68
CA LYS D 56 22.05 -45.41 29.80
C LYS D 56 20.64 -45.15 29.28
N PHE D 57 20.56 -44.40 28.18
CA PHE D 57 19.25 -44.09 27.58
C PHE D 57 18.62 -45.34 26.94
N LYS D 58 19.42 -46.16 26.25
CA LYS D 58 18.89 -47.38 25.66
C LYS D 58 18.35 -48.31 26.73
N ARG D 59 18.99 -48.30 27.92
CA ARG D 59 18.46 -49.04 29.08
C ARG D 59 17.09 -48.53 29.43
N ILE D 60 16.98 -47.20 29.60
CA ILE D 60 15.70 -46.62 30.02
C ILE D 60 14.62 -46.95 28.99
N CYS D 61 14.96 -46.87 27.71
CA CYS D 61 13.94 -47.15 26.70
C CYS D 61 13.48 -48.59 26.78
N GLU D 62 14.41 -49.52 27.03
CA GLU D 62 14.03 -50.92 27.19
C GLU D 62 13.10 -51.13 28.38
N ARG D 63 13.38 -50.47 29.52
CA ARG D 63 12.49 -50.58 30.70
C ARG D 63 11.24 -49.68 30.59
N SER D 64 11.10 -48.88 29.53
CA SER D 64 9.99 -47.94 29.43
C SER D 64 8.61 -48.60 29.28
N THR D 65 8.53 -49.76 28.64
CA THR D 65 7.28 -50.44 28.24
C THR D 65 6.54 -49.68 27.15
N VAL D 66 7.17 -48.69 26.51
CA VAL D 66 6.58 -47.92 25.41
C VAL D 66 7.07 -48.48 24.09
N ARG D 67 6.16 -48.82 23.17
CA ARG D 67 6.58 -49.41 21.90
C ARG D 67 6.77 -48.39 20.79
N LYS D 68 5.81 -47.47 20.67
CA LYS D 68 5.82 -46.33 19.77
C LYS D 68 5.42 -45.06 20.50
N ARG D 69 5.74 -43.92 19.87
CA ARG D 69 5.24 -42.61 20.26
C ARG D 69 4.89 -41.80 19.02
N TYR D 70 4.04 -40.79 19.19
CA TYR D 70 3.74 -39.84 18.12
C TYR D 70 4.24 -38.48 18.56
N LEU D 71 5.18 -37.94 17.81
CA LEU D 71 5.85 -36.71 18.19
C LEU D 71 5.68 -35.68 17.11
N HIS D 72 5.50 -34.42 17.52
CA HIS D 72 5.47 -33.37 16.51
C HIS D 72 6.86 -32.87 16.12
N LEU D 73 7.83 -32.82 17.04
CA LEU D 73 9.21 -32.57 16.62
C LEU D 73 9.72 -33.71 15.75
N THR D 74 9.87 -33.42 14.47
CA THR D 74 10.53 -34.28 13.49
C THR D 74 12.00 -33.88 13.36
N GLU D 75 12.79 -34.71 12.68
CA GLU D 75 14.14 -34.28 12.38
C GLU D 75 14.12 -32.95 11.63
N GLU D 76 13.13 -32.74 10.76
CA GLU D 76 13.10 -31.53 9.95
C GLU D 76 12.97 -30.28 10.83
N LEU D 77 12.05 -30.32 11.80
CA LEU D 77 11.87 -29.17 12.68
C LEU D 77 13.16 -28.84 13.41
N LEU D 78 13.85 -29.87 13.92
CA LEU D 78 15.11 -29.63 14.62
C LEU D 78 16.21 -29.13 13.70
N GLN D 79 16.15 -29.45 12.41
CA GLN D 79 17.10 -28.86 11.46
C GLN D 79 16.84 -27.39 11.28
N GLU D 80 15.58 -27.00 11.41
CA GLU D 80 15.32 -25.61 11.17
C GLU D 80 15.32 -24.73 12.41
N TYR D 81 15.13 -25.33 13.59
CA TYR D 81 15.20 -24.62 14.88
C TYR D 81 16.26 -25.37 15.69
N PRO D 82 17.52 -25.22 15.33
CA PRO D 82 18.56 -26.08 15.90
C PRO D 82 18.82 -25.81 17.37
N SER D 83 18.38 -24.68 17.92
CA SER D 83 18.52 -24.49 19.36
C SER D 83 17.77 -25.56 20.13
N ILE D 84 16.57 -25.96 19.67
CA ILE D 84 15.73 -26.89 20.43
C ILE D 84 16.45 -28.21 20.62
N ALA D 85 17.32 -28.59 19.69
CA ALA D 85 18.06 -29.85 19.77
C ALA D 85 19.25 -29.79 20.73
N THR D 86 19.59 -28.63 21.28
CA THR D 86 20.64 -28.59 22.29
C THR D 86 20.02 -29.01 23.60
N TYR D 87 20.77 -28.85 24.67
CA TYR D 87 20.19 -28.94 26.00
C TYR D 87 19.68 -27.60 26.52
N ASP D 88 20.53 -26.59 26.45
CA ASP D 88 20.50 -25.48 27.36
C ASP D 88 20.28 -24.13 26.67
N ALA D 89 20.34 -24.09 25.33
CA ALA D 89 20.35 -22.85 24.55
C ALA D 89 19.00 -22.13 24.60
N PRO D 90 19.01 -20.83 24.36
CA PRO D 90 17.74 -20.09 24.26
C PRO D 90 16.89 -20.64 23.12
N SER D 91 15.69 -21.13 23.48
CA SER D 91 14.84 -21.79 22.51
C SER D 91 13.35 -21.55 22.70
N LEU D 92 12.92 -20.87 23.76
CA LEU D 92 11.50 -20.73 24.03
C LEU D 92 10.74 -20.12 22.84
N ASP D 93 11.31 -19.07 22.24
CA ASP D 93 10.60 -18.37 21.15
C ASP D 93 10.29 -19.33 20.00
N ALA D 94 11.25 -20.20 19.66
CA ALA D 94 11.08 -21.22 18.62
C ALA D 94 10.01 -22.24 19.01
N ARG D 95 10.12 -22.79 20.22
CA ARG D 95 9.12 -23.73 20.70
C ARG D 95 7.73 -23.09 20.60
N GLN D 96 7.61 -21.83 21.02
CA GLN D 96 6.35 -21.10 20.96
C GLN D 96 5.86 -20.94 19.52
N GLU D 97 6.79 -20.60 18.61
CA GLU D 97 6.49 -20.50 17.20
C GLU D 97 5.87 -21.78 16.63
N ILE D 98 6.42 -22.93 17.03
CA ILE D 98 5.87 -24.22 16.58
C ILE D 98 4.50 -24.46 17.20
N GLU D 99 4.39 -24.23 18.51
CA GLU D 99 3.29 -24.75 19.33
C GLU D 99 2.03 -23.91 19.23
N VAL D 100 2.15 -22.58 19.16
CA VAL D 100 0.94 -21.78 19.01
C VAL D 100 0.21 -22.14 17.72
N ALA D 101 0.91 -22.74 16.76
CA ALA D 101 0.22 -23.25 15.59
C ALA D 101 -0.32 -24.66 15.84
N GLU D 102 0.51 -25.55 16.38
CA GLU D 102 0.16 -26.95 16.26
C GLU D 102 -0.77 -27.46 17.35
N VAL D 103 -0.77 -26.84 18.55
CA VAL D 103 -1.75 -27.21 19.57
C VAL D 103 -3.19 -27.00 19.11
N PRO D 104 -3.56 -25.87 18.54
CA PRO D 104 -4.94 -25.78 18.04
C PRO D 104 -5.22 -26.71 16.86
N LYS D 105 -4.26 -26.90 15.95
CA LYS D 105 -4.53 -27.73 14.78
C LYS D 105 -4.77 -29.18 15.17
N LEU D 106 -3.99 -29.70 16.12
CA LEU D 106 -4.23 -31.05 16.64
C LEU D 106 -5.53 -31.12 17.43
N ALA D 107 -5.73 -30.18 18.35
CA ALA D 107 -6.96 -30.14 19.13
C ALA D 107 -8.18 -30.15 18.21
N ALA D 108 -8.12 -29.44 17.10
CA ALA D 108 -9.27 -29.40 16.22
C ALA D 108 -9.55 -30.80 15.65
N ARG D 109 -8.51 -31.58 15.35
CA ARG D 109 -8.71 -32.95 14.89
C ARG D 109 -9.45 -33.78 15.95
N ALA D 110 -8.97 -33.75 17.20
CA ALA D 110 -9.58 -34.57 18.25
C ALA D 110 -10.98 -34.09 18.59
N ALA D 111 -11.16 -32.79 18.71
CA ALA D 111 -12.48 -32.24 18.96
C ALA D 111 -13.44 -32.58 17.84
N SER D 112 -13.03 -32.36 16.59
CA SER D 112 -13.85 -32.65 15.45
C SER D 112 -14.41 -34.05 15.56
N ARG D 113 -13.53 -35.00 15.85
CA ARG D 113 -13.98 -36.38 15.90
C ARG D 113 -14.97 -36.59 17.04
N ALA D 114 -14.76 -35.92 18.18
CA ALA D 114 -15.73 -36.01 19.27
C ALA D 114 -17.07 -35.41 18.89
N ILE D 115 -17.05 -34.31 18.15
CA ILE D 115 -18.27 -33.66 17.68
C ILE D 115 -18.97 -34.56 16.64
N GLU D 116 -18.18 -35.27 15.80
CA GLU D 116 -18.80 -36.13 14.80
C GLU D 116 -19.54 -37.27 15.48
N GLU D 117 -18.86 -37.97 16.38
CA GLU D 117 -19.51 -39.07 17.11
C GLU D 117 -20.72 -38.56 17.87
N TRP D 118 -20.56 -37.45 18.58
CA TRP D 118 -21.69 -36.79 19.21
C TRP D 118 -22.87 -36.64 18.25
N GLY D 119 -22.63 -36.13 17.05
CA GLY D 119 -23.67 -36.12 16.03
C GLY D 119 -24.62 -34.95 16.08
N GLN D 120 -24.43 -34.03 16.98
CA GLN D 120 -25.24 -32.84 17.11
C GLN D 120 -24.53 -31.65 16.46
N PRO D 121 -25.23 -30.56 16.19
CA PRO D 121 -24.54 -29.41 15.58
C PRO D 121 -23.67 -28.67 16.57
N LYS D 122 -22.65 -28.01 16.03
CA LYS D 122 -21.71 -27.32 16.90
C LYS D 122 -22.39 -26.19 17.64
N ASN D 123 -23.44 -25.61 17.02
CA ASN D 123 -24.37 -24.64 17.58
C ASN D 123 -24.49 -24.83 19.07
N LYS D 124 -24.69 -26.09 19.44
CA LYS D 124 -25.15 -26.55 20.73
C LYS D 124 -24.02 -26.54 21.76
N ILE D 125 -22.76 -26.43 21.32
CA ILE D 125 -21.62 -26.32 22.23
C ILE D 125 -21.66 -24.95 22.91
N THR D 126 -21.80 -24.97 24.25
CA THR D 126 -21.93 -23.76 25.05
C THR D 126 -20.68 -23.41 25.84
N HIS D 127 -19.84 -24.42 26.15
CA HIS D 127 -18.63 -24.25 26.96
C HIS D 127 -17.44 -24.94 26.30
N LEU D 128 -16.25 -24.39 26.51
CA LEU D 128 -14.99 -24.98 26.06
C LEU D 128 -14.00 -24.91 27.21
N ILE D 129 -13.48 -26.07 27.61
CA ILE D 129 -12.38 -26.19 28.57
C ILE D 129 -11.18 -26.73 27.83
N PHE D 130 -10.08 -25.97 27.77
CA PHE D 130 -8.97 -26.43 26.96
C PHE D 130 -7.66 -26.29 27.73
N SER D 131 -7.07 -27.46 28.02
CA SER D 131 -5.83 -27.64 28.74
C SER D 131 -4.66 -27.85 27.79
N SER D 132 -3.63 -27.03 27.94
CA SER D 132 -2.38 -27.25 27.24
C SER D 132 -1.19 -26.86 28.10
N THR D 133 -0.18 -27.73 28.13
CA THR D 133 1.09 -27.36 28.72
C THR D 133 1.80 -26.32 27.87
N SER D 134 1.60 -26.37 26.56
CA SER D 134 2.42 -25.69 25.56
C SER D 134 1.71 -24.47 24.99
N GLY D 135 2.47 -23.63 24.31
CA GLY D 135 1.90 -22.57 23.50
C GLY D 135 1.18 -21.46 24.25
N ILE D 136 1.83 -20.90 25.27
CA ILE D 136 1.19 -19.83 26.04
C ILE D 136 1.16 -18.58 25.16
N GLU D 137 -0.03 -18.02 24.93
CA GLU D 137 -0.18 -16.84 24.06
C GLU D 137 -1.44 -16.03 24.42
N LYS D 138 -1.47 -14.79 23.93
CA LYS D 138 -2.64 -13.93 24.01
C LYS D 138 -2.96 -13.45 22.60
N PRO D 139 -4.14 -13.79 22.02
CA PRO D 139 -5.19 -14.65 22.55
C PRO D 139 -4.73 -16.07 22.65
N GLY D 140 -5.33 -16.82 23.56
CA GLY D 140 -4.89 -18.17 23.81
C GLY D 140 -5.27 -19.10 22.69
N VAL D 141 -4.73 -20.32 22.78
CA VAL D 141 -5.09 -21.39 21.86
C VAL D 141 -6.59 -21.73 21.93
N ASP D 142 -7.27 -21.40 23.04
CA ASP D 142 -8.72 -21.50 23.10
C ASP D 142 -9.38 -20.63 22.03
N CYS D 143 -8.95 -19.37 21.90
CA CYS D 143 -9.52 -18.50 20.88
C CYS D 143 -9.18 -19.02 19.48
N HIS D 144 -7.94 -19.48 19.28
CA HIS D 144 -7.57 -20.11 18.02
C HIS D 144 -8.48 -21.30 17.69
N LEU D 145 -8.72 -22.17 18.69
CA LEU D 145 -9.59 -23.33 18.50
C LEU D 145 -10.99 -22.91 18.10
N VAL D 146 -11.56 -21.93 18.80
CA VAL D 146 -12.89 -21.42 18.49
C VAL D 146 -13.03 -21.09 17.00
N HIS D 147 -12.08 -20.34 16.45
CA HIS D 147 -12.14 -19.99 15.03
C HIS D 147 -11.90 -21.20 14.12
N LEU D 148 -10.96 -22.10 14.48
CA LEU D 148 -10.73 -23.27 13.60
C LEU D 148 -11.93 -24.18 13.53
N LEU D 149 -12.63 -24.36 14.63
CA LEU D 149 -13.75 -25.28 14.59
C LEU D 149 -14.99 -24.59 14.04
N GLY D 150 -15.03 -23.26 14.09
CA GLY D 150 -16.24 -22.49 13.80
C GLY D 150 -17.28 -22.66 14.89
N LEU D 151 -16.86 -22.59 16.13
CA LEU D 151 -17.72 -22.65 17.31
C LEU D 151 -18.46 -21.32 17.52
N PRO D 152 -19.56 -21.31 18.29
CA PRO D 152 -20.22 -20.03 18.60
C PRO D 152 -19.26 -19.06 19.28
N LEU D 153 -19.24 -17.82 18.78
CA LEU D 153 -18.39 -16.81 19.37
C LEU D 153 -18.75 -16.56 20.83
N SER D 154 -19.95 -16.95 21.23
CA SER D 154 -20.44 -16.80 22.58
C SER D 154 -20.00 -17.92 23.50
N VAL D 155 -19.27 -18.92 22.98
CA VAL D 155 -18.85 -20.05 23.82
C VAL D 155 -18.01 -19.57 25.00
N ASN D 156 -18.35 -20.06 26.19
CA ASN D 156 -17.63 -19.70 27.41
C ASN D 156 -16.34 -20.51 27.52
N ARG D 157 -15.21 -19.84 27.57
CA ARG D 157 -13.93 -20.51 27.51
C ARG D 157 -13.29 -20.61 28.88
N VAL D 158 -12.56 -21.70 29.09
CA VAL D 158 -11.69 -21.89 30.25
C VAL D 158 -10.35 -22.39 29.73
N MET D 159 -9.34 -21.51 29.73
CA MET D 159 -8.03 -21.79 29.17
C MET D 159 -7.06 -22.17 30.29
N LEU D 160 -6.63 -23.43 30.33
CA LEU D 160 -5.79 -23.97 31.38
C LEU D 160 -4.38 -24.26 30.84
N TYR D 161 -3.46 -23.32 31.08
CA TYR D 161 -2.08 -23.44 30.62
C TYR D 161 -1.17 -24.12 31.65
N THR D 162 -0.41 -25.13 31.22
CA THR D 162 0.76 -25.60 31.96
C THR D 162 0.37 -26.12 33.35
N ILE D 163 -0.23 -27.30 33.37
CA ILE D 163 -0.83 -27.74 34.64
C ILE D 163 0.06 -28.71 35.45
N GLY D 164 0.47 -29.86 34.91
CA GLY D 164 0.16 -30.41 33.62
C GLY D 164 -0.25 -31.88 33.59
N CYS D 165 0.45 -32.79 34.30
CA CYS D 165 0.22 -34.23 34.09
C CYS D 165 -1.16 -34.69 34.57
N HIS D 166 -1.73 -34.06 35.60
CA HIS D 166 -3.02 -34.48 36.16
C HIS D 166 -4.18 -33.75 35.54
N ALA D 167 -3.91 -32.85 34.58
CA ALA D 167 -4.94 -31.99 34.04
C ALA D 167 -6.09 -32.78 33.44
N GLY D 168 -5.79 -33.99 32.93
CA GLY D 168 -6.85 -34.86 32.47
C GLY D 168 -7.93 -35.01 33.52
N GLY D 169 -7.53 -34.99 34.80
CA GLY D 169 -8.51 -34.94 35.87
C GLY D 169 -9.15 -33.57 36.00
N THR D 170 -8.34 -32.52 35.90
CA THR D 170 -8.85 -31.17 36.11
C THR D 170 -9.99 -30.84 35.16
N VAL D 171 -9.82 -31.15 33.86
CA VAL D 171 -10.80 -30.74 32.87
C VAL D 171 -12.13 -31.41 33.15
N LEU D 172 -12.12 -32.68 33.56
CA LEU D 172 -13.33 -33.38 33.97
C LEU D 172 -13.95 -32.76 35.21
N ARG D 173 -13.12 -32.41 36.22
CA ARG D 173 -13.67 -31.78 37.42
C ARG D 173 -14.38 -30.47 37.10
N ILE D 174 -13.75 -29.64 36.27
CA ILE D 174 -14.33 -28.34 35.93
C ILE D 174 -15.58 -28.51 35.07
N ALA D 175 -15.51 -29.43 34.11
CA ALA D 175 -16.67 -29.70 33.28
C ALA D 175 -17.87 -30.12 34.12
N LYS D 176 -17.65 -30.89 35.19
CA LYS D 176 -18.78 -31.27 36.04
C LYS D 176 -19.58 -30.05 36.50
N ASP D 177 -18.91 -29.09 37.16
CA ASP D 177 -19.60 -27.92 37.72
C ASP D 177 -20.20 -27.05 36.61
N LEU D 178 -19.52 -26.91 35.48
CA LEU D 178 -20.14 -26.16 34.39
C LEU D 178 -21.37 -26.86 33.83
N ALA D 179 -21.27 -28.17 33.56
CA ALA D 179 -22.36 -28.89 32.91
C ALA D 179 -23.58 -28.99 33.81
N GLU D 180 -23.36 -29.15 35.10
CA GLU D 180 -24.46 -29.47 35.99
C GLU D 180 -25.21 -28.24 36.45
N ASN D 181 -24.62 -27.07 36.26
CA ASN D 181 -25.19 -25.81 36.70
C ASN D 181 -25.70 -24.94 35.56
N ASN D 182 -25.63 -25.42 34.33
CA ASN D 182 -26.14 -24.69 33.17
C ASN D 182 -27.02 -25.70 32.46
N VAL D 183 -28.33 -25.58 32.61
CA VAL D 183 -29.23 -26.55 32.00
C VAL D 183 -29.23 -26.35 30.49
N GLY D 184 -29.13 -27.46 29.76
CA GLY D 184 -28.98 -27.47 28.32
C GLY D 184 -27.57 -27.28 27.85
N SER D 185 -26.63 -27.00 28.75
CA SER D 185 -25.22 -26.79 28.39
C SER D 185 -24.54 -28.05 27.84
N ARG D 186 -23.65 -27.85 26.88
CA ARG D 186 -22.85 -28.92 26.28
C ARG D 186 -21.41 -28.46 26.22
N VAL D 187 -20.54 -29.12 26.97
CA VAL D 187 -19.17 -28.69 27.18
C VAL D 187 -18.25 -29.44 26.22
N LEU D 188 -17.44 -28.71 25.46
CA LEU D 188 -16.34 -29.28 24.69
C LEU D 188 -15.06 -29.17 25.51
N VAL D 189 -14.46 -30.32 25.84
CA VAL D 189 -13.26 -30.42 26.65
C VAL D 189 -12.12 -30.90 25.76
N VAL D 190 -10.95 -30.27 25.87
CA VAL D 190 -9.79 -30.67 25.10
C VAL D 190 -8.54 -30.57 25.98
N CYS D 191 -7.76 -31.66 26.06
CA CYS D 191 -6.37 -31.59 26.48
C CYS D 191 -5.51 -31.87 25.25
N SER D 192 -4.63 -30.93 24.91
CA SER D 192 -3.78 -31.12 23.74
C SER D 192 -2.33 -30.98 24.15
N GLU D 193 -1.58 -32.07 24.16
CA GLU D 193 -0.23 -32.04 24.70
C GLU D 193 0.82 -32.39 23.63
N LEU D 194 1.81 -31.50 23.48
CA LEU D 194 3.02 -31.72 22.68
C LEU D 194 4.28 -31.59 23.53
N THR D 195 5.29 -32.42 23.28
CA THR D 195 6.54 -32.32 24.02
C THR D 195 7.51 -31.30 23.43
N VAL D 196 7.04 -30.47 22.49
CA VAL D 196 7.93 -29.52 21.82
C VAL D 196 8.51 -28.53 22.82
N MET D 197 7.73 -28.18 23.83
CA MET D 197 8.19 -27.19 24.82
C MET D 197 9.20 -27.75 25.81
N THR D 198 9.19 -29.07 26.05
CA THR D 198 10.06 -29.70 27.05
C THR D 198 11.26 -30.42 26.45
N PHE D 199 11.21 -30.75 25.17
CA PHE D 199 12.26 -31.53 24.53
C PHE D 199 13.59 -30.81 24.55
N ARG D 200 14.65 -31.55 24.88
CA ARG D 200 15.99 -30.99 24.80
C ARG D 200 16.98 -32.13 24.71
N GLY D 201 18.21 -31.81 24.32
CA GLY D 201 19.27 -32.79 24.24
C GLY D 201 19.56 -33.51 25.55
N PRO D 202 20.30 -34.61 25.48
CA PRO D 202 20.65 -35.35 26.70
C PRO D 202 21.83 -34.73 27.42
N SER D 203 21.88 -34.92 28.74
CA SER D 203 23.03 -34.49 29.53
C SER D 203 23.19 -35.39 30.76
N GLU D 204 24.43 -35.66 31.12
CA GLU D 204 24.66 -36.43 32.33
C GLU D 204 24.34 -35.64 33.60
N THR D 205 23.90 -34.39 33.46
CA THR D 205 23.52 -33.57 34.60
C THR D 205 22.03 -33.66 34.94
N ASP D 206 21.22 -34.20 34.02
CA ASP D 206 19.75 -34.21 34.08
C ASP D 206 19.25 -35.60 33.67
N LEU D 207 19.18 -36.50 34.64
CA LEU D 207 18.64 -37.82 34.41
C LEU D 207 17.13 -37.79 34.24
N ALA D 208 16.49 -36.75 34.77
CA ALA D 208 15.05 -36.66 34.66
C ALA D 208 14.62 -36.44 33.21
N ASN D 209 15.28 -35.52 32.49
CA ASN D 209 15.01 -35.35 31.06
C ASN D 209 15.44 -36.52 30.19
N LEU D 210 16.37 -37.37 30.61
CA LEU D 210 16.50 -38.64 29.90
C LEU D 210 15.25 -39.49 30.06
N ILE D 211 14.82 -39.70 31.30
CA ILE D 211 13.57 -40.42 31.51
C ILE D 211 12.47 -39.83 30.62
N ARG D 212 12.32 -38.50 30.67
CA ARG D 212 11.27 -37.83 29.88
C ARG D 212 11.42 -38.14 28.40
N MET D 213 12.62 -37.91 27.81
CA MET D 213 12.60 -38.13 26.37
C MET D 213 12.49 -39.60 26.06
N GLY D 214 12.49 -40.45 27.07
CA GLY D 214 12.17 -41.84 26.79
C GLY D 214 10.68 -42.14 26.86
N ILE D 215 9.95 -41.51 27.77
CA ILE D 215 8.57 -41.91 28.06
C ILE D 215 7.56 -41.09 27.27
N PHE D 216 7.82 -39.79 27.08
CA PHE D 216 6.78 -38.80 26.77
C PHE D 216 6.46 -38.67 25.28
N GLY D 217 5.17 -38.76 24.94
CA GLY D 217 4.71 -38.51 23.60
C GLY D 217 3.64 -37.42 23.54
N ASP D 218 3.32 -37.04 22.30
CA ASP D 218 2.29 -36.08 21.95
C ASP D 218 0.96 -36.78 21.71
N GLY D 219 -0.11 -36.00 21.82
CA GLY D 219 -1.46 -36.49 21.59
C GLY D 219 -2.47 -35.50 22.13
N ALA D 220 -3.67 -35.48 21.58
CA ALA D 220 -4.76 -34.65 22.09
C ALA D 220 -6.03 -35.48 22.21
N ALA D 221 -6.79 -35.24 23.27
CA ALA D 221 -8.10 -35.85 23.39
C ALA D 221 -9.13 -34.77 23.72
N ALA D 222 -10.25 -34.83 23.01
CA ALA D 222 -11.41 -33.98 23.21
C ALA D 222 -12.59 -34.86 23.54
N LEU D 223 -13.50 -34.29 24.32
CA LEU D 223 -14.72 -34.98 24.72
C LEU D 223 -15.86 -34.01 24.99
N ILE D 224 -17.08 -34.49 24.77
CA ILE D 224 -18.30 -33.71 24.94
C ILE D 224 -18.94 -34.11 26.26
N ILE D 225 -19.13 -33.15 27.15
CA ILE D 225 -19.79 -33.39 28.44
C ILE D 225 -21.11 -32.64 28.53
N GLY D 226 -22.17 -33.34 28.91
CA GLY D 226 -23.45 -32.70 29.20
C GLY D 226 -24.24 -33.51 30.20
N ALA D 227 -25.07 -32.82 31.00
CA ALA D 227 -26.04 -33.46 31.89
C ALA D 227 -27.43 -33.43 31.27
N ASP D 228 -28.29 -34.33 31.75
CA ASP D 228 -29.61 -34.54 31.17
C ASP D 228 -29.52 -34.74 29.66
N PRO D 229 -28.83 -35.77 29.21
CA PRO D 229 -28.79 -36.02 27.78
C PRO D 229 -30.16 -36.45 27.27
N ASP D 230 -30.54 -35.94 26.11
CA ASP D 230 -31.68 -36.46 25.39
C ASP D 230 -31.30 -37.83 24.85
N LEU D 231 -31.78 -38.91 25.49
CA LEU D 231 -31.37 -40.22 25.01
C LEU D 231 -31.90 -40.53 23.63
N SER D 232 -32.79 -39.69 23.08
CA SER D 232 -33.15 -39.82 21.67
C SER D 232 -31.95 -39.59 20.78
N ILE D 233 -31.03 -38.74 21.24
CA ILE D 233 -29.98 -38.21 20.37
C ILE D 233 -28.59 -38.29 20.96
N GLU D 234 -28.44 -38.47 22.27
CA GLU D 234 -27.14 -38.54 22.90
C GLU D 234 -27.03 -39.86 23.65
N LYS D 235 -25.86 -40.49 23.63
CA LYS D 235 -25.63 -41.78 24.29
C LYS D 235 -24.55 -41.60 25.36
N PRO D 236 -24.89 -41.45 26.65
CA PRO D 236 -23.82 -41.29 27.66
C PRO D 236 -22.91 -42.52 27.72
N ILE D 237 -21.61 -42.27 27.86
CA ILE D 237 -20.61 -43.32 27.93
C ILE D 237 -20.15 -43.54 29.37
N PHE D 238 -19.89 -42.45 30.08
CA PHE D 238 -19.54 -42.46 31.48
C PHE D 238 -20.19 -41.25 32.13
N GLU D 239 -20.39 -41.37 33.43
CA GLU D 239 -20.91 -40.31 34.26
C GLU D 239 -19.86 -39.84 35.26
N ILE D 240 -19.83 -38.52 35.48
CA ILE D 240 -18.91 -37.91 36.43
C ILE D 240 -19.65 -37.76 37.76
N PHE D 241 -19.46 -38.76 38.64
CA PHE D 241 -20.16 -38.84 39.92
C PHE D 241 -19.59 -37.89 40.98
N SER D 242 -18.26 -37.87 41.14
CA SER D 242 -17.62 -37.01 42.12
C SER D 242 -16.23 -36.63 41.61
N ALA D 243 -15.77 -35.44 42.00
CA ALA D 243 -14.41 -35.03 41.63
C ALA D 243 -13.79 -34.33 42.83
N SER D 244 -12.73 -34.91 43.38
CA SER D 244 -11.95 -34.30 44.45
C SER D 244 -10.52 -34.06 43.99
N GLN D 245 -9.88 -33.08 44.58
CA GLN D 245 -8.45 -32.84 44.38
C GLN D 245 -7.77 -32.74 45.73
N THR D 246 -6.50 -33.16 45.77
CA THR D 246 -5.74 -33.08 47.02
C THR D 246 -4.28 -32.82 46.73
N LEU D 247 -3.61 -32.22 47.73
CA LEU D 247 -2.17 -32.07 47.70
C LEU D 247 -1.51 -33.07 48.63
N VAL D 248 -0.47 -33.73 48.14
CA VAL D 248 0.37 -34.58 48.96
C VAL D 248 1.39 -33.70 49.69
N PRO D 249 1.41 -33.70 51.02
CA PRO D 249 2.31 -32.80 51.75
C PRO D 249 3.78 -33.04 51.43
N ASN D 250 4.57 -31.96 51.34
CA ASN D 250 6.04 -32.05 51.13
C ASN D 250 6.41 -32.73 49.83
N THR D 251 5.74 -32.35 48.76
CA THR D 251 6.08 -32.92 47.47
C THR D 251 6.11 -31.85 46.40
N SER D 252 5.90 -30.59 46.74
CA SER D 252 6.50 -29.57 45.92
C SER D 252 7.96 -29.98 45.82
N LYS D 253 8.55 -29.76 44.67
CA LYS D 253 9.95 -30.09 44.40
C LYS D 253 10.09 -31.56 44.03
N ALA D 254 9.03 -32.36 44.07
CA ALA D 254 9.13 -33.74 43.61
C ALA D 254 8.80 -33.90 42.14
N ILE D 255 7.86 -33.11 41.63
CA ILE D 255 7.53 -33.02 40.22
C ILE D 255 7.50 -31.56 39.88
N ARG D 256 8.40 -31.12 39.02
CA ARG D 256 8.68 -29.70 38.85
C ARG D 256 8.76 -29.33 37.38
N GLY D 257 8.52 -28.05 37.10
CA GLY D 257 8.71 -27.49 35.78
C GLY D 257 8.46 -26.00 35.75
N ARG D 258 9.29 -25.26 35.02
CA ARG D 258 9.16 -23.80 34.86
C ARG D 258 9.38 -23.43 33.40
N VAL D 259 8.59 -22.47 32.90
CA VAL D 259 8.87 -21.92 31.58
C VAL D 259 10.05 -20.96 31.69
N LYS D 260 11.15 -21.29 31.01
CA LYS D 260 12.38 -20.52 31.05
C LYS D 260 12.84 -20.18 29.63
N GLU D 261 13.92 -19.40 29.55
CA GLU D 261 14.47 -19.07 28.25
C GLU D 261 14.75 -20.34 27.46
N MET D 262 15.15 -21.40 28.15
CA MET D 262 15.49 -22.66 27.51
C MET D 262 14.27 -23.55 27.29
N GLY D 263 13.07 -23.02 27.49
CA GLY D 263 11.88 -23.85 27.39
C GLY D 263 11.30 -24.23 28.73
N LEU D 264 10.48 -25.27 28.72
CA LEU D 264 9.85 -25.77 29.94
C LEU D 264 10.76 -26.81 30.57
N THR D 265 11.31 -26.49 31.73
CA THR D 265 12.13 -27.45 32.46
C THR D 265 11.30 -28.61 32.99
N PHE D 266 11.98 -29.70 33.33
CA PHE D 266 11.28 -30.91 33.73
C PHE D 266 12.11 -31.68 34.75
N TYR D 267 11.49 -31.94 35.90
CA TYR D 267 12.02 -32.83 36.93
C TYR D 267 10.92 -33.68 37.54
N VAL D 268 11.19 -34.98 37.66
CA VAL D 268 10.40 -35.88 38.49
C VAL D 268 11.36 -36.62 39.42
N ASP D 269 11.16 -36.49 40.72
CA ASP D 269 11.99 -37.15 41.71
C ASP D 269 11.80 -38.67 41.62
N LYS D 270 12.83 -39.42 41.97
CA LYS D 270 12.74 -40.88 41.88
C LYS D 270 11.79 -41.48 42.91
N MET D 271 11.32 -40.72 43.88
CA MET D 271 10.42 -41.22 44.90
C MET D 271 8.97 -41.16 44.49
N VAL D 272 8.67 -40.58 43.31
CA VAL D 272 7.27 -40.40 42.89
C VAL D 272 6.44 -41.69 42.84
N PRO D 273 6.92 -42.80 42.26
CA PRO D 273 6.10 -44.03 42.30
C PRO D 273 5.70 -44.41 43.72
N THR D 274 6.67 -44.40 44.63
CA THR D 274 6.41 -44.74 46.01
C THR D 274 5.46 -43.76 46.67
N LEU D 275 5.64 -42.46 46.41
CA LEU D 275 4.74 -41.43 46.96
C LEU D 275 3.31 -41.66 46.52
N VAL D 276 3.11 -41.91 45.23
CA VAL D 276 1.76 -42.11 44.72
C VAL D 276 1.14 -43.33 45.37
N ALA D 277 1.83 -44.48 45.30
CA ALA D 277 1.26 -45.70 45.88
C ALA D 277 1.02 -45.54 47.37
N SER D 278 1.94 -44.89 48.07
CA SER D 278 1.78 -44.58 49.49
C SER D 278 0.57 -43.70 49.76
N ASN D 279 0.20 -42.83 48.85
CA ASN D 279 -0.85 -41.91 49.23
C ASN D 279 -2.20 -42.24 48.58
N ILE D 280 -2.24 -43.22 47.66
CA ILE D 280 -3.43 -43.45 46.83
C ILE D 280 -4.62 -43.96 47.64
N GLU D 281 -4.37 -44.81 48.64
CA GLU D 281 -5.48 -45.43 49.36
C GLU D 281 -6.34 -44.36 50.01
N GLN D 282 -5.71 -43.30 50.53
CA GLN D 282 -6.47 -42.25 51.19
C GLN D 282 -7.42 -41.56 50.20
N CYS D 283 -6.91 -41.15 49.04
CA CYS D 283 -7.75 -40.46 48.07
C CYS D 283 -8.90 -41.35 47.64
N LEU D 284 -8.58 -42.63 47.47
CA LEU D 284 -9.51 -43.59 46.93
C LEU D 284 -10.58 -43.92 47.97
N ASP D 285 -10.17 -43.90 49.25
CA ASP D 285 -11.07 -44.04 50.38
C ASP D 285 -11.99 -42.83 50.51
N LYS D 286 -11.43 -41.61 50.44
CA LYS D 286 -12.28 -40.42 50.48
C LYS D 286 -13.35 -40.49 49.40
N ALA D 287 -12.94 -40.81 48.17
CA ALA D 287 -13.90 -40.79 47.08
C ALA D 287 -14.91 -41.93 47.19
N PHE D 288 -14.52 -43.10 47.74
CA PHE D 288 -15.33 -44.30 47.64
C PHE D 288 -16.01 -44.74 48.93
N SER D 289 -15.71 -44.08 50.07
CA SER D 289 -16.52 -44.29 51.27
C SER D 289 -17.99 -43.99 51.03
N PRO D 290 -18.36 -42.88 50.41
CA PRO D 290 -19.79 -42.59 50.23
C PRO D 290 -20.57 -43.70 49.56
N LEU D 291 -19.94 -44.47 48.67
CA LEU D 291 -20.60 -45.54 47.93
C LEU D 291 -20.47 -46.89 48.60
N GLY D 292 -19.82 -46.95 49.77
CA GLY D 292 -19.56 -48.23 50.45
C GLY D 292 -18.72 -49.17 49.62
N ILE D 293 -17.69 -48.64 48.97
CA ILE D 293 -16.84 -49.41 48.08
C ILE D 293 -15.44 -49.47 48.70
N ASN D 294 -14.93 -50.66 48.77
CA ASN D 294 -13.85 -51.13 49.60
C ASN D 294 -12.81 -51.93 48.83
N ASP D 295 -13.26 -52.76 47.87
CA ASP D 295 -12.39 -53.66 47.11
C ASP D 295 -11.90 -52.92 45.88
N TRP D 296 -10.60 -52.60 45.84
CA TRP D 296 -10.12 -51.78 44.74
C TRP D 296 -10.04 -52.55 43.46
N ASN D 297 -10.44 -53.81 43.48
CA ASN D 297 -10.51 -54.61 42.30
C ASN D 297 -11.91 -54.71 41.72
N SER D 298 -12.91 -54.24 42.44
CA SER D 298 -14.26 -54.32 41.92
C SER D 298 -14.59 -53.16 41.02
N ILE D 299 -13.70 -52.17 40.92
CA ILE D 299 -13.92 -50.98 40.12
C ILE D 299 -12.90 -51.03 39.00
N PHE D 300 -13.23 -50.42 37.87
CA PHE D 300 -12.27 -50.36 36.77
C PHE D 300 -11.33 -49.17 36.94
N TRP D 301 -10.18 -49.23 36.27
CA TRP D 301 -9.08 -48.33 36.58
C TRP D 301 -8.62 -47.51 35.37
N ILE D 302 -8.52 -46.20 35.57
CA ILE D 302 -7.96 -45.23 34.63
C ILE D 302 -6.91 -44.43 35.38
N PRO D 303 -5.80 -45.05 35.78
CA PRO D 303 -4.75 -44.30 36.46
C PRO D 303 -3.80 -43.67 35.45
N HIS D 304 -3.41 -42.42 35.68
CA HIS D 304 -2.43 -41.81 34.77
C HIS D 304 -1.12 -42.57 34.82
N PRO D 305 -0.65 -43.11 33.70
CA PRO D 305 0.59 -43.93 33.65
C PRO D 305 1.89 -43.13 33.50
N GLY D 306 2.23 -42.33 34.53
CA GLY D 306 3.45 -41.51 34.48
C GLY D 306 4.71 -42.27 34.09
N GLY D 307 4.77 -43.55 34.43
CA GLY D 307 5.76 -44.47 33.92
C GLY D 307 5.38 -45.84 34.40
N PRO D 308 6.05 -46.86 33.89
CA PRO D 308 5.67 -48.23 34.27
C PRO D 308 5.81 -48.50 35.76
N ALA D 309 6.72 -47.81 36.43
CA ALA D 309 6.89 -48.02 37.86
C ALA D 309 5.71 -47.49 38.66
N ILE D 310 5.07 -46.41 38.19
CA ILE D 310 3.92 -45.87 38.92
C ILE D 310 2.79 -46.88 38.94
N LEU D 311 2.58 -47.55 37.82
CA LEU D 311 1.59 -48.60 37.72
C LEU D 311 2.01 -49.82 38.55
N ALA D 312 3.28 -50.20 38.49
CA ALA D 312 3.76 -51.29 39.33
C ALA D 312 3.47 -51.03 40.81
N GLU D 313 3.80 -49.83 41.29
CA GLU D 313 3.59 -49.52 42.71
C GLU D 313 2.11 -49.45 43.07
N ILE D 314 1.27 -48.93 42.18
CA ILE D 314 -0.17 -48.93 42.44
C ILE D 314 -0.72 -50.35 42.50
N GLU D 315 -0.44 -51.15 41.47
CA GLU D 315 -0.78 -52.56 41.49
C GLU D 315 -0.39 -53.19 42.82
N ALA D 316 0.90 -53.09 43.18
CA ALA D 316 1.45 -53.70 44.39
C ALA D 316 0.71 -53.27 45.64
N LYS D 317 0.55 -51.97 45.84
CA LYS D 317 -0.05 -51.47 47.07
C LYS D 317 -1.50 -51.92 47.18
N LEU D 318 -2.26 -51.77 46.09
CA LEU D 318 -3.68 -52.08 46.13
C LEU D 318 -3.95 -53.55 45.92
N GLU D 319 -2.93 -54.30 45.55
CA GLU D 319 -3.02 -55.74 45.28
C GLU D 319 -4.06 -56.01 44.17
N LEU D 320 -3.80 -55.41 43.01
CA LEU D 320 -4.73 -55.45 41.89
C LEU D 320 -4.56 -56.72 41.06
N LYS D 321 -5.66 -57.16 40.43
CA LYS D 321 -5.55 -58.23 39.45
C LYS D 321 -4.59 -57.90 38.31
N PRO D 322 -4.11 -58.92 37.62
CA PRO D 322 -3.34 -58.65 36.42
C PRO D 322 -4.12 -57.79 35.42
N GLY D 323 -5.40 -58.07 35.24
CA GLY D 323 -6.12 -57.47 34.13
C GLY D 323 -6.48 -56.02 34.27
N LYS D 324 -6.50 -55.47 35.49
CA LYS D 324 -7.19 -54.21 35.72
C LYS D 324 -6.62 -53.10 34.83
N LEU D 325 -5.30 -53.01 34.77
CA LEU D 325 -4.60 -51.93 34.09
C LEU D 325 -4.31 -52.27 32.64
N ARG D 326 -4.98 -53.31 32.14
CA ARG D 326 -4.79 -53.74 30.76
C ARG D 326 -4.86 -52.56 29.81
N ALA D 327 -6.00 -51.90 29.77
CA ALA D 327 -6.18 -50.78 28.86
C ALA D 327 -5.17 -49.68 29.13
N THR D 328 -4.97 -49.33 30.41
CA THR D 328 -4.01 -48.28 30.75
C THR D 328 -2.62 -48.60 30.20
N ARG D 329 -2.12 -49.83 30.43
CA ARG D 329 -0.84 -50.20 29.85
C ARG D 329 -0.85 -50.06 28.33
N HIS D 330 -1.96 -50.41 27.70
CA HIS D 330 -2.02 -50.34 26.25
C HIS D 330 -1.75 -48.92 25.76
N VAL D 331 -2.46 -47.94 26.31
CA VAL D 331 -2.21 -46.58 25.86
C VAL D 331 -0.74 -46.28 26.08
N LEU D 332 -0.23 -46.65 27.26
CA LEU D 332 1.15 -46.34 27.60
C LEU D 332 2.13 -46.96 26.60
N SER D 333 1.87 -48.19 26.15
CA SER D 333 2.82 -48.78 25.22
C SER D 333 2.66 -48.24 23.79
N GLU D 334 1.42 -47.92 23.37
CA GLU D 334 1.13 -47.50 22.00
C GLU D 334 1.16 -46.00 21.78
N TYR D 335 1.17 -45.19 22.84
CA TYR D 335 1.12 -43.73 22.72
C TYR D 335 2.12 -42.99 23.61
N GLY D 336 2.61 -43.59 24.68
CA GLY D 336 3.47 -42.90 25.63
C GLY D 336 2.66 -42.06 26.59
N ASN D 337 3.37 -41.34 27.45
CA ASN D 337 2.73 -40.50 28.46
C ASN D 337 2.42 -39.15 27.81
N MET D 338 1.15 -38.95 27.47
CA MET D 338 0.69 -37.74 26.79
C MET D 338 0.12 -36.73 27.79
N SER D 339 0.75 -36.67 28.95
CA SER D 339 0.35 -35.78 30.06
C SER D 339 -1.16 -35.89 30.24
N GLY D 340 -1.91 -34.78 30.32
CA GLY D 340 -3.31 -34.89 30.69
C GLY D 340 -4.11 -35.76 29.75
N ALA D 341 -3.90 -35.55 28.44
CA ALA D 341 -4.67 -36.28 27.45
C ALA D 341 -4.61 -37.78 27.70
N THR D 342 -3.55 -38.24 28.39
CA THR D 342 -3.36 -39.68 28.55
C THR D 342 -4.59 -40.34 29.17
N VAL D 343 -5.06 -39.84 30.32
CA VAL D 343 -6.21 -40.53 30.95
C VAL D 343 -7.43 -40.52 30.04
N LEU D 344 -7.64 -39.45 29.27
CA LEU D 344 -8.80 -39.46 28.37
C LEU D 344 -8.63 -40.52 27.26
N PHE D 345 -7.42 -40.63 26.68
CA PHE D 345 -7.19 -41.71 25.72
C PHE D 345 -7.58 -43.04 26.35
N ILE D 346 -7.22 -43.23 27.62
CA ILE D 346 -7.44 -44.52 28.28
C ILE D 346 -8.93 -44.77 28.41
N LEU D 347 -9.68 -43.72 28.77
CA LEU D 347 -11.15 -43.84 28.78
C LEU D 347 -11.64 -44.36 27.44
N ASP D 348 -11.21 -43.73 26.35
CA ASP D 348 -11.65 -44.17 25.04
C ASP D 348 -11.37 -45.65 24.87
N GLU D 349 -10.16 -46.08 25.20
CA GLU D 349 -9.79 -47.49 25.01
C GLU D 349 -10.70 -48.41 25.82
N MET D 350 -11.02 -48.00 27.05
CA MET D 350 -11.85 -48.82 27.91
C MET D 350 -13.20 -49.10 27.24
N ARG D 351 -13.86 -48.06 26.73
CA ARG D 351 -15.18 -48.26 26.15
C ARG D 351 -15.06 -49.09 24.89
N ARG D 352 -13.95 -48.93 24.17
CA ARG D 352 -13.80 -49.67 22.93
C ARG D 352 -13.54 -51.12 23.26
N ARG D 353 -12.61 -51.37 24.19
CA ARG D 353 -12.27 -52.75 24.55
C ARG D 353 -13.50 -53.44 25.15
N SER D 354 -14.21 -52.74 26.03
CA SER D 354 -15.44 -53.30 26.58
C SER D 354 -16.42 -53.66 25.48
N LYS D 355 -16.58 -52.80 24.48
CA LYS D 355 -17.51 -53.14 23.40
C LYS D 355 -16.95 -54.31 22.59
N LYS D 356 -15.64 -54.31 22.30
CA LYS D 356 -15.04 -55.38 21.49
C LYS D 356 -15.12 -56.75 22.17
N GLU D 357 -15.20 -56.78 23.50
CA GLU D 357 -15.35 -58.01 24.27
C GLU D 357 -16.75 -58.19 24.83
N GLY D 358 -17.72 -57.44 24.29
CA GLY D 358 -19.13 -57.57 24.60
C GLY D 358 -19.45 -57.66 26.07
N LYS D 359 -18.86 -56.78 26.85
CA LYS D 359 -19.12 -56.75 28.28
C LYS D 359 -20.45 -56.02 28.54
N GLY D 360 -20.92 -56.14 29.78
CA GLY D 360 -22.18 -55.52 30.16
C GLY D 360 -22.12 -54.01 30.21
N THR D 361 -20.96 -53.44 30.51
CA THR D 361 -20.83 -52.00 30.61
C THR D 361 -19.63 -51.52 29.81
N THR D 362 -19.61 -50.19 29.62
CA THR D 362 -18.48 -49.49 29.04
C THR D 362 -17.29 -49.46 29.99
N GLY D 363 -17.49 -49.90 31.23
CA GLY D 363 -16.41 -49.95 32.20
C GLY D 363 -15.97 -51.37 32.47
N ASP D 364 -15.71 -52.15 31.42
CA ASP D 364 -15.21 -53.52 31.55
C ASP D 364 -16.24 -54.37 32.27
N GLY D 365 -17.52 -54.11 32.02
CA GLY D 365 -18.56 -54.83 32.70
C GLY D 365 -18.83 -54.36 34.12
N LEU D 366 -18.04 -53.45 34.67
CA LEU D 366 -18.24 -52.99 36.04
C LEU D 366 -19.03 -51.70 36.09
N GLU D 367 -19.59 -51.43 37.26
CA GLU D 367 -20.45 -50.26 37.40
C GLU D 367 -19.64 -49.00 37.68
N TRP D 368 -18.68 -49.10 38.59
CA TRP D 368 -17.93 -47.95 39.10
C TRP D 368 -16.45 -48.06 38.72
N GLY D 369 -15.85 -46.89 38.49
CA GLY D 369 -14.44 -46.85 38.17
C GLY D 369 -13.79 -45.63 38.80
N VAL D 370 -12.48 -45.67 38.84
CA VAL D 370 -11.71 -44.53 39.32
C VAL D 370 -10.83 -44.04 38.18
N LEU D 371 -10.80 -42.71 38.00
CA LEU D 371 -9.88 -42.04 37.09
C LEU D 371 -9.01 -41.11 37.93
N MET D 372 -7.70 -41.26 37.84
CA MET D 372 -6.80 -40.52 38.72
C MET D 372 -5.72 -39.84 37.92
N GLY D 373 -5.60 -38.52 38.10
CA GLY D 373 -4.46 -37.77 37.57
C GLY D 373 -3.48 -37.43 38.69
N PHE D 374 -2.19 -37.68 38.43
CA PHE D 374 -1.13 -37.37 39.36
C PHE D 374 -0.20 -36.39 38.67
N GLY D 375 0.12 -35.30 39.35
CA GLY D 375 0.94 -34.30 38.70
C GLY D 375 1.66 -33.39 39.67
N PRO D 376 2.14 -32.26 39.15
CA PRO D 376 2.89 -31.32 40.00
C PRO D 376 2.15 -30.96 41.29
N GLY D 377 2.89 -30.92 42.39
CA GLY D 377 2.28 -30.60 43.66
C GLY D 377 2.97 -31.18 44.87
N VAL D 378 2.99 -32.51 45.01
CA VAL D 378 2.35 -33.46 44.09
C VAL D 378 0.82 -33.42 44.29
N THR D 379 0.07 -33.35 43.18
CA THR D 379 -1.38 -33.20 43.16
C THR D 379 -2.01 -34.51 42.74
N VAL D 380 -3.09 -34.92 43.42
CA VAL D 380 -3.90 -36.06 42.96
C VAL D 380 -5.33 -35.60 42.74
N GLU D 381 -5.75 -35.64 41.47
CA GLU D 381 -7.14 -35.50 41.05
C GLU D 381 -7.78 -36.87 41.07
N THR D 382 -8.83 -37.06 41.86
CA THR D 382 -9.57 -38.32 41.93
C THR D 382 -10.99 -38.10 41.46
N ILE D 383 -11.37 -38.76 40.37
CA ILE D 383 -12.69 -38.64 39.76
C ILE D 383 -13.34 -40.00 39.77
N VAL D 384 -14.50 -40.10 40.41
CA VAL D 384 -15.28 -41.34 40.42
C VAL D 384 -16.21 -41.35 39.23
N LEU D 385 -16.02 -42.35 38.37
CA LEU D 385 -16.86 -42.56 37.21
C LEU D 385 -17.87 -43.67 37.46
N ARG D 386 -18.99 -43.57 36.75
CA ARG D 386 -20.01 -44.60 36.68
C ARG D 386 -20.14 -44.99 35.22
N ALA D 387 -19.94 -46.28 34.94
CA ALA D 387 -20.07 -46.82 33.60
C ALA D 387 -21.54 -47.01 33.23
N ILE D 388 -21.82 -46.99 31.93
CA ILE D 388 -23.15 -47.10 31.36
C ILE D 388 -23.36 -48.51 30.81
N SER D 389 -24.59 -49.01 30.90
CA SER D 389 -24.92 -50.37 30.49
C SER D 389 -24.99 -50.50 28.96
N VAL D 390 -24.26 -51.48 28.41
CA VAL D 390 -24.27 -51.79 26.97
C VAL D 390 -25.29 -52.86 26.60
N ARG E 13 15.20 57.75 -6.11
CA ARG E 13 14.91 56.70 -7.09
C ARG E 13 15.91 56.69 -8.20
N PRO E 14 16.29 55.50 -8.65
CA PRO E 14 17.14 55.39 -9.83
C PRO E 14 16.36 55.59 -11.13
N HIS E 15 17.04 56.15 -12.12
CA HIS E 15 16.39 56.47 -13.39
C HIS E 15 16.05 55.21 -14.19
N GLY E 16 17.02 54.30 -14.38
CA GLY E 16 16.90 53.25 -15.39
C GLY E 16 16.24 51.96 -14.90
N LEU E 17 16.16 50.99 -15.81
CA LEU E 17 15.41 49.78 -15.55
C LEU E 17 16.19 48.81 -14.69
N ALA E 18 15.46 47.94 -14.00
CA ALA E 18 16.09 46.88 -13.23
C ALA E 18 16.80 45.93 -14.16
N SER E 19 18.09 45.71 -13.94
CA SER E 19 18.89 44.97 -14.89
C SER E 19 19.46 43.73 -14.21
N ILE E 20 19.33 42.57 -14.86
CA ILE E 20 19.99 41.37 -14.35
C ILE E 20 21.47 41.55 -14.58
N LEU E 21 22.24 41.48 -13.50
CA LEU E 21 23.67 41.77 -13.56
C LEU E 21 24.52 40.52 -13.62
N ALA E 22 24.04 39.41 -13.05
CA ALA E 22 24.75 38.14 -13.05
C ALA E 22 23.78 37.02 -12.75
N ILE E 23 24.12 35.82 -13.24
CA ILE E 23 23.31 34.61 -13.10
C ILE E 23 24.19 33.41 -12.75
N GLY E 24 23.86 32.74 -11.66
CA GLY E 24 24.55 31.51 -11.28
C GLY E 24 23.61 30.34 -11.07
N THR E 25 24.05 29.16 -11.45
CA THR E 25 23.20 27.99 -11.36
C THR E 25 23.89 26.87 -10.59
N ALA E 26 23.11 25.93 -10.09
CA ALA E 26 23.67 24.81 -9.34
C ALA E 26 22.64 23.68 -9.25
N ASN E 27 23.11 22.45 -9.10
CA ASN E 27 22.22 21.31 -9.03
C ASN E 27 22.77 20.25 -8.08
N PRO E 28 21.88 19.37 -7.52
CA PRO E 28 22.35 18.23 -6.70
C PRO E 28 23.36 17.35 -7.41
N SER E 29 24.20 16.66 -6.63
CA SER E 29 25.36 15.98 -7.19
C SER E 29 25.04 14.63 -7.80
N ASN E 30 23.81 14.16 -7.73
CA ASN E 30 23.42 12.87 -8.31
C ASN E 30 22.77 13.06 -9.67
N CYS E 31 23.27 12.35 -10.67
CA CYS E 31 22.67 12.47 -12.00
C CYS E 31 21.82 11.26 -12.33
N PHE E 32 20.67 11.51 -12.96
CA PHE E 32 19.69 10.48 -13.30
C PHE E 32 19.37 10.55 -14.80
N ASN E 33 19.93 9.60 -15.55
CA ASN E 33 19.60 9.35 -16.96
C ASN E 33 18.17 8.85 -17.14
N GLN E 34 17.47 9.43 -18.11
CA GLN E 34 16.09 9.00 -18.32
C GLN E 34 16.00 7.58 -18.87
N ASP E 35 17.04 7.06 -19.55
CA ASP E 35 17.02 5.65 -19.93
C ASP E 35 16.83 4.76 -18.71
N GLU E 36 17.46 5.13 -17.62
CA GLU E 36 17.56 4.28 -16.46
C GLU E 36 16.52 4.60 -15.40
N PHE E 37 15.75 5.65 -15.59
CA PHE E 37 14.90 6.07 -14.49
C PHE E 37 13.68 5.20 -14.20
N PRO E 38 12.95 4.68 -15.20
CA PRO E 38 11.82 3.80 -14.87
C PRO E 38 12.18 2.65 -13.94
N ASP E 39 13.22 1.90 -14.29
CA ASP E 39 13.64 0.79 -13.45
C ASP E 39 14.04 1.30 -12.08
N TYR E 40 14.84 2.38 -12.04
CA TYR E 40 15.29 2.93 -10.77
C TYR E 40 14.13 3.30 -9.86
N SER E 41 13.29 4.25 -10.30
CA SER E 41 12.21 4.75 -9.46
C SER E 41 11.26 3.64 -9.04
N PHE E 42 10.90 2.73 -9.97
CA PHE E 42 9.94 1.69 -9.60
C PHE E 42 10.57 0.61 -8.72
N ARG E 43 11.90 0.47 -8.74
CA ARG E 43 12.59 -0.37 -7.77
C ARG E 43 12.74 0.31 -6.41
N VAL E 44 13.17 1.57 -6.37
CA VAL E 44 13.42 2.18 -5.07
C VAL E 44 12.10 2.41 -4.34
N THR E 45 11.01 2.60 -5.07
CA THR E 45 9.69 2.71 -4.46
C THR E 45 9.03 1.34 -4.29
N LYS E 46 9.71 0.28 -4.70
CA LYS E 46 9.25 -1.07 -4.44
C LYS E 46 7.88 -1.32 -5.08
N SER E 47 7.86 -1.21 -6.42
CA SER E 47 6.66 -1.27 -7.25
C SER E 47 6.91 -1.99 -8.55
N GLU E 48 7.88 -2.89 -8.59
CA GLU E 48 8.27 -3.50 -9.86
C GLU E 48 7.22 -4.47 -10.36
N HIS E 49 6.26 -4.82 -9.50
CA HIS E 49 5.07 -5.65 -9.74
C HIS E 49 3.90 -4.88 -10.35
N LEU E 50 4.04 -3.55 -10.48
CA LEU E 50 2.99 -2.75 -11.09
C LEU E 50 3.29 -2.60 -12.58
N THR E 51 3.41 -3.76 -13.22
CA THR E 51 3.99 -3.82 -14.56
C THR E 51 3.12 -3.07 -15.56
N SER E 52 1.80 -3.19 -15.38
CA SER E 52 0.85 -2.36 -16.11
C SER E 52 1.25 -0.89 -16.06
N LEU E 53 1.59 -0.42 -14.87
CA LEU E 53 1.89 1.00 -14.68
C LEU E 53 3.32 1.31 -15.07
N LYS E 54 4.25 0.39 -14.83
CA LYS E 54 5.64 0.62 -15.19
C LYS E 54 5.76 0.89 -16.68
N ASP E 55 5.07 0.09 -17.49
CA ASP E 55 5.03 0.37 -18.93
C ASP E 55 4.58 1.81 -19.19
N LYS E 56 3.46 2.20 -18.59
CA LYS E 56 2.93 3.56 -18.76
C LYS E 56 3.98 4.60 -18.43
N PHE E 57 4.71 4.39 -17.34
CA PHE E 57 5.66 5.37 -16.92
C PHE E 57 6.82 5.44 -17.89
N LYS E 58 7.24 4.27 -18.41
CA LYS E 58 8.32 4.29 -19.39
C LYS E 58 7.89 5.04 -20.65
N ARG E 59 6.62 4.92 -21.04
CA ARG E 59 6.13 5.68 -22.18
C ARG E 59 6.22 7.17 -21.90
N ILE E 60 5.75 7.58 -20.73
CA ILE E 60 5.76 9.01 -20.39
C ILE E 60 7.20 9.54 -20.41
N CYS E 61 8.14 8.73 -19.93
CA CYS E 61 9.52 9.18 -19.88
C CYS E 61 10.13 9.34 -21.27
N GLU E 62 9.75 8.46 -22.21
CA GLU E 62 10.26 8.59 -23.59
C GLU E 62 9.80 9.90 -24.24
N ARG E 63 8.51 10.27 -24.07
CA ARG E 63 7.98 11.47 -24.71
C ARG E 63 8.32 12.73 -23.96
N SER E 64 8.91 12.59 -22.78
CA SER E 64 9.20 13.76 -21.96
C SER E 64 10.22 14.65 -22.63
N THR E 65 11.12 14.06 -23.42
CA THR E 65 12.26 14.73 -24.02
C THR E 65 13.26 15.19 -22.97
N VAL E 66 13.17 14.63 -21.77
CA VAL E 66 14.10 14.90 -20.68
C VAL E 66 15.18 13.82 -20.73
N ARG E 67 16.44 14.25 -20.86
CA ARG E 67 17.55 13.30 -20.97
C ARG E 67 18.13 12.95 -19.61
N LYS E 68 18.50 13.95 -18.82
CA LYS E 68 18.95 13.69 -17.46
C LYS E 68 18.33 14.74 -16.54
N ARG E 69 18.31 14.41 -15.24
CA ARG E 69 17.95 15.35 -14.18
C ARG E 69 18.91 15.19 -13.00
N TYR E 70 18.92 16.17 -12.12
CA TYR E 70 19.70 16.08 -10.89
C TYR E 70 18.74 16.02 -9.72
N LEU E 71 18.82 14.95 -8.93
CA LEU E 71 17.89 14.73 -7.83
C LEU E 71 18.65 14.64 -6.50
N HIS E 72 18.12 15.28 -5.47
CA HIS E 72 18.75 15.19 -4.16
C HIS E 72 18.46 13.85 -3.47
N LEU E 73 17.26 13.31 -3.65
CA LEU E 73 16.98 11.96 -3.16
C LEU E 73 17.83 10.91 -3.84
N THR E 74 18.72 10.31 -3.06
CA THR E 74 19.42 9.11 -3.42
C THR E 74 18.64 7.91 -2.92
N GLU E 75 18.99 6.73 -3.40
CA GLU E 75 18.43 5.54 -2.78
C GLU E 75 18.80 5.47 -1.30
N GLU E 76 19.99 5.96 -0.93
CA GLU E 76 20.39 5.90 0.47
C GLU E 76 19.40 6.65 1.33
N LEU E 77 19.04 7.86 0.90
CA LEU E 77 18.06 8.68 1.60
C LEU E 77 16.73 7.96 1.68
N LEU E 78 16.34 7.31 0.60
CA LEU E 78 15.09 6.58 0.62
C LEU E 78 15.17 5.39 1.56
N GLN E 79 16.38 4.88 1.83
CA GLN E 79 16.51 3.82 2.82
C GLN E 79 16.40 4.33 4.25
N GLU E 80 16.90 5.54 4.52
CA GLU E 80 16.83 6.11 5.86
C GLU E 80 15.45 6.66 6.20
N TYR E 81 14.71 7.11 5.19
CA TYR E 81 13.39 7.70 5.37
C TYR E 81 12.44 6.98 4.43
N PRO E 82 12.13 5.72 4.71
CA PRO E 82 11.39 4.91 3.72
C PRO E 82 9.96 5.38 3.56
N SER E 83 9.47 6.16 4.52
CA SER E 83 8.17 6.78 4.43
C SER E 83 8.04 7.61 3.17
N ILE E 84 9.13 8.23 2.71
CA ILE E 84 9.07 9.02 1.47
C ILE E 84 8.80 8.15 0.25
N ALA E 85 9.25 6.88 0.28
CA ALA E 85 9.17 5.95 -0.84
C ALA E 85 7.78 5.34 -1.05
N THR E 86 6.86 5.54 -0.12
CA THR E 86 5.50 5.05 -0.27
C THR E 86 4.69 5.98 -1.17
N TYR E 87 3.42 5.66 -1.32
CA TYR E 87 2.55 6.65 -1.96
C TYR E 87 1.95 7.62 -0.95
N ASP E 88 1.42 7.09 0.16
CA ASP E 88 0.35 7.72 0.90
C ASP E 88 0.69 7.92 2.37
N ALA E 89 1.79 7.32 2.84
CA ALA E 89 2.17 7.23 4.25
C ALA E 89 2.60 8.58 4.81
N PRO E 90 2.49 8.77 6.14
CA PRO E 90 2.99 10.00 6.77
C PRO E 90 4.46 10.18 6.48
N SER E 91 4.78 11.30 5.86
CA SER E 91 6.11 11.45 5.30
C SER E 91 6.60 12.90 5.35
N LEU E 92 5.75 13.85 5.75
CA LEU E 92 6.17 15.25 5.68
C LEU E 92 7.36 15.55 6.58
N ASP E 93 7.36 15.02 7.81
CA ASP E 93 8.44 15.32 8.77
C ASP E 93 9.82 14.95 8.22
N ALA E 94 9.93 13.81 7.54
CA ALA E 94 11.21 13.43 6.92
C ALA E 94 11.62 14.41 5.84
N ARG E 95 10.71 14.65 4.89
CA ARG E 95 11.01 15.59 3.81
C ARG E 95 11.45 16.93 4.37
N GLN E 96 10.73 17.43 5.39
CA GLN E 96 11.05 18.71 6.01
C GLN E 96 12.45 18.68 6.65
N GLU E 97 12.76 17.61 7.40
CA GLU E 97 14.10 17.46 7.97
C GLU E 97 15.17 17.59 6.90
N ILE E 98 14.92 16.97 5.74
CA ILE E 98 15.86 17.05 4.62
C ILE E 98 15.96 18.47 4.11
N GLU E 99 14.80 19.08 3.87
CA GLU E 99 14.74 20.22 2.98
C GLU E 99 15.13 21.52 3.67
N VAL E 100 14.79 21.68 4.95
CA VAL E 100 15.14 22.92 5.65
C VAL E 100 16.66 23.14 5.67
N ALA E 101 17.43 22.06 5.62
CA ALA E 101 18.87 22.19 5.48
C ALA E 101 19.26 22.29 4.02
N GLU E 102 18.68 21.44 3.15
CA GLU E 102 19.27 21.22 1.84
C GLU E 102 18.86 22.22 0.78
N VAL E 103 17.67 22.83 0.91
CA VAL E 103 17.30 23.93 0.01
C VAL E 103 18.26 25.11 0.17
N PRO E 104 18.54 25.61 1.38
CA PRO E 104 19.44 26.77 1.52
C PRO E 104 20.87 26.53 1.06
N LYS E 105 21.41 25.32 1.23
CA LYS E 105 22.78 25.02 0.81
C LYS E 105 22.92 25.09 -0.72
N LEU E 106 21.95 24.51 -1.42
CA LEU E 106 21.91 24.60 -2.87
C LEU E 106 21.71 26.05 -3.31
N ALA E 107 20.75 26.74 -2.67
CA ALA E 107 20.56 28.16 -2.94
C ALA E 107 21.89 28.90 -2.79
N ALA E 108 22.70 28.50 -1.80
CA ALA E 108 24.00 29.11 -1.55
C ALA E 108 24.99 28.84 -2.66
N ARG E 109 25.02 27.61 -3.19
CA ARG E 109 25.93 27.31 -4.28
C ARG E 109 25.67 28.26 -5.44
N ALA E 110 24.40 28.36 -5.82
CA ALA E 110 24.05 29.20 -6.97
C ALA E 110 24.30 30.69 -6.67
N ALA E 111 23.92 31.15 -5.48
CA ALA E 111 24.16 32.54 -5.10
C ALA E 111 25.65 32.88 -5.12
N SER E 112 26.48 32.00 -4.58
CA SER E 112 27.94 32.17 -4.62
C SER E 112 28.45 32.40 -6.02
N ARG E 113 27.99 31.57 -6.97
CA ARG E 113 28.53 31.73 -8.33
C ARG E 113 28.05 33.02 -9.01
N ALA E 114 26.79 33.41 -8.76
CA ALA E 114 26.33 34.70 -9.30
C ALA E 114 27.10 35.85 -8.69
N ILE E 115 27.42 35.75 -7.39
CA ILE E 115 28.20 36.82 -6.77
C ILE E 115 29.65 36.84 -7.30
N GLU E 116 30.20 35.67 -7.66
CA GLU E 116 31.53 35.63 -8.25
C GLU E 116 31.57 36.31 -9.61
N GLU E 117 30.59 35.99 -10.46
CA GLU E 117 30.48 36.65 -11.75
C GLU E 117 30.20 38.14 -11.59
N TRP E 118 29.25 38.50 -10.72
CA TRP E 118 29.02 39.90 -10.36
C TRP E 118 30.32 40.57 -9.93
N GLY E 119 31.06 39.94 -9.01
CA GLY E 119 32.39 40.38 -8.67
C GLY E 119 32.49 41.46 -7.62
N GLN E 120 31.37 41.89 -7.07
CA GLN E 120 31.34 42.91 -6.04
C GLN E 120 31.29 42.25 -4.67
N PRO E 121 31.53 43.00 -3.59
CA PRO E 121 31.43 42.39 -2.26
C PRO E 121 30.00 42.27 -1.75
N LYS E 122 29.80 41.25 -0.90
CA LYS E 122 28.47 40.94 -0.41
C LYS E 122 27.86 42.11 0.37
N ASN E 123 28.72 42.96 0.93
CA ASN E 123 28.40 44.27 1.50
C ASN E 123 27.23 44.94 0.83
N LYS E 124 27.29 44.97 -0.51
CA LYS E 124 26.51 45.85 -1.34
C LYS E 124 25.11 45.31 -1.59
N ILE E 125 24.87 44.05 -1.25
CA ILE E 125 23.55 43.43 -1.35
C ILE E 125 22.61 44.03 -0.31
N THR E 126 21.51 44.62 -0.79
CA THR E 126 20.52 45.29 0.04
C THR E 126 19.27 44.45 0.24
N HIS E 127 18.97 43.54 -0.70
CA HIS E 127 17.77 42.73 -0.68
C HIS E 127 18.08 41.26 -1.00
N LEU E 128 17.23 40.36 -0.47
CA LEU E 128 17.22 38.94 -0.81
C LEU E 128 15.77 38.52 -1.07
N ILE E 129 15.48 37.99 -2.26
CA ILE E 129 14.19 37.42 -2.62
C ILE E 129 14.41 35.94 -2.82
N PHE E 130 13.71 35.12 -2.07
CA PHE E 130 13.99 33.70 -2.18
C PHE E 130 12.71 32.86 -2.25
N SER E 131 12.58 32.16 -3.38
CA SER E 131 11.49 31.24 -3.74
C SER E 131 11.91 29.79 -3.48
N SER E 132 11.12 29.08 -2.71
CA SER E 132 11.34 27.66 -2.52
C SER E 132 10.00 27.01 -2.32
N THR E 133 9.76 25.91 -2.99
CA THR E 133 8.55 25.18 -2.65
C THR E 133 8.70 24.45 -1.30
N SER E 134 9.91 24.03 -0.94
CA SER E 134 10.14 23.03 0.10
C SER E 134 10.68 23.66 1.38
N GLY E 135 10.62 22.89 2.46
CA GLY E 135 11.26 23.28 3.72
C GLY E 135 10.62 24.47 4.42
N ILE E 136 9.30 24.44 4.62
CA ILE E 136 8.60 25.55 5.27
C ILE E 136 8.89 25.51 6.77
N GLU E 137 9.51 26.58 7.29
CA GLU E 137 9.98 26.69 8.69
C GLU E 137 10.16 28.14 9.13
N LYS E 138 10.19 28.33 10.46
CA LYS E 138 10.41 29.64 11.08
C LYS E 138 11.62 29.60 12.02
N PRO E 139 12.69 30.38 11.77
CA PRO E 139 12.84 31.22 10.58
C PRO E 139 12.95 30.46 9.24
N GLY E 140 12.53 31.13 8.17
CA GLY E 140 12.53 30.55 6.87
C GLY E 140 13.94 30.44 6.32
N VAL E 141 14.03 29.73 5.18
CA VAL E 141 15.27 29.47 4.43
C VAL E 141 15.94 30.73 3.90
N ASP E 142 15.21 31.87 3.82
CA ASP E 142 15.86 33.15 3.57
C ASP E 142 16.90 33.46 4.66
N CYS E 143 16.49 33.28 5.93
CA CYS E 143 17.38 33.51 7.05
C CYS E 143 18.57 32.53 7.04
N HIS E 144 18.27 31.24 6.86
CA HIS E 144 19.28 30.18 6.71
C HIS E 144 20.30 30.54 5.63
N LEU E 145 19.82 31.04 4.48
CA LEU E 145 20.71 31.46 3.41
C LEU E 145 21.64 32.58 3.85
N VAL E 146 21.08 33.60 4.51
CA VAL E 146 21.87 34.73 4.98
C VAL E 146 23.03 34.25 5.86
N HIS E 147 22.73 33.39 6.82
CA HIS E 147 23.81 32.91 7.65
C HIS E 147 24.82 32.08 6.84
N LEU E 148 24.35 31.27 5.90
CA LEU E 148 25.27 30.43 5.11
C LEU E 148 26.17 31.27 4.20
N LEU E 149 25.67 32.38 3.64
CA LEU E 149 26.49 33.23 2.79
C LEU E 149 27.28 34.29 3.54
N GLY E 150 26.82 34.71 4.73
CA GLY E 150 27.37 35.87 5.39
C GLY E 150 26.93 37.15 4.70
N LEU E 151 25.65 37.22 4.38
CA LEU E 151 25.05 38.44 3.85
C LEU E 151 24.86 39.45 4.99
N PRO E 152 24.74 40.74 4.67
CA PRO E 152 24.45 41.74 5.71
C PRO E 152 23.18 41.41 6.49
N LEU E 153 23.27 41.51 7.81
CA LEU E 153 22.09 41.22 8.61
C LEU E 153 20.96 42.19 8.35
N SER E 154 21.23 43.33 7.70
CA SER E 154 20.17 44.27 7.38
C SER E 154 19.42 43.95 6.08
N VAL E 155 19.80 42.88 5.39
CA VAL E 155 19.24 42.58 4.06
C VAL E 155 17.73 42.41 4.14
N ASN E 156 17.04 43.12 3.27
CA ASN E 156 15.59 43.09 3.23
C ASN E 156 15.16 41.79 2.58
N ARG E 157 14.44 40.96 3.33
CA ARG E 157 14.11 39.62 2.87
C ARG E 157 12.67 39.59 2.37
N VAL E 158 12.44 38.78 1.34
CA VAL E 158 11.11 38.38 0.87
C VAL E 158 11.15 36.86 0.72
N MET E 159 10.47 36.15 1.61
CA MET E 159 10.49 34.69 1.61
C MET E 159 9.22 34.16 0.94
N LEU E 160 9.35 33.55 -0.25
CA LEU E 160 8.21 33.09 -1.05
C LEU E 160 8.16 31.57 -1.05
N TYR E 161 7.30 31.02 -0.18
CA TYR E 161 7.10 29.59 -0.06
C TYR E 161 5.94 29.09 -0.93
N THR E 162 6.21 28.01 -1.66
CA THR E 162 5.19 27.15 -2.26
C THR E 162 4.33 27.94 -3.27
N ILE E 163 4.93 28.23 -4.44
CA ILE E 163 4.22 29.12 -5.38
C ILE E 163 3.47 28.36 -6.48
N GLY E 164 4.12 27.51 -7.29
CA GLY E 164 5.54 27.23 -7.35
C GLY E 164 6.07 27.29 -8.80
N CYS E 165 5.35 26.69 -9.79
CA CYS E 165 5.95 26.53 -11.13
C CYS E 165 6.12 27.86 -11.86
N HIS E 166 5.32 28.88 -11.56
CA HIS E 166 5.45 30.16 -12.25
C HIS E 166 6.37 31.12 -11.51
N ALA E 167 7.02 30.66 -10.41
CA ALA E 167 7.76 31.54 -9.51
C ALA E 167 8.89 32.31 -10.21
N GLY E 168 9.50 31.73 -11.26
CA GLY E 168 10.49 32.48 -12.02
C GLY E 168 9.99 33.84 -12.45
N GLY E 169 8.70 33.95 -12.76
CA GLY E 169 8.13 35.25 -13.04
C GLY E 169 7.93 36.12 -11.83
N THR E 170 7.36 35.55 -10.77
CA THR E 170 7.03 36.32 -9.58
C THR E 170 8.26 37.03 -9.03
N VAL E 171 9.36 36.29 -8.92
CA VAL E 171 10.54 36.87 -8.26
C VAL E 171 11.08 38.03 -9.07
N LEU E 172 11.10 37.90 -10.41
CA LEU E 172 11.53 39.00 -11.26
C LEU E 172 10.60 40.20 -11.13
N ARG E 173 9.29 39.96 -11.14
CA ARG E 173 8.32 41.04 -11.03
C ARG E 173 8.56 41.84 -9.77
N ILE E 174 8.74 41.15 -8.63
CA ILE E 174 8.96 41.83 -7.35
C ILE E 174 10.32 42.53 -7.34
N ALA E 175 11.36 41.84 -7.81
CA ALA E 175 12.69 42.40 -7.81
C ALA E 175 12.74 43.70 -8.60
N LYS E 176 12.02 43.76 -9.72
CA LYS E 176 11.98 44.99 -10.51
C LYS E 176 11.63 46.19 -9.63
N ASP E 177 10.51 46.10 -8.90
CA ASP E 177 10.03 47.21 -8.09
C ASP E 177 10.94 47.48 -6.90
N LEU E 178 11.49 46.44 -6.27
CA LEU E 178 12.44 46.72 -5.19
C LEU E 178 13.69 47.44 -5.69
N ALA E 179 14.27 46.98 -6.80
CA ALA E 179 15.49 47.62 -7.30
C ALA E 179 15.21 49.02 -7.82
N GLU E 180 14.04 49.24 -8.39
CA GLU E 180 13.77 50.48 -9.06
C GLU E 180 13.28 51.57 -8.12
N ASN E 181 12.83 51.21 -6.90
CA ASN E 181 12.40 52.22 -5.94
C ASN E 181 13.41 52.41 -4.83
N ASN E 182 14.56 51.74 -4.87
CA ASN E 182 15.60 51.87 -3.85
C ASN E 182 16.93 52.10 -4.56
N VAL E 183 17.39 53.35 -4.54
CA VAL E 183 18.59 53.71 -5.31
C VAL E 183 19.81 53.08 -4.65
N GLY E 184 20.69 52.52 -5.47
CA GLY E 184 21.83 51.84 -4.92
C GLY E 184 21.54 50.43 -4.46
N SER E 185 20.28 50.02 -4.50
CA SER E 185 19.92 48.65 -4.15
C SER E 185 20.48 47.66 -5.18
N ARG E 186 20.89 46.49 -4.68
CA ARG E 186 21.32 45.36 -5.50
C ARG E 186 20.67 44.14 -4.89
N VAL E 187 19.78 43.49 -5.64
CA VAL E 187 18.92 42.42 -5.12
C VAL E 187 19.46 41.05 -5.49
N LEU E 188 19.62 40.19 -4.48
CA LEU E 188 19.90 38.77 -4.66
C LEU E 188 18.59 38.00 -4.77
N VAL E 189 18.34 37.37 -5.91
CA VAL E 189 17.13 36.59 -6.16
C VAL E 189 17.53 35.13 -6.25
N VAL E 190 16.80 34.24 -5.59
CA VAL E 190 17.09 32.80 -5.63
C VAL E 190 15.79 32.05 -5.81
N CYS E 191 15.74 31.16 -6.81
CA CYS E 191 14.79 30.06 -6.83
C CYS E 191 15.56 28.77 -6.56
N SER E 192 15.23 28.09 -5.46
CA SER E 192 15.90 26.84 -5.08
C SER E 192 14.82 25.77 -4.92
N GLU E 193 14.72 24.83 -5.86
CA GLU E 193 13.60 23.90 -5.90
C GLU E 193 14.10 22.47 -5.76
N LEU E 194 13.60 21.75 -4.75
CA LEU E 194 13.89 20.32 -4.61
C LEU E 194 12.62 19.48 -4.64
N THR E 195 12.68 18.34 -5.34
CA THR E 195 11.53 17.46 -5.48
C THR E 195 11.37 16.51 -4.29
N VAL E 196 12.09 16.73 -3.19
CA VAL E 196 11.96 15.86 -2.03
C VAL E 196 10.56 15.98 -1.46
N MET E 197 9.94 17.16 -1.54
CA MET E 197 8.64 17.31 -0.90
C MET E 197 7.55 16.55 -1.64
N THR E 198 7.68 16.40 -2.95
CA THR E 198 6.58 15.83 -3.74
C THR E 198 6.81 14.38 -4.16
N PHE E 199 8.06 13.91 -4.16
CA PHE E 199 8.38 12.58 -4.68
C PHE E 199 7.70 11.49 -3.86
N ARG E 200 7.01 10.60 -4.55
CA ARG E 200 6.35 9.51 -3.87
C ARG E 200 6.20 8.40 -4.88
N GLY E 201 5.86 7.21 -4.36
CA GLY E 201 5.63 6.02 -5.14
C GLY E 201 4.52 6.18 -6.16
N PRO E 202 4.47 5.26 -7.11
CA PRO E 202 3.42 5.29 -8.12
C PRO E 202 2.12 4.71 -7.59
N SER E 203 1.02 5.15 -8.21
CA SER E 203 -0.31 4.62 -7.91
C SER E 203 -1.21 4.71 -9.11
N GLU E 204 -2.07 3.69 -9.29
CA GLU E 204 -3.00 3.71 -10.42
C GLU E 204 -4.16 4.69 -10.22
N THR E 205 -4.30 5.27 -9.04
CA THR E 205 -5.32 6.28 -8.74
C THR E 205 -4.79 7.71 -8.83
N ASP E 206 -3.49 7.88 -9.13
CA ASP E 206 -2.80 9.16 -9.26
C ASP E 206 -1.88 9.12 -10.49
N LEU E 207 -2.43 9.37 -11.68
CA LEU E 207 -1.58 9.41 -12.87
C LEU E 207 -0.75 10.68 -12.90
N ALA E 208 -1.22 11.72 -12.24
CA ALA E 208 -0.51 12.97 -12.31
C ALA E 208 0.89 12.83 -11.76
N ASN E 209 1.05 12.09 -10.65
CA ASN E 209 2.40 11.82 -10.13
C ASN E 209 3.25 10.97 -11.04
N LEU E 210 2.67 10.20 -11.96
CA LEU E 210 3.51 9.65 -13.01
C LEU E 210 4.09 10.79 -13.85
N ILE E 211 3.22 11.70 -14.30
CA ILE E 211 3.70 12.91 -15.00
C ILE E 211 4.82 13.57 -14.19
N ARG E 212 4.56 13.85 -12.92
CA ARG E 212 5.53 14.57 -12.10
C ARG E 212 6.87 13.83 -11.99
N MET E 213 6.87 12.54 -11.57
CA MET E 213 8.20 11.93 -11.40
C MET E 213 8.86 11.60 -12.73
N GLY E 214 8.17 11.85 -13.85
CA GLY E 214 8.83 11.79 -15.14
C GLY E 214 9.44 13.11 -15.59
N ILE E 215 8.84 14.25 -15.26
CA ILE E 215 9.28 15.54 -15.77
C ILE E 215 10.19 16.29 -14.80
N PHE E 216 9.92 16.21 -13.49
CA PHE E 216 10.44 17.18 -12.52
C PHE E 216 11.78 16.77 -11.88
N GLY E 217 12.75 17.70 -11.93
CA GLY E 217 14.01 17.56 -11.24
C GLY E 217 14.35 18.74 -10.33
N ASP E 218 15.41 18.59 -9.55
CA ASP E 218 15.88 19.55 -8.55
C ASP E 218 16.85 20.56 -9.17
N GLY E 219 17.02 21.71 -8.52
CA GLY E 219 17.93 22.74 -9.03
C GLY E 219 17.77 24.13 -8.41
N ALA E 220 18.83 24.95 -8.44
CA ALA E 220 18.78 26.33 -7.96
C ALA E 220 19.39 27.32 -8.94
N ALA E 221 18.75 28.49 -9.06
CA ALA E 221 19.26 29.63 -9.83
C ALA E 221 19.21 30.90 -8.99
N ALA E 222 20.30 31.66 -9.02
CA ALA E 222 20.34 32.95 -8.36
C ALA E 222 20.76 33.99 -9.37
N LEU E 223 20.32 35.22 -9.14
CA LEU E 223 20.70 36.34 -9.99
C LEU E 223 20.72 37.67 -9.23
N ILE E 224 21.53 38.60 -9.72
CA ILE E 224 21.65 39.92 -9.11
C ILE E 224 20.97 40.98 -9.98
N ILE E 225 19.95 41.65 -9.43
CA ILE E 225 19.24 42.71 -10.15
C ILE E 225 19.52 44.08 -9.51
N GLY E 226 19.83 45.08 -10.34
CA GLY E 226 19.95 46.45 -9.87
C GLY E 226 19.62 47.39 -10.99
N ALA E 227 19.12 48.56 -10.66
CA ALA E 227 18.95 49.62 -11.64
C ALA E 227 20.13 50.59 -11.57
N ASP E 228 20.33 51.34 -12.65
CA ASP E 228 21.48 52.22 -12.82
C ASP E 228 22.82 51.52 -12.49
N PRO E 229 23.18 50.45 -13.20
CA PRO E 229 24.43 49.77 -12.87
C PRO E 229 25.63 50.61 -13.27
N ASP E 230 26.62 50.65 -12.39
CA ASP E 230 27.90 51.27 -12.72
C ASP E 230 28.58 50.35 -13.72
N LEU E 231 28.56 50.75 -15.00
CA LEU E 231 29.13 49.93 -16.06
C LEU E 231 30.65 49.85 -16.00
N SER E 232 31.25 50.61 -15.06
CA SER E 232 32.66 50.46 -14.72
C SER E 232 32.98 49.05 -14.21
N ILE E 233 32.03 48.40 -13.54
CA ILE E 233 32.22 47.17 -12.76
C ILE E 233 31.10 46.14 -12.93
N GLU E 234 29.95 46.56 -13.47
CA GLU E 234 28.77 45.71 -13.55
C GLU E 234 28.33 45.57 -15.02
N LYS E 235 28.01 44.34 -15.43
CA LYS E 235 27.67 44.06 -16.84
C LYS E 235 26.22 43.67 -16.94
N PRO E 236 25.35 44.58 -17.37
CA PRO E 236 23.96 44.20 -17.59
C PRO E 236 23.84 43.12 -18.65
N ILE E 237 22.96 42.15 -18.40
CA ILE E 237 22.69 41.04 -19.30
C ILE E 237 21.33 41.19 -19.98
N PHE E 238 20.30 41.47 -19.20
CA PHE E 238 18.95 41.72 -19.68
C PHE E 238 18.36 42.83 -18.83
N GLU E 239 17.39 43.56 -19.38
CA GLU E 239 16.67 44.58 -18.64
C GLU E 239 15.22 44.11 -18.43
N ILE E 240 14.69 44.34 -17.22
CA ILE E 240 13.32 43.95 -16.91
C ILE E 240 12.46 45.17 -17.22
N PHE E 241 11.91 45.18 -18.44
CA PHE E 241 11.13 46.33 -18.92
C PHE E 241 9.77 46.44 -18.25
N SER E 242 9.00 45.35 -18.25
CA SER E 242 7.65 45.35 -17.69
C SER E 242 7.33 43.95 -17.18
N ALA E 243 6.48 43.87 -16.15
CA ALA E 243 6.08 42.60 -15.56
C ALA E 243 4.60 42.59 -15.18
N SER E 244 3.84 41.66 -15.79
CA SER E 244 2.42 41.44 -15.48
C SER E 244 2.16 40.02 -14.97
N GLN E 245 1.11 39.89 -14.17
CA GLN E 245 0.57 38.60 -13.75
C GLN E 245 -0.92 38.58 -14.07
N THR E 246 -1.43 37.39 -14.41
CA THR E 246 -2.86 37.23 -14.70
C THR E 246 -3.34 35.83 -14.35
N LEU E 247 -4.64 35.74 -14.04
CA LEU E 247 -5.35 34.48 -13.81
C LEU E 247 -6.19 34.12 -15.03
N VAL E 248 -6.13 32.85 -15.44
CA VAL E 248 -6.97 32.38 -16.55
C VAL E 248 -8.36 32.03 -16.02
N PRO E 249 -9.46 32.62 -16.53
CA PRO E 249 -10.78 32.41 -15.91
C PRO E 249 -11.19 30.94 -15.76
N ASN E 250 -11.69 30.61 -14.57
CA ASN E 250 -12.33 29.34 -14.25
C ASN E 250 -11.40 28.12 -14.43
N THR E 251 -10.18 28.25 -13.89
CA THR E 251 -9.14 27.24 -14.03
C THR E 251 -8.32 26.89 -12.77
N SER E 252 -8.56 27.50 -11.60
CA SER E 252 -8.11 26.86 -10.37
C SER E 252 -8.68 25.46 -10.38
N LYS E 253 -7.91 24.51 -9.86
CA LYS E 253 -8.20 23.08 -9.85
C LYS E 253 -7.63 22.44 -11.10
N ALA E 254 -7.00 23.21 -12.01
CA ALA E 254 -6.26 22.63 -13.11
C ALA E 254 -4.81 22.36 -12.75
N ILE E 255 -4.22 23.19 -11.89
CA ILE E 255 -2.93 22.89 -11.29
C ILE E 255 -3.11 23.03 -9.78
N ARG E 256 -2.88 21.93 -9.06
CA ARG E 256 -3.26 21.81 -7.66
C ARG E 256 -2.11 21.24 -6.85
N GLY E 257 -2.09 21.56 -5.55
CA GLY E 257 -1.11 20.99 -4.66
C GLY E 257 -1.30 21.45 -3.23
N ARG E 258 -1.15 20.53 -2.29
CA ARG E 258 -1.31 20.86 -0.89
C ARG E 258 -0.19 20.21 -0.07
N VAL E 259 0.32 20.96 0.90
CA VAL E 259 1.20 20.35 1.88
C VAL E 259 0.30 19.54 2.79
N LYS E 260 0.52 18.24 2.85
CA LYS E 260 -0.24 17.35 3.70
C LYS E 260 0.74 16.54 4.52
N GLU E 261 0.18 15.69 5.37
CA GLU E 261 0.98 14.75 6.15
C GLU E 261 1.87 13.90 5.25
N MET E 262 1.41 13.61 4.03
CA MET E 262 2.09 12.79 3.03
C MET E 262 3.08 13.57 2.16
N GLY E 263 3.34 14.83 2.45
CA GLY E 263 4.15 15.68 1.60
C GLY E 263 3.31 16.66 0.81
N LEU E 264 3.89 17.21 -0.25
CA LEU E 264 3.18 18.11 -1.14
C LEU E 264 2.53 17.30 -2.25
N THR E 265 1.19 17.25 -2.26
CA THR E 265 0.47 16.54 -3.32
C THR E 265 0.59 17.27 -4.67
N PHE E 266 0.23 16.57 -5.75
CA PHE E 266 0.42 17.16 -7.07
C PHE E 266 -0.64 16.67 -8.06
N TYR E 267 -1.35 17.62 -8.70
CA TYR E 267 -2.23 17.36 -9.84
C TYR E 267 -2.01 18.42 -10.92
N VAL E 268 -1.89 17.95 -12.17
CA VAL E 268 -1.89 18.78 -13.39
C VAL E 268 -2.93 18.20 -14.33
N ASP E 269 -3.89 19.02 -14.77
CA ASP E 269 -4.90 18.55 -15.71
C ASP E 269 -4.31 18.30 -17.09
N LYS E 270 -4.92 17.36 -17.82
CA LYS E 270 -4.43 17.04 -19.16
C LYS E 270 -4.73 18.15 -20.15
N MET E 271 -5.52 19.16 -19.79
CA MET E 271 -5.82 20.28 -20.67
C MET E 271 -4.88 21.46 -20.52
N VAL E 272 -3.97 21.44 -19.55
CA VAL E 272 -3.12 22.60 -19.24
C VAL E 272 -2.34 23.19 -20.41
N PRO E 273 -1.72 22.38 -21.27
CA PRO E 273 -1.07 22.96 -22.46
C PRO E 273 -2.01 23.81 -23.31
N THR E 274 -3.21 23.26 -23.59
CA THR E 274 -4.23 23.97 -24.36
C THR E 274 -4.70 25.20 -23.62
N LEU E 275 -4.87 25.11 -22.30
CA LEU E 275 -5.24 26.28 -21.51
C LEU E 275 -4.22 27.38 -21.69
N VAL E 276 -2.93 27.03 -21.61
CA VAL E 276 -1.87 28.01 -21.76
C VAL E 276 -1.87 28.59 -23.15
N ALA E 277 -1.81 27.73 -24.16
CA ALA E 277 -1.72 28.18 -25.54
C ALA E 277 -2.93 29.00 -25.92
N SER E 278 -4.10 28.60 -25.46
CA SER E 278 -5.34 29.29 -25.73
C SER E 278 -5.27 30.73 -25.23
N ASN E 279 -4.52 30.97 -24.14
CA ASN E 279 -4.52 32.22 -23.40
C ASN E 279 -3.27 33.08 -23.62
N ILE E 280 -2.26 32.54 -24.29
CA ILE E 280 -0.98 33.22 -24.31
C ILE E 280 -1.02 34.49 -25.13
N GLU E 281 -1.80 34.51 -26.21
CA GLU E 281 -1.79 35.67 -27.10
C GLU E 281 -2.24 36.92 -26.37
N GLN E 282 -3.29 36.82 -25.53
CA GLN E 282 -3.79 37.97 -24.81
C GLN E 282 -2.71 38.57 -23.94
N CYS E 283 -2.03 37.71 -23.16
CA CYS E 283 -0.95 38.17 -22.28
C CYS E 283 0.12 38.85 -23.10
N LEU E 284 0.43 38.25 -24.24
CA LEU E 284 1.55 38.72 -25.01
C LEU E 284 1.19 40.05 -25.67
N ASP E 285 -0.04 40.19 -26.11
CA ASP E 285 -0.53 41.44 -26.67
C ASP E 285 -0.54 42.55 -25.62
N LYS E 286 -1.06 42.27 -24.42
CA LYS E 286 -1.02 43.26 -23.36
C LYS E 286 0.41 43.71 -23.11
N ALA E 287 1.35 42.76 -23.10
CA ALA E 287 2.73 43.10 -22.79
C ALA E 287 3.40 43.88 -23.90
N PHE E 288 3.02 43.64 -25.15
CA PHE E 288 3.79 44.11 -26.27
C PHE E 288 3.11 45.16 -27.13
N SER E 289 1.82 45.41 -26.97
CA SER E 289 1.21 46.56 -27.64
C SER E 289 1.91 47.86 -27.33
N PRO E 290 2.31 48.17 -26.10
CA PRO E 290 3.07 49.40 -25.85
C PRO E 290 4.33 49.51 -26.69
N LEU E 291 4.93 48.38 -27.07
CA LEU E 291 6.17 48.34 -27.85
C LEU E 291 5.92 48.25 -29.34
N GLY E 292 4.66 48.24 -29.77
CA GLY E 292 4.30 48.10 -31.17
C GLY E 292 4.86 46.85 -31.80
N ILE E 293 4.93 45.77 -31.04
CA ILE E 293 5.51 44.53 -31.50
C ILE E 293 4.40 43.51 -31.64
N ASN E 294 4.39 42.88 -32.75
CA ASN E 294 3.31 42.14 -33.32
C ASN E 294 3.76 40.78 -33.80
N ASP E 295 4.98 40.70 -34.34
CA ASP E 295 5.54 39.48 -34.90
C ASP E 295 6.27 38.71 -33.80
N TRP E 296 5.72 37.57 -33.41
CA TRP E 296 6.29 36.85 -32.28
C TRP E 296 7.57 36.11 -32.65
N ASN E 297 8.01 36.22 -33.89
CA ASN E 297 9.29 35.65 -34.29
C ASN E 297 10.44 36.64 -34.26
N SER E 298 10.17 37.93 -34.06
CA SER E 298 11.23 38.93 -33.95
C SER E 298 11.72 39.12 -32.51
N ILE E 299 11.09 38.46 -31.53
CA ILE E 299 11.46 38.57 -30.12
C ILE E 299 11.92 37.19 -29.65
N PHE E 300 12.80 37.18 -28.65
CA PHE E 300 13.32 35.92 -28.11
C PHE E 300 12.46 35.36 -26.99
N TRP E 301 12.56 34.04 -26.79
CA TRP E 301 11.57 33.30 -26.03
C TRP E 301 12.17 32.57 -24.83
N ILE E 302 11.58 32.81 -23.67
CA ILE E 302 11.89 32.11 -22.43
C ILE E 302 10.57 31.66 -21.82
N PRO E 303 9.83 30.73 -22.43
CA PRO E 303 8.59 30.25 -21.79
C PRO E 303 8.91 29.11 -20.84
N HIS E 304 8.20 29.06 -19.72
CA HIS E 304 8.41 27.94 -18.80
C HIS E 304 8.01 26.61 -19.45
N PRO E 305 8.93 25.68 -19.58
CA PRO E 305 8.63 24.40 -20.22
C PRO E 305 8.01 23.40 -19.24
N GLY E 306 6.77 23.68 -18.82
CA GLY E 306 6.09 22.77 -17.91
C GLY E 306 6.15 21.34 -18.39
N GLY E 307 6.12 21.14 -19.70
CA GLY E 307 6.38 19.87 -20.31
C GLY E 307 6.46 20.03 -21.80
N PRO E 308 6.81 18.97 -22.54
CA PRO E 308 6.95 19.12 -24.01
C PRO E 308 5.67 19.57 -24.68
N ALA E 309 4.50 19.20 -24.15
CA ALA E 309 3.25 19.61 -24.80
C ALA E 309 3.04 21.11 -24.70
N ILE E 310 3.43 21.73 -23.57
CA ILE E 310 3.26 23.17 -23.42
C ILE E 310 4.07 23.91 -24.50
N LEU E 311 5.27 23.42 -24.77
CA LEU E 311 6.10 23.99 -25.82
C LEU E 311 5.51 23.73 -27.21
N ALA E 312 5.06 22.49 -27.46
CA ALA E 312 4.43 22.18 -28.75
C ALA E 312 3.23 23.09 -29.00
N GLU E 313 2.38 23.27 -27.99
CA GLU E 313 1.17 24.07 -28.12
C GLU E 313 1.47 25.54 -28.37
N ILE E 314 2.50 26.07 -27.69
CA ILE E 314 2.89 27.48 -27.91
C ILE E 314 3.40 27.67 -29.34
N GLU E 315 4.44 26.90 -29.72
CA GLU E 315 4.90 26.91 -31.11
C GLU E 315 3.72 26.88 -32.08
N ALA E 316 2.87 25.86 -31.99
CA ALA E 316 1.73 25.77 -32.90
C ALA E 316 0.89 27.04 -32.92
N LYS E 317 0.50 27.54 -31.75
CA LYS E 317 -0.48 28.62 -31.69
C LYS E 317 0.06 29.90 -32.30
N LEU E 318 1.28 30.30 -31.90
CA LEU E 318 1.84 31.58 -32.36
C LEU E 318 2.56 31.49 -33.71
N GLU E 319 2.75 30.28 -34.24
CA GLU E 319 3.48 30.04 -35.48
C GLU E 319 4.93 30.51 -35.37
N LEU E 320 5.67 29.88 -34.45
CA LEU E 320 7.08 30.19 -34.18
C LEU E 320 7.99 29.35 -35.09
N LYS E 321 9.13 29.95 -35.52
CA LYS E 321 10.14 29.21 -36.29
C LYS E 321 10.68 28.06 -35.46
N PRO E 322 11.19 27.01 -36.11
CA PRO E 322 11.66 25.84 -35.35
C PRO E 322 12.66 26.15 -34.26
N GLY E 323 13.53 27.14 -34.48
CA GLY E 323 14.61 27.46 -33.55
C GLY E 323 14.23 28.20 -32.27
N LYS E 324 13.04 28.82 -32.21
CA LYS E 324 12.76 29.87 -31.23
C LYS E 324 13.02 29.41 -29.81
N LEU E 325 12.55 28.20 -29.49
CA LEU E 325 12.57 27.61 -28.17
C LEU E 325 13.80 26.73 -27.96
N ARG E 326 14.81 26.91 -28.82
CA ARG E 326 16.04 26.16 -28.79
C ARG E 326 16.60 26.08 -27.36
N ALA E 327 16.80 27.25 -26.73
CA ALA E 327 17.36 27.34 -25.38
C ALA E 327 16.46 26.68 -24.35
N THR E 328 15.16 26.96 -24.41
CA THR E 328 14.18 26.33 -23.54
C THR E 328 14.18 24.81 -23.68
N ARG E 329 14.10 24.30 -24.91
CA ARG E 329 14.21 22.86 -25.16
C ARG E 329 15.46 22.27 -24.52
N HIS E 330 16.60 22.94 -24.66
CA HIS E 330 17.85 22.39 -24.11
C HIS E 330 17.80 22.27 -22.58
N VAL E 331 17.39 23.34 -21.90
CA VAL E 331 17.33 23.26 -20.44
C VAL E 331 16.38 22.15 -20.01
N LEU E 332 15.23 22.04 -20.68
CA LEU E 332 14.31 20.98 -20.30
C LEU E 332 14.97 19.62 -20.43
N SER E 333 15.80 19.42 -21.47
CA SER E 333 16.36 18.08 -21.67
C SER E 333 17.51 17.75 -20.71
N GLU E 334 18.44 18.67 -20.46
CA GLU E 334 19.54 18.34 -19.55
C GLU E 334 19.24 18.62 -18.09
N TYR E 335 18.10 19.22 -17.75
CA TYR E 335 17.77 19.49 -16.35
C TYR E 335 16.36 19.11 -15.91
N GLY E 336 15.43 18.90 -16.84
CA GLY E 336 14.06 18.65 -16.48
C GLY E 336 13.31 19.94 -16.20
N ASN E 337 12.12 19.78 -15.66
CA ASN E 337 11.31 20.91 -15.22
C ASN E 337 11.68 21.18 -13.76
N MET E 338 12.37 22.30 -13.51
CA MET E 338 12.80 22.69 -12.17
C MET E 338 11.92 23.80 -11.58
N SER E 339 10.63 23.82 -11.88
CA SER E 339 9.70 24.86 -11.42
C SER E 339 10.32 26.24 -11.63
N GLY E 340 10.34 27.08 -10.60
CA GLY E 340 10.70 28.49 -10.75
C GLY E 340 12.09 28.73 -11.33
N ALA E 341 13.07 27.93 -10.94
CA ALA E 341 14.40 28.16 -11.44
C ALA E 341 14.48 28.02 -12.95
N THR E 342 13.56 27.26 -13.55
CA THR E 342 13.75 26.79 -14.91
C THR E 342 13.99 27.94 -15.89
N VAL E 343 13.05 28.90 -15.95
CA VAL E 343 13.18 30.01 -16.88
C VAL E 343 14.47 30.78 -16.62
N LEU E 344 14.90 30.82 -15.34
CA LEU E 344 16.17 31.45 -15.00
C LEU E 344 17.34 30.69 -15.60
N PHE E 345 17.32 29.35 -15.48
CA PHE E 345 18.30 28.51 -16.17
C PHE E 345 18.31 28.82 -17.65
N ILE E 346 17.12 29.02 -18.21
CA ILE E 346 17.02 29.29 -19.64
C ILE E 346 17.63 30.65 -19.96
N LEU E 347 17.42 31.65 -19.09
CA LEU E 347 18.13 32.92 -19.24
C LEU E 347 19.61 32.70 -19.39
N ASP E 348 20.19 32.00 -18.42
CA ASP E 348 21.63 31.75 -18.42
C ASP E 348 22.06 31.01 -19.69
N GLU E 349 21.22 30.08 -20.17
CA GLU E 349 21.56 29.36 -21.39
C GLU E 349 21.57 30.31 -22.59
N MET E 350 20.56 31.18 -22.70
CA MET E 350 20.48 32.04 -23.88
C MET E 350 21.61 33.04 -23.92
N ARG E 351 21.94 33.63 -22.78
CA ARG E 351 23.07 34.55 -22.78
C ARG E 351 24.36 33.80 -23.12
N ARG E 352 24.50 32.54 -22.69
CA ARG E 352 25.74 31.82 -23.00
C ARG E 352 25.77 31.45 -24.47
N ARG E 353 24.68 30.86 -24.95
CA ARG E 353 24.58 30.47 -26.34
C ARG E 353 24.80 31.66 -27.25
N SER E 354 24.17 32.80 -26.92
CA SER E 354 24.35 34.02 -27.70
C SER E 354 25.83 34.39 -27.83
N LYS E 355 26.58 34.26 -26.73
CA LYS E 355 28.01 34.51 -26.79
C LYS E 355 28.69 33.46 -27.65
N LYS E 356 28.38 32.18 -27.38
CA LYS E 356 29.07 31.10 -28.09
C LYS E 356 28.83 31.17 -29.58
N GLU E 357 27.74 31.79 -29.99
CA GLU E 357 27.40 31.96 -31.39
C GLU E 357 27.62 33.41 -31.83
N GLY E 358 28.41 34.14 -31.06
CA GLY E 358 28.80 35.51 -31.40
C GLY E 358 27.67 36.40 -31.86
N LYS E 359 26.53 36.32 -31.19
CA LYS E 359 25.42 37.15 -31.62
C LYS E 359 25.61 38.57 -31.10
N GLY E 360 24.85 39.50 -31.69
CA GLY E 360 25.01 40.90 -31.34
C GLY E 360 24.54 41.24 -29.94
N THR E 361 23.56 40.52 -29.43
CA THR E 361 23.00 40.75 -28.11
C THR E 361 23.00 39.44 -27.33
N THR E 362 22.83 39.59 -26.02
CA THR E 362 22.68 38.40 -25.21
C THR E 362 21.36 37.70 -25.49
N GLY E 363 20.48 38.32 -26.26
CA GLY E 363 19.19 37.74 -26.56
C GLY E 363 19.10 37.15 -27.94
N ASP E 364 20.14 36.41 -28.33
CA ASP E 364 20.15 35.70 -29.59
C ASP E 364 20.01 36.69 -30.74
N GLY E 365 20.79 37.76 -30.67
CA GLY E 365 20.81 38.76 -31.71
C GLY E 365 19.60 39.67 -31.76
N LEU E 366 18.57 39.40 -30.96
CA LEU E 366 17.36 40.21 -30.96
C LEU E 366 17.33 41.22 -29.81
N GLU E 367 16.50 42.24 -29.97
CA GLU E 367 16.45 43.25 -28.93
C GLU E 367 15.49 42.86 -27.82
N TRP E 368 14.30 42.39 -28.16
CA TRP E 368 13.25 42.17 -27.16
C TRP E 368 12.95 40.68 -26.98
N GLY E 369 12.60 40.32 -25.74
CA GLY E 369 12.26 38.94 -25.43
C GLY E 369 11.11 38.85 -24.44
N VAL E 370 10.51 37.66 -24.37
CA VAL E 370 9.47 37.37 -23.38
C VAL E 370 9.88 36.21 -22.50
N LEU E 371 9.66 36.37 -21.20
CA LEU E 371 9.81 35.30 -20.23
C LEU E 371 8.44 35.05 -19.60
N MET E 372 7.98 33.80 -19.64
CA MET E 372 6.63 33.48 -19.17
C MET E 372 6.69 32.37 -18.14
N GLY E 373 6.08 32.60 -16.99
CA GLY E 373 5.87 31.56 -16.01
C GLY E 373 4.43 31.07 -16.03
N PHE E 374 4.27 29.75 -16.01
CA PHE E 374 2.95 29.14 -15.95
C PHE E 374 2.87 28.35 -14.66
N GLY E 375 1.81 28.58 -13.91
CA GLY E 375 1.66 27.86 -12.66
C GLY E 375 0.23 27.83 -12.14
N PRO E 376 0.09 27.38 -10.90
CA PRO E 376 -1.25 27.21 -10.32
C PRO E 376 -2.06 28.49 -10.42
N GLY E 377 -3.34 28.33 -10.73
CA GLY E 377 -4.21 29.48 -10.88
C GLY E 377 -5.39 29.26 -11.80
N VAL E 378 -5.15 28.99 -13.09
CA VAL E 378 -3.83 28.97 -13.69
C VAL E 378 -3.27 30.40 -13.86
N THR E 379 -2.00 30.59 -13.50
CA THR E 379 -1.32 31.88 -13.49
C THR E 379 -0.32 31.96 -14.64
N VAL E 380 -0.34 33.08 -15.38
CA VAL E 380 0.65 33.43 -16.41
C VAL E 380 1.36 34.69 -15.94
N GLU E 381 2.64 34.52 -15.63
CA GLU E 381 3.58 35.60 -15.39
C GLU E 381 4.18 35.99 -16.74
N THR E 382 4.01 37.26 -17.13
CA THR E 382 4.53 37.81 -18.39
C THR E 382 5.59 38.88 -18.10
N ILE E 383 6.84 38.63 -18.49
CA ILE E 383 7.94 39.56 -18.25
C ILE E 383 8.59 39.93 -19.57
N VAL E 384 8.63 41.24 -19.87
CA VAL E 384 9.32 41.75 -21.06
C VAL E 384 10.77 42.03 -20.72
N LEU E 385 11.68 41.33 -21.38
CA LEU E 385 13.11 41.52 -21.25
C LEU E 385 13.66 42.34 -22.42
N ARG E 386 14.78 43.01 -22.17
CA ARG E 386 15.51 43.71 -23.22
C ARG E 386 16.95 43.22 -23.21
N ALA E 387 17.45 42.76 -24.36
CA ALA E 387 18.82 42.26 -24.44
C ALA E 387 19.84 43.41 -24.44
N ILE E 388 21.06 43.10 -23.98
CA ILE E 388 22.18 44.05 -23.95
C ILE E 388 23.13 43.68 -25.10
N SER E 389 23.72 44.69 -25.77
CA SER E 389 24.53 44.44 -26.96
C SER E 389 25.98 44.04 -26.69
N VAL E 390 26.38 42.90 -27.29
CA VAL E 390 27.72 42.33 -27.18
C VAL E 390 28.58 42.75 -28.38
N VAL E 391 29.72 43.37 -28.10
CA VAL E 391 30.72 43.73 -29.10
C VAL E 391 31.97 42.87 -28.97
N PRO F 14 23.75 -6.15 -42.15
CA PRO F 14 22.53 -6.10 -41.35
C PRO F 14 21.31 -6.66 -42.09
N HIS F 15 20.37 -7.20 -41.29
CA HIS F 15 19.19 -7.90 -41.78
C HIS F 15 18.15 -6.97 -42.42
N GLY F 16 17.71 -5.95 -41.68
CA GLY F 16 16.53 -5.18 -42.06
C GLY F 16 16.83 -3.96 -42.91
N LEU F 17 15.79 -3.17 -43.17
CA LEU F 17 15.90 -2.03 -44.06
C LEU F 17 16.49 -0.80 -43.35
N ALA F 18 17.13 0.05 -44.14
CA ALA F 18 17.61 1.33 -43.66
C ALA F 18 16.44 2.19 -43.24
N SER F 19 16.48 2.68 -42.01
CA SER F 19 15.35 3.41 -41.47
C SER F 19 15.83 4.79 -41.03
N ILE F 20 15.05 5.83 -41.37
CA ILE F 20 15.34 7.20 -40.94
C ILE F 20 15.06 7.33 -39.45
N LEU F 21 16.10 7.68 -38.68
CA LEU F 21 16.02 7.67 -37.21
C LEU F 21 15.78 9.05 -36.60
N ALA F 22 16.11 10.14 -37.30
CA ALA F 22 15.84 11.51 -36.86
C ALA F 22 15.92 12.43 -38.07
N ILE F 23 15.17 13.54 -38.00
CA ILE F 23 15.08 14.54 -39.06
C ILE F 23 15.22 15.94 -38.46
N GLY F 24 16.17 16.72 -38.96
CA GLY F 24 16.30 18.11 -38.56
C GLY F 24 16.33 19.06 -39.74
N THR F 25 15.79 20.27 -39.53
CA THR F 25 15.77 21.31 -40.58
C THR F 25 16.26 22.65 -40.06
N ALA F 26 16.59 23.52 -41.01
CA ALA F 26 17.04 24.90 -40.74
C ALA F 26 16.91 25.77 -42.00
N ASN F 27 16.73 27.07 -41.78
CA ASN F 27 16.61 28.06 -42.84
C ASN F 27 17.37 29.32 -42.42
N PRO F 28 17.84 30.13 -43.39
CA PRO F 28 18.49 31.39 -43.03
C PRO F 28 17.54 32.22 -42.18
N SER F 29 18.08 33.09 -41.37
CA SER F 29 17.22 33.70 -40.37
C SER F 29 16.34 34.82 -40.93
N ASN F 30 16.45 35.15 -42.21
CA ASN F 30 15.63 36.21 -42.80
C ASN F 30 14.39 35.67 -43.50
N CYS F 31 13.24 36.25 -43.17
CA CYS F 31 11.98 35.83 -43.78
C CYS F 31 11.52 36.87 -44.80
N PHE F 32 11.05 36.38 -45.95
CA PHE F 32 10.61 37.19 -47.09
C PHE F 32 9.17 36.85 -47.45
N ASN F 33 8.28 37.77 -47.08
CA ASN F 33 6.86 37.74 -47.42
C ASN F 33 6.58 37.89 -48.91
N GLN F 34 5.71 37.03 -49.43
CA GLN F 34 5.36 37.01 -50.85
C GLN F 34 4.46 38.18 -51.25
N ASP F 35 3.71 38.77 -50.31
CA ASP F 35 3.06 40.06 -50.58
C ASP F 35 4.10 41.09 -51.00
N GLU F 36 5.25 41.08 -50.37
CA GLU F 36 6.21 42.15 -50.52
C GLU F 36 7.30 41.83 -51.52
N PHE F 37 7.39 40.59 -51.97
CA PHE F 37 8.61 40.21 -52.67
C PHE F 37 8.76 40.90 -54.02
N PRO F 38 7.68 41.13 -54.78
CA PRO F 38 7.84 41.93 -56.00
C PRO F 38 8.49 43.28 -55.76
N ASP F 39 7.98 44.03 -54.77
CA ASP F 39 8.54 45.34 -54.45
C ASP F 39 10.00 45.22 -54.02
N TYR F 40 10.28 44.31 -53.08
CA TYR F 40 11.64 44.13 -52.58
C TYR F 40 12.62 43.76 -53.70
N SER F 41 12.37 42.62 -54.34
CA SER F 41 13.28 42.14 -55.37
C SER F 41 13.46 43.16 -56.48
N PHE F 42 12.38 43.79 -56.96
CA PHE F 42 12.55 44.71 -58.06
C PHE F 42 13.19 46.01 -57.62
N ARG F 43 13.17 46.31 -56.32
CA ARG F 43 13.93 47.43 -55.79
C ARG F 43 15.43 47.11 -55.67
N VAL F 44 15.80 45.98 -55.06
CA VAL F 44 17.21 45.72 -54.77
C VAL F 44 18.02 45.36 -56.00
N THR F 45 17.38 44.88 -57.05
CA THR F 45 18.05 44.65 -58.33
C THR F 45 18.03 45.88 -59.21
N LYS F 46 17.40 46.96 -58.75
CA LYS F 46 17.38 48.25 -59.44
C LYS F 46 16.77 48.10 -60.84
N SER F 47 15.51 47.67 -60.84
CA SER F 47 14.74 47.33 -62.03
C SER F 47 13.31 47.80 -61.90
N GLU F 48 13.10 48.83 -61.08
CA GLU F 48 11.77 49.26 -60.71
C GLU F 48 11.06 49.92 -61.87
N HIS F 49 11.82 50.33 -62.90
CA HIS F 49 11.32 50.91 -64.14
C HIS F 49 10.81 49.87 -65.13
N LEU F 50 10.90 48.59 -64.79
CA LEU F 50 10.41 47.51 -65.64
C LEU F 50 8.99 47.11 -65.25
N THR F 51 8.07 48.06 -65.40
CA THR F 51 6.72 47.89 -64.85
C THR F 51 5.94 46.80 -65.59
N SER F 52 6.09 46.74 -66.92
CA SER F 52 5.53 45.64 -67.69
C SER F 52 5.91 44.30 -67.07
N LEU F 53 7.19 44.15 -66.71
CA LEU F 53 7.74 42.91 -66.21
C LEU F 53 7.46 42.70 -64.73
N LYS F 54 7.55 43.76 -63.93
CA LYS F 54 7.23 43.62 -62.51
C LYS F 54 5.80 43.15 -62.36
N ASP F 55 4.90 43.69 -63.16
CA ASP F 55 3.53 43.21 -63.16
C ASP F 55 3.47 41.69 -63.37
N LYS F 56 4.16 41.21 -64.41
CA LYS F 56 4.20 39.78 -64.71
C LYS F 56 4.67 38.99 -63.49
N PHE F 57 5.68 39.53 -62.81
CA PHE F 57 6.25 38.85 -61.66
C PHE F 57 5.27 38.81 -60.51
N LYS F 58 4.56 39.91 -60.28
CA LYS F 58 3.58 39.93 -59.21
C LYS F 58 2.51 38.88 -59.47
N ARG F 59 2.19 38.65 -60.76
CA ARG F 59 1.28 37.55 -61.12
C ARG F 59 1.88 36.20 -60.73
N ILE F 60 3.14 36.00 -61.10
CA ILE F 60 3.78 34.72 -60.78
C ILE F 60 3.74 34.49 -59.27
N CYS F 61 4.05 35.53 -58.49
CA CYS F 61 4.11 35.34 -57.06
C CYS F 61 2.75 34.97 -56.50
N GLU F 62 1.70 35.60 -57.02
CA GLU F 62 0.34 35.31 -56.53
C GLU F 62 -0.04 33.87 -56.80
N ARG F 63 0.21 33.41 -58.01
CA ARG F 63 -0.20 32.08 -58.40
C ARG F 63 0.74 31.01 -57.87
N SER F 64 1.86 31.43 -57.27
CA SER F 64 2.87 30.50 -56.77
C SER F 64 2.39 29.71 -55.57
N THR F 65 1.49 30.27 -54.76
CA THR F 65 1.05 29.67 -53.51
C THR F 65 2.16 29.61 -52.47
N VAL F 66 3.18 30.47 -52.60
CA VAL F 66 4.24 30.60 -51.61
C VAL F 66 3.87 31.74 -50.67
N ARG F 67 3.74 31.44 -49.38
CA ARG F 67 3.39 32.55 -48.51
C ARG F 67 4.62 33.24 -47.95
N LYS F 68 5.63 32.50 -47.49
CA LYS F 68 6.90 33.13 -47.14
C LYS F 68 8.04 32.28 -47.68
N ARG F 69 9.22 32.87 -47.81
CA ARG F 69 10.43 32.09 -48.05
C ARG F 69 11.56 32.59 -47.16
N TYR F 70 12.56 31.74 -46.96
CA TYR F 70 13.72 32.15 -46.19
C TYR F 70 14.93 32.18 -47.09
N LEU F 71 15.55 33.37 -47.24
CA LEU F 71 16.67 33.60 -48.15
C LEU F 71 17.87 34.16 -47.39
N HIS F 72 19.08 33.71 -47.77
CA HIS F 72 20.30 34.24 -47.17
C HIS F 72 20.73 35.58 -47.78
N LEU F 73 20.46 35.84 -49.08
CA LEU F 73 20.75 37.18 -49.62
C LEU F 73 19.94 38.29 -49.01
N THR F 74 20.63 39.13 -48.25
CA THR F 74 20.10 40.39 -47.78
C THR F 74 20.44 41.54 -48.74
N GLU F 75 19.74 42.65 -48.57
CA GLU F 75 20.12 43.87 -49.27
C GLU F 75 21.55 44.26 -48.88
N GLU F 76 21.93 43.99 -47.63
CA GLU F 76 23.28 44.30 -47.18
C GLU F 76 24.29 43.59 -48.07
N LEU F 77 24.05 42.30 -48.29
CA LEU F 77 24.95 41.51 -49.11
C LEU F 77 24.99 42.03 -50.53
N LEU F 78 23.84 42.35 -51.10
CA LEU F 78 23.82 42.83 -52.47
C LEU F 78 24.55 44.15 -52.60
N GLN F 79 24.65 44.91 -51.51
CA GLN F 79 25.50 46.09 -51.57
C GLN F 79 26.99 45.72 -51.48
N GLU F 80 27.35 44.65 -50.75
CA GLU F 80 28.76 44.28 -50.70
C GLU F 80 29.23 43.61 -51.99
N TYR F 81 28.32 42.92 -52.69
CA TYR F 81 28.62 42.15 -53.91
C TYR F 81 27.62 42.52 -54.99
N PRO F 82 27.69 43.74 -55.51
CA PRO F 82 26.60 44.21 -56.37
C PRO F 82 26.52 43.48 -57.70
N SER F 83 27.60 42.79 -58.09
CA SER F 83 27.56 42.02 -59.33
C SER F 83 26.42 41.02 -59.34
N ILE F 84 26.09 40.44 -58.17
CA ILE F 84 25.02 39.45 -58.04
C ILE F 84 23.64 40.04 -58.37
N ALA F 85 23.47 41.36 -58.14
CA ALA F 85 22.20 42.04 -58.35
C ALA F 85 21.90 42.35 -59.81
N THR F 86 22.87 42.21 -60.70
CA THR F 86 22.59 42.40 -62.12
C THR F 86 22.02 41.11 -62.69
N TYR F 87 21.82 41.12 -64.00
CA TYR F 87 21.43 39.92 -64.73
C TYR F 87 22.65 39.10 -65.14
N ASP F 88 23.64 39.75 -65.75
CA ASP F 88 24.49 39.08 -66.71
C ASP F 88 25.99 39.19 -66.34
N ALA F 89 26.36 40.11 -65.43
CA ALA F 89 27.77 40.45 -65.15
C ALA F 89 28.50 39.33 -64.42
N PRO F 90 29.82 39.30 -64.52
CA PRO F 90 30.59 38.30 -63.78
C PRO F 90 30.34 38.43 -62.29
N SER F 91 29.94 37.31 -61.70
CA SER F 91 29.51 37.26 -60.31
C SER F 91 29.90 35.97 -59.60
N LEU F 92 30.47 34.99 -60.31
CA LEU F 92 30.68 33.69 -59.69
C LEU F 92 31.59 33.78 -58.46
N ASP F 93 32.66 34.56 -58.53
CA ASP F 93 33.59 34.64 -57.40
C ASP F 93 32.91 35.14 -56.13
N ALA F 94 32.05 36.16 -56.25
CA ALA F 94 31.34 36.63 -55.07
C ALA F 94 30.41 35.55 -54.53
N ARG F 95 29.59 34.98 -55.40
CA ARG F 95 28.68 33.93 -54.96
C ARG F 95 29.45 32.83 -54.24
N GLN F 96 30.55 32.38 -54.83
CA GLN F 96 31.35 31.33 -54.24
C GLN F 96 31.87 31.76 -52.89
N GLU F 97 32.33 33.02 -52.78
CA GLU F 97 32.79 33.57 -51.50
C GLU F 97 31.70 33.42 -50.43
N ILE F 98 30.46 33.71 -50.78
CA ILE F 98 29.38 33.56 -49.81
C ILE F 98 29.12 32.09 -49.47
N GLU F 99 29.03 31.25 -50.50
CA GLU F 99 28.41 29.94 -50.34
C GLU F 99 29.36 28.91 -49.75
N VAL F 100 30.65 28.95 -50.14
CA VAL F 100 31.59 27.98 -49.57
C VAL F 100 31.65 28.11 -48.07
N ALA F 101 31.24 29.26 -47.52
CA ALA F 101 31.10 29.46 -46.07
C ALA F 101 29.71 29.07 -45.57
N GLU F 102 28.66 29.56 -46.24
CA GLU F 102 27.34 29.55 -45.63
C GLU F 102 26.56 28.27 -45.86
N VAL F 103 26.84 27.52 -46.95
CA VAL F 103 26.24 26.20 -47.09
C VAL F 103 26.59 25.32 -45.91
N PRO F 104 27.85 25.18 -45.50
CA PRO F 104 28.15 24.31 -44.36
C PRO F 104 27.54 24.80 -43.07
N LYS F 105 27.44 26.12 -42.85
CA LYS F 105 26.93 26.61 -41.58
C LYS F 105 25.47 26.21 -41.40
N LEU F 106 24.66 26.40 -42.45
CA LEU F 106 23.27 25.99 -42.45
C LEU F 106 23.13 24.48 -42.32
N ALA F 107 23.92 23.76 -43.12
CA ALA F 107 24.01 22.32 -43.00
C ALA F 107 24.31 21.91 -41.56
N ALA F 108 25.19 22.66 -40.90
CA ALA F 108 25.58 22.34 -39.53
C ALA F 108 24.40 22.51 -38.59
N ARG F 109 23.60 23.55 -38.80
CA ARG F 109 22.40 23.76 -37.98
C ARG F 109 21.43 22.59 -38.12
N ALA F 110 21.14 22.22 -39.35
CA ALA F 110 20.15 21.16 -39.56
C ALA F 110 20.66 19.83 -39.03
N ALA F 111 21.93 19.52 -39.31
CA ALA F 111 22.52 18.29 -38.82
C ALA F 111 22.48 18.21 -37.31
N SER F 112 22.89 19.30 -36.64
CA SER F 112 22.89 19.36 -35.19
C SER F 112 21.53 19.01 -34.62
N ARG F 113 20.46 19.60 -35.18
CA ARG F 113 19.12 19.31 -34.64
C ARG F 113 18.70 17.86 -34.88
N ALA F 114 19.10 17.29 -36.04
CA ALA F 114 18.83 15.86 -36.26
C ALA F 114 19.58 14.99 -35.26
N ILE F 115 20.81 15.38 -34.95
CA ILE F 115 21.61 14.62 -33.99
C ILE F 115 21.01 14.73 -32.59
N GLU F 116 20.58 15.93 -32.18
CA GLU F 116 20.07 16.04 -30.81
C GLU F 116 18.76 15.26 -30.69
N GLU F 117 17.93 15.20 -31.77
CA GLU F 117 16.79 14.29 -31.74
C GLU F 117 17.22 12.82 -31.68
N TRP F 118 18.15 12.42 -32.55
CA TRP F 118 18.70 11.07 -32.52
C TRP F 118 19.15 10.68 -31.13
N GLY F 119 19.96 11.52 -30.51
CA GLY F 119 20.37 11.37 -29.13
C GLY F 119 21.63 10.57 -28.90
N GLN F 120 22.25 10.08 -29.93
CA GLN F 120 23.48 9.35 -29.72
C GLN F 120 24.68 10.26 -29.94
N PRO F 121 25.87 9.88 -29.50
CA PRO F 121 27.04 10.74 -29.69
C PRO F 121 27.54 10.71 -31.13
N LYS F 122 28.25 11.79 -31.50
CA LYS F 122 28.73 11.91 -32.89
C LYS F 122 29.74 10.83 -33.26
N ASN F 123 30.45 10.26 -32.26
CA ASN F 123 31.26 9.06 -32.37
C ASN F 123 30.75 8.10 -33.38
N LYS F 124 29.45 7.85 -33.30
CA LYS F 124 28.79 6.73 -33.94
C LYS F 124 28.49 6.99 -35.41
N ILE F 125 28.61 8.23 -35.85
CA ILE F 125 28.42 8.55 -37.26
C ILE F 125 29.60 8.05 -38.05
N THR F 126 29.32 7.14 -38.98
CA THR F 126 30.30 6.49 -39.83
C THR F 126 30.28 7.01 -41.27
N HIS F 127 29.15 7.56 -41.71
CA HIS F 127 28.99 8.07 -43.06
C HIS F 127 28.34 9.45 -43.06
N LEU F 128 28.70 10.26 -44.05
CA LEU F 128 28.08 11.54 -44.36
C LEU F 128 27.83 11.59 -45.87
N ILE F 129 26.58 11.80 -46.27
CA ILE F 129 26.25 12.11 -47.67
C ILE F 129 25.74 13.54 -47.69
N PHE F 130 26.36 14.38 -48.51
CA PHE F 130 26.02 15.78 -48.48
C PHE F 130 25.82 16.34 -49.89
N SER F 131 24.58 16.76 -50.14
CA SER F 131 24.12 17.32 -51.40
C SER F 131 24.08 18.85 -51.32
N SER F 132 24.76 19.49 -52.27
CA SER F 132 24.67 20.93 -52.39
C SER F 132 24.81 21.31 -53.83
N THR F 133 23.97 22.23 -54.25
CA THR F 133 24.19 22.87 -55.55
C THR F 133 25.32 23.93 -55.51
N SER F 134 25.54 24.59 -54.39
CA SER F 134 26.34 25.79 -54.29
C SER F 134 27.69 25.51 -53.65
N GLY F 135 28.62 26.46 -53.82
CA GLY F 135 29.88 26.39 -53.08
C GLY F 135 30.78 25.25 -53.52
N ILE F 136 31.03 25.16 -54.82
CA ILE F 136 31.85 24.09 -55.37
C ILE F 136 33.32 24.41 -55.05
N GLU F 137 33.96 23.52 -54.27
CA GLU F 137 35.28 23.80 -53.73
C GLU F 137 36.05 22.50 -53.45
N LYS F 138 37.37 22.65 -53.32
CA LYS F 138 38.26 21.56 -52.92
C LYS F 138 39.13 21.99 -51.75
N PRO F 139 39.06 21.35 -50.57
CA PRO F 139 38.16 20.26 -50.21
C PRO F 139 36.72 20.77 -50.16
N GLY F 140 35.76 19.88 -50.37
CA GLY F 140 34.38 20.30 -50.52
C GLY F 140 33.75 20.76 -49.21
N VAL F 141 32.51 21.25 -49.33
CA VAL F 141 31.74 21.62 -48.15
C VAL F 141 31.48 20.42 -47.24
N ASP F 142 31.55 19.19 -47.75
CA ASP F 142 31.52 18.02 -46.87
C ASP F 142 32.63 18.09 -45.80
N CYS F 143 33.83 18.45 -46.22
CA CYS F 143 34.94 18.56 -45.28
C CYS F 143 34.67 19.63 -44.23
N HIS F 144 34.24 20.81 -44.70
CA HIS F 144 33.90 21.93 -43.83
C HIS F 144 32.89 21.52 -42.78
N LEU F 145 31.86 20.77 -43.18
CA LEU F 145 30.86 20.30 -42.23
C LEU F 145 31.51 19.42 -41.17
N VAL F 146 32.39 18.49 -41.59
CA VAL F 146 33.09 17.63 -40.62
C VAL F 146 33.80 18.44 -39.55
N HIS F 147 34.58 19.44 -39.97
CA HIS F 147 35.28 20.25 -38.97
C HIS F 147 34.29 21.08 -38.13
N LEU F 148 33.25 21.65 -38.75
CA LEU F 148 32.33 22.50 -38.02
C LEU F 148 31.57 21.74 -36.94
N LEU F 149 31.21 20.49 -37.21
CA LEU F 149 30.46 19.68 -36.25
C LEU F 149 31.35 18.94 -35.27
N GLY F 150 32.61 18.68 -35.63
CA GLY F 150 33.46 17.78 -34.86
C GLY F 150 33.10 16.31 -35.01
N LEU F 151 32.85 15.92 -36.25
CA LEU F 151 32.63 14.55 -36.66
C LEU F 151 33.97 13.79 -36.72
N PRO F 152 33.98 12.47 -36.53
CA PRO F 152 35.24 11.72 -36.66
C PRO F 152 35.83 11.93 -38.04
N LEU F 153 37.13 12.19 -38.09
CA LEU F 153 37.76 12.45 -39.38
C LEU F 153 37.70 11.25 -40.33
N SER F 154 37.40 10.08 -39.80
CA SER F 154 37.33 8.84 -40.56
C SER F 154 35.98 8.62 -41.24
N VAL F 155 35.03 9.55 -41.06
CA VAL F 155 33.70 9.39 -41.64
C VAL F 155 33.80 9.30 -43.16
N ASN F 156 33.08 8.32 -43.74
CA ASN F 156 33.03 8.10 -45.19
C ASN F 156 32.12 9.13 -45.85
N ARG F 157 32.66 9.92 -46.76
CA ARG F 157 31.91 11.01 -47.34
C ARG F 157 31.50 10.70 -48.78
N VAL F 158 30.33 11.22 -49.17
CA VAL F 158 29.88 11.30 -50.57
C VAL F 158 29.40 12.73 -50.81
N MET F 159 30.18 13.52 -51.56
CA MET F 159 29.89 14.92 -51.85
C MET F 159 29.21 15.04 -53.20
N LEU F 160 27.94 15.44 -53.20
CA LEU F 160 27.12 15.49 -54.42
C LEU F 160 26.85 16.95 -54.78
N TYR F 161 27.67 17.52 -55.70
CA TYR F 161 27.53 18.92 -56.11
C TYR F 161 26.64 19.08 -57.32
N THR F 162 25.71 20.02 -57.24
CA THR F 162 25.00 20.53 -58.41
C THR F 162 24.22 19.39 -59.09
N ILE F 163 23.13 18.96 -58.42
CA ILE F 163 22.40 17.78 -58.88
C ILE F 163 21.16 18.13 -59.70
N GLY F 164 20.16 18.83 -59.17
CA GLY F 164 20.00 19.26 -57.81
C GLY F 164 18.58 18.98 -57.35
N CYS F 165 17.57 19.30 -58.18
CA CYS F 165 16.18 19.34 -57.70
C CYS F 165 15.64 17.98 -57.29
N HIS F 166 16.18 16.89 -57.85
CA HIS F 166 15.77 15.54 -57.46
C HIS F 166 16.64 14.96 -56.37
N ALA F 167 17.62 15.73 -55.87
CA ALA F 167 18.66 15.20 -54.97
C ALA F 167 18.08 14.63 -53.67
N GLY F 168 16.96 15.16 -53.18
CA GLY F 168 16.35 14.60 -51.99
C GLY F 168 16.10 13.11 -52.11
N GLY F 169 15.68 12.67 -53.29
CA GLY F 169 15.57 11.24 -53.54
C GLY F 169 16.92 10.58 -53.71
N THR F 170 17.80 11.23 -54.46
CA THR F 170 19.12 10.65 -54.73
C THR F 170 19.84 10.28 -53.41
N VAL F 171 19.91 11.19 -52.45
CA VAL F 171 20.71 10.95 -51.24
C VAL F 171 20.17 9.77 -50.48
N LEU F 172 18.83 9.64 -50.43
CA LEU F 172 18.22 8.48 -49.78
C LEU F 172 18.58 7.20 -50.52
N ARG F 173 18.57 7.22 -51.86
CA ARG F 173 18.93 6.01 -52.61
C ARG F 173 20.35 5.57 -52.27
N ILE F 174 21.27 6.52 -52.16
CA ILE F 174 22.65 6.20 -51.81
C ILE F 174 22.75 5.74 -50.37
N ALA F 175 22.12 6.48 -49.45
CA ALA F 175 22.17 6.14 -48.04
C ALA F 175 21.64 4.74 -47.79
N LYS F 176 20.55 4.35 -48.47
CA LYS F 176 20.00 3.01 -48.26
C LYS F 176 21.08 1.93 -48.42
N ASP F 177 21.82 1.98 -49.55
CA ASP F 177 22.84 0.98 -49.86
C ASP F 177 24.05 1.07 -48.91
N LEU F 178 24.45 2.28 -48.52
CA LEU F 178 25.53 2.39 -47.53
C LEU F 178 25.13 1.85 -46.16
N ALA F 179 23.96 2.23 -45.67
CA ALA F 179 23.54 1.86 -44.32
C ALA F 179 23.27 0.36 -44.20
N GLU F 180 22.81 -0.25 -45.27
CA GLU F 180 22.37 -1.63 -45.30
C GLU F 180 23.50 -2.62 -45.61
N ASN F 181 24.60 -2.15 -46.18
CA ASN F 181 25.75 -2.99 -46.52
C ASN F 181 26.93 -2.67 -45.60
N ASN F 182 26.69 -1.97 -44.49
CA ASN F 182 27.75 -1.74 -43.50
C ASN F 182 27.17 -1.91 -42.09
N VAL F 183 27.51 -3.01 -41.40
CA VAL F 183 26.83 -3.30 -40.13
C VAL F 183 27.17 -2.23 -39.10
N GLY F 184 26.14 -1.73 -38.40
CA GLY F 184 26.31 -0.70 -37.40
C GLY F 184 26.49 0.69 -37.96
N SER F 185 26.61 0.80 -39.28
CA SER F 185 26.83 2.09 -39.91
C SER F 185 25.67 3.01 -39.60
N ARG F 186 25.98 4.30 -39.44
CA ARG F 186 25.00 5.33 -39.19
C ARG F 186 25.32 6.50 -40.10
N VAL F 187 24.40 6.84 -40.99
CA VAL F 187 24.62 7.84 -42.03
C VAL F 187 23.98 9.17 -41.66
N LEU F 188 24.78 10.23 -41.68
CA LEU F 188 24.31 11.60 -41.62
C LEU F 188 24.13 12.11 -43.05
N VAL F 189 22.89 12.42 -43.44
CA VAL F 189 22.53 12.87 -44.78
C VAL F 189 22.11 14.32 -44.72
N VAL F 190 22.67 15.17 -45.59
CA VAL F 190 22.33 16.59 -45.57
C VAL F 190 22.14 17.10 -46.97
N CYS F 191 20.99 17.73 -47.23
CA CYS F 191 20.83 18.58 -48.39
C CYS F 191 20.83 20.02 -47.91
N SER F 192 21.79 20.83 -48.40
CA SER F 192 21.90 22.24 -48.04
C SER F 192 21.84 23.08 -49.30
N GLU F 193 20.72 23.78 -49.53
CA GLU F 193 20.49 24.49 -50.78
C GLU F 193 20.38 25.98 -50.48
N LEU F 194 21.19 26.79 -51.15
CA LEU F 194 21.06 28.25 -51.10
C LEU F 194 20.82 28.81 -52.49
N THR F 195 19.96 29.85 -52.62
CA THR F 195 19.68 30.47 -53.91
C THR F 195 20.70 31.55 -54.28
N VAL F 196 21.81 31.67 -53.54
CA VAL F 196 22.82 32.67 -53.83
C VAL F 196 23.47 32.43 -55.18
N MET F 197 23.63 31.18 -55.59
CA MET F 197 24.30 30.95 -56.87
C MET F 197 23.40 31.28 -58.06
N THR F 198 22.06 31.20 -57.90
CA THR F 198 21.11 31.35 -59.00
C THR F 198 20.41 32.70 -59.05
N PHE F 199 20.40 33.47 -57.98
CA PHE F 199 19.69 34.74 -57.92
C PHE F 199 20.28 35.75 -58.91
N ARG F 200 19.41 36.40 -59.69
CA ARG F 200 19.88 37.48 -60.55
C ARG F 200 18.69 38.36 -60.86
N GLY F 201 18.97 39.57 -61.38
CA GLY F 201 17.95 40.51 -61.77
C GLY F 201 16.97 40.00 -62.82
N PRO F 202 15.84 40.69 -62.98
CA PRO F 202 14.84 40.29 -63.97
C PRO F 202 15.17 40.77 -65.38
N SER F 203 14.66 40.03 -66.37
CA SER F 203 14.86 40.38 -67.77
C SER F 203 13.73 39.87 -68.63
N GLU F 204 13.32 40.64 -69.64
CA GLU F 204 12.24 40.23 -70.53
C GLU F 204 12.66 39.16 -71.53
N THR F 205 13.93 38.78 -71.56
CA THR F 205 14.42 37.71 -72.41
C THR F 205 14.50 36.37 -71.68
N ASP F 206 14.23 36.35 -70.36
CA ASP F 206 14.41 35.19 -69.50
C ASP F 206 13.22 35.11 -68.53
N LEU F 207 12.11 34.55 -69.01
CA LEU F 207 10.93 34.41 -68.17
C LEU F 207 11.16 33.37 -67.09
N ALA F 208 12.10 32.47 -67.37
CA ALA F 208 12.39 31.36 -66.49
C ALA F 208 12.94 31.83 -65.17
N ASN F 209 13.85 32.81 -65.21
CA ASN F 209 14.35 33.42 -63.99
C ASN F 209 13.29 34.22 -63.21
N LEU F 210 12.20 34.72 -63.82
CA LEU F 210 11.06 35.17 -63.00
C LEU F 210 10.41 34.02 -62.25
N ILE F 211 10.05 32.93 -62.95
CA ILE F 211 9.52 31.76 -62.26
C ILE F 211 10.43 31.39 -61.08
N ARG F 212 11.73 31.24 -61.35
CA ARG F 212 12.68 30.86 -60.31
C ARG F 212 12.65 31.82 -59.13
N MET F 213 12.88 33.13 -59.38
CA MET F 213 13.02 33.96 -58.19
C MET F 213 11.68 34.18 -57.51
N GLY F 214 10.58 33.65 -58.07
CA GLY F 214 9.37 33.61 -57.28
C GLY F 214 9.23 32.35 -56.47
N ILE F 215 9.64 31.19 -56.97
CA ILE F 215 9.30 29.93 -56.27
C ILE F 215 10.38 29.50 -55.27
N PHE F 216 11.66 29.71 -55.60
CA PHE F 216 12.75 29.02 -54.92
C PHE F 216 13.25 29.78 -53.71
N GLY F 217 13.29 29.11 -52.56
CA GLY F 217 13.87 29.65 -51.34
C GLY F 217 14.98 28.76 -50.78
N ASP F 218 15.65 29.25 -49.72
CA ASP F 218 16.79 28.60 -49.07
C ASP F 218 16.39 27.62 -47.95
N GLY F 219 17.29 26.67 -47.68
CA GLY F 219 17.06 25.68 -46.65
C GLY F 219 17.94 24.44 -46.63
N ALA F 220 18.09 23.86 -45.42
CA ALA F 220 18.86 22.64 -45.23
C ALA F 220 18.03 21.64 -44.43
N ALA F 221 18.11 20.37 -44.83
CA ALA F 221 17.50 19.27 -44.09
C ALA F 221 18.55 18.18 -43.91
N ALA F 222 18.68 17.68 -42.68
CA ALA F 222 19.59 16.59 -42.34
C ALA F 222 18.81 15.47 -41.68
N LEU F 223 19.30 14.24 -41.88
CA LEU F 223 18.63 13.09 -41.28
C LEU F 223 19.59 11.93 -41.08
N ILE F 224 19.30 11.12 -40.07
CA ILE F 224 20.12 9.96 -39.69
C ILE F 224 19.47 8.68 -40.19
N ILE F 225 20.17 7.92 -41.03
CA ILE F 225 19.68 6.63 -41.54
C ILE F 225 20.55 5.50 -41.01
N GLY F 226 19.92 4.42 -40.55
CA GLY F 226 20.59 3.19 -40.18
C GLY F 226 19.64 2.03 -40.38
N ALA F 227 20.19 0.86 -40.65
CA ALA F 227 19.39 -0.35 -40.63
C ALA F 227 19.60 -1.06 -39.31
N ASP F 228 18.68 -1.97 -38.99
CA ASP F 228 18.69 -2.68 -37.70
C ASP F 228 18.85 -1.70 -36.54
N PRO F 229 17.87 -0.81 -36.31
CA PRO F 229 18.03 0.16 -35.23
C PRO F 229 17.97 -0.51 -33.87
N ASP F 230 18.95 -0.19 -33.03
CA ASP F 230 18.92 -0.62 -31.63
C ASP F 230 17.78 0.16 -31.05
N LEU F 231 16.65 -0.53 -30.99
CA LEU F 231 15.38 0.11 -30.66
C LEU F 231 15.28 0.51 -29.20
N SER F 232 16.24 0.10 -28.36
CA SER F 232 16.32 0.61 -26.99
C SER F 232 16.55 2.12 -26.94
N ILE F 233 17.21 2.67 -27.98
CA ILE F 233 17.67 4.06 -28.01
C ILE F 233 17.29 4.76 -29.31
N GLU F 234 16.88 4.04 -30.35
CA GLU F 234 16.68 4.64 -31.67
C GLU F 234 15.22 4.47 -32.09
N LYS F 235 14.66 5.54 -32.68
CA LYS F 235 13.24 5.58 -33.02
C LYS F 235 13.09 5.69 -34.53
N PRO F 236 12.81 4.59 -35.23
CA PRO F 236 12.59 4.67 -36.69
C PRO F 236 11.39 5.55 -37.02
N ILE F 237 11.50 6.35 -38.09
CA ILE F 237 10.42 7.21 -38.55
C ILE F 237 9.83 6.73 -39.87
N PHE F 238 10.68 6.39 -40.83
CA PHE F 238 10.26 5.75 -42.07
C PHE F 238 11.31 4.72 -42.43
N GLU F 239 10.91 3.69 -43.15
CA GLU F 239 11.85 2.72 -43.68
C GLU F 239 11.95 2.96 -45.18
N ILE F 240 13.16 2.83 -45.70
CA ILE F 240 13.38 3.01 -47.12
C ILE F 240 13.31 1.62 -47.74
N PHE F 241 12.16 1.26 -48.30
CA PHE F 241 11.98 -0.09 -48.84
C PHE F 241 12.79 -0.28 -50.13
N SER F 242 12.61 0.62 -51.10
CA SER F 242 13.31 0.54 -52.37
C SER F 242 13.43 1.94 -52.94
N ALA F 243 14.46 2.14 -53.77
CA ALA F 243 14.71 3.44 -54.40
C ALA F 243 15.18 3.22 -55.83
N SER F 244 14.44 3.77 -56.80
CA SER F 244 14.81 3.72 -58.20
C SER F 244 14.98 5.11 -58.79
N GLN F 245 15.82 5.21 -59.82
CA GLN F 245 15.99 6.43 -60.59
C GLN F 245 15.64 6.14 -62.04
N THR F 246 15.11 7.15 -62.74
CA THR F 246 14.84 7.01 -64.17
C THR F 246 14.93 8.35 -64.87
N LEU F 247 15.24 8.30 -66.16
CA LEU F 247 15.21 9.46 -67.02
C LEU F 247 13.96 9.42 -67.89
N VAL F 248 13.27 10.55 -68.00
CA VAL F 248 12.13 10.64 -68.92
C VAL F 248 12.66 10.79 -70.34
N PRO F 249 12.26 9.96 -71.26
CA PRO F 249 12.91 9.94 -72.58
C PRO F 249 12.82 11.28 -73.31
N ASN F 250 13.97 11.69 -73.86
CA ASN F 250 14.04 12.88 -74.72
C ASN F 250 13.60 14.14 -73.98
N THR F 251 14.14 14.32 -72.78
CA THR F 251 13.79 15.48 -71.97
C THR F 251 15.01 16.15 -71.34
N SER F 252 16.22 15.69 -71.66
CA SER F 252 17.36 16.57 -71.57
C SER F 252 17.03 17.82 -72.38
N LYS F 253 17.41 18.96 -71.84
CA LYS F 253 17.16 20.31 -72.38
C LYS F 253 15.82 20.86 -71.91
N ALA F 254 15.03 20.12 -71.13
CA ALA F 254 13.83 20.67 -70.54
C ALA F 254 14.08 21.33 -69.19
N ILE F 255 15.01 20.78 -68.40
CA ILE F 255 15.46 21.39 -67.15
C ILE F 255 16.96 21.53 -67.28
N ARG F 256 17.44 22.76 -67.28
CA ARG F 256 18.80 23.04 -67.69
C ARG F 256 19.48 24.01 -66.74
N GLY F 257 20.80 23.90 -66.66
CA GLY F 257 21.61 24.82 -65.87
C GLY F 257 23.11 24.56 -65.98
N ARG F 258 23.87 25.65 -66.02
CA ARG F 258 25.32 25.56 -66.11
C ARG F 258 26.00 26.50 -65.12
N VAL F 259 27.07 26.02 -64.49
CA VAL F 259 27.93 26.90 -63.70
C VAL F 259 28.75 27.70 -64.71
N LYS F 260 28.54 29.03 -64.75
CA LYS F 260 29.19 29.95 -65.69
C LYS F 260 29.72 31.16 -64.94
N GLU F 261 30.38 32.07 -65.69
CA GLU F 261 30.90 33.31 -65.12
C GLU F 261 29.80 34.13 -64.41
N MET F 262 28.56 34.06 -64.89
CA MET F 262 27.44 34.79 -64.28
C MET F 262 26.77 34.05 -63.13
N GLY F 263 27.33 32.93 -62.66
CA GLY F 263 26.66 32.06 -61.68
C GLY F 263 26.07 30.82 -62.34
N LEU F 264 25.08 30.23 -61.64
CA LEU F 264 24.37 29.07 -62.15
C LEU F 264 23.17 29.56 -62.98
N THR F 265 23.23 29.35 -64.28
CA THR F 265 22.11 29.73 -65.13
C THR F 265 20.93 28.79 -64.90
N PHE F 266 19.76 29.21 -65.37
CA PHE F 266 18.54 28.47 -65.05
C PHE F 266 17.54 28.55 -66.19
N TYR F 267 17.06 27.38 -66.65
CA TYR F 267 15.91 27.29 -67.56
C TYR F 267 15.03 26.14 -67.11
N VAL F 268 13.71 26.36 -67.08
CA VAL F 268 12.72 25.30 -66.92
C VAL F 268 11.67 25.38 -68.02
N ASP F 269 11.47 24.29 -68.74
CA ASP F 269 10.46 24.29 -69.79
C ASP F 269 9.07 24.43 -69.20
N LYS F 270 8.18 25.07 -69.96
CA LYS F 270 6.83 25.23 -69.45
C LYS F 270 6.08 23.91 -69.41
N MET F 271 6.65 22.86 -70.00
CA MET F 271 6.02 21.55 -70.10
C MET F 271 6.36 20.64 -68.92
N VAL F 272 7.20 21.09 -68.00
CA VAL F 272 7.67 20.21 -66.92
C VAL F 272 6.55 19.49 -66.18
N PRO F 273 5.48 20.15 -65.75
CA PRO F 273 4.37 19.40 -65.13
C PRO F 273 3.77 18.30 -66.00
N THR F 274 3.47 18.60 -67.28
CA THR F 274 2.88 17.59 -68.16
C THR F 274 3.83 16.42 -68.36
N LEU F 275 5.13 16.71 -68.52
CA LEU F 275 6.16 15.68 -68.67
C LEU F 275 6.21 14.75 -67.46
N VAL F 276 6.26 15.35 -66.26
CA VAL F 276 6.33 14.57 -65.02
C VAL F 276 5.09 13.70 -64.87
N ALA F 277 3.91 14.32 -65.02
CA ALA F 277 2.67 13.56 -64.89
C ALA F 277 2.59 12.46 -65.94
N SER F 278 3.01 12.76 -67.17
CA SER F 278 3.02 11.77 -68.23
C SER F 278 3.87 10.55 -67.85
N ASN F 279 4.95 10.74 -67.07
CA ASN F 279 5.83 9.61 -66.75
C ASN F 279 5.57 8.98 -65.37
N ILE F 280 4.81 9.65 -64.50
CA ILE F 280 4.73 9.24 -63.11
C ILE F 280 4.10 7.86 -62.96
N GLU F 281 3.12 7.55 -63.81
CA GLU F 281 2.40 6.30 -63.63
C GLU F 281 3.36 5.11 -63.80
N GLN F 282 4.26 5.19 -64.77
CA GLN F 282 5.21 4.11 -64.98
C GLN F 282 6.11 3.91 -63.77
N CYS F 283 6.73 5.00 -63.28
CA CYS F 283 7.65 4.90 -62.15
C CYS F 283 6.95 4.34 -60.95
N LEU F 284 5.73 4.80 -60.72
CA LEU F 284 4.93 4.40 -59.59
C LEU F 284 4.49 2.94 -59.74
N ASP F 285 4.19 2.55 -60.98
CA ASP F 285 3.80 1.22 -61.35
C ASP F 285 4.91 0.23 -61.04
N LYS F 286 6.12 0.55 -61.52
CA LYS F 286 7.32 -0.25 -61.24
C LYS F 286 7.54 -0.37 -59.75
N ALA F 287 7.41 0.76 -59.04
CA ALA F 287 7.76 0.76 -57.63
C ALA F 287 6.80 -0.09 -56.82
N PHE F 288 5.52 -0.12 -57.19
CA PHE F 288 4.51 -0.69 -56.31
C PHE F 288 3.87 -1.99 -56.81
N SER F 289 4.08 -2.39 -58.05
CA SER F 289 3.65 -3.73 -58.45
C SER F 289 4.25 -4.83 -57.59
N PRO F 290 5.54 -4.81 -57.22
CA PRO F 290 6.04 -5.84 -56.30
C PRO F 290 5.25 -5.94 -55.00
N LEU F 291 4.65 -4.84 -54.54
CA LEU F 291 3.87 -4.79 -53.31
C LEU F 291 2.40 -5.08 -53.57
N GLY F 292 2.04 -5.37 -54.81
CA GLY F 292 0.64 -5.54 -55.15
C GLY F 292 -0.22 -4.35 -54.80
N ILE F 293 0.30 -3.14 -55.00
CA ILE F 293 -0.43 -1.91 -54.71
C ILE F 293 -0.76 -1.23 -56.04
N ASN F 294 -2.03 -0.84 -56.21
CA ASN F 294 -2.65 -0.37 -57.44
C ASN F 294 -3.40 0.93 -57.23
N ASP F 295 -4.02 1.11 -56.07
CA ASP F 295 -4.80 2.30 -55.75
C ASP F 295 -3.90 3.33 -55.09
N TRP F 296 -3.60 4.42 -55.81
CA TRP F 296 -2.63 5.37 -55.32
C TRP F 296 -3.18 6.25 -54.22
N ASN F 297 -4.44 6.06 -53.83
CA ASN F 297 -4.97 6.85 -52.73
C ASN F 297 -4.74 6.15 -51.42
N SER F 298 -4.29 4.89 -51.44
CA SER F 298 -4.01 4.14 -50.24
C SER F 298 -2.58 4.33 -49.74
N ILE F 299 -1.74 5.06 -50.47
CA ILE F 299 -0.34 5.26 -50.10
C ILE F 299 -0.17 6.73 -49.79
N PHE F 300 0.72 7.05 -48.86
CA PHE F 300 0.94 8.46 -48.56
C PHE F 300 1.96 9.07 -49.53
N TRP F 301 1.89 10.41 -49.68
CA TRP F 301 2.53 11.07 -50.81
C TRP F 301 3.50 12.16 -50.40
N ILE F 302 4.72 12.07 -50.93
CA ILE F 302 5.78 13.06 -50.80
C ILE F 302 6.35 13.39 -52.18
N PRO F 303 5.61 14.07 -53.07
CA PRO F 303 6.20 14.47 -54.35
C PRO F 303 6.98 15.75 -54.17
N HIS F 304 8.06 15.90 -54.92
CA HIS F 304 8.75 17.17 -54.94
C HIS F 304 7.84 18.25 -55.53
N PRO F 305 7.58 19.34 -54.83
CA PRO F 305 6.66 20.37 -55.34
C PRO F 305 7.40 21.41 -56.18
N GLY F 306 7.92 20.97 -57.33
CA GLY F 306 8.62 21.89 -58.21
C GLY F 306 7.82 23.14 -58.46
N GLY F 307 6.50 23.00 -58.46
CA GLY F 307 5.63 24.15 -58.42
C GLY F 307 4.20 23.72 -58.23
N PRO F 308 3.30 24.69 -58.08
CA PRO F 308 1.89 24.34 -57.92
C PRO F 308 1.31 23.61 -59.11
N ALA F 309 1.84 23.86 -60.32
CA ALA F 309 1.34 23.17 -61.52
C ALA F 309 1.74 21.70 -61.53
N ILE F 310 2.94 21.38 -61.04
CA ILE F 310 3.35 19.99 -60.97
C ILE F 310 2.42 19.23 -60.04
N LEU F 311 2.08 19.85 -58.90
CA LEU F 311 1.19 19.22 -57.94
C LEU F 311 -0.22 19.05 -58.50
N ALA F 312 -0.76 20.11 -59.11
CA ALA F 312 -2.06 20.04 -59.77
C ALA F 312 -2.11 18.96 -60.85
N GLU F 313 -1.05 18.88 -61.67
CA GLU F 313 -1.03 17.94 -62.79
C GLU F 313 -1.00 16.50 -62.28
N ILE F 314 -0.26 16.25 -61.18
CA ILE F 314 -0.25 14.91 -60.58
C ILE F 314 -1.63 14.54 -60.05
N GLU F 315 -2.20 15.40 -59.19
CA GLU F 315 -3.57 15.21 -58.72
C GLU F 315 -4.50 14.82 -59.87
N ALA F 316 -4.55 15.68 -60.90
CA ALA F 316 -5.40 15.44 -62.06
C ALA F 316 -5.18 14.06 -62.65
N LYS F 317 -3.93 13.70 -62.92
CA LYS F 317 -3.64 12.47 -63.66
C LYS F 317 -4.03 11.24 -62.85
N LEU F 318 -3.67 11.21 -61.57
CA LEU F 318 -3.86 10.02 -60.73
C LEU F 318 -5.19 9.95 -59.98
N GLU F 319 -6.06 10.97 -60.01
CA GLU F 319 -7.31 10.95 -59.21
C GLU F 319 -7.02 10.90 -57.71
N LEU F 320 -6.25 11.86 -57.23
CA LEU F 320 -5.90 11.90 -55.81
C LEU F 320 -6.91 12.73 -55.04
N LYS F 321 -7.24 12.29 -53.81
CA LYS F 321 -8.12 13.04 -52.92
C LYS F 321 -7.51 14.40 -52.59
N PRO F 322 -8.36 15.38 -52.21
CA PRO F 322 -7.85 16.72 -51.89
C PRO F 322 -6.76 16.75 -50.84
N GLY F 323 -6.88 15.91 -49.80
CA GLY F 323 -5.98 15.94 -48.67
C GLY F 323 -4.60 15.40 -48.94
N LYS F 324 -4.41 14.66 -50.05
CA LYS F 324 -3.23 13.80 -50.20
C LYS F 324 -1.95 14.60 -49.99
N LEU F 325 -1.87 15.74 -50.65
CA LEU F 325 -0.70 16.60 -50.73
C LEU F 325 -0.74 17.72 -49.68
N ARG F 326 -1.57 17.54 -48.66
CA ARG F 326 -1.75 18.52 -47.59
C ARG F 326 -0.42 19.04 -47.06
N ALA F 327 0.41 18.14 -46.56
CA ALA F 327 1.70 18.53 -46.00
C ALA F 327 2.63 19.11 -47.06
N THR F 328 2.71 18.48 -48.23
CA THR F 328 3.53 19.03 -49.31
C THR F 328 3.12 20.47 -49.64
N ARG F 329 1.83 20.70 -49.84
CA ARG F 329 1.38 22.06 -50.06
C ARG F 329 1.82 22.97 -48.92
N HIS F 330 1.75 22.48 -47.67
CA HIS F 330 2.17 23.29 -46.54
C HIS F 330 3.64 23.68 -46.63
N VAL F 331 4.50 22.71 -46.96
CA VAL F 331 5.94 23.03 -47.06
C VAL F 331 6.17 24.05 -48.17
N LEU F 332 5.53 23.86 -49.34
CA LEU F 332 5.69 24.82 -50.44
C LEU F 332 5.22 26.22 -50.02
N SER F 333 4.14 26.32 -49.24
CA SER F 333 3.63 27.64 -48.88
C SER F 333 4.44 28.30 -47.78
N GLU F 334 4.90 27.53 -46.80
CA GLU F 334 5.59 28.08 -45.65
C GLU F 334 7.07 28.24 -45.87
N TYR F 335 7.60 27.58 -46.91
CA TYR F 335 9.03 27.60 -47.15
C TYR F 335 9.42 27.85 -48.58
N GLY F 336 8.55 27.58 -49.56
CA GLY F 336 8.89 27.69 -50.97
C GLY F 336 9.63 26.48 -51.46
N ASN F 337 10.13 26.55 -52.70
CA ASN F 337 10.84 25.43 -53.29
C ASN F 337 12.30 25.45 -52.82
N MET F 338 12.66 24.52 -51.93
CA MET F 338 14.01 24.41 -51.41
C MET F 338 14.79 23.27 -52.06
N SER F 339 14.58 23.06 -53.36
CA SER F 339 15.27 22.10 -54.23
C SER F 339 15.35 20.73 -53.56
N GLY F 340 16.54 20.12 -53.49
CA GLY F 340 16.64 18.75 -53.01
C GLY F 340 16.06 18.59 -51.62
N ALA F 341 16.34 19.54 -50.73
CA ALA F 341 15.89 19.46 -49.35
C ALA F 341 14.38 19.38 -49.20
N THR F 342 13.61 19.88 -50.18
CA THR F 342 12.19 20.10 -49.95
C THR F 342 11.47 18.83 -49.49
N VAL F 343 11.61 17.73 -50.24
CA VAL F 343 10.89 16.52 -49.88
C VAL F 343 11.27 16.07 -48.47
N LEU F 344 12.51 16.35 -48.06
CA LEU F 344 12.92 15.99 -46.70
C LEU F 344 12.17 16.82 -45.67
N PHE F 345 12.02 18.14 -45.90
CA PHE F 345 11.16 18.96 -45.04
C PHE F 345 9.78 18.34 -44.94
N ILE F 346 9.31 17.81 -46.08
CA ILE F 346 7.98 17.21 -46.16
C ILE F 346 7.92 15.95 -45.33
N LEU F 347 8.98 15.13 -45.37
CA LEU F 347 9.06 14.00 -44.45
C LEU F 347 8.83 14.47 -43.03
N ASP F 348 9.60 15.47 -42.60
CA ASP F 348 9.42 15.99 -41.25
C ASP F 348 7.99 16.48 -41.05
N GLU F 349 7.48 17.23 -42.02
CA GLU F 349 6.14 17.79 -41.91
C GLU F 349 5.11 16.68 -41.82
N MET F 350 5.32 15.56 -42.52
CA MET F 350 4.34 14.49 -42.40
C MET F 350 4.42 13.81 -41.04
N ARG F 351 5.63 13.56 -40.55
CA ARG F 351 5.73 12.82 -39.30
C ARG F 351 5.15 13.63 -38.15
N ARG F 352 5.30 14.96 -38.18
CA ARG F 352 4.81 15.77 -37.08
C ARG F 352 3.29 15.89 -37.14
N ARG F 353 2.75 16.15 -38.33
CA ARG F 353 1.31 16.31 -38.52
C ARG F 353 0.55 15.08 -38.03
N SER F 354 1.01 13.90 -38.46
CA SER F 354 0.38 12.64 -38.03
C SER F 354 0.35 12.51 -36.52
N LYS F 355 1.45 12.87 -35.85
CA LYS F 355 1.45 12.80 -34.39
C LYS F 355 0.50 13.84 -33.80
N LYS F 356 0.49 15.08 -34.32
CA LYS F 356 -0.43 16.08 -33.77
C LYS F 356 -1.86 15.66 -34.00
N GLU F 357 -2.10 14.88 -35.05
CA GLU F 357 -3.43 14.41 -35.37
C GLU F 357 -3.62 12.96 -34.97
N GLY F 358 -2.78 12.47 -34.05
CA GLY F 358 -2.91 11.17 -33.41
C GLY F 358 -3.23 10.01 -34.32
N LYS F 359 -2.55 9.91 -35.46
CA LYS F 359 -2.79 8.82 -36.38
C LYS F 359 -2.00 7.59 -35.96
N GLY F 360 -2.40 6.44 -36.49
CA GLY F 360 -1.75 5.19 -36.12
C GLY F 360 -0.33 5.07 -36.63
N THR F 361 0.00 5.73 -37.74
CA THR F 361 1.32 5.65 -38.32
C THR F 361 1.87 7.05 -38.55
N THR F 362 3.18 7.13 -38.74
CA THR F 362 3.82 8.39 -39.10
C THR F 362 3.51 8.79 -40.53
N GLY F 363 2.95 7.89 -41.33
CA GLY F 363 2.68 8.22 -42.71
C GLY F 363 1.22 8.49 -42.92
N ASP F 364 0.64 9.34 -42.05
CA ASP F 364 -0.76 9.75 -42.19
C ASP F 364 -1.71 8.56 -42.04
N GLY F 365 -1.45 7.71 -41.06
CA GLY F 365 -2.34 6.59 -40.80
C GLY F 365 -2.23 5.43 -41.78
N LEU F 366 -1.46 5.57 -42.85
CA LEU F 366 -1.30 4.54 -43.86
C LEU F 366 0.00 3.77 -43.66
N GLU F 367 0.07 2.62 -44.32
CA GLU F 367 1.26 1.79 -44.12
C GLU F 367 2.39 2.19 -45.04
N TRP F 368 2.09 2.42 -46.32
CA TRP F 368 3.11 2.62 -47.34
C TRP F 368 3.03 4.02 -47.91
N GLY F 369 4.18 4.54 -48.35
CA GLY F 369 4.23 5.86 -48.95
C GLY F 369 5.20 5.87 -50.12
N VAL F 370 5.06 6.91 -50.96
CA VAL F 370 5.98 7.18 -52.06
C VAL F 370 6.54 8.59 -51.92
N LEU F 371 7.86 8.72 -52.10
CA LEU F 371 8.60 9.99 -52.16
C LEU F 371 9.25 10.11 -53.51
N MET F 372 8.98 11.20 -54.23
CA MET F 372 9.46 11.37 -55.59
C MET F 372 10.24 12.67 -55.73
N GLY F 373 11.40 12.60 -56.35
CA GLY F 373 12.16 13.78 -56.76
C GLY F 373 12.10 14.01 -58.26
N PHE F 374 11.92 15.26 -58.66
CA PHE F 374 11.93 15.66 -60.07
C PHE F 374 13.02 16.68 -60.31
N GLY F 375 13.86 16.42 -61.31
CA GLY F 375 14.95 17.33 -61.60
C GLY F 375 15.57 17.18 -62.98
N PRO F 376 16.74 17.77 -63.16
CA PRO F 376 17.36 17.81 -64.49
C PRO F 376 17.48 16.43 -65.10
N GLY F 377 17.20 16.32 -66.40
CA GLY F 377 17.31 15.02 -67.03
C GLY F 377 16.45 14.72 -68.24
N VAL F 378 15.13 14.72 -68.09
CA VAL F 378 14.47 14.88 -66.81
C VAL F 378 14.57 13.60 -65.98
N THR F 379 14.89 13.75 -64.70
CA THR F 379 15.10 12.64 -63.78
C THR F 379 13.96 12.56 -62.78
N VAL F 380 13.46 11.33 -62.56
CA VAL F 380 12.48 10.97 -61.53
C VAL F 380 13.13 9.98 -60.56
N GLU F 381 13.34 10.42 -59.32
CA GLU F 381 13.68 9.54 -58.20
C GLU F 381 12.38 9.04 -57.56
N THR F 382 12.20 7.73 -57.52
CA THR F 382 11.02 7.12 -56.89
C THR F 382 11.48 6.29 -55.69
N ILE F 383 11.01 6.65 -54.50
CA ILE F 383 11.41 5.95 -53.27
C ILE F 383 10.15 5.44 -52.55
N VAL F 384 10.05 4.12 -52.37
CA VAL F 384 8.94 3.53 -51.62
C VAL F 384 9.34 3.53 -50.15
N LEU F 385 8.60 4.29 -49.35
CA LEU F 385 8.78 4.39 -47.92
C LEU F 385 7.76 3.51 -47.21
N ARG F 386 8.11 3.12 -45.99
CA ARG F 386 7.22 2.37 -45.14
C ARG F 386 7.14 3.11 -43.81
N ALA F 387 5.92 3.38 -43.35
CA ALA F 387 5.71 4.11 -42.10
C ALA F 387 5.91 3.21 -40.88
N ILE F 388 6.27 3.84 -39.76
CA ILE F 388 6.44 3.16 -38.47
C ILE F 388 5.23 3.47 -37.60
N SER F 389 4.77 2.48 -36.83
CA SER F 389 3.51 2.58 -36.08
C SER F 389 3.63 3.36 -34.78
N VAL F 390 2.76 4.35 -34.60
CA VAL F 390 2.66 5.15 -33.37
C VAL F 390 1.57 4.61 -32.42
N ARG G 12 -26.56 -32.08 45.72
CA ARG G 12 -27.80 -31.46 46.13
C ARG G 12 -28.00 -30.07 45.57
N ARG G 13 -26.92 -29.22 45.51
CA ARG G 13 -27.04 -27.91 44.88
C ARG G 13 -27.78 -26.87 45.75
N PRO G 14 -27.25 -25.65 45.89
CA PRO G 14 -27.91 -24.60 46.67
C PRO G 14 -28.99 -23.83 45.90
N HIS G 15 -29.91 -23.25 46.66
CA HIS G 15 -31.07 -22.56 46.08
C HIS G 15 -30.65 -21.30 45.33
N GLY G 16 -29.95 -20.38 46.01
CA GLY G 16 -29.77 -19.02 45.55
C GLY G 16 -28.53 -18.81 44.71
N LEU G 17 -28.26 -17.54 44.43
CA LEU G 17 -27.16 -17.16 43.56
C LEU G 17 -25.82 -17.23 44.28
N ALA G 18 -24.77 -17.45 43.51
CA ALA G 18 -23.43 -17.29 44.04
C ALA G 18 -23.21 -15.82 44.40
N SER G 19 -22.81 -15.58 45.64
CA SER G 19 -22.71 -14.24 46.17
C SER G 19 -21.29 -13.94 46.62
N ILE G 20 -20.78 -12.76 46.26
CA ILE G 20 -19.48 -12.34 46.78
C ILE G 20 -19.66 -11.99 48.24
N LEU G 21 -18.92 -12.70 49.12
CA LEU G 21 -19.06 -12.54 50.56
C LEU G 21 -18.01 -11.62 51.20
N ALA G 22 -16.84 -11.47 50.59
CA ALA G 22 -15.87 -10.53 51.13
C ALA G 22 -14.88 -10.17 50.03
N ILE G 23 -14.31 -8.96 50.13
CA ILE G 23 -13.34 -8.44 49.17
C ILE G 23 -12.17 -7.83 49.94
N GLY G 24 -10.97 -8.32 49.63
CA GLY G 24 -9.73 -7.73 50.14
C GLY G 24 -8.79 -7.46 48.98
N THR G 25 -8.00 -6.40 49.12
CA THR G 25 -7.05 -6.05 48.08
C THR G 25 -5.66 -5.87 48.68
N ALA G 26 -4.68 -5.76 47.80
CA ALA G 26 -3.31 -5.50 48.22
C ALA G 26 -2.53 -4.98 47.02
N ASN G 27 -1.48 -4.22 47.31
CA ASN G 27 -0.58 -3.72 46.30
C ASN G 27 0.83 -3.77 46.85
N PRO G 28 1.83 -3.89 45.99
CA PRO G 28 3.22 -3.82 46.45
C PRO G 28 3.51 -2.53 47.21
N SER G 29 4.53 -2.59 48.02
CA SER G 29 4.82 -1.53 48.97
C SER G 29 5.60 -0.35 48.38
N ASN G 30 6.01 -0.39 47.10
CA ASN G 30 6.69 0.74 46.48
C ASN G 30 5.71 1.59 45.69
N CYS G 31 5.66 2.89 45.98
CA CYS G 31 4.73 3.76 45.27
C CYS G 31 5.46 4.72 44.33
N PHE G 32 4.89 4.87 43.12
CA PHE G 32 5.43 5.72 42.06
C PHE G 32 4.37 6.71 41.58
N ASN G 33 4.54 7.98 41.97
CA ASN G 33 3.82 9.12 41.39
C ASN G 33 4.10 9.28 39.90
N GLN G 34 3.03 9.59 39.16
CA GLN G 34 3.19 9.74 37.72
C GLN G 34 3.99 10.99 37.37
N ASP G 35 3.95 12.03 38.21
CA ASP G 35 4.76 13.22 37.94
C ASP G 35 6.23 12.87 37.88
N GLU G 36 6.69 11.97 38.74
CA GLU G 36 8.10 11.67 38.86
C GLU G 36 8.50 10.42 38.08
N PHE G 37 7.53 9.69 37.55
CA PHE G 37 7.80 8.40 36.90
C PHE G 37 8.51 8.52 35.54
N PRO G 38 8.18 9.49 34.68
CA PRO G 38 9.01 9.62 33.47
C PRO G 38 10.47 9.73 33.81
N ASP G 39 10.78 10.64 34.74
CA ASP G 39 12.14 10.91 35.15
C ASP G 39 12.81 9.66 35.73
N TYR G 40 12.13 8.97 36.66
CA TYR G 40 12.65 7.74 37.24
C TYR G 40 12.90 6.64 36.19
N SER G 41 11.82 6.18 35.52
CA SER G 41 11.93 5.06 34.60
C SER G 41 12.98 5.30 33.54
N PHE G 42 13.03 6.52 32.99
CA PHE G 42 13.97 6.72 31.90
C PHE G 42 15.41 6.77 32.38
N ARG G 43 15.63 6.96 33.68
CA ARG G 43 16.96 6.79 34.26
C ARG G 43 17.34 5.33 34.42
N VAL G 44 16.45 4.55 35.05
CA VAL G 44 16.84 3.19 35.41
C VAL G 44 16.98 2.32 34.18
N THR G 45 16.32 2.66 33.08
CA THR G 45 16.57 1.93 31.84
C THR G 45 17.73 2.51 31.04
N LYS G 46 18.39 3.56 31.58
CA LYS G 46 19.58 4.16 30.98
C LYS G 46 19.25 4.68 29.58
N SER G 47 18.30 5.62 29.57
CA SER G 47 17.72 6.07 28.31
C SER G 47 17.44 7.58 28.29
N GLU G 48 18.11 8.39 29.12
CA GLU G 48 17.82 9.82 29.20
C GLU G 48 18.38 10.58 28.03
N HIS G 49 19.22 9.95 27.23
CA HIS G 49 19.68 10.52 25.98
C HIS G 49 18.63 10.41 24.87
N LEU G 50 17.53 9.70 25.11
CA LEU G 50 16.45 9.59 24.14
C LEU G 50 15.32 10.58 24.46
N THR G 51 15.69 11.86 24.47
CA THR G 51 14.80 12.90 24.97
C THR G 51 13.59 13.10 24.06
N SER G 52 13.79 12.98 22.74
CA SER G 52 12.66 12.94 21.80
C SER G 52 11.62 11.93 22.28
N LEU G 53 12.09 10.75 22.71
CA LEU G 53 11.22 9.67 23.15
C LEU G 53 10.73 9.87 24.58
N LYS G 54 11.56 10.46 25.44
CA LYS G 54 11.18 10.73 26.82
C LYS G 54 10.02 11.72 26.92
N ASP G 55 10.08 12.83 26.16
CA ASP G 55 8.98 13.80 26.11
C ASP G 55 7.68 13.16 25.63
N LYS G 56 7.76 12.37 24.55
CA LYS G 56 6.60 11.66 24.05
C LYS G 56 5.94 10.87 25.19
N PHE G 57 6.79 10.27 26.05
CA PHE G 57 6.32 9.44 27.16
C PHE G 57 5.72 10.26 28.30
N LYS G 58 6.29 11.42 28.62
CA LYS G 58 5.69 12.25 29.65
C LYS G 58 4.30 12.73 29.21
N ARG G 59 4.09 12.93 27.90
CA ARG G 59 2.72 13.12 27.40
C ARG G 59 1.83 11.89 27.59
N ILE G 60 2.34 10.71 27.26
CA ILE G 60 1.54 9.49 27.48
C ILE G 60 1.08 9.42 28.94
N CYS G 61 2.01 9.69 29.84
CA CYS G 61 1.66 9.65 31.25
C CYS G 61 0.66 10.73 31.60
N GLU G 62 0.78 11.90 30.97
CA GLU G 62 -0.15 12.98 31.28
C GLU G 62 -1.58 12.57 30.93
N ARG G 63 -1.77 12.11 29.71
CA ARG G 63 -3.13 11.79 29.29
C ARG G 63 -3.63 10.42 29.78
N SER G 64 -2.81 9.68 30.54
CA SER G 64 -3.24 8.41 31.14
C SER G 64 -4.33 8.58 32.21
N THR G 65 -4.37 9.75 32.88
CA THR G 65 -5.22 10.08 34.02
C THR G 65 -4.82 9.34 35.28
N VAL G 66 -3.63 8.77 35.30
CA VAL G 66 -3.14 8.03 36.44
C VAL G 66 -2.27 8.97 37.24
N ARG G 67 -2.54 9.05 38.56
CA ARG G 67 -1.74 9.85 39.48
C ARG G 67 -0.67 9.04 40.21
N LYS G 68 -1.02 7.85 40.73
CA LYS G 68 -0.10 6.95 41.42
C LYS G 68 -0.16 5.55 40.83
N ARG G 69 0.92 4.79 41.01
CA ARG G 69 0.90 3.34 40.76
C ARG G 69 1.72 2.64 41.83
N TYR G 70 1.43 1.35 42.00
CA TYR G 70 2.19 0.51 42.91
C TYR G 70 2.96 -0.52 42.11
N LEU G 71 4.29 -0.51 42.21
CA LEU G 71 5.10 -1.40 41.39
C LEU G 71 6.05 -2.25 42.22
N HIS G 72 6.19 -3.52 41.83
CA HIS G 72 7.14 -4.39 42.51
C HIS G 72 8.58 -4.26 41.98
N LEU G 73 8.79 -4.03 40.68
CA LEU G 73 10.16 -3.79 40.17
C LEU G 73 10.74 -2.50 40.70
N THR G 74 11.68 -2.65 41.61
CA THR G 74 12.45 -1.56 42.12
C THR G 74 13.73 -1.37 41.33
N GLU G 75 14.34 -0.21 41.51
CA GLU G 75 15.68 0.04 40.96
C GLU G 75 16.66 -0.98 41.46
N GLU G 76 16.58 -1.30 42.75
CA GLU G 76 17.49 -2.25 43.37
C GLU G 76 17.35 -3.62 42.73
N LEU G 77 16.09 -4.02 42.44
CA LEU G 77 15.84 -5.25 41.70
C LEU G 77 16.40 -5.19 40.28
N LEU G 78 16.24 -4.05 39.59
CA LEU G 78 16.77 -3.91 38.24
C LEU G 78 18.30 -3.87 38.21
N GLN G 79 18.94 -3.43 39.29
CA GLN G 79 20.39 -3.52 39.36
C GLN G 79 20.83 -4.96 39.63
N GLU G 80 19.97 -5.75 40.26
CA GLU G 80 20.22 -7.17 40.47
C GLU G 80 19.87 -7.99 39.23
N TYR G 81 18.90 -7.55 38.43
CA TYR G 81 18.48 -8.27 37.22
C TYR G 81 18.50 -7.29 36.05
N PRO G 82 19.69 -6.88 35.64
CA PRO G 82 19.80 -5.76 34.70
C PRO G 82 19.30 -6.08 33.30
N SER G 83 19.06 -7.36 32.99
CA SER G 83 18.45 -7.72 31.71
C SER G 83 17.04 -7.15 31.56
N ILE G 84 16.28 -7.10 32.66
CA ILE G 84 14.88 -6.65 32.57
C ILE G 84 14.80 -5.20 32.12
N ALA G 85 15.84 -4.42 32.40
CA ALA G 85 16.00 -3.00 32.08
C ALA G 85 16.39 -2.74 30.61
N THR G 86 16.59 -3.77 29.79
CA THR G 86 16.79 -3.60 28.35
C THR G 86 15.44 -3.66 27.60
N TYR G 87 15.48 -3.52 26.27
CA TYR G 87 14.33 -3.80 25.41
C TYR G 87 14.29 -5.25 24.91
N ASP G 88 15.39 -5.73 24.33
CA ASP G 88 15.44 -7.02 23.66
C ASP G 88 16.04 -8.13 24.50
N ALA G 89 16.88 -7.82 25.46
CA ALA G 89 17.78 -8.84 25.97
C ALA G 89 17.01 -9.94 26.70
N PRO G 90 17.56 -11.16 26.72
CA PRO G 90 16.91 -12.28 27.40
C PRO G 90 16.75 -12.05 28.89
N SER G 91 15.52 -12.18 29.36
CA SER G 91 15.22 -11.82 30.75
C SER G 91 14.12 -12.68 31.39
N LEU G 92 13.49 -13.56 30.61
CA LEU G 92 12.37 -14.33 31.14
C LEU G 92 12.77 -15.11 32.38
N ASP G 93 14.00 -15.69 32.39
CA ASP G 93 14.45 -16.44 33.56
C ASP G 93 14.45 -15.56 34.82
N ALA G 94 14.96 -14.34 34.68
CA ALA G 94 14.95 -13.40 35.81
C ALA G 94 13.52 -13.01 36.20
N ARG G 95 12.73 -12.58 35.23
CA ARG G 95 11.37 -12.18 35.51
C ARG G 95 10.65 -13.31 36.26
N GLN G 96 10.79 -14.53 35.76
CA GLN G 96 10.13 -15.67 36.38
C GLN G 96 10.60 -15.86 37.82
N GLU G 97 11.92 -15.83 38.05
CA GLU G 97 12.45 -15.97 39.40
C GLU G 97 11.76 -15.01 40.37
N ILE G 98 11.50 -13.77 39.91
CA ILE G 98 10.85 -12.79 40.76
C ILE G 98 9.39 -13.14 41.01
N GLU G 99 8.67 -13.51 39.94
CA GLU G 99 7.23 -13.54 40.03
C GLU G 99 6.71 -14.83 40.63
N VAL G 100 7.34 -15.98 40.36
CA VAL G 100 6.89 -17.24 40.97
C VAL G 100 6.94 -17.17 42.49
N ALA G 101 7.72 -16.26 43.05
CA ALA G 101 7.69 -15.94 44.48
C ALA G 101 6.67 -14.85 44.79
N GLU G 102 6.70 -13.73 44.03
CA GLU G 102 6.04 -12.53 44.52
C GLU G 102 4.55 -12.44 44.15
N VAL G 103 4.11 -13.07 43.06
CA VAL G 103 2.67 -13.16 42.80
C VAL G 103 1.94 -13.84 43.96
N PRO G 104 2.36 -15.01 44.46
CA PRO G 104 1.65 -15.61 45.60
C PRO G 104 1.73 -14.80 46.89
N LYS G 105 2.83 -14.07 47.14
CA LYS G 105 2.93 -13.32 48.38
C LYS G 105 1.87 -12.21 48.42
N LEU G 106 1.74 -11.45 47.31
CA LEU G 106 0.72 -10.43 47.17
C LEU G 106 -0.68 -11.02 47.19
N ALA G 107 -0.87 -12.13 46.46
CA ALA G 107 -2.14 -12.85 46.51
C ALA G 107 -2.52 -13.18 47.94
N ALA G 108 -1.54 -13.63 48.73
CA ALA G 108 -1.78 -14.00 50.12
C ALA G 108 -2.17 -12.81 50.97
N ARG G 109 -1.54 -11.65 50.77
CA ARG G 109 -1.97 -10.48 51.55
C ARG G 109 -3.42 -10.13 51.25
N ALA G 110 -3.80 -10.11 49.97
CA ALA G 110 -5.17 -9.78 49.65
C ALA G 110 -6.13 -10.83 50.18
N ALA G 111 -5.75 -12.11 50.06
CA ALA G 111 -6.56 -13.20 50.60
C ALA G 111 -6.72 -13.09 52.12
N SER G 112 -5.63 -12.81 52.82
CA SER G 112 -5.72 -12.57 54.26
C SER G 112 -6.74 -11.52 54.57
N ARG G 113 -6.69 -10.40 53.85
CA ARG G 113 -7.61 -9.32 54.14
C ARG G 113 -9.05 -9.73 53.85
N ALA G 114 -9.25 -10.50 52.78
CA ALA G 114 -10.59 -11.01 52.49
C ALA G 114 -11.06 -11.99 53.58
N ILE G 115 -10.17 -12.83 54.09
CA ILE G 115 -10.54 -13.81 55.11
C ILE G 115 -10.87 -13.13 56.44
N GLU G 116 -10.20 -12.02 56.78
CA GLU G 116 -10.55 -11.27 57.99
C GLU G 116 -11.92 -10.62 57.86
N GLU G 117 -12.23 -10.05 56.67
CA GLU G 117 -13.59 -9.51 56.46
C GLU G 117 -14.65 -10.60 56.52
N TRP G 118 -14.44 -11.69 55.79
CA TRP G 118 -15.34 -12.82 55.89
C TRP G 118 -15.49 -13.28 57.33
N GLY G 119 -14.38 -13.54 58.02
CA GLY G 119 -14.42 -13.88 59.42
C GLY G 119 -14.55 -15.36 59.72
N GLN G 120 -14.56 -16.19 58.71
CA GLN G 120 -14.69 -17.64 58.88
C GLN G 120 -13.32 -18.31 58.85
N PRO G 121 -13.22 -19.57 59.27
CA PRO G 121 -11.93 -20.25 59.24
C PRO G 121 -11.54 -20.74 57.84
N LYS G 122 -10.24 -20.86 57.65
CA LYS G 122 -9.71 -21.32 56.37
C LYS G 122 -10.13 -22.77 56.08
N ASN G 123 -10.42 -23.55 57.12
CA ASN G 123 -11.09 -24.85 56.97
C ASN G 123 -12.12 -24.86 55.86
N LYS G 124 -13.04 -23.89 55.91
CA LYS G 124 -14.30 -23.94 55.17
C LYS G 124 -14.14 -23.54 53.71
N ILE G 125 -12.98 -23.03 53.31
CA ILE G 125 -12.69 -22.74 51.91
C ILE G 125 -12.49 -24.07 51.18
N THR G 126 -13.34 -24.31 50.17
CA THR G 126 -13.38 -25.57 49.43
C THR G 126 -12.73 -25.50 48.04
N HIS G 127 -12.77 -24.35 47.38
CA HIS G 127 -12.20 -24.17 46.04
C HIS G 127 -11.35 -22.90 46.04
N LEU G 128 -10.35 -22.89 45.18
CA LEU G 128 -9.52 -21.71 44.93
C LEU G 128 -9.43 -21.55 43.42
N ILE G 129 -9.78 -20.34 42.94
CA ILE G 129 -9.59 -19.92 41.56
C ILE G 129 -8.48 -18.88 41.57
N PHE G 130 -7.41 -19.07 40.78
CA PHE G 130 -6.34 -18.10 40.84
C PHE G 130 -5.81 -17.75 39.46
N SER G 131 -6.00 -16.48 39.14
CA SER G 131 -5.58 -15.84 37.90
C SER G 131 -4.26 -15.09 38.00
N SER G 132 -3.36 -15.40 37.08
CA SER G 132 -2.13 -14.63 37.02
C SER G 132 -1.62 -14.53 35.61
N THR G 133 -1.15 -13.35 35.28
CA THR G 133 -0.39 -13.19 34.06
C THR G 133 1.01 -13.80 34.18
N SER G 134 1.59 -13.74 35.37
CA SER G 134 3.00 -13.93 35.68
C SER G 134 3.26 -15.27 36.36
N GLY G 135 4.54 -15.63 36.46
CA GLY G 135 4.94 -16.74 37.31
C GLY G 135 4.44 -18.11 36.91
N ILE G 136 4.62 -18.48 35.64
CA ILE G 136 4.16 -19.74 35.09
C ILE G 136 5.11 -20.85 35.52
N GLU G 137 4.61 -21.81 36.28
CA GLU G 137 5.45 -22.85 36.84
C GLU G 137 4.60 -24.06 37.21
N LYS G 138 5.27 -25.21 37.33
CA LYS G 138 4.66 -26.44 37.79
C LYS G 138 5.42 -26.91 39.02
N PRO G 139 4.80 -26.96 40.21
CA PRO G 139 3.41 -26.53 40.46
C PRO G 139 3.14 -25.02 40.28
N GLY G 140 1.88 -24.64 39.98
CA GLY G 140 1.52 -23.26 39.75
C GLY G 140 1.50 -22.45 41.05
N VAL G 141 1.31 -21.13 40.91
CA VAL G 141 1.20 -20.24 42.07
C VAL G 141 0.00 -20.56 42.96
N ASP G 142 -1.00 -21.29 42.44
CA ASP G 142 -2.08 -21.80 43.28
C ASP G 142 -1.55 -22.66 44.42
N CYS G 143 -0.63 -23.58 44.14
CA CYS G 143 -0.06 -24.43 45.19
C CYS G 143 0.73 -23.59 46.21
N HIS G 144 1.55 -22.66 45.70
CA HIS G 144 2.30 -21.75 46.56
C HIS G 144 1.39 -21.02 47.54
N LEU G 145 0.25 -20.53 47.03
CA LEU G 145 -0.75 -19.86 47.87
C LEU G 145 -1.35 -20.78 48.91
N VAL G 146 -1.71 -22.02 48.51
CA VAL G 146 -2.27 -22.96 49.49
C VAL G 146 -1.34 -23.08 50.69
N HIS G 147 -0.03 -23.20 50.41
CA HIS G 147 0.97 -23.36 51.46
C HIS G 147 1.20 -22.08 52.27
N LEU G 148 1.26 -20.93 51.61
CA LEU G 148 1.46 -19.66 52.32
C LEU G 148 0.28 -19.33 53.22
N LEU G 149 -0.93 -19.64 52.78
CA LEU G 149 -2.09 -19.37 53.61
C LEU G 149 -2.35 -20.49 54.59
N GLY G 150 -1.89 -21.69 54.27
CA GLY G 150 -2.32 -22.85 55.04
C GLY G 150 -3.75 -23.18 54.76
N LEU G 151 -4.13 -23.16 53.49
CA LEU G 151 -5.44 -23.63 53.12
C LEU G 151 -5.45 -25.15 53.19
N PRO G 152 -6.63 -25.75 53.30
CA PRO G 152 -6.71 -27.21 53.23
C PRO G 152 -6.09 -27.73 51.94
N LEU G 153 -5.25 -28.76 52.09
CA LEU G 153 -4.58 -29.40 50.98
C LEU G 153 -5.57 -30.07 50.02
N SER G 154 -6.79 -30.32 50.48
CA SER G 154 -7.86 -30.88 49.67
C SER G 154 -8.63 -29.82 48.89
N VAL G 155 -8.24 -28.54 48.97
CA VAL G 155 -8.93 -27.49 48.25
C VAL G 155 -8.85 -27.73 46.74
N ASN G 156 -9.99 -27.58 46.05
CA ASN G 156 -10.10 -27.74 44.61
C ASN G 156 -9.59 -26.50 43.88
N ARG G 157 -8.57 -26.66 43.05
CA ARG G 157 -7.87 -25.54 42.41
C ARG G 157 -8.25 -25.40 40.93
N VAL G 158 -8.32 -24.16 40.46
CA VAL G 158 -8.41 -23.82 39.03
C VAL G 158 -7.35 -22.76 38.77
N MET G 159 -6.26 -23.17 38.10
CA MET G 159 -5.13 -22.30 37.83
C MET G 159 -5.23 -21.73 36.42
N LEU G 160 -5.46 -20.40 36.32
CA LEU G 160 -5.64 -19.69 35.06
C LEU G 160 -4.46 -18.77 34.79
N TYR G 161 -3.51 -19.23 33.95
CA TYR G 161 -2.35 -18.43 33.55
C TYR G 161 -2.59 -17.67 32.24
N THR G 162 -2.28 -16.36 32.27
CA THR G 162 -2.05 -15.51 31.09
C THR G 162 -3.30 -15.37 30.21
N ILE G 163 -4.27 -14.60 30.72
CA ILE G 163 -5.58 -14.55 30.10
C ILE G 163 -5.76 -13.35 29.16
N GLY G 164 -5.61 -12.10 29.62
CA GLY G 164 -5.39 -11.64 30.97
C GLY G 164 -6.30 -10.47 31.36
N CYS G 165 -6.45 -9.46 30.48
CA CYS G 165 -7.06 -8.19 30.92
C CYS G 165 -8.53 -8.34 31.30
N HIS G 166 -9.24 -9.34 30.75
CA HIS G 166 -10.64 -9.59 31.10
C HIS G 166 -10.82 -10.65 32.19
N ALA G 167 -9.71 -11.16 32.75
CA ALA G 167 -9.75 -12.29 33.69
C ALA G 167 -10.62 -12.00 34.89
N GLY G 168 -10.75 -10.73 35.29
CA GLY G 168 -11.66 -10.41 36.39
C GLY G 168 -13.05 -10.93 36.13
N GLY G 169 -13.49 -10.86 34.87
CA GLY G 169 -14.77 -11.48 34.51
C GLY G 169 -14.67 -12.99 34.45
N THR G 170 -13.58 -13.51 33.87
CA THR G 170 -13.40 -14.94 33.70
C THR G 170 -13.55 -15.68 35.03
N VAL G 171 -12.90 -15.16 36.08
CA VAL G 171 -12.89 -15.80 37.40
C VAL G 171 -14.27 -15.71 38.07
N LEU G 172 -14.96 -14.58 37.93
CA LEU G 172 -16.34 -14.54 38.44
C LEU G 172 -17.20 -15.56 37.73
N ARG G 173 -17.04 -15.70 36.40
CA ARG G 173 -17.82 -16.66 35.63
C ARG G 173 -17.61 -18.08 36.13
N ILE G 174 -16.36 -18.45 36.39
CA ILE G 174 -16.11 -19.81 36.89
C ILE G 174 -16.64 -19.96 38.31
N ALA G 175 -16.39 -18.96 39.17
CA ALA G 175 -16.86 -19.03 40.55
C ALA G 175 -18.36 -19.25 40.63
N LYS G 176 -19.13 -18.57 39.78
CA LYS G 176 -20.57 -18.72 39.82
C LYS G 176 -20.94 -20.19 39.84
N ASP G 177 -20.45 -20.93 38.84
CA ASP G 177 -20.85 -22.32 38.70
C ASP G 177 -20.28 -23.19 39.84
N LEU G 178 -19.02 -22.95 40.25
CA LEU G 178 -18.47 -23.77 41.33
C LEU G 178 -19.24 -23.59 42.63
N ALA G 179 -19.55 -22.36 42.99
CA ALA G 179 -20.27 -22.12 44.24
C ALA G 179 -21.71 -22.62 44.16
N GLU G 180 -22.32 -22.57 42.96
CA GLU G 180 -23.74 -22.91 42.80
C GLU G 180 -24.00 -24.40 42.57
N ASN G 181 -22.98 -25.19 42.20
CA ASN G 181 -23.14 -26.64 42.00
C ASN G 181 -22.53 -27.46 43.11
N ASN G 182 -21.99 -26.81 44.14
CA ASN G 182 -21.42 -27.50 45.28
C ASN G 182 -22.03 -26.85 46.51
N VAL G 183 -22.95 -27.57 47.17
CA VAL G 183 -23.65 -27.02 48.32
C VAL G 183 -22.70 -26.85 49.48
N GLY G 184 -22.72 -25.67 50.10
CA GLY G 184 -21.80 -25.32 51.17
C GLY G 184 -20.43 -24.85 50.73
N SER G 185 -20.15 -24.87 49.42
CA SER G 185 -18.85 -24.48 48.89
C SER G 185 -18.53 -23.02 49.12
N ARG G 186 -17.26 -22.74 49.41
CA ARG G 186 -16.79 -21.37 49.58
C ARG G 186 -15.54 -21.20 48.73
N VAL G 187 -15.66 -20.41 47.66
CA VAL G 187 -14.63 -20.28 46.64
C VAL G 187 -13.81 -19.03 46.93
N LEU G 188 -12.50 -19.22 47.11
CA LEU G 188 -11.55 -18.12 47.21
C LEU G 188 -11.04 -17.78 45.82
N VAL G 189 -11.30 -16.55 45.37
CA VAL G 189 -10.93 -16.05 44.06
C VAL G 189 -9.80 -15.07 44.25
N VAL G 190 -8.76 -15.18 43.42
CA VAL G 190 -7.63 -14.26 43.48
C VAL G 190 -7.21 -13.89 42.06
N CYS G 191 -7.11 -12.59 41.79
CA CYS G 191 -6.34 -12.05 40.67
C CYS G 191 -5.07 -11.44 41.24
N SER G 192 -3.92 -11.94 40.82
CA SER G 192 -2.66 -11.41 41.33
C SER G 192 -1.80 -10.93 40.16
N GLU G 193 -1.68 -9.62 39.99
CA GLU G 193 -1.07 -9.04 38.79
C GLU G 193 0.22 -8.30 39.10
N LEU G 194 1.31 -8.74 38.48
CA LEU G 194 2.56 -8.00 38.46
C LEU G 194 2.94 -7.74 37.01
N THR G 195 3.44 -6.54 36.76
CA THR G 195 3.95 -6.13 35.46
C THR G 195 5.43 -6.48 35.27
N VAL G 196 5.99 -7.29 36.18
CA VAL G 196 7.40 -7.69 36.14
C VAL G 196 7.72 -8.49 34.88
N MET G 197 6.76 -9.28 34.39
CA MET G 197 6.98 -10.07 33.18
C MET G 197 7.02 -9.22 31.92
N THR G 198 6.36 -8.04 31.90
CA THR G 198 6.22 -7.23 30.70
C THR G 198 7.12 -6.00 30.67
N PHE G 199 7.55 -5.51 31.83
CA PHE G 199 8.27 -4.25 31.88
C PHE G 199 9.54 -4.32 31.07
N ARG G 200 9.77 -3.33 30.22
CA ARG G 200 11.01 -3.29 29.46
C ARG G 200 11.28 -1.86 29.04
N GLY G 201 12.53 -1.61 28.64
CA GLY G 201 12.97 -0.31 28.19
C GLY G 201 12.23 0.24 26.98
N PRO G 202 12.35 1.54 26.78
CA PRO G 202 11.66 2.18 25.67
C PRO G 202 12.41 2.03 24.37
N SER G 203 11.64 2.04 23.30
CA SER G 203 12.16 1.98 21.95
C SER G 203 11.21 2.72 21.02
N GLU G 204 11.78 3.40 20.05
CA GLU G 204 11.03 4.15 19.06
C GLU G 204 10.35 3.26 18.03
N THR G 205 10.63 1.97 18.07
CA THR G 205 10.03 0.94 17.24
C THR G 205 8.86 0.29 17.94
N ASP G 206 8.62 0.67 19.20
CA ASP G 206 7.61 0.07 20.09
C ASP G 206 6.83 1.18 20.81
N LEU G 207 5.76 1.68 20.17
CA LEU G 207 4.89 2.64 20.83
C LEU G 207 3.94 2.01 21.84
N ALA G 208 3.55 0.75 21.63
CA ALA G 208 2.58 0.12 22.52
C ALA G 208 3.14 -0.07 23.93
N ASN G 209 4.36 -0.60 24.03
CA ASN G 209 4.97 -0.71 25.34
C ASN G 209 5.23 0.62 26.01
N LEU G 210 5.35 1.75 25.30
CA LEU G 210 5.32 3.01 26.04
C LEU G 210 3.98 3.25 26.73
N ILE G 211 2.87 3.13 25.97
CA ILE G 211 1.55 3.24 26.58
C ILE G 211 1.50 2.36 27.81
N ARG G 212 1.91 1.09 27.63
CA ARG G 212 1.83 0.09 28.67
C ARG G 212 2.58 0.53 29.93
N MET G 213 3.84 0.96 29.79
CA MET G 213 4.53 1.34 31.02
C MET G 213 4.03 2.68 31.54
N GLY G 214 3.10 3.33 30.84
CA GLY G 214 2.43 4.51 31.38
C GLY G 214 1.14 4.25 32.15
N ILE G 215 0.33 3.27 31.76
CA ILE G 215 -0.98 3.06 32.39
C ILE G 215 -0.92 1.98 33.47
N PHE G 216 -0.21 0.87 33.21
CA PHE G 216 -0.39 -0.39 33.93
C PHE G 216 0.37 -0.47 35.23
N GLY G 217 -0.33 -0.82 36.31
CA GLY G 217 0.26 -1.02 37.60
C GLY G 217 0.04 -2.44 38.11
N ASP G 218 0.70 -2.73 39.23
CA ASP G 218 0.59 -4.01 39.93
C ASP G 218 -0.48 -3.96 41.01
N GLY G 219 -0.97 -5.14 41.40
CA GLY G 219 -1.99 -5.22 42.42
C GLY G 219 -2.64 -6.59 42.50
N ALA G 220 -3.20 -6.95 43.65
CA ALA G 220 -3.95 -8.18 43.77
C ALA G 220 -5.28 -7.92 44.44
N ALA G 221 -6.32 -8.62 43.99
CA ALA G 221 -7.60 -8.61 44.68
C ALA G 221 -8.08 -10.04 44.90
N ALA G 222 -8.52 -10.32 46.12
CA ALA G 222 -9.07 -11.60 46.49
C ALA G 222 -10.48 -11.39 47.00
N LEU G 223 -11.33 -12.38 46.77
CA LEU G 223 -12.71 -12.31 47.24
C LEU G 223 -13.27 -13.71 47.45
N ILE G 224 -14.25 -13.81 48.35
CA ILE G 224 -14.90 -15.08 48.71
C ILE G 224 -16.32 -15.11 48.14
N ILE G 225 -16.64 -16.11 47.31
CA ILE G 225 -18.01 -16.29 46.80
C ILE G 225 -18.60 -17.55 47.42
N GLY G 226 -19.87 -17.45 47.80
CA GLY G 226 -20.62 -18.62 48.24
C GLY G 226 -22.06 -18.40 47.86
N ALA G 227 -22.79 -19.48 47.69
CA ALA G 227 -24.23 -19.39 47.56
C ALA G 227 -24.89 -19.74 48.89
N ASP G 228 -26.15 -19.28 49.04
CA ASP G 228 -26.88 -19.51 50.28
C ASP G 228 -25.97 -19.19 51.44
N PRO G 229 -25.59 -17.94 51.59
CA PRO G 229 -24.76 -17.56 52.73
C PRO G 229 -25.58 -17.67 54.00
N ASP G 230 -24.90 -18.08 55.06
CA ASP G 230 -25.44 -18.06 56.43
C ASP G 230 -25.55 -16.62 56.90
N LEU G 231 -26.74 -16.04 56.84
CA LEU G 231 -26.81 -14.62 57.17
C LEU G 231 -26.55 -14.37 58.65
N SER G 232 -26.47 -15.44 59.46
CA SER G 232 -26.06 -15.32 60.85
C SER G 232 -24.63 -14.78 60.99
N ILE G 233 -23.78 -15.07 60.03
CA ILE G 233 -22.34 -14.84 60.15
C ILE G 233 -21.76 -14.25 58.86
N GLU G 234 -22.57 -14.25 57.80
CA GLU G 234 -22.17 -13.82 56.46
C GLU G 234 -23.09 -12.74 55.90
N LYS G 235 -22.50 -11.72 55.27
CA LYS G 235 -23.25 -10.63 54.62
C LYS G 235 -22.89 -10.58 53.15
N PRO G 236 -23.75 -10.95 52.22
CA PRO G 236 -23.39 -10.80 50.80
C PRO G 236 -23.14 -9.34 50.45
N ILE G 237 -22.30 -9.12 49.44
CA ILE G 237 -22.03 -7.79 48.90
C ILE G 237 -22.72 -7.58 47.55
N PHE G 238 -22.60 -8.55 46.65
CA PHE G 238 -23.30 -8.57 45.39
C PHE G 238 -23.67 -10.01 45.09
N GLU G 239 -24.69 -10.18 44.26
CA GLU G 239 -25.03 -11.49 43.76
C GLU G 239 -24.64 -11.55 42.29
N ILE G 240 -24.03 -12.65 41.89
CA ILE G 240 -23.58 -12.82 40.52
C ILE G 240 -24.77 -13.44 39.78
N PHE G 241 -25.55 -12.60 39.12
CA PHE G 241 -26.79 -13.09 38.51
C PHE G 241 -26.50 -13.89 37.25
N SER G 242 -25.73 -13.33 36.31
CA SER G 242 -25.52 -14.04 35.06
C SER G 242 -24.17 -13.66 34.48
N ALA G 243 -23.56 -14.58 33.71
CA ALA G 243 -22.24 -14.34 33.12
C ALA G 243 -22.18 -14.84 31.68
N SER G 244 -21.90 -13.93 30.73
CA SER G 244 -21.71 -14.22 29.32
C SER G 244 -20.27 -13.87 28.93
N GLN G 245 -19.70 -14.62 27.96
CA GLN G 245 -18.41 -14.27 27.37
C GLN G 245 -18.55 -14.25 25.87
N THR G 246 -17.81 -13.37 25.20
CA THR G 246 -17.87 -13.40 23.73
C THR G 246 -16.58 -12.90 23.08
N LEU G 247 -16.42 -13.34 21.83
CA LEU G 247 -15.36 -12.88 20.95
C LEU G 247 -15.95 -11.88 19.96
N VAL G 248 -15.26 -10.77 19.77
CA VAL G 248 -15.58 -9.90 18.65
C VAL G 248 -14.88 -10.44 17.40
N PRO G 249 -15.61 -10.65 16.30
CA PRO G 249 -14.99 -11.26 15.09
C PRO G 249 -13.89 -10.39 14.45
N ASN G 250 -12.86 -11.07 13.95
CA ASN G 250 -11.75 -10.44 13.20
C ASN G 250 -11.00 -9.44 14.04
N THR G 251 -10.76 -9.80 15.30
CA THR G 251 -10.14 -8.89 16.23
C THR G 251 -9.07 -9.56 17.07
N SER G 252 -8.79 -10.83 16.84
CA SER G 252 -7.48 -11.33 17.19
C SER G 252 -6.47 -10.43 16.51
N LYS G 253 -5.37 -10.18 17.20
CA LYS G 253 -4.22 -9.41 16.75
C LYS G 253 -4.52 -7.94 17.00
N ALA G 254 -5.67 -7.63 17.60
CA ALA G 254 -5.94 -6.31 18.14
C ALA G 254 -5.45 -6.20 19.58
N ILE G 255 -5.46 -7.32 20.33
CA ILE G 255 -4.74 -7.43 21.58
C ILE G 255 -3.88 -8.69 21.50
N ARG G 256 -2.57 -8.50 21.68
CA ARG G 256 -1.57 -9.54 21.42
C ARG G 256 -0.62 -9.66 22.60
N GLY G 257 -0.02 -10.84 22.69
CA GLY G 257 1.01 -11.13 23.65
C GLY G 257 1.52 -12.54 23.56
N ARG G 258 2.82 -12.72 23.70
CA ARG G 258 3.39 -14.05 23.71
C ARG G 258 4.44 -14.12 24.80
N VAL G 259 4.55 -15.27 25.44
CA VAL G 259 5.66 -15.50 26.36
C VAL G 259 6.88 -15.86 25.52
N LYS G 260 7.92 -15.05 25.63
CA LYS G 260 9.12 -15.21 24.84
C LYS G 260 10.33 -15.15 25.78
N GLU G 261 11.51 -15.32 25.19
CA GLU G 261 12.76 -15.15 25.93
C GLU G 261 12.88 -13.75 26.50
N MET G 262 12.30 -12.77 25.82
CA MET G 262 12.39 -11.37 26.22
C MET G 262 11.34 -10.95 27.25
N GLY G 263 10.59 -11.89 27.83
CA GLY G 263 9.45 -11.59 28.67
C GLY G 263 8.13 -11.79 27.95
N LEU G 264 7.10 -11.18 28.50
CA LEU G 264 5.77 -11.23 27.88
C LEU G 264 5.63 -10.06 26.92
N THR G 265 5.47 -10.36 25.63
CA THR G 265 5.23 -9.29 24.67
C THR G 265 3.84 -8.72 24.88
N PHE G 266 3.64 -7.51 24.36
CA PHE G 266 2.44 -6.75 24.61
C PHE G 266 2.13 -5.95 23.36
N TYR G 267 0.95 -6.15 22.78
CA TYR G 267 0.47 -5.27 21.72
C TYR G 267 -1.02 -5.01 21.88
N VAL G 268 -1.41 -3.73 21.83
CA VAL G 268 -2.81 -3.31 21.76
C VAL G 268 -3.01 -2.31 20.61
N ASP G 269 -3.96 -2.60 19.71
CA ASP G 269 -4.25 -1.71 18.59
C ASP G 269 -4.82 -0.40 19.06
N LYS G 270 -4.58 0.67 18.27
CA LYS G 270 -5.14 1.96 18.65
C LYS G 270 -6.65 2.01 18.50
N MET G 271 -7.24 1.03 17.83
CA MET G 271 -8.68 1.06 17.58
C MET G 271 -9.50 0.31 18.62
N VAL G 272 -8.88 -0.31 19.63
CA VAL G 272 -9.62 -1.07 20.65
C VAL G 272 -10.74 -0.26 21.30
N PRO G 273 -10.53 1.01 21.68
CA PRO G 273 -11.66 1.75 22.27
C PRO G 273 -12.89 1.69 21.40
N THR G 274 -12.71 1.96 20.10
CA THR G 274 -13.84 1.95 19.18
C THR G 274 -14.45 0.57 19.08
N LEU G 275 -13.61 -0.48 19.02
CA LEU G 275 -14.12 -1.85 18.93
C LEU G 275 -15.00 -2.22 20.13
N VAL G 276 -14.51 -1.89 21.34
CA VAL G 276 -15.27 -2.20 22.55
C VAL G 276 -16.57 -1.43 22.56
N ALA G 277 -16.49 -0.11 22.33
CA ALA G 277 -17.70 0.70 22.33
C ALA G 277 -18.69 0.26 21.23
N SER G 278 -18.17 0.04 20.03
CA SER G 278 -18.98 -0.34 18.90
C SER G 278 -19.76 -1.63 19.17
N ASN G 279 -19.17 -2.58 19.90
CA ASN G 279 -19.79 -3.89 20.09
C ASN G 279 -20.42 -4.07 21.47
N ILE G 280 -20.33 -3.08 22.36
CA ILE G 280 -20.77 -3.30 23.73
C ILE G 280 -22.28 -3.46 23.83
N GLU G 281 -23.06 -2.73 23.01
CA GLU G 281 -24.51 -2.79 23.20
C GLU G 281 -25.05 -4.17 22.96
N GLN G 282 -24.51 -4.90 21.99
CA GLN G 282 -24.95 -6.27 21.76
C GLN G 282 -24.79 -7.10 23.01
N CYS G 283 -23.62 -7.01 23.66
CA CYS G 283 -23.36 -7.74 24.90
C CYS G 283 -24.32 -7.35 26.00
N LEU G 284 -24.52 -6.04 26.15
CA LEU G 284 -25.28 -5.50 27.27
C LEU G 284 -26.76 -5.82 27.11
N ASP G 285 -27.20 -5.83 25.84
CA ASP G 285 -28.53 -6.23 25.42
C ASP G 285 -28.76 -7.73 25.64
N LYS G 286 -27.78 -8.57 25.32
CA LYS G 286 -27.87 -9.99 25.63
C LYS G 286 -28.08 -10.22 27.12
N ALA G 287 -27.28 -9.53 27.93
CA ALA G 287 -27.31 -9.78 29.37
C ALA G 287 -28.58 -9.27 30.02
N PHE G 288 -29.18 -8.20 29.49
CA PHE G 288 -30.31 -7.51 30.13
C PHE G 288 -31.65 -7.57 29.39
N SER G 289 -31.71 -8.17 28.20
CA SER G 289 -33.01 -8.49 27.63
C SER G 289 -33.82 -9.34 28.59
N PRO G 290 -33.27 -10.40 29.18
CA PRO G 290 -34.05 -11.16 30.18
C PRO G 290 -34.55 -10.33 31.35
N LEU G 291 -33.85 -9.27 31.73
CA LEU G 291 -34.27 -8.48 32.89
C LEU G 291 -35.23 -7.36 32.54
N GLY G 292 -35.61 -7.23 31.28
CA GLY G 292 -36.42 -6.09 30.87
C GLY G 292 -35.77 -4.76 31.21
N ILE G 293 -34.46 -4.69 31.09
CA ILE G 293 -33.70 -3.47 31.35
C ILE G 293 -33.12 -3.01 30.01
N ASN G 294 -33.34 -1.75 29.70
CA ASN G 294 -33.15 -1.07 28.41
C ASN G 294 -32.35 0.20 28.55
N ASP G 295 -32.55 0.92 29.65
CA ASP G 295 -31.87 2.18 29.95
C ASP G 295 -30.57 1.90 30.68
N TRP G 296 -29.45 2.20 30.03
CA TRP G 296 -28.15 1.84 30.60
C TRP G 296 -27.72 2.77 31.72
N ASN G 297 -28.52 3.78 32.05
CA ASN G 297 -28.26 4.67 33.17
C ASN G 297 -28.97 4.22 34.44
N SER G 298 -29.78 3.18 34.35
CA SER G 298 -30.51 2.60 35.48
C SER G 298 -29.72 1.55 36.26
N ILE G 299 -28.53 1.16 35.81
CA ILE G 299 -27.71 0.13 36.44
C ILE G 299 -26.38 0.72 36.86
N PHE G 300 -25.73 0.07 37.84
CA PHE G 300 -24.38 0.48 38.20
C PHE G 300 -23.36 -0.22 37.30
N TRP G 301 -22.18 0.40 37.16
CA TRP G 301 -21.20 0.08 36.10
C TRP G 301 -19.82 -0.26 36.66
N ILE G 302 -19.22 -1.36 36.17
CA ILE G 302 -17.86 -1.79 36.49
C ILE G 302 -17.12 -2.11 35.18
N PRO G 303 -16.78 -1.16 34.32
CA PRO G 303 -16.03 -1.50 33.08
C PRO G 303 -14.53 -1.56 33.31
N HIS G 304 -13.87 -2.51 32.63
CA HIS G 304 -12.40 -2.58 32.74
C HIS G 304 -11.80 -1.30 32.17
N PRO G 305 -11.06 -0.54 32.94
CA PRO G 305 -10.52 0.73 32.40
C PRO G 305 -9.23 0.49 31.64
N GLY G 306 -9.36 -0.17 30.50
CA GLY G 306 -8.16 -0.44 29.70
C GLY G 306 -7.34 0.81 29.47
N GLY G 307 -8.00 1.95 29.37
CA GLY G 307 -7.35 3.22 29.36
C GLY G 307 -8.47 4.22 29.41
N PRO G 308 -8.14 5.49 29.48
CA PRO G 308 -9.20 6.51 29.49
C PRO G 308 -9.96 6.54 28.18
N ALA G 309 -9.36 6.05 27.09
CA ALA G 309 -9.99 6.09 25.78
C ALA G 309 -11.20 5.17 25.69
N ILE G 310 -11.11 3.97 26.26
CA ILE G 310 -12.26 3.06 26.27
C ILE G 310 -13.41 3.63 27.09
N LEU G 311 -13.10 4.19 28.27
CA LEU G 311 -14.14 4.73 29.15
C LEU G 311 -14.82 5.93 28.50
N ALA G 312 -14.03 6.85 27.96
CA ALA G 312 -14.62 7.96 27.24
C ALA G 312 -15.53 7.46 26.12
N GLU G 313 -15.09 6.43 25.38
CA GLU G 313 -15.84 5.94 24.23
C GLU G 313 -17.17 5.31 24.64
N ILE G 314 -17.16 4.55 25.73
CA ILE G 314 -18.40 3.95 26.21
C ILE G 314 -19.36 5.04 26.64
N GLU G 315 -18.89 5.94 27.51
CA GLU G 315 -19.69 7.09 27.89
C GLU G 315 -20.36 7.69 26.65
N ALA G 316 -19.56 8.06 25.65
CA ALA G 316 -20.10 8.64 24.42
C ALA G 316 -21.18 7.76 23.80
N LYS G 317 -20.87 6.49 23.57
CA LYS G 317 -21.79 5.65 22.81
C LYS G 317 -23.10 5.40 23.55
N LEU G 318 -23.02 5.03 24.82
CA LEU G 318 -24.17 4.66 25.63
C LEU G 318 -24.87 5.83 26.26
N GLU G 319 -24.29 7.02 26.15
CA GLU G 319 -24.82 8.25 26.73
C GLU G 319 -24.96 8.13 28.25
N LEU G 320 -23.84 7.84 28.90
CA LEU G 320 -23.85 7.66 30.34
C LEU G 320 -23.70 8.99 31.05
N LYS G 321 -24.49 9.19 32.10
CA LYS G 321 -24.41 10.39 32.89
C LYS G 321 -23.00 10.52 33.49
N PRO G 322 -22.55 11.74 33.78
CA PRO G 322 -21.16 11.91 34.25
C PRO G 322 -20.82 11.04 35.43
N GLY G 323 -21.76 10.80 36.32
CA GLY G 323 -21.39 10.13 37.55
C GLY G 323 -21.10 8.65 37.40
N LYS G 324 -21.57 8.02 36.31
CA LYS G 324 -21.70 6.56 36.27
C LYS G 324 -20.36 5.86 36.50
N LEU G 325 -19.30 6.37 35.88
CA LEU G 325 -17.99 5.75 35.89
C LEU G 325 -17.08 6.34 36.95
N ARG G 326 -17.64 7.07 37.91
CA ARG G 326 -16.88 7.72 38.97
C ARG G 326 -15.92 6.77 39.65
N ALA G 327 -16.46 5.64 40.16
CA ALA G 327 -15.66 4.67 40.91
C ALA G 327 -14.57 4.07 40.04
N THR G 328 -14.94 3.66 38.83
CA THR G 328 -14.01 3.10 37.87
C THR G 328 -12.83 4.02 37.63
N ARG G 329 -13.13 5.28 37.29
CA ARG G 329 -12.11 6.30 37.12
C ARG G 329 -11.25 6.46 38.37
N HIS G 330 -11.88 6.38 39.55
CA HIS G 330 -11.09 6.56 40.76
C HIS G 330 -10.02 5.48 40.85
N VAL G 331 -10.41 4.24 40.67
CA VAL G 331 -9.42 3.17 40.75
C VAL G 331 -8.36 3.34 39.66
N LEU G 332 -8.78 3.75 38.46
CA LEU G 332 -7.78 3.96 37.40
C LEU G 332 -6.76 5.03 37.77
N SER G 333 -7.20 6.13 38.36
CA SER G 333 -6.25 7.21 38.64
C SER G 333 -5.39 6.89 39.85
N GLU G 334 -5.93 6.17 40.83
CA GLU G 334 -5.15 5.91 42.04
C GLU G 334 -4.30 4.65 42.00
N TYR G 335 -4.53 3.74 41.04
CA TYR G 335 -3.81 2.45 41.00
C TYR G 335 -3.21 2.09 39.65
N GLY G 336 -3.62 2.75 38.56
CA GLY G 336 -3.21 2.36 37.22
C GLY G 336 -4.08 1.19 36.77
N ASN G 337 -3.76 0.63 35.61
CA ASN G 337 -4.48 -0.50 35.04
C ASN G 337 -3.83 -1.79 35.52
N MET G 338 -4.53 -2.55 36.37
CA MET G 338 -4.05 -3.81 36.96
C MET G 338 -4.59 -5.05 36.27
N SER G 339 -4.70 -5.02 34.94
CA SER G 339 -5.16 -6.16 34.14
C SER G 339 -6.43 -6.75 34.72
N GLY G 340 -6.39 -8.06 34.99
CA GLY G 340 -7.60 -8.73 35.45
C GLY G 340 -8.14 -8.18 36.76
N ALA G 341 -7.26 -7.90 37.71
CA ALA G 341 -7.66 -7.49 39.06
C ALA G 341 -8.44 -6.18 39.08
N THR G 342 -8.30 -5.35 38.05
CA THR G 342 -8.77 -3.97 38.16
C THR G 342 -10.23 -3.92 38.53
N VAL G 343 -11.09 -4.60 37.76
CA VAL G 343 -12.53 -4.51 38.05
C VAL G 343 -12.83 -4.92 39.49
N LEU G 344 -12.03 -5.83 40.05
CA LEU G 344 -12.27 -6.28 41.42
C LEU G 344 -12.03 -5.14 42.41
N PHE G 345 -10.94 -4.39 42.22
CA PHE G 345 -10.74 -3.19 43.02
C PHE G 345 -11.95 -2.28 42.91
N ILE G 346 -12.52 -2.19 41.71
CA ILE G 346 -13.63 -1.28 41.49
C ILE G 346 -14.85 -1.73 42.27
N LEU G 347 -15.11 -3.05 42.28
CA LEU G 347 -16.20 -3.57 43.11
C LEU G 347 -16.03 -3.11 44.54
N ASP G 348 -14.83 -3.33 45.10
CA ASP G 348 -14.58 -2.89 46.46
C ASP G 348 -14.87 -1.41 46.60
N GLU G 349 -14.44 -0.61 45.59
CA GLU G 349 -14.67 0.85 45.62
C GLU G 349 -16.15 1.18 45.53
N MET G 350 -16.91 0.40 44.75
CA MET G 350 -18.34 0.63 44.61
C MET G 350 -19.03 0.50 45.94
N ARG G 351 -18.70 -0.57 46.68
CA ARG G 351 -19.31 -0.86 47.97
C ARG G 351 -18.87 0.12 49.05
N ARG G 352 -17.60 0.56 49.02
CA ARG G 352 -17.14 1.48 50.04
C ARG G 352 -17.74 2.86 49.80
N ARG G 353 -17.68 3.32 48.54
CA ARG G 353 -18.24 4.62 48.18
C ARG G 353 -19.71 4.69 48.56
N SER G 354 -20.48 3.68 48.16
CA SER G 354 -21.89 3.64 48.51
C SER G 354 -22.10 3.69 50.03
N LYS G 355 -21.32 2.90 50.80
CA LYS G 355 -21.54 2.97 52.25
C LYS G 355 -21.22 4.35 52.77
N LYS G 356 -20.15 4.95 52.26
CA LYS G 356 -19.77 6.28 52.68
C LYS G 356 -20.78 7.34 52.25
N GLU G 357 -21.60 7.07 51.23
CA GLU G 357 -22.59 8.04 50.79
C GLU G 357 -24.01 7.68 51.19
N GLY G 358 -24.17 6.82 52.19
CA GLY G 358 -25.49 6.41 52.68
C GLY G 358 -26.47 6.02 51.59
N LYS G 359 -26.01 5.27 50.60
CA LYS G 359 -26.92 4.85 49.56
C LYS G 359 -27.71 3.66 50.07
N GLY G 360 -28.84 3.38 49.41
CA GLY G 360 -29.68 2.29 49.87
C GLY G 360 -29.09 0.90 49.59
N THR G 361 -28.29 0.77 48.54
CA THR G 361 -27.75 -0.52 48.19
C THR G 361 -26.25 -0.36 48.08
N THR G 362 -25.57 -1.50 47.92
CA THR G 362 -24.14 -1.53 47.66
C THR G 362 -23.76 -1.04 46.26
N GLY G 363 -24.71 -0.91 45.34
CA GLY G 363 -24.37 -0.49 43.99
C GLY G 363 -24.78 0.95 43.69
N ASP G 364 -24.42 1.85 44.60
CA ASP G 364 -24.73 3.26 44.45
C ASP G 364 -26.24 3.43 44.46
N GLY G 365 -26.91 2.71 45.38
CA GLY G 365 -28.34 2.77 45.57
C GLY G 365 -29.18 2.01 44.55
N LEU G 366 -28.57 1.46 43.50
CA LEU G 366 -29.28 0.80 42.41
C LEU G 366 -29.30 -0.73 42.58
N GLU G 367 -30.22 -1.38 41.86
CA GLU G 367 -30.39 -2.82 42.06
C GLU G 367 -29.49 -3.67 41.18
N TRP G 368 -29.40 -3.37 39.89
CA TRP G 368 -28.73 -4.23 38.93
C TRP G 368 -27.44 -3.57 38.46
N GLY G 369 -26.43 -4.38 38.16
CA GLY G 369 -25.17 -3.84 37.70
C GLY G 369 -24.56 -4.70 36.62
N VAL G 370 -23.63 -4.08 35.88
CA VAL G 370 -22.85 -4.77 34.87
C VAL G 370 -21.38 -4.62 35.20
N LEU G 371 -20.63 -5.72 35.12
CA LEU G 371 -19.18 -5.72 35.21
C LEU G 371 -18.67 -6.30 33.91
N MET G 372 -17.77 -5.57 33.26
CA MET G 372 -17.31 -5.96 31.95
C MET G 372 -15.78 -6.01 31.97
N GLY G 373 -15.24 -7.11 31.47
CA GLY G 373 -13.81 -7.25 31.21
C GLY G 373 -13.52 -7.21 29.72
N PHE G 374 -12.45 -6.51 29.34
CA PHE G 374 -12.01 -6.45 27.94
C PHE G 374 -10.60 -6.99 27.80
N GLY G 375 -10.38 -7.89 26.84
CA GLY G 375 -9.06 -8.43 26.67
C GLY G 375 -8.79 -9.09 25.32
N PRO G 376 -7.70 -9.86 25.26
CA PRO G 376 -7.34 -10.57 24.02
C PRO G 376 -8.48 -11.44 23.48
N GLY G 377 -8.62 -11.44 22.16
CA GLY G 377 -9.68 -12.22 21.53
C GLY G 377 -10.17 -11.66 20.20
N VAL G 378 -10.73 -10.45 20.19
CA VAL G 378 -10.96 -9.66 21.38
C VAL G 378 -12.12 -10.27 22.15
N THR G 379 -11.95 -10.36 23.46
CA THR G 379 -12.94 -10.96 24.34
C THR G 379 -13.59 -9.88 25.19
N VAL G 380 -14.93 -9.93 25.29
CA VAL G 380 -15.72 -9.17 26.26
C VAL G 380 -16.44 -10.14 27.18
N GLU G 381 -16.05 -10.14 28.45
CA GLU G 381 -16.77 -10.80 29.52
C GLU G 381 -17.82 -9.84 30.04
N THR G 382 -19.09 -10.25 30.01
CA THR G 382 -20.22 -9.49 30.53
C THR G 382 -20.82 -10.22 31.72
N ILE G 383 -20.78 -9.63 32.90
CA ILE G 383 -21.35 -10.25 34.08
C ILE G 383 -22.38 -9.32 34.70
N VAL G 384 -23.64 -9.78 34.76
CA VAL G 384 -24.70 -9.05 35.44
C VAL G 384 -24.67 -9.41 36.92
N LEU G 385 -24.41 -8.40 37.74
CA LEU G 385 -24.38 -8.40 39.20
C LEU G 385 -25.70 -7.85 39.76
N ARG G 386 -25.99 -8.18 41.01
CA ARG G 386 -27.12 -7.60 41.74
C ARG G 386 -26.66 -7.04 43.08
N ALA G 387 -27.01 -5.79 43.37
CA ALA G 387 -26.62 -5.17 44.63
C ALA G 387 -27.46 -5.70 45.80
N ILE G 388 -26.89 -5.58 47.00
CA ILE G 388 -27.54 -6.00 48.24
C ILE G 388 -28.03 -4.76 48.98
N SER G 389 -29.17 -4.86 49.65
CA SER G 389 -29.74 -3.70 50.34
C SER G 389 -28.96 -3.43 51.61
N VAL G 390 -28.54 -2.18 51.79
CA VAL G 390 -27.85 -1.78 53.00
C VAL G 390 -28.94 -1.22 53.92
N VAL G 391 -28.61 -0.99 55.20
CA VAL G 391 -29.50 -0.33 56.15
C VAL G 391 -28.71 0.69 56.95
N PRO H 14 23.96 -36.88 -40.18
CA PRO H 14 24.98 -37.86 -40.57
C PRO H 14 24.45 -38.99 -41.46
N HIS H 15 25.34 -39.51 -42.31
CA HIS H 15 24.96 -40.48 -43.33
C HIS H 15 24.51 -41.80 -42.70
N GLY H 16 25.28 -42.32 -41.73
CA GLY H 16 25.10 -43.68 -41.24
C GLY H 16 24.16 -43.82 -40.03
N LEU H 17 24.07 -45.06 -39.55
CA LEU H 17 23.19 -45.45 -38.46
C LEU H 17 23.76 -45.10 -37.10
N ALA H 18 22.88 -44.96 -36.12
CA ALA H 18 23.36 -44.83 -34.75
C ALA H 18 24.07 -46.12 -34.37
N SER H 19 25.27 -45.97 -33.83
CA SER H 19 26.13 -47.09 -33.48
C SER H 19 26.55 -47.06 -32.01
N ILE H 20 26.51 -48.22 -31.38
CA ILE H 20 27.05 -48.39 -30.02
C ILE H 20 28.58 -48.41 -30.09
N LEU H 21 29.24 -47.40 -29.49
CA LEU H 21 30.69 -47.27 -29.63
C LEU H 21 31.46 -47.86 -28.46
N ALA H 22 30.85 -47.94 -27.29
CA ALA H 22 31.53 -48.59 -26.19
C ALA H 22 30.48 -48.91 -25.13
N ILE H 23 30.75 -49.96 -24.34
CA ILE H 23 29.88 -50.39 -23.24
C ILE H 23 30.72 -50.65 -22.00
N GLY H 24 30.37 -49.98 -20.91
CA GLY H 24 30.97 -50.26 -19.62
C GLY H 24 29.86 -50.47 -18.62
N THR H 25 30.12 -51.33 -17.63
CA THR H 25 29.14 -51.58 -16.59
C THR H 25 29.79 -51.48 -15.20
N ALA H 26 28.94 -51.47 -14.17
CA ALA H 26 29.35 -51.41 -12.79
C ALA H 26 28.21 -51.89 -11.89
N ASN H 27 28.59 -52.44 -10.74
CA ASN H 27 27.66 -52.98 -9.77
C ASN H 27 28.14 -52.62 -8.38
N PRO H 28 27.24 -52.58 -7.39
CA PRO H 28 27.66 -52.33 -6.01
C PRO H 28 28.71 -53.35 -5.58
N SER H 29 29.50 -52.96 -4.59
CA SER H 29 30.64 -53.78 -4.19
C SER H 29 30.29 -54.91 -3.21
N ASN H 30 29.04 -55.01 -2.76
CA ASN H 30 28.60 -56.10 -1.87
C ASN H 30 28.00 -57.20 -2.73
N CYS H 31 28.50 -58.43 -2.60
CA CYS H 31 27.99 -59.54 -3.38
C CYS H 31 27.22 -60.50 -2.48
N PHE H 32 26.07 -61.00 -2.94
CA PHE H 32 25.17 -61.86 -2.17
C PHE H 32 24.90 -63.18 -2.91
N ASN H 33 25.42 -64.29 -2.36
CA ASN H 33 25.08 -65.64 -2.82
C ASN H 33 23.61 -65.99 -2.64
N GLN H 34 23.05 -66.62 -3.66
CA GLN H 34 21.65 -67.03 -3.60
C GLN H 34 21.47 -68.20 -2.63
N ASP H 35 22.52 -69.01 -2.43
CA ASP H 35 22.48 -70.08 -1.44
C ASP H 35 22.19 -69.54 -0.06
N GLU H 36 22.79 -68.40 0.26
CA GLU H 36 22.73 -67.86 1.61
C GLU H 36 21.73 -66.72 1.72
N PHE H 37 21.18 -66.26 0.60
CA PHE H 37 20.35 -65.07 0.62
C PHE H 37 19.01 -65.28 1.31
N PRO H 38 18.36 -66.45 1.17
CA PRO H 38 17.13 -66.65 1.96
C PRO H 38 17.38 -66.41 3.44
N ASP H 39 18.41 -67.07 3.98
CA ASP H 39 18.74 -66.97 5.39
C ASP H 39 19.13 -65.54 5.76
N TYR H 40 20.04 -64.93 4.98
CA TYR H 40 20.44 -63.54 5.25
C TYR H 40 19.24 -62.61 5.28
N SER H 41 18.48 -62.57 4.17
CA SER H 41 17.38 -61.63 4.03
C SER H 41 16.37 -61.77 5.15
N PHE H 42 16.02 -63.00 5.50
CA PHE H 42 15.01 -63.14 6.53
C PHE H 42 15.53 -62.85 7.93
N ARG H 43 16.87 -62.89 8.13
CA ARG H 43 17.47 -62.43 9.38
C ARG H 43 17.48 -60.91 9.48
N VAL H 44 17.87 -60.21 8.41
CA VAL H 44 17.96 -58.76 8.52
C VAL H 44 16.55 -58.12 8.58
N THR H 45 15.54 -58.76 8.01
CA THR H 45 14.17 -58.25 8.08
C THR H 45 13.42 -58.71 9.32
N LYS H 46 14.06 -59.47 10.21
CA LYS H 46 13.48 -59.92 11.47
C LYS H 46 12.23 -60.75 11.22
N SER H 47 12.40 -61.82 10.43
CA SER H 47 11.27 -62.59 9.94
C SER H 47 11.56 -64.08 9.92
N GLU H 48 12.52 -64.57 10.71
CA GLU H 48 12.89 -65.98 10.68
C GLU H 48 12.10 -66.85 11.64
N HIS H 49 11.00 -66.31 12.16
CA HIS H 49 9.92 -67.10 12.73
C HIS H 49 8.86 -67.47 11.69
N LEU H 50 8.89 -66.85 10.52
CA LEU H 50 7.89 -67.10 9.48
C LEU H 50 8.39 -68.19 8.53
N THR H 51 8.62 -69.36 9.13
CA THR H 51 9.37 -70.42 8.49
C THR H 51 8.63 -71.01 7.29
N SER H 52 7.30 -71.10 7.39
CA SER H 52 6.46 -71.41 6.24
C SER H 52 6.83 -70.51 5.05
N LEU H 53 6.94 -69.22 5.33
CA LEU H 53 7.19 -68.21 4.31
C LEU H 53 8.67 -68.19 3.90
N LYS H 54 9.57 -68.38 4.86
CA LYS H 54 10.98 -68.46 4.50
C LYS H 54 11.21 -69.61 3.53
N ASP H 55 10.61 -70.77 3.81
CA ASP H 55 10.66 -71.91 2.91
C ASP H 55 10.13 -71.55 1.52
N LYS H 56 8.94 -70.94 1.51
CA LYS H 56 8.33 -70.56 0.24
C LYS H 56 9.30 -69.72 -0.57
N PHE H 57 10.06 -68.85 0.13
CA PHE H 57 11.05 -67.98 -0.53
C PHE H 57 12.31 -68.75 -0.99
N LYS H 58 12.81 -69.70 -0.19
CA LYS H 58 13.99 -70.42 -0.63
C LYS H 58 13.71 -71.19 -1.91
N ARG H 59 12.48 -71.68 -2.06
CA ARG H 59 12.11 -72.33 -3.32
C ARG H 59 12.16 -71.33 -4.50
N ILE H 60 11.66 -70.10 -4.28
CA ILE H 60 11.71 -69.07 -5.32
C ILE H 60 13.15 -68.83 -5.76
N CYS H 61 14.06 -68.75 -4.79
CA CYS H 61 15.47 -68.56 -5.11
C CYS H 61 16.06 -69.75 -5.83
N GLU H 62 15.61 -70.96 -5.48
CA GLU H 62 16.13 -72.14 -6.17
C GLU H 62 15.83 -72.03 -7.64
N ARG H 63 14.56 -71.83 -7.96
CA ARG H 63 14.13 -71.87 -9.35
C ARG H 63 14.37 -70.55 -10.10
N SER H 64 14.90 -69.54 -9.42
CA SER H 64 15.22 -68.27 -10.07
C SER H 64 16.27 -68.45 -11.15
N THR H 65 17.16 -69.43 -10.96
CA THR H 65 18.38 -69.73 -11.71
C THR H 65 19.44 -68.68 -11.48
N VAL H 66 19.28 -67.85 -10.45
CA VAL H 66 20.23 -66.78 -10.14
C VAL H 66 21.20 -67.30 -9.10
N ARG H 67 22.49 -67.21 -9.41
CA ARG H 67 23.51 -67.69 -8.50
C ARG H 67 24.03 -66.61 -7.56
N LYS H 68 24.33 -65.41 -8.06
CA LYS H 68 24.69 -64.31 -7.18
C LYS H 68 23.95 -63.06 -7.62
N ARG H 69 23.89 -62.07 -6.72
CA ARG H 69 23.44 -60.73 -7.05
C ARG H 69 24.37 -59.71 -6.41
N TYR H 70 24.31 -58.47 -6.90
CA TYR H 70 24.98 -57.34 -6.26
C TYR H 70 23.93 -56.36 -5.73
N LEU H 71 24.00 -56.05 -4.44
CA LEU H 71 23.02 -55.18 -3.81
C LEU H 71 23.66 -53.99 -3.11
N HIS H 72 23.06 -52.81 -3.26
CA HIS H 72 23.62 -51.70 -2.51
C HIS H 72 23.26 -51.74 -1.02
N LEU H 73 22.07 -52.28 -0.68
CA LEU H 73 21.67 -52.51 0.73
C LEU H 73 22.52 -53.53 1.44
N THR H 74 23.28 -53.04 2.43
CA THR H 74 24.00 -53.82 3.43
C THR H 74 23.17 -53.97 4.70
N GLU H 75 23.57 -54.93 5.53
CA GLU H 75 23.03 -55.01 6.89
C GLU H 75 23.35 -53.72 7.64
N GLU H 76 24.48 -53.10 7.30
CA GLU H 76 24.87 -51.84 7.91
C GLU H 76 23.87 -50.74 7.58
N LEU H 77 23.51 -50.63 6.29
CA LEU H 77 22.53 -49.64 5.84
C LEU H 77 21.17 -49.87 6.47
N LEU H 78 20.71 -51.12 6.51
CA LEU H 78 19.43 -51.42 7.15
C LEU H 78 19.47 -51.18 8.65
N GLN H 79 20.66 -51.22 9.25
CA GLN H 79 20.73 -50.79 10.64
C GLN H 79 20.65 -49.28 10.75
N GLU H 80 21.20 -48.55 9.77
CA GLU H 80 21.08 -47.09 9.82
C GLU H 80 19.69 -46.63 9.38
N TYR H 81 18.97 -47.40 8.58
CA TYR H 81 17.64 -47.02 8.09
C TYR H 81 16.66 -48.16 8.30
N PRO H 82 16.29 -48.44 9.54
CA PRO H 82 15.57 -49.69 9.79
C PRO H 82 14.19 -49.73 9.21
N SER H 83 13.62 -48.57 8.82
CA SER H 83 12.32 -48.55 8.18
C SER H 83 12.31 -49.37 6.92
N ILE H 84 13.43 -49.36 6.19
CA ILE H 84 13.50 -50.09 4.93
C ILE H 84 13.32 -51.58 5.19
N ALA H 85 13.66 -52.05 6.40
CA ALA H 85 13.57 -53.45 6.77
C ALA H 85 12.15 -53.92 7.12
N THR H 86 11.17 -53.02 7.23
CA THR H 86 9.78 -53.44 7.41
C THR H 86 9.08 -53.69 6.07
N TYR H 87 7.81 -54.10 6.15
CA TYR H 87 6.99 -54.22 4.95
C TYR H 87 6.33 -52.91 4.56
N ASP H 88 5.68 -52.29 5.53
CA ASP H 88 4.57 -51.40 5.26
C ASP H 88 4.83 -49.96 5.75
N ALA H 89 5.83 -49.76 6.61
CA ALA H 89 6.10 -48.50 7.31
C ALA H 89 6.64 -47.40 6.39
N PRO H 90 6.50 -46.13 6.77
CA PRO H 90 7.08 -45.03 5.99
C PRO H 90 8.60 -45.13 5.85
N SER H 91 9.06 -45.16 4.61
CA SER H 91 10.47 -45.44 4.38
C SER H 91 11.06 -44.72 3.18
N LEU H 92 10.21 -44.07 2.38
CA LEU H 92 10.67 -43.43 1.15
C LEU H 92 11.74 -42.40 1.45
N ASP H 93 11.62 -41.67 2.56
CA ASP H 93 12.62 -40.65 2.87
C ASP H 93 14.00 -41.27 2.95
N ALA H 94 14.12 -42.41 3.65
CA ALA H 94 15.39 -43.10 3.79
C ALA H 94 15.91 -43.60 2.44
N ARG H 95 15.06 -44.31 1.70
CA ARG H 95 15.44 -44.84 0.40
C ARG H 95 15.96 -43.72 -0.50
N GLN H 96 15.26 -42.58 -0.52
CA GLN H 96 15.65 -41.43 -1.32
C GLN H 96 17.02 -40.90 -0.88
N GLU H 97 17.23 -40.75 0.44
CA GLU H 97 18.54 -40.32 0.95
C GLU H 97 19.67 -41.23 0.44
N ILE H 98 19.42 -42.55 0.38
CA ILE H 98 20.44 -43.45 -0.16
C ILE H 98 20.61 -43.24 -1.66
N GLU H 99 19.50 -43.20 -2.39
CA GLU H 99 19.56 -43.38 -3.84
C GLU H 99 19.94 -42.11 -4.57
N VAL H 100 19.49 -40.93 -4.12
CA VAL H 100 19.93 -39.71 -4.77
C VAL H 100 21.45 -39.56 -4.75
N ALA H 101 22.12 -40.27 -3.85
CA ALA H 101 23.58 -40.35 -3.87
C ALA H 101 24.10 -41.53 -4.70
N GLU H 102 23.56 -42.73 -4.51
CA GLU H 102 24.25 -43.91 -5.00
C GLU H 102 23.91 -44.27 -6.43
N VAL H 103 22.73 -43.84 -6.93
CA VAL H 103 22.47 -43.96 -8.36
C VAL H 103 23.50 -43.19 -9.19
N PRO H 104 23.80 -41.91 -8.91
CA PRO H 104 24.82 -41.21 -9.72
C PRO H 104 26.23 -41.75 -9.55
N LYS H 105 26.63 -42.18 -8.36
CA LYS H 105 28.00 -42.66 -8.20
C LYS H 105 28.23 -43.94 -8.98
N LEU H 106 27.28 -44.87 -8.90
CA LEU H 106 27.37 -46.08 -9.69
C LEU H 106 27.36 -45.75 -11.18
N ALA H 107 26.38 -44.93 -11.61
CA ALA H 107 26.31 -44.48 -12.99
C ALA H 107 27.64 -43.91 -13.46
N ALA H 108 28.29 -43.12 -12.60
CA ALA H 108 29.56 -42.50 -12.92
C ALA H 108 30.67 -43.54 -13.09
N ARG H 109 30.67 -44.59 -12.25
CA ARG H 109 31.64 -45.67 -12.46
C ARG H 109 31.46 -46.28 -13.84
N ALA H 110 30.21 -46.59 -14.19
CA ALA H 110 29.91 -47.24 -15.47
C ALA H 110 30.23 -46.33 -16.65
N ALA H 111 29.86 -45.06 -16.54
CA ALA H 111 30.19 -44.11 -17.59
C ALA H 111 31.69 -43.99 -17.77
N SER H 112 32.46 -43.92 -16.68
CA SER H 112 33.91 -43.89 -16.75
C SER H 112 34.47 -45.04 -17.57
N ARG H 113 34.02 -46.26 -17.28
CA ARG H 113 34.57 -47.42 -18.01
C ARG H 113 34.20 -47.35 -19.49
N ALA H 114 32.98 -46.90 -19.79
CA ALA H 114 32.62 -46.72 -21.19
C ALA H 114 33.49 -45.65 -21.85
N ILE H 115 33.76 -44.57 -21.13
CA ILE H 115 34.54 -43.47 -21.66
C ILE H 115 35.98 -43.89 -21.92
N GLU H 116 36.52 -44.76 -21.06
CA GLU H 116 37.87 -45.26 -21.28
C GLU H 116 37.95 -46.17 -22.51
N GLU H 117 36.96 -47.04 -22.71
CA GLU H 117 36.93 -47.86 -23.94
C GLU H 117 36.76 -47.00 -25.19
N TRP H 118 35.79 -46.07 -25.17
CA TRP H 118 35.66 -45.10 -26.25
C TRP H 118 36.98 -44.41 -26.57
N GLY H 119 37.66 -43.89 -25.55
CA GLY H 119 39.01 -43.38 -25.71
C GLY H 119 39.13 -41.93 -26.12
N GLN H 120 38.03 -41.24 -26.31
CA GLN H 120 37.96 -39.83 -26.64
C GLN H 120 37.74 -39.00 -25.38
N PRO H 121 37.89 -37.68 -25.47
CA PRO H 121 37.65 -36.82 -24.30
C PRO H 121 36.17 -36.59 -24.00
N LYS H 122 35.90 -36.19 -22.74
CA LYS H 122 34.54 -35.86 -22.28
C LYS H 122 34.00 -34.62 -22.99
N ASN H 123 34.89 -33.74 -23.43
CA ASN H 123 34.64 -32.65 -24.36
C ASN H 123 33.59 -32.98 -25.40
N LYS H 124 33.75 -34.13 -26.03
CA LYS H 124 33.02 -34.50 -27.22
C LYS H 124 31.63 -35.04 -26.91
N ILE H 125 31.35 -35.34 -25.64
CA ILE H 125 30.01 -35.78 -25.28
C ILE H 125 29.04 -34.61 -25.36
N THR H 126 28.03 -34.79 -26.20
CA THR H 126 27.05 -33.78 -26.53
C THR H 126 25.68 -33.99 -25.87
N HIS H 127 25.28 -35.25 -25.63
CA HIS H 127 23.95 -35.59 -25.11
C HIS H 127 24.08 -36.62 -23.96
N LEU H 128 23.12 -36.62 -23.03
CA LEU H 128 23.05 -37.62 -21.96
C LEU H 128 21.62 -38.12 -21.81
N ILE H 129 21.43 -39.43 -21.90
CA ILE H 129 20.14 -40.07 -21.62
C ILE H 129 20.32 -40.92 -20.37
N PHE H 130 19.51 -40.68 -19.34
CA PHE H 130 19.72 -41.40 -18.09
C PHE H 130 18.41 -41.89 -17.47
N SER H 131 18.29 -43.23 -17.44
CA SER H 131 17.17 -44.00 -16.91
C SER H 131 17.48 -44.52 -15.53
N SER H 132 16.64 -44.16 -14.58
CA SER H 132 16.74 -44.68 -13.23
C SER H 132 15.36 -44.88 -12.66
N THR H 133 15.13 -46.03 -12.05
CA THR H 133 13.90 -46.16 -11.30
C THR H 133 13.95 -45.31 -10.04
N SER H 134 15.14 -45.12 -9.49
CA SER H 134 15.40 -44.67 -8.13
C SER H 134 15.74 -43.19 -8.06
N GLY H 135 15.62 -42.63 -6.86
CA GLY H 135 16.18 -41.30 -6.61
C GLY H 135 15.56 -40.10 -7.31
N ILE H 136 14.23 -39.97 -7.24
CA ILE H 136 13.54 -38.89 -7.93
C ILE H 136 13.76 -37.59 -7.19
N GLU H 137 14.37 -36.60 -7.87
CA GLU H 137 14.73 -35.34 -7.23
C GLU H 137 14.81 -34.23 -8.28
N LYS H 138 14.73 -32.98 -7.79
CA LYS H 138 14.97 -31.81 -8.62
C LYS H 138 16.09 -30.98 -7.99
N PRO H 139 17.24 -30.83 -8.67
CA PRO H 139 17.57 -31.42 -9.98
C PRO H 139 17.70 -32.95 -10.00
N GLY H 140 17.53 -33.56 -11.18
CA GLY H 140 17.61 -35.01 -11.33
C GLY H 140 19.02 -35.59 -11.25
N VAL H 141 19.10 -36.93 -11.16
CA VAL H 141 20.40 -37.57 -11.04
C VAL H 141 21.27 -37.36 -12.27
N ASP H 142 20.66 -37.05 -13.42
CA ASP H 142 21.44 -36.70 -14.61
C ASP H 142 22.39 -35.54 -14.33
N CYS H 143 21.88 -34.49 -13.67
CA CYS H 143 22.73 -33.37 -13.29
C CYS H 143 23.82 -33.81 -12.33
N HIS H 144 23.43 -34.62 -11.34
CA HIS H 144 24.41 -35.12 -10.40
C HIS H 144 25.56 -35.83 -11.15
N LEU H 145 25.22 -36.65 -12.16
CA LEU H 145 26.24 -37.30 -12.98
C LEU H 145 27.11 -36.30 -13.73
N VAL H 146 26.50 -35.30 -14.38
CA VAL H 146 27.26 -34.30 -15.12
C VAL H 146 28.39 -33.74 -14.27
N HIS H 147 28.07 -33.37 -13.02
CA HIS H 147 29.12 -32.86 -12.13
C HIS H 147 30.09 -33.95 -11.67
N LEU H 148 29.61 -35.17 -11.41
CA LEU H 148 30.46 -36.22 -10.88
C LEU H 148 31.54 -36.63 -11.88
N LEU H 149 31.20 -36.66 -13.16
CA LEU H 149 32.15 -37.01 -14.22
C LEU H 149 32.93 -35.80 -14.72
N GLY H 150 32.39 -34.59 -14.57
CA GLY H 150 32.92 -33.43 -15.25
C GLY H 150 32.61 -33.41 -16.73
N LEU H 151 31.35 -33.70 -17.07
CA LEU H 151 30.88 -33.55 -18.44
C LEU H 151 30.62 -32.09 -18.79
N PRO H 152 30.60 -31.78 -20.08
CA PRO H 152 30.30 -30.41 -20.51
C PRO H 152 28.96 -29.93 -19.94
N LEU H 153 29.00 -28.72 -19.36
CA LEU H 153 27.81 -28.17 -18.72
C LEU H 153 26.69 -27.98 -19.71
N SER H 154 27.01 -27.99 -21.00
CA SER H 154 26.13 -27.89 -22.16
C SER H 154 25.50 -29.21 -22.63
N VAL H 155 25.79 -30.33 -21.96
CA VAL H 155 25.27 -31.61 -22.42
C VAL H 155 23.75 -31.58 -22.43
N ASN H 156 23.16 -32.01 -23.56
CA ASN H 156 21.70 -32.05 -23.72
C ASN H 156 21.17 -33.31 -23.06
N ARG H 157 20.31 -33.14 -22.06
CA ARG H 157 19.91 -34.21 -21.15
C ARG H 157 18.49 -34.68 -21.41
N VAL H 158 18.28 -35.98 -21.20
CA VAL H 158 16.97 -36.63 -21.19
C VAL H 158 16.92 -37.47 -19.91
N MET H 159 16.13 -37.02 -18.94
CA MET H 159 15.99 -37.71 -17.65
C MET H 159 14.75 -38.58 -17.67
N LEU H 160 14.94 -39.88 -17.61
CA LEU H 160 13.85 -40.85 -17.64
C LEU H 160 13.77 -41.57 -16.28
N TYR H 161 12.84 -41.10 -15.42
CA TYR H 161 12.60 -41.71 -14.12
C TYR H 161 11.51 -42.77 -14.16
N THR H 162 11.80 -43.95 -13.59
CA THR H 162 10.81 -44.94 -13.17
C THR H 162 10.00 -45.49 -14.35
N ILE H 163 10.67 -46.31 -15.17
CA ILE H 163 10.08 -46.65 -16.47
C ILE H 163 9.32 -47.99 -16.49
N GLY H 164 9.92 -49.15 -16.15
CA GLY H 164 11.30 -49.39 -15.79
C GLY H 164 11.94 -50.61 -16.46
N CYS H 165 11.38 -51.85 -16.44
CA CYS H 165 12.19 -52.99 -16.97
C CYS H 165 12.45 -52.90 -18.45
N HIS H 166 11.60 -52.22 -19.20
CA HIS H 166 11.81 -52.07 -20.63
C HIS H 166 12.63 -50.81 -20.96
N ALA H 167 13.16 -50.13 -19.94
CA ALA H 167 13.89 -48.87 -20.14
C ALA H 167 15.15 -49.03 -20.97
N GLY H 168 15.81 -50.19 -20.88
CA GLY H 168 16.96 -50.44 -21.74
C GLY H 168 16.63 -50.28 -23.20
N GLY H 169 15.41 -50.69 -23.59
CA GLY H 169 14.93 -50.45 -24.94
C GLY H 169 14.57 -48.99 -25.15
N THR H 170 13.92 -48.39 -24.16
CA THR H 170 13.49 -47.01 -24.30
C THR H 170 14.68 -46.09 -24.59
N VAL H 171 15.75 -46.23 -23.82
CA VAL H 171 16.88 -45.32 -23.95
C VAL H 171 17.54 -45.53 -25.30
N LEU H 172 17.64 -46.77 -25.75
CA LEU H 172 18.19 -47.00 -27.08
C LEU H 172 17.33 -46.33 -28.15
N ARG H 173 16.01 -46.46 -28.02
CA ARG H 173 15.12 -45.90 -29.02
C ARG H 173 15.30 -44.39 -29.11
N ILE H 174 15.46 -43.74 -27.97
CA ILE H 174 15.63 -42.28 -28.00
C ILE H 174 17.00 -41.91 -28.58
N ALA H 175 18.06 -42.59 -28.09
CA ALA H 175 19.43 -42.25 -28.50
C ALA H 175 19.61 -42.35 -30.00
N LYS H 176 18.98 -43.35 -30.63
CA LYS H 176 19.07 -43.46 -32.08
C LYS H 176 18.82 -42.11 -32.74
N ASP H 177 17.66 -41.52 -32.45
CA ASP H 177 17.25 -40.27 -33.09
C ASP H 177 18.10 -39.09 -32.63
N LEU H 178 18.54 -39.07 -31.36
CA LEU H 178 19.44 -37.99 -30.96
C LEU H 178 20.76 -38.02 -31.70
N ALA H 179 21.42 -39.18 -31.75
CA ALA H 179 22.71 -39.25 -32.42
C ALA H 179 22.60 -39.06 -33.93
N GLU H 180 21.50 -39.53 -34.54
CA GLU H 180 21.37 -39.53 -35.99
C GLU H 180 20.90 -38.19 -36.52
N ASN H 181 20.31 -37.35 -35.68
CA ASN H 181 19.79 -36.07 -36.11
C ASN H 181 20.69 -34.91 -35.73
N ASN H 182 21.83 -35.19 -35.10
CA ASN H 182 22.79 -34.16 -34.72
C ASN H 182 24.14 -34.63 -35.22
N VAL H 183 24.63 -34.00 -36.29
CA VAL H 183 25.88 -34.45 -36.87
C VAL H 183 27.01 -34.16 -35.89
N GLY H 184 27.87 -35.16 -35.66
CA GLY H 184 28.94 -35.09 -34.68
C GLY H 184 28.53 -35.39 -33.25
N SER H 185 27.24 -35.62 -33.01
CA SER H 185 26.73 -35.91 -31.68
C SER H 185 27.26 -37.22 -31.14
N ARG H 186 27.54 -37.23 -29.85
CA ARG H 186 28.01 -38.40 -29.15
C ARG H 186 27.21 -38.49 -27.84
N VAL H 187 26.33 -39.47 -27.73
CA VAL H 187 25.40 -39.59 -26.61
C VAL H 187 25.94 -40.59 -25.60
N LEU H 188 26.06 -40.14 -24.35
CA LEU H 188 26.32 -41.01 -23.23
C LEU H 188 24.98 -41.46 -22.69
N VAL H 189 24.73 -42.78 -22.70
CA VAL H 189 23.47 -43.36 -22.23
C VAL H 189 23.75 -44.17 -20.97
N VAL H 190 22.89 -44.03 -19.96
CA VAL H 190 23.08 -44.75 -18.70
C VAL H 190 21.77 -45.33 -18.22
N CYS H 191 21.76 -46.61 -17.89
CA CYS H 191 20.74 -47.16 -17.01
C CYS H 191 21.42 -47.44 -15.68
N SER H 192 20.93 -46.82 -14.60
CA SER H 192 21.48 -47.03 -13.26
C SER H 192 20.36 -47.44 -12.31
N GLU H 193 20.31 -48.71 -11.94
CA GLU H 193 19.19 -49.26 -11.20
C GLU H 193 19.63 -49.77 -9.82
N LEU H 194 18.92 -49.32 -8.79
CA LEU H 194 19.06 -49.88 -7.44
C LEU H 194 17.73 -50.45 -6.97
N THR H 195 17.78 -51.55 -6.21
CA THR H 195 16.59 -52.12 -5.58
C THR H 195 16.29 -51.47 -4.23
N VAL H 196 16.98 -50.38 -3.87
CA VAL H 196 16.79 -49.80 -2.55
C VAL H 196 15.36 -49.26 -2.40
N MET H 197 14.80 -48.70 -3.48
CA MET H 197 13.46 -48.10 -3.38
C MET H 197 12.35 -49.14 -3.32
N THR H 198 12.58 -50.35 -3.82
CA THR H 198 11.56 -51.39 -3.87
C THR H 198 11.71 -52.45 -2.80
N PHE H 199 12.91 -52.58 -2.22
CA PHE H 199 13.18 -53.59 -1.21
C PHE H 199 12.34 -53.33 0.03
N ARG H 200 11.74 -54.41 0.54
CA ARG H 200 10.97 -54.40 1.77
C ARG H 200 10.97 -55.81 2.33
N GLY H 201 10.62 -55.93 3.60
CA GLY H 201 10.52 -57.20 4.28
C GLY H 201 9.51 -58.14 3.66
N PRO H 202 9.53 -59.40 4.07
CA PRO H 202 8.54 -60.36 3.56
C PRO H 202 7.19 -60.30 4.27
N SER H 203 6.14 -60.67 3.52
CA SER H 203 4.80 -60.85 4.06
C SER H 203 4.05 -61.85 3.17
N GLU H 204 3.22 -62.70 3.78
CA GLU H 204 2.43 -63.71 3.06
C GLU H 204 1.26 -63.13 2.28
N THR H 205 0.97 -61.87 2.46
CA THR H 205 -0.12 -61.19 1.80
C THR H 205 0.35 -60.59 0.48
N ASP H 206 1.65 -60.73 0.17
CA ASP H 206 2.30 -60.16 -1.03
C ASP H 206 3.24 -61.22 -1.61
N LEU H 207 2.72 -62.08 -2.47
CA LEU H 207 3.62 -63.03 -3.14
C LEU H 207 4.46 -62.37 -4.21
N ALA H 208 4.06 -61.18 -4.66
CA ALA H 208 4.83 -60.49 -5.71
C ALA H 208 6.17 -59.96 -5.21
N ASN H 209 6.18 -59.28 -4.05
CA ASN H 209 7.46 -58.81 -3.50
C ASN H 209 8.42 -59.93 -3.05
N LEU H 210 7.99 -61.16 -2.75
CA LEU H 210 9.00 -62.23 -2.59
C LEU H 210 9.71 -62.54 -3.89
N ILE H 211 8.94 -62.80 -4.95
CA ILE H 211 9.52 -62.99 -6.27
C ILE H 211 10.57 -61.92 -6.47
N ARG H 212 10.20 -60.65 -6.18
CA ARG H 212 11.11 -59.52 -6.42
C ARG H 212 12.41 -59.65 -5.62
N MET H 213 12.33 -59.76 -4.29
CA MET H 213 13.60 -59.84 -3.58
C MET H 213 14.34 -61.19 -3.85
N GLY H 214 13.79 -62.10 -4.60
CA GLY H 214 14.56 -63.21 -5.03
C GLY H 214 15.29 -62.99 -6.34
N ILE H 215 14.70 -62.28 -7.30
CA ILE H 215 15.29 -62.18 -8.64
C ILE H 215 16.11 -60.91 -8.81
N PHE H 216 15.71 -59.80 -8.22
CA PHE H 216 16.20 -58.50 -8.64
C PHE H 216 17.51 -58.11 -7.95
N GLY H 217 18.51 -57.73 -8.75
CA GLY H 217 19.76 -57.22 -8.24
C GLY H 217 20.02 -55.82 -8.79
N ASP H 218 21.03 -55.15 -8.23
CA ASP H 218 21.40 -53.80 -8.62
C ASP H 218 22.42 -53.81 -9.76
N GLY H 219 22.55 -52.66 -10.44
CA GLY H 219 23.50 -52.56 -11.53
C GLY H 219 23.38 -51.33 -12.42
N ALA H 220 24.49 -50.90 -13.02
CA ALA H 220 24.52 -49.77 -13.93
C ALA H 220 25.27 -50.12 -15.21
N ALA H 221 24.76 -49.62 -16.34
CA ALA H 221 25.40 -49.76 -17.62
C ALA H 221 25.46 -48.42 -18.33
N ALA H 222 26.62 -48.14 -18.91
CA ALA H 222 26.81 -46.96 -19.72
C ALA H 222 27.25 -47.35 -21.13
N LEU H 223 26.90 -46.48 -22.06
CA LEU H 223 27.12 -46.69 -23.48
C LEU H 223 27.48 -45.36 -24.15
N ILE H 224 28.28 -45.43 -25.22
CA ILE H 224 28.56 -44.27 -26.07
C ILE H 224 27.96 -44.54 -27.47
N ILE H 225 26.98 -43.73 -27.89
CA ILE H 225 26.33 -43.90 -29.19
C ILE H 225 26.67 -42.72 -30.10
N GLY H 226 26.99 -43.03 -31.35
CA GLY H 226 27.18 -41.99 -32.34
C GLY H 226 26.84 -42.46 -33.73
N ALA H 227 26.44 -41.53 -34.57
CA ALA H 227 26.34 -41.81 -36.00
C ALA H 227 27.60 -41.30 -36.71
N ASP H 228 27.92 -41.96 -37.82
CA ASP H 228 29.19 -41.70 -38.51
C ASP H 228 30.37 -41.73 -37.56
N PRO H 229 30.73 -42.92 -37.08
CA PRO H 229 31.94 -43.03 -36.25
C PRO H 229 33.19 -42.79 -37.10
N ASP H 230 34.12 -42.02 -36.54
CA ASP H 230 35.46 -41.88 -37.13
C ASP H 230 36.21 -43.18 -36.83
N LEU H 231 36.24 -44.09 -37.83
CA LEU H 231 36.73 -45.44 -37.62
C LEU H 231 38.24 -45.49 -37.36
N SER H 232 38.95 -44.38 -37.54
CA SER H 232 40.36 -44.31 -37.17
C SER H 232 40.54 -44.51 -35.65
N ILE H 233 39.53 -44.04 -34.86
CA ILE H 233 39.64 -43.88 -33.42
C ILE H 233 38.43 -44.45 -32.66
N GLU H 234 37.40 -44.82 -33.38
CA GLU H 234 36.17 -45.29 -32.78
C GLU H 234 35.89 -46.70 -33.31
N LYS H 235 35.44 -47.60 -32.42
CA LYS H 235 35.15 -48.98 -32.81
C LYS H 235 33.69 -49.34 -32.56
N PRO H 236 32.84 -49.32 -33.59
CA PRO H 236 31.44 -49.71 -33.39
C PRO H 236 31.28 -51.18 -33.03
N ILE H 237 30.36 -51.43 -32.10
CA ILE H 237 30.02 -52.78 -31.64
C ILE H 237 28.69 -53.24 -32.20
N PHE H 238 27.68 -52.37 -32.22
CA PHE H 238 26.40 -52.66 -32.86
C PHE H 238 25.85 -51.39 -33.51
N GLU H 239 25.02 -51.59 -34.53
CA GLU H 239 24.27 -50.52 -35.14
C GLU H 239 22.83 -50.67 -34.70
N ILE H 240 22.18 -49.54 -34.39
CA ILE H 240 20.78 -49.57 -34.02
C ILE H 240 19.98 -49.35 -35.31
N PHE H 241 19.54 -50.45 -35.92
CA PHE H 241 18.83 -50.35 -37.20
C PHE H 241 17.44 -49.77 -36.99
N SER H 242 16.66 -50.35 -36.07
CA SER H 242 15.29 -49.84 -35.92
C SER H 242 14.79 -50.04 -34.50
N ALA H 243 13.84 -49.19 -34.10
CA ALA H 243 13.24 -49.25 -32.78
C ALA H 243 11.73 -49.00 -32.86
N SER H 244 10.96 -49.99 -32.39
CA SER H 244 9.51 -49.89 -32.20
C SER H 244 9.18 -50.04 -30.72
N GLN H 245 8.07 -49.41 -30.31
CA GLN H 245 7.47 -49.62 -29.00
C GLN H 245 6.03 -50.06 -29.24
N THR H 246 5.49 -50.89 -28.33
CA THR H 246 4.06 -51.21 -28.41
C THR H 246 3.46 -51.46 -27.04
N LEU H 247 2.15 -51.20 -26.94
CA LEU H 247 1.35 -51.60 -25.80
C LEU H 247 0.50 -52.82 -26.17
N VAL H 248 0.55 -53.84 -25.32
CA VAL H 248 -0.32 -55.00 -25.46
C VAL H 248 -1.70 -54.67 -24.88
N PRO H 249 -2.78 -54.90 -25.63
CA PRO H 249 -4.12 -54.50 -25.16
C PRO H 249 -4.58 -55.18 -23.88
N ASN H 250 -5.18 -54.39 -22.98
CA ASN H 250 -5.79 -54.90 -21.74
C ASN H 250 -4.77 -55.62 -20.87
N THR H 251 -3.63 -54.99 -20.68
CA THR H 251 -2.56 -55.57 -19.90
C THR H 251 -1.88 -54.58 -18.95
N SER H 252 -2.39 -53.36 -18.88
CA SER H 252 -2.25 -52.58 -17.65
C SER H 252 -2.84 -53.40 -16.53
N LYS H 253 -2.21 -53.32 -15.37
CA LYS H 253 -2.59 -54.01 -14.14
C LYS H 253 -2.02 -55.40 -14.18
N ALA H 254 -1.24 -55.74 -15.21
CA ALA H 254 -0.42 -56.93 -15.26
C ALA H 254 0.97 -56.65 -14.68
N ILE H 255 1.49 -55.45 -14.88
CA ILE H 255 2.72 -54.99 -14.24
C ILE H 255 2.46 -53.64 -13.59
N ARG H 256 2.64 -53.56 -12.28
CA ARG H 256 2.20 -52.39 -11.54
C ARG H 256 3.25 -51.91 -10.54
N GLY H 257 3.17 -50.62 -10.23
CA GLY H 257 4.04 -50.00 -9.26
C GLY H 257 3.70 -48.56 -9.00
N ARG H 258 3.88 -48.11 -7.75
CA ARG H 258 3.66 -46.73 -7.37
C ARG H 258 4.73 -46.21 -6.42
N VAL H 259 5.11 -44.95 -6.60
CA VAL H 259 5.96 -44.29 -5.61
C VAL H 259 5.06 -43.91 -4.44
N LYS H 260 5.33 -44.48 -3.27
CA LYS H 260 4.47 -44.29 -2.13
C LYS H 260 5.27 -43.95 -0.86
N GLU H 261 4.53 -43.67 0.22
CA GLU H 261 5.15 -43.46 1.52
C GLU H 261 6.01 -44.65 1.91
N MET H 262 5.58 -45.86 1.54
CA MET H 262 6.29 -47.08 1.89
C MET H 262 7.39 -47.46 0.90
N GLY H 263 7.74 -46.59 -0.04
CA GLY H 263 8.67 -46.92 -1.11
C GLY H 263 7.97 -47.16 -2.44
N LEU H 264 8.68 -47.80 -3.37
CA LEU H 264 8.13 -48.14 -4.67
C LEU H 264 7.48 -49.52 -4.59
N THR H 265 6.16 -49.59 -4.75
CA THR H 265 5.48 -50.88 -4.77
C THR H 265 5.75 -51.65 -6.08
N PHE H 266 5.50 -52.95 -6.00
CA PHE H 266 5.88 -53.87 -7.05
C PHE H 266 4.83 -54.95 -7.19
N TYR H 267 4.30 -55.10 -8.41
CA TYR H 267 3.48 -56.24 -8.78
C TYR H 267 3.78 -56.70 -10.19
N VAL H 268 4.00 -58.00 -10.37
CA VAL H 268 4.03 -58.67 -11.67
C VAL H 268 3.12 -59.89 -11.64
N ASP H 269 2.18 -59.96 -12.57
CA ASP H 269 1.23 -61.06 -12.66
C ASP H 269 1.90 -62.38 -13.03
N LYS H 270 1.31 -63.49 -12.54
CA LYS H 270 1.83 -64.81 -12.87
C LYS H 270 1.62 -65.17 -14.34
N MET H 271 0.86 -64.37 -15.08
CA MET H 271 0.54 -64.59 -16.48
C MET H 271 1.50 -63.86 -17.44
N VAL H 272 2.45 -63.07 -16.90
CA VAL H 272 3.34 -62.26 -17.76
C VAL H 272 4.14 -63.06 -18.78
N PRO H 273 4.78 -64.19 -18.44
CA PRO H 273 5.44 -64.98 -19.49
C PRO H 273 4.53 -65.33 -20.65
N THR H 274 3.32 -65.82 -20.38
CA THR H 274 2.38 -66.20 -21.44
C THR H 274 1.94 -64.98 -22.27
N LEU H 275 1.68 -63.85 -21.62
CA LEU H 275 1.32 -62.62 -22.34
C LEU H 275 2.46 -62.19 -23.28
N VAL H 276 3.69 -62.18 -22.76
CA VAL H 276 4.85 -61.77 -23.56
C VAL H 276 4.99 -62.70 -24.75
N ALA H 277 4.98 -64.00 -24.49
CA ALA H 277 5.10 -64.99 -25.57
C ALA H 277 3.94 -64.89 -26.56
N SER H 278 2.71 -64.70 -26.08
CA SER H 278 1.57 -64.59 -26.98
C SER H 278 1.74 -63.44 -27.95
N ASN H 279 2.38 -62.35 -27.53
CA ASN H 279 2.54 -61.21 -28.44
C ASN H 279 3.92 -61.08 -29.10
N ILE H 280 4.88 -61.93 -28.78
CA ILE H 280 6.23 -61.64 -29.28
C ILE H 280 6.29 -61.72 -30.80
N GLU H 281 5.55 -62.67 -31.42
CA GLU H 281 5.65 -62.81 -32.88
C GLU H 281 5.13 -61.57 -33.61
N GLN H 282 4.07 -60.93 -33.09
CA GLN H 282 3.54 -59.73 -33.73
C GLN H 282 4.61 -58.63 -33.79
N CYS H 283 5.31 -58.38 -32.67
CA CYS H 283 6.40 -57.39 -32.64
C CYS H 283 7.52 -57.76 -33.58
N LEU H 284 7.89 -59.04 -33.55
CA LEU H 284 9.10 -59.47 -34.22
C LEU H 284 8.88 -59.46 -35.73
N ASP H 285 7.65 -59.79 -36.13
CA ASP H 285 7.21 -59.73 -37.51
C ASP H 285 7.27 -58.30 -38.07
N LYS H 286 6.72 -57.34 -37.33
CA LYS H 286 6.78 -55.93 -37.75
C LYS H 286 8.23 -55.47 -37.91
N ALA H 287 9.08 -55.81 -36.95
CA ALA H 287 10.44 -55.30 -37.00
C ALA H 287 11.26 -55.95 -38.12
N PHE H 288 10.98 -57.21 -38.47
CA PHE H 288 11.85 -57.98 -39.36
C PHE H 288 11.28 -58.30 -40.75
N SER H 289 9.98 -58.07 -40.97
CA SER H 289 9.41 -58.16 -42.31
C SER H 289 10.10 -57.24 -43.30
N PRO H 290 10.40 -55.98 -42.98
CA PRO H 290 11.21 -55.17 -43.90
C PRO H 290 12.54 -55.80 -44.32
N LEU H 291 13.17 -56.60 -43.46
CA LEU H 291 14.43 -57.22 -43.82
C LEU H 291 14.25 -58.55 -44.51
N GLY H 292 13.01 -58.96 -44.74
CA GLY H 292 12.71 -60.26 -45.31
C GLY H 292 13.25 -61.40 -44.48
N ILE H 293 13.18 -61.27 -43.16
CA ILE H 293 13.70 -62.25 -42.24
C ILE H 293 12.52 -62.86 -41.50
N ASN H 294 12.47 -64.18 -41.45
CA ASN H 294 11.37 -65.04 -41.01
C ASN H 294 11.84 -66.04 -39.98
N ASP H 295 13.08 -66.55 -40.13
CA ASP H 295 13.60 -67.60 -39.25
C ASP H 295 14.19 -66.93 -38.01
N TRP H 296 13.51 -67.08 -36.87
CA TRP H 296 13.94 -66.42 -35.65
C TRP H 296 15.16 -67.07 -35.01
N ASN H 297 15.70 -68.11 -35.62
CA ASN H 297 16.95 -68.68 -35.14
C ASN H 297 18.15 -68.10 -35.86
N SER H 298 17.92 -67.30 -36.90
CA SER H 298 18.91 -66.69 -37.78
C SER H 298 19.48 -65.36 -37.28
N ILE H 299 18.99 -64.87 -36.13
CA ILE H 299 19.40 -63.61 -35.52
C ILE H 299 19.92 -63.85 -34.11
N PHE H 300 20.77 -62.94 -33.62
CA PHE H 300 21.15 -63.05 -32.22
C PHE H 300 20.11 -62.36 -31.34
N TRP H 301 20.04 -62.80 -30.08
CA TRP H 301 18.88 -62.53 -29.24
C TRP H 301 19.28 -61.82 -27.96
N ILE H 302 18.61 -60.70 -27.67
CA ILE H 302 18.84 -59.93 -26.45
C ILE H 302 17.49 -59.70 -25.79
N PRO H 303 16.81 -60.72 -25.28
CA PRO H 303 15.54 -60.47 -24.58
C PRO H 303 15.75 -60.18 -23.10
N HIS H 304 14.98 -59.24 -22.57
CA HIS H 304 15.06 -58.95 -21.15
C HIS H 304 14.64 -60.14 -20.32
N PRO H 305 15.50 -60.64 -19.44
CA PRO H 305 15.19 -61.82 -18.61
C PRO H 305 14.40 -61.47 -17.35
N GLY H 306 13.14 -61.07 -17.57
CA GLY H 306 12.25 -60.78 -16.45
C GLY H 306 12.20 -61.91 -15.44
N GLY H 307 12.35 -63.13 -15.91
CA GLY H 307 12.56 -64.27 -15.06
C GLY H 307 12.85 -65.45 -15.96
N PRO H 308 13.15 -66.59 -15.35
CA PRO H 308 13.39 -67.79 -16.17
C PRO H 308 12.16 -68.19 -16.97
N ALA H 309 10.96 -67.86 -16.46
CA ALA H 309 9.71 -68.24 -17.10
C ALA H 309 9.48 -67.49 -18.42
N ILE H 310 9.82 -66.21 -18.46
CA ILE H 310 9.64 -65.43 -19.69
C ILE H 310 10.51 -66.01 -20.81
N LEU H 311 11.75 -66.33 -20.49
CA LEU H 311 12.65 -66.90 -21.47
C LEU H 311 12.16 -68.27 -21.91
N ALA H 312 11.76 -69.10 -20.95
CA ALA H 312 11.24 -70.41 -21.26
C ALA H 312 10.12 -70.30 -22.27
N GLU H 313 9.23 -69.35 -22.08
CA GLU H 313 8.10 -69.24 -22.98
C GLU H 313 8.51 -68.78 -24.36
N ILE H 314 9.50 -67.87 -24.47
CA ILE H 314 9.96 -67.45 -25.80
C ILE H 314 10.62 -68.63 -26.52
N GLU H 315 11.59 -69.27 -25.87
CA GLU H 315 12.16 -70.50 -26.40
C GLU H 315 11.08 -71.42 -26.94
N ALA H 316 10.12 -71.75 -26.08
CA ALA H 316 9.03 -72.64 -26.46
C ALA H 316 8.29 -72.16 -27.70
N LYS H 317 7.82 -70.91 -27.67
CA LYS H 317 6.91 -70.42 -28.70
C LYS H 317 7.59 -70.31 -30.05
N LEU H 318 8.76 -69.68 -30.09
CA LEU H 318 9.41 -69.44 -31.37
C LEU H 318 10.19 -70.64 -31.84
N GLU H 319 10.27 -71.65 -30.99
CA GLU H 319 11.02 -72.87 -31.25
C GLU H 319 12.49 -72.52 -31.42
N LEU H 320 13.06 -71.84 -30.42
CA LEU H 320 14.44 -71.36 -30.52
C LEU H 320 15.41 -72.45 -30.07
N LYS H 321 16.53 -72.56 -30.79
CA LYS H 321 17.54 -73.54 -30.43
C LYS H 321 18.11 -73.28 -29.04
N PRO H 322 18.61 -74.33 -28.36
CA PRO H 322 19.14 -74.17 -26.99
C PRO H 322 20.25 -73.12 -26.82
N GLY H 323 21.07 -72.85 -27.83
CA GLY H 323 22.13 -71.89 -27.58
C GLY H 323 21.69 -70.44 -27.52
N LYS H 324 20.52 -70.11 -28.09
CA LYS H 324 20.19 -68.72 -28.48
C LYS H 324 20.24 -67.76 -27.31
N LEU H 325 19.71 -68.15 -26.16
CA LEU H 325 19.63 -67.25 -25.03
C LEU H 325 20.78 -67.44 -24.05
N ARG H 326 21.84 -68.14 -24.47
CA ARG H 326 22.99 -68.44 -23.62
C ARG H 326 23.49 -67.22 -22.87
N ALA H 327 23.79 -66.14 -23.60
CA ALA H 327 24.32 -64.94 -22.99
C ALA H 327 23.33 -64.31 -22.02
N THR H 328 22.06 -64.18 -22.45
CA THR H 328 21.01 -63.66 -21.57
C THR H 328 20.93 -64.46 -20.29
N ARG H 329 20.85 -65.79 -20.41
CA ARG H 329 20.90 -66.69 -19.26
C ARG H 329 22.10 -66.41 -18.37
N HIS H 330 23.27 -66.20 -18.96
CA HIS H 330 24.47 -65.98 -18.15
C HIS H 330 24.30 -64.75 -17.27
N VAL H 331 23.87 -63.64 -17.87
CA VAL H 331 23.67 -62.39 -17.12
C VAL H 331 22.60 -62.56 -16.04
N LEU H 332 21.49 -63.23 -16.37
CA LEU H 332 20.46 -63.42 -15.36
C LEU H 332 21.01 -64.16 -14.16
N SER H 333 21.87 -65.16 -14.40
CA SER H 333 22.39 -65.97 -13.29
C SER H 333 23.50 -65.27 -12.50
N GLU H 334 24.39 -64.54 -13.19
CA GLU H 334 25.54 -63.94 -12.53
C GLU H 334 25.30 -62.54 -11.99
N TYR H 335 24.17 -61.91 -12.34
CA TYR H 335 23.88 -60.55 -11.90
C TYR H 335 22.48 -60.34 -11.34
N GLY H 336 21.50 -61.22 -11.63
CA GLY H 336 20.10 -61.05 -11.25
C GLY H 336 19.36 -60.15 -12.24
N ASN H 337 18.08 -59.85 -11.93
CA ASN H 337 17.32 -59.01 -12.85
C ASN H 337 17.61 -57.58 -12.49
N MET H 338 18.35 -56.91 -13.38
CA MET H 338 18.73 -55.52 -13.20
C MET H 338 17.82 -54.61 -13.99
N SER H 339 16.52 -54.93 -14.03
CA SER H 339 15.52 -54.08 -14.66
C SER H 339 15.95 -53.63 -16.05
N GLY H 340 15.95 -52.31 -16.27
CA GLY H 340 16.32 -51.78 -17.57
C GLY H 340 17.76 -52.11 -17.98
N ALA H 341 18.68 -52.03 -17.03
CA ALA H 341 20.08 -52.21 -17.35
C ALA H 341 20.37 -53.58 -17.91
N THR H 342 19.58 -54.59 -17.55
CA THR H 342 19.94 -55.97 -17.83
C THR H 342 20.25 -56.20 -19.30
N VAL H 343 19.36 -55.76 -20.21
CA VAL H 343 19.62 -55.99 -21.63
C VAL H 343 20.94 -55.35 -22.07
N LEU H 344 21.34 -54.24 -21.46
CA LEU H 344 22.63 -53.62 -21.77
C LEU H 344 23.80 -54.45 -21.24
N PHE H 345 23.69 -54.99 -20.01
CA PHE H 345 24.70 -55.94 -19.53
C PHE H 345 24.82 -57.13 -20.48
N ILE H 346 23.70 -57.57 -21.04
CA ILE H 346 23.71 -58.71 -21.93
C ILE H 346 24.45 -58.37 -23.22
N LEU H 347 24.17 -57.19 -23.80
CA LEU H 347 24.91 -56.71 -24.97
C LEU H 347 26.41 -56.78 -24.76
N ASP H 348 26.87 -56.32 -23.59
CA ASP H 348 28.28 -56.42 -23.25
C ASP H 348 28.73 -57.86 -23.37
N GLU H 349 28.01 -58.77 -22.70
CA GLU H 349 28.41 -60.17 -22.66
C GLU H 349 28.48 -60.78 -24.06
N MET H 350 27.47 -60.48 -24.89
CA MET H 350 27.47 -61.07 -26.22
C MET H 350 28.67 -60.61 -27.03
N ARG H 351 29.03 -59.33 -26.94
CA ARG H 351 30.17 -58.88 -27.71
C ARG H 351 31.47 -59.47 -27.15
N ARG H 352 31.56 -59.66 -25.83
CA ARG H 352 32.79 -60.18 -25.25
C ARG H 352 32.94 -61.66 -25.51
N ARG H 353 31.83 -62.39 -25.34
CA ARG H 353 31.76 -63.83 -25.64
C ARG H 353 32.07 -64.10 -27.10
N SER H 354 31.45 -63.35 -28.01
CA SER H 354 31.69 -63.58 -29.41
C SER H 354 33.18 -63.47 -29.72
N LYS H 355 33.84 -62.45 -29.18
CA LYS H 355 35.27 -62.33 -29.45
C LYS H 355 36.03 -63.51 -28.86
N LYS H 356 35.66 -63.94 -27.65
CA LYS H 356 36.35 -65.08 -27.06
C LYS H 356 36.14 -66.37 -27.85
N GLU H 357 35.07 -66.48 -28.63
CA GLU H 357 34.84 -67.70 -29.39
C GLU H 357 35.17 -67.52 -30.86
N GLY H 358 35.96 -66.50 -31.19
CA GLY H 358 36.38 -66.26 -32.56
C GLY H 358 35.23 -66.28 -33.54
N LYS H 359 34.15 -65.61 -33.18
CA LYS H 359 33.05 -65.53 -34.11
C LYS H 359 33.38 -64.46 -35.15
N GLY H 360 32.66 -64.46 -36.25
CA GLY H 360 32.90 -63.45 -37.25
C GLY H 360 32.40 -62.08 -36.87
N THR H 361 31.32 -62.02 -36.11
CA THR H 361 30.63 -60.77 -35.81
C THR H 361 30.52 -60.61 -34.30
N THR H 362 30.18 -59.39 -33.87
CA THR H 362 29.96 -59.11 -32.45
C THR H 362 28.70 -59.76 -31.90
N GLY H 363 27.82 -60.27 -32.77
CA GLY H 363 26.59 -60.89 -32.33
C GLY H 363 26.56 -62.39 -32.56
N ASP H 364 27.59 -63.11 -32.13
CA ASP H 364 27.60 -64.56 -32.27
C ASP H 364 27.54 -64.96 -33.74
N GLY H 365 28.34 -64.28 -34.57
CA GLY H 365 28.49 -64.64 -35.96
C GLY H 365 27.37 -64.26 -36.90
N LEU H 366 26.27 -63.73 -36.39
CA LEU H 366 25.14 -63.40 -37.25
C LEU H 366 25.11 -61.91 -37.62
N GLU H 367 24.36 -61.59 -38.67
CA GLU H 367 24.33 -60.19 -39.12
C GLU H 367 23.32 -59.39 -38.31
N TRP H 368 22.14 -59.94 -38.02
CA TRP H 368 21.03 -59.21 -37.41
C TRP H 368 20.69 -59.75 -36.01
N GLY H 369 20.26 -58.86 -35.12
CA GLY H 369 19.84 -59.26 -33.79
C GLY H 369 18.65 -58.43 -33.32
N VAL H 370 17.96 -58.93 -32.29
CA VAL H 370 16.86 -58.19 -31.67
C VAL H 370 17.14 -58.01 -30.18
N LEU H 371 16.81 -56.83 -29.67
CA LEU H 371 16.80 -56.53 -28.25
C LEU H 371 15.39 -56.15 -27.86
N MET H 372 14.83 -56.82 -26.86
CA MET H 372 13.44 -56.58 -26.50
C MET H 372 13.34 -56.30 -25.00
N GLY H 373 12.66 -55.21 -24.67
CA GLY H 373 12.33 -54.90 -23.30
C GLY H 373 10.87 -55.16 -23.01
N PHE H 374 10.61 -55.78 -21.84
CA PHE H 374 9.26 -56.05 -21.37
C PHE H 374 9.03 -55.33 -20.03
N GLY H 375 7.96 -54.57 -19.94
CA GLY H 375 7.70 -53.86 -18.71
C GLY H 375 6.28 -53.36 -18.55
N PRO H 376 6.08 -52.43 -17.62
CA PRO H 376 4.75 -51.88 -17.35
C PRO H 376 4.06 -51.41 -18.63
N GLY H 377 2.78 -51.71 -18.74
CA GLY H 377 2.03 -51.31 -19.92
C GLY H 377 0.86 -52.22 -20.26
N VAL H 378 1.12 -53.46 -20.62
CA VAL H 378 2.44 -54.02 -20.78
C VAL H 378 3.13 -53.47 -22.05
N THR H 379 4.37 -53.03 -21.91
CA THR H 379 5.11 -52.43 -23.02
C THR H 379 6.18 -53.41 -23.51
N VAL H 380 6.25 -53.55 -24.84
CA VAL H 380 7.34 -54.29 -25.49
C VAL H 380 8.08 -53.32 -26.39
N GLU H 381 9.32 -53.06 -26.03
CA GLU H 381 10.28 -52.36 -26.87
C GLU H 381 11.03 -53.36 -27.74
N THR H 382 10.98 -53.19 -29.07
CA THR H 382 11.65 -54.04 -30.05
C THR H 382 12.69 -53.26 -30.86
N ILE H 383 13.97 -53.61 -30.73
CA ILE H 383 15.07 -52.93 -31.41
C ILE H 383 15.85 -53.92 -32.26
N VAL H 384 15.95 -53.67 -33.56
CA VAL H 384 16.79 -54.46 -34.45
C VAL H 384 18.18 -53.86 -34.43
N LEU H 385 19.15 -54.68 -34.02
CA LEU H 385 20.58 -54.43 -33.98
C LEU H 385 21.26 -55.08 -35.18
N ARG H 386 22.43 -54.54 -35.55
CA ARG H 386 23.25 -55.16 -36.57
C ARG H 386 24.67 -55.25 -36.04
N ALA H 387 25.24 -56.44 -36.05
CA ALA H 387 26.59 -56.65 -35.57
C ALA H 387 27.65 -56.14 -36.56
N ILE H 388 28.84 -55.89 -36.02
CA ILE H 388 30.02 -55.43 -36.76
C ILE H 388 30.98 -56.60 -36.92
N SER H 389 31.61 -56.72 -38.10
CA SER H 389 32.47 -57.86 -38.42
C SER H 389 33.85 -57.71 -37.77
N VAL H 390 34.26 -58.72 -36.98
CA VAL H 390 35.57 -58.75 -36.29
C VAL H 390 36.56 -59.61 -37.06
N VAL H 391 37.83 -59.18 -37.07
CA VAL H 391 38.91 -59.93 -37.71
C VAL H 391 40.04 -60.14 -36.69
#